data_1TVI
#
_entry.id   1TVI
#
_cell.length_a   1.000
_cell.length_b   1.000
_cell.length_c   1.000
_cell.angle_alpha   90.00
_cell.angle_beta   90.00
_cell.angle_gamma   90.00
#
_symmetry.space_group_name_H-M   'P 1'
#
_entity_poly.entity_id   1
_entity_poly.type   'polypeptide(L)'
_entity_poly.pdbx_seq_one_letter_code
;MGTSHHHHHHSSGRENLYFQGHMIRILGEGKGSKLLENLKEKLEEIVKKEIGDVHVNVILVSEDEIKELNQQFRGQDRPT
DVLTFPLMEEDVYGEIYVCPLIVEENAREFNNTFEKELLEVVIHGILHLAGYDHEFEDKNSKEMFEKQKKYVEEVWGEWR
SNPSEDSDPGKR
;
_entity_poly.pdbx_strand_id   A
#
# COMPACT_ATOMS: atom_id res chain seq x y z
N MET A 23 14.05 -3.57 3.23
CA MET A 23 14.53 -3.93 1.91
C MET A 23 13.45 -3.65 0.85
N ILE A 24 12.81 -2.51 0.99
CA ILE A 24 11.76 -2.12 0.06
C ILE A 24 12.30 -1.03 -0.88
N ARG A 25 11.89 -1.13 -2.14
CA ARG A 25 12.32 -0.17 -3.14
C ARG A 25 11.29 0.95 -3.27
N ILE A 26 11.76 2.17 -3.11
CA ILE A 26 10.88 3.33 -3.21
C ILE A 26 11.23 4.11 -4.49
N LEU A 27 10.20 4.37 -5.27
CA LEU A 27 10.37 5.11 -6.52
C LEU A 27 9.18 6.06 -6.71
N GLY A 28 9.38 7.02 -7.60
CA GLY A 28 8.35 8.00 -7.89
C GLY A 28 8.48 9.22 -6.99
N GLU A 29 7.34 9.84 -6.71
CA GLU A 29 7.30 11.02 -5.87
C GLU A 29 5.88 11.28 -5.37
N GLY A 30 5.80 11.73 -4.13
CA GLY A 30 4.51 12.02 -3.53
C GLY A 30 4.44 11.47 -2.10
N LYS A 31 3.76 12.22 -1.24
CA LYS A 31 3.60 11.82 0.15
C LYS A 31 3.36 10.32 0.21
N GLY A 32 4.38 9.58 0.60
CA GLY A 32 4.29 8.14 0.72
C GLY A 32 5.63 7.52 1.11
N SER A 33 6.68 8.01 0.46
CA SER A 33 8.03 7.52 0.74
C SER A 33 8.42 7.87 2.18
N LYS A 34 8.31 9.14 2.50
CA LYS A 34 8.66 9.61 3.83
C LYS A 34 7.85 8.82 4.87
N LEU A 35 6.60 8.54 4.51
CA LEU A 35 5.72 7.80 5.39
C LEU A 35 6.16 6.33 5.44
N LEU A 36 6.74 5.89 4.33
CA LEU A 36 7.21 4.52 4.24
C LEU A 36 8.50 4.37 5.05
N GLU A 37 9.44 5.25 4.77
CA GLU A 37 10.72 5.22 5.46
C GLU A 37 10.51 5.22 6.97
N ASN A 38 9.32 5.66 7.37
CA ASN A 38 8.97 5.73 8.78
C ASN A 38 8.72 4.31 9.29
N LEU A 39 7.88 3.59 8.56
CA LEU A 39 7.54 2.22 8.93
C LEU A 39 8.18 1.26 7.92
N LYS A 40 9.39 1.60 7.50
CA LYS A 40 10.10 0.78 6.54
C LYS A 40 10.50 -0.54 7.20
N GLU A 41 11.26 -0.41 8.28
CA GLU A 41 11.71 -1.58 9.02
C GLU A 41 10.51 -2.41 9.48
N LYS A 42 9.41 -1.72 9.72
CA LYS A 42 8.19 -2.39 10.16
C LYS A 42 7.78 -3.44 9.14
N LEU A 43 7.91 -3.07 7.87
CA LEU A 43 7.55 -3.97 6.78
C LEU A 43 8.66 -5.01 6.61
N GLU A 44 9.89 -4.57 6.85
CA GLU A 44 11.04 -5.44 6.73
C GLU A 44 10.90 -6.65 7.67
N GLU A 45 10.05 -6.47 8.68
CA GLU A 45 9.81 -7.52 9.65
C GLU A 45 8.91 -8.60 9.04
N ILE A 46 7.78 -8.17 8.51
CA ILE A 46 6.83 -9.09 7.91
C ILE A 46 7.50 -9.79 6.72
N VAL A 47 8.19 -8.99 5.91
CA VAL A 47 8.87 -9.53 4.74
C VAL A 47 9.96 -10.51 5.20
N LYS A 48 10.66 -10.10 6.26
CA LYS A 48 11.73 -10.94 6.80
C LYS A 48 11.13 -12.22 7.37
N LYS A 49 9.98 -12.06 8.01
CA LYS A 49 9.29 -13.20 8.61
C LYS A 49 9.03 -14.26 7.53
N GLU A 50 8.23 -13.85 6.55
CA GLU A 50 7.88 -14.75 5.46
C GLU A 50 9.13 -15.50 4.97
N ILE A 51 10.09 -14.73 4.50
CA ILE A 51 11.34 -15.31 4.00
C ILE A 51 12.48 -14.32 4.25
N GLY A 52 12.34 -13.14 3.69
CA GLY A 52 13.35 -12.10 3.84
C GLY A 52 14.22 -12.01 2.59
N ASP A 53 13.56 -11.93 1.45
CA ASP A 53 14.26 -11.84 0.18
C ASP A 53 13.27 -11.42 -0.91
N VAL A 54 12.61 -10.29 -0.68
CA VAL A 54 11.65 -9.78 -1.63
C VAL A 54 12.03 -8.34 -2.00
N HIS A 55 11.45 -7.89 -3.11
CA HIS A 55 11.71 -6.54 -3.59
C HIS A 55 10.43 -5.94 -4.17
N VAL A 56 9.82 -5.06 -3.38
CA VAL A 56 8.59 -4.41 -3.80
C VAL A 56 8.89 -2.96 -4.18
N ASN A 57 8.73 -2.67 -5.46
CA ASN A 57 8.99 -1.33 -5.97
C ASN A 57 7.67 -0.55 -5.99
N VAL A 58 7.60 0.44 -5.10
CA VAL A 58 6.41 1.28 -5.01
C VAL A 58 6.64 2.56 -5.81
N ILE A 59 5.62 2.93 -6.58
CA ILE A 59 5.69 4.13 -7.39
C ILE A 59 4.69 5.15 -6.85
N LEU A 60 5.23 6.19 -6.23
CA LEU A 60 4.41 7.25 -5.68
C LEU A 60 3.98 8.20 -6.80
N VAL A 61 2.67 8.29 -6.97
CA VAL A 61 2.11 9.16 -8.01
C VAL A 61 0.81 9.76 -7.50
N SER A 62 0.66 11.05 -7.75
CA SER A 62 -0.54 11.77 -7.32
C SER A 62 -1.72 11.36 -8.20
N GLU A 63 -2.78 12.15 -8.11
CA GLU A 63 -3.98 11.88 -8.89
C GLU A 63 -3.71 12.09 -10.38
N ASP A 64 -3.18 13.26 -10.69
CA ASP A 64 -2.87 13.60 -12.06
C ASP A 64 -1.73 12.71 -12.56
N GLU A 65 -0.73 12.56 -11.70
CA GLU A 65 0.42 11.74 -12.04
C GLU A 65 -0.02 10.33 -12.43
N ILE A 66 -1.01 9.83 -11.69
CA ILE A 66 -1.53 8.50 -11.96
C ILE A 66 -2.52 8.57 -13.13
N LYS A 67 -3.20 9.69 -13.23
CA LYS A 67 -4.17 9.89 -14.29
C LYS A 67 -3.53 9.53 -15.63
N GLU A 68 -2.32 10.04 -15.84
CA GLU A 68 -1.60 9.78 -17.06
C GLU A 68 -0.95 8.40 -17.00
N LEU A 69 -0.24 8.16 -15.92
CA LEU A 69 0.44 6.89 -15.73
C LEU A 69 -0.51 5.75 -16.10
N ASN A 70 -1.79 5.97 -15.85
CA ASN A 70 -2.80 4.98 -16.16
C ASN A 70 -2.89 4.79 -17.67
N GLN A 71 -3.03 5.92 -18.36
CA GLN A 71 -3.12 5.90 -19.82
C GLN A 71 -1.77 5.50 -20.43
N GLN A 72 -0.71 5.75 -19.67
CA GLN A 72 0.62 5.43 -20.12
C GLN A 72 0.73 3.94 -20.44
N PHE A 73 -0.16 3.17 -19.82
CA PHE A 73 -0.17 1.73 -20.03
C PHE A 73 -1.58 1.24 -20.38
N ARG A 74 -2.53 1.62 -19.54
CA ARG A 74 -3.91 1.23 -19.75
C ARG A 74 -4.49 1.96 -20.97
N GLY A 75 -3.89 3.09 -21.28
CA GLY A 75 -4.33 3.89 -22.40
C GLY A 75 -5.67 4.57 -22.11
N GLN A 76 -6.08 4.47 -20.85
CA GLN A 76 -7.33 5.07 -20.42
C GLN A 76 -7.06 6.30 -19.55
N ASP A 77 -7.99 7.24 -19.59
CA ASP A 77 -7.88 8.45 -18.81
C ASP A 77 -8.87 8.40 -17.64
N ARG A 78 -8.37 7.98 -16.50
CA ARG A 78 -9.20 7.89 -15.30
C ARG A 78 -8.35 7.51 -14.10
N PRO A 79 -8.57 8.26 -12.98
CA PRO A 79 -7.84 8.02 -11.75
C PRO A 79 -8.34 6.76 -11.05
N THR A 80 -7.58 6.33 -10.04
CA THR A 80 -7.95 5.15 -9.29
C THR A 80 -7.37 5.23 -7.88
N ASP A 81 -7.76 4.26 -7.05
CA ASP A 81 -7.29 4.21 -5.68
C ASP A 81 -5.80 3.87 -5.66
N VAL A 82 -5.48 2.76 -6.32
CA VAL A 82 -4.08 2.32 -6.39
C VAL A 82 -3.90 1.46 -7.64
N LEU A 83 -2.79 1.70 -8.33
CA LEU A 83 -2.47 0.97 -9.53
C LEU A 83 -1.55 -0.20 -9.19
N THR A 84 -1.95 -1.38 -9.63
CA THR A 84 -1.18 -2.58 -9.38
C THR A 84 -0.51 -3.07 -10.67
N PHE A 85 0.66 -3.67 -10.50
CA PHE A 85 1.40 -4.18 -11.64
C PHE A 85 0.97 -5.61 -11.97
N PRO A 86 0.67 -5.82 -13.28
CA PRO A 86 0.26 -7.14 -13.74
C PRO A 86 1.44 -8.10 -13.83
N LEU A 87 1.45 -9.05 -12.91
CA LEU A 87 2.53 -10.04 -12.87
C LEU A 87 2.16 -11.15 -11.88
N MET A 88 2.30 -12.37 -12.34
CA MET A 88 1.99 -13.53 -11.51
C MET A 88 3.21 -14.44 -11.36
N GLU A 89 4.03 -14.12 -10.36
CA GLU A 89 5.22 -14.90 -10.11
C GLU A 89 5.22 -15.42 -8.67
N GLU A 90 6.29 -16.11 -8.32
CA GLU A 90 6.42 -16.66 -6.98
C GLU A 90 5.85 -15.69 -5.95
N ASP A 91 6.47 -14.52 -5.86
CA ASP A 91 6.03 -13.50 -4.93
C ASP A 91 5.43 -12.33 -5.69
N VAL A 92 6.30 -11.53 -6.28
CA VAL A 92 5.87 -10.38 -7.05
C VAL A 92 7.08 -9.72 -7.70
N TYR A 93 8.00 -9.28 -6.85
CA TYR A 93 9.22 -8.63 -7.33
C TYR A 93 8.90 -7.68 -8.49
N GLY A 94 7.75 -7.04 -8.41
CA GLY A 94 7.32 -6.10 -9.43
C GLY A 94 7.29 -4.67 -8.90
N GLU A 95 6.64 -3.80 -9.66
CA GLU A 95 6.52 -2.41 -9.29
C GLU A 95 5.06 -1.98 -9.29
N ILE A 96 4.56 -1.65 -8.11
CA ILE A 96 3.17 -1.22 -7.97
C ILE A 96 3.14 0.28 -7.70
N TYR A 97 2.10 0.91 -8.23
CA TYR A 97 1.94 2.35 -8.05
C TYR A 97 0.79 2.66 -7.09
N VAL A 98 1.00 3.69 -6.28
CA VAL A 98 -0.01 4.10 -5.32
C VAL A 98 -0.23 5.60 -5.42
N CYS A 99 -1.41 6.03 -5.01
CA CYS A 99 -1.76 7.45 -5.05
C CYS A 99 -2.58 7.77 -3.80
N PRO A 100 -1.88 8.39 -2.81
CA PRO A 100 -2.54 8.76 -1.56
C PRO A 100 -3.43 9.99 -1.75
N LEU A 101 -3.47 10.46 -2.99
CA LEU A 101 -4.28 11.62 -3.32
C LEU A 101 -5.75 11.24 -3.33
N ILE A 102 -6.04 10.18 -4.08
CA ILE A 102 -7.42 9.69 -4.18
C ILE A 102 -7.78 8.95 -2.89
N VAL A 103 -6.81 8.25 -2.34
CA VAL A 103 -7.02 7.50 -1.12
C VAL A 103 -7.44 8.47 0.00
N GLU A 104 -6.66 9.52 0.15
CA GLU A 104 -6.94 10.52 1.17
C GLU A 104 -8.32 11.14 0.93
N GLU A 105 -8.61 11.40 -0.34
CA GLU A 105 -9.88 11.99 -0.70
C GLU A 105 -11.04 11.17 -0.13
N ASN A 106 -10.84 9.85 -0.11
CA ASN A 106 -11.85 8.95 0.41
C ASN A 106 -11.80 8.96 1.93
N ALA A 107 -10.60 9.03 2.46
CA ALA A 107 -10.40 9.04 3.90
C ALA A 107 -10.96 10.36 4.47
N ARG A 108 -10.97 11.37 3.62
CA ARG A 108 -11.48 12.68 4.02
C ARG A 108 -12.94 12.56 4.47
N GLU A 109 -13.75 12.00 3.59
CA GLU A 109 -15.17 11.83 3.88
C GLU A 109 -15.38 10.63 4.80
N PHE A 110 -14.57 9.60 4.58
CA PHE A 110 -14.66 8.39 5.38
C PHE A 110 -13.86 8.54 6.68
N ASN A 111 -13.37 9.75 6.91
CA ASN A 111 -12.58 10.03 8.09
C ASN A 111 -11.69 8.83 8.41
N ASN A 112 -11.17 8.23 7.34
CA ASN A 112 -10.30 7.08 7.48
C ASN A 112 -8.86 7.55 7.66
N THR A 113 -8.04 6.67 8.20
CA THR A 113 -6.64 6.99 8.43
C THR A 113 -5.80 6.66 7.18
N PHE A 114 -5.54 7.71 6.41
CA PHE A 114 -4.76 7.55 5.19
C PHE A 114 -3.57 6.62 5.42
N GLU A 115 -3.13 6.57 6.66
CA GLU A 115 -2.00 5.72 7.03
C GLU A 115 -2.35 4.26 6.81
N LYS A 116 -3.53 3.88 7.26
CA LYS A 116 -4.00 2.52 7.13
C LYS A 116 -4.28 2.22 5.66
N GLU A 117 -5.08 3.10 5.05
CA GLU A 117 -5.43 2.96 3.66
C GLU A 117 -4.18 2.80 2.80
N LEU A 118 -3.14 3.51 3.21
CA LEU A 118 -1.87 3.46 2.49
C LEU A 118 -1.10 2.21 2.90
N LEU A 119 -1.20 1.90 4.19
CA LEU A 119 -0.51 0.73 4.73
C LEU A 119 -0.96 -0.52 3.98
N GLU A 120 -2.22 -0.50 3.56
CA GLU A 120 -2.79 -1.61 2.83
C GLU A 120 -2.00 -1.88 1.55
N VAL A 121 -1.88 -0.84 0.74
CA VAL A 121 -1.14 -0.94 -0.50
C VAL A 121 0.32 -1.29 -0.21
N VAL A 122 0.76 -0.90 0.98
CA VAL A 122 2.12 -1.16 1.40
C VAL A 122 2.29 -2.67 1.62
N ILE A 123 1.46 -3.20 2.50
CA ILE A 123 1.51 -4.62 2.82
C ILE A 123 0.92 -5.41 1.66
N HIS A 124 0.18 -4.71 0.81
CA HIS A 124 -0.44 -5.34 -0.34
C HIS A 124 0.60 -6.13 -1.12
N GLY A 125 1.84 -5.66 -1.04
CA GLY A 125 2.93 -6.30 -1.74
C GLY A 125 3.43 -7.52 -0.97
N ILE A 126 3.64 -7.32 0.33
CA ILE A 126 4.12 -8.39 1.18
C ILE A 126 2.98 -9.38 1.43
N LEU A 127 1.86 -8.85 1.90
CA LEU A 127 0.70 -9.68 2.19
C LEU A 127 0.43 -10.59 0.99
N HIS A 128 0.84 -10.12 -0.17
CA HIS A 128 0.64 -10.88 -1.40
C HIS A 128 1.46 -12.18 -1.32
N LEU A 129 2.77 -12.02 -1.30
CA LEU A 129 3.67 -13.16 -1.22
C LEU A 129 3.68 -13.71 0.20
N ALA A 130 2.91 -13.05 1.06
CA ALA A 130 2.82 -13.46 2.46
C ALA A 130 2.13 -14.82 2.54
N GLY A 131 1.23 -15.05 1.58
CA GLY A 131 0.50 -16.29 1.54
C GLY A 131 0.29 -16.77 0.10
N TYR A 132 -0.93 -16.58 -0.39
CA TYR A 132 -1.27 -16.96 -1.74
C TYR A 132 -0.09 -16.72 -2.70
N ASP A 133 -0.04 -17.54 -3.74
CA ASP A 133 1.02 -17.42 -4.72
C ASP A 133 0.45 -17.68 -6.12
N HIS A 134 0.12 -16.60 -6.80
CA HIS A 134 -0.44 -16.69 -8.14
C HIS A 134 -1.81 -17.37 -8.08
N GLU A 135 -2.66 -16.82 -7.23
CA GLU A 135 -4.00 -17.37 -7.07
C GLU A 135 -5.01 -16.24 -6.84
N PHE A 136 -4.97 -15.68 -5.65
CA PHE A 136 -5.87 -14.59 -5.30
C PHE A 136 -7.26 -14.83 -5.87
N GLU A 137 -7.70 -16.07 -5.79
CA GLU A 137 -9.01 -16.44 -6.31
C GLU A 137 -10.06 -15.42 -5.87
N ASP A 138 -11.06 -15.23 -6.72
CA ASP A 138 -12.12 -14.29 -6.44
C ASP A 138 -11.52 -13.01 -5.84
N LYS A 139 -10.54 -12.47 -6.54
CA LYS A 139 -9.88 -11.26 -6.09
C LYS A 139 -9.14 -11.54 -4.78
N ASN A 140 -9.91 -11.61 -3.71
CA ASN A 140 -9.35 -11.87 -2.40
C ASN A 140 -10.30 -12.77 -1.61
N SER A 141 -9.76 -13.39 -0.57
CA SER A 141 -10.54 -14.28 0.26
C SER A 141 -10.49 -13.81 1.72
N LYS A 142 -11.24 -14.51 2.56
CA LYS A 142 -11.29 -14.17 3.97
C LYS A 142 -9.88 -14.25 4.57
N GLU A 143 -9.06 -15.08 3.95
CA GLU A 143 -7.69 -15.26 4.40
C GLU A 143 -6.87 -14.01 4.11
N MET A 144 -6.97 -13.54 2.87
CA MET A 144 -6.26 -12.35 2.46
C MET A 144 -6.73 -11.12 3.23
N PHE A 145 -7.98 -11.16 3.63
CA PHE A 145 -8.56 -10.05 4.38
C PHE A 145 -7.94 -9.96 5.77
N GLU A 146 -8.05 -11.05 6.52
CA GLU A 146 -7.51 -11.10 7.87
C GLU A 146 -5.98 -11.05 7.82
N LYS A 147 -5.42 -11.76 6.85
CA LYS A 147 -3.97 -11.81 6.70
C LYS A 147 -3.46 -10.41 6.32
N GLN A 148 -4.34 -9.64 5.69
CA GLN A 148 -4.00 -8.29 5.28
C GLN A 148 -4.13 -7.32 6.45
N LYS A 149 -5.11 -7.60 7.30
CA LYS A 149 -5.35 -6.76 8.47
C LYS A 149 -4.32 -7.10 9.55
N LYS A 150 -3.70 -8.26 9.39
CA LYS A 150 -2.70 -8.72 10.34
C LYS A 150 -1.48 -7.80 10.27
N TYR A 151 -0.87 -7.76 9.10
CA TYR A 151 0.29 -6.92 8.89
C TYR A 151 -0.05 -5.44 9.00
N VAL A 152 -1.28 -5.12 8.60
CA VAL A 152 -1.75 -3.75 8.64
C VAL A 152 -1.69 -3.24 10.08
N GLU A 153 -2.34 -3.99 10.96
CA GLU A 153 -2.36 -3.63 12.37
C GLU A 153 -0.96 -3.76 12.98
N GLU A 154 -0.24 -4.75 12.49
CA GLU A 154 1.12 -4.99 12.97
C GLU A 154 2.04 -3.85 12.55
N VAL A 155 1.98 -3.50 11.27
CA VAL A 155 2.80 -2.44 10.73
C VAL A 155 2.28 -1.09 11.26
N TRP A 156 0.97 -1.00 11.35
CA TRP A 156 0.34 0.23 11.83
C TRP A 156 0.55 0.30 13.34
N GLY A 157 0.94 -0.82 13.92
CA GLY A 157 1.18 -0.90 15.35
C GLY A 157 2.12 0.22 15.80
N GLU A 158 2.92 0.69 14.86
CA GLU A 158 3.87 1.76 15.16
C GLU A 158 3.20 3.12 14.98
N TRP A 159 2.70 3.36 13.78
CA TRP A 159 2.03 4.62 13.48
C TRP A 159 0.88 4.79 14.47
N ARG A 160 0.45 3.67 15.04
CA ARG A 160 -0.64 3.69 16.00
C ARG A 160 -0.38 4.74 17.09
N SER A 161 0.90 4.91 17.40
CA SER A 161 1.30 5.88 18.41
C SER A 161 0.97 7.30 17.93
N ASN A 162 0.64 7.40 16.65
CA ASN A 162 0.30 8.69 16.06
C ASN A 162 -0.99 8.55 15.27
N PRO A 163 -2.11 8.36 16.01
CA PRO A 163 -3.42 8.22 15.38
C PRO A 163 -3.93 9.57 14.87
N SER A 164 -5.12 9.53 14.30
CA SER A 164 -5.74 10.73 13.76
C SER A 164 -4.97 11.22 12.54
N GLU A 165 -3.72 11.63 12.78
CA GLU A 165 -2.87 12.11 11.71
C GLU A 165 -3.41 13.43 11.16
N ASP A 166 -4.34 14.01 11.90
CA ASP A 166 -4.95 15.27 11.49
C ASP A 166 -5.14 16.15 12.72
N SER A 167 -5.50 17.41 12.46
CA SER A 167 -5.71 18.35 13.54
C SER A 167 -7.00 18.02 14.29
N ASP A 168 -8.11 18.18 13.58
CA ASP A 168 -9.42 17.89 14.16
C ASP A 168 -9.48 18.50 15.57
N PRO A 169 -9.94 19.78 15.62
CA PRO A 169 -10.05 20.47 16.90
C PRO A 169 -11.27 19.97 17.69
N GLY A 170 -11.22 18.68 18.01
CA GLY A 170 -12.31 18.08 18.77
C GLY A 170 -11.77 16.99 19.71
N LYS A 171 -11.60 15.80 19.15
CA LYS A 171 -11.10 14.68 19.93
C LYS A 171 -9.88 15.13 20.73
N ARG A 172 -9.85 14.73 21.99
CA ARG A 172 -8.75 15.08 22.87
C ARG A 172 -8.08 13.81 23.42
N MET A 23 13.45 -3.93 3.39
CA MET A 23 13.52 -4.22 1.96
C MET A 23 12.34 -3.59 1.22
N ILE A 24 12.18 -2.29 1.43
CA ILE A 24 11.11 -1.55 0.79
C ILE A 24 11.70 -0.43 -0.07
N ARG A 25 11.20 -0.34 -1.30
CA ARG A 25 11.67 0.68 -2.21
C ARG A 25 10.63 1.80 -2.35
N ILE A 26 11.10 3.02 -2.15
CA ILE A 26 10.23 4.18 -2.24
C ILE A 26 10.56 4.96 -3.52
N LEU A 27 9.64 4.88 -4.48
CA LEU A 27 9.82 5.57 -5.74
C LEU A 27 8.58 6.40 -6.04
N GLY A 28 8.77 7.39 -6.90
CA GLY A 28 7.68 8.26 -7.29
C GLY A 28 7.59 9.48 -6.36
N GLU A 29 6.50 10.21 -6.50
CA GLU A 29 6.29 11.40 -5.67
C GLU A 29 4.83 11.47 -5.21
N GLY A 30 4.66 11.93 -3.99
CA GLY A 30 3.33 12.06 -3.41
C GLY A 30 3.33 11.71 -1.92
N LYS A 31 2.68 12.55 -1.15
CA LYS A 31 2.60 12.35 0.29
C LYS A 31 2.41 10.86 0.58
N GLY A 32 3.44 10.27 1.18
CA GLY A 32 3.40 8.85 1.51
C GLY A 32 4.83 8.30 1.68
N SER A 33 5.75 8.92 0.97
CA SER A 33 7.14 8.50 1.04
C SER A 33 7.64 8.55 2.48
N LYS A 34 7.38 9.69 3.13
CA LYS A 34 7.79 9.87 4.51
C LYS A 34 6.93 9.01 5.42
N LEU A 35 5.68 8.84 5.02
CA LEU A 35 4.74 8.03 5.78
C LEU A 35 5.23 6.58 5.81
N LEU A 36 5.93 6.20 4.75
CA LEU A 36 6.46 4.85 4.64
C LEU A 36 7.68 4.71 5.55
N GLU A 37 8.62 5.62 5.38
CA GLU A 37 9.83 5.61 6.18
C GLU A 37 9.48 5.56 7.67
N ASN A 38 8.26 5.97 7.97
CA ASN A 38 7.79 5.98 9.35
C ASN A 38 7.54 4.54 9.80
N LEU A 39 7.02 3.74 8.88
CA LEU A 39 6.73 2.35 9.17
C LEU A 39 7.49 1.45 8.20
N LYS A 40 8.69 1.91 7.84
CA LYS A 40 9.54 1.15 6.93
C LYS A 40 9.94 -0.17 7.58
N GLU A 41 10.56 -0.06 8.73
CA GLU A 41 11.01 -1.24 9.47
C GLU A 41 9.80 -2.09 9.87
N LYS A 42 8.66 -1.43 9.97
CA LYS A 42 7.44 -2.12 10.36
C LYS A 42 7.14 -3.22 9.34
N LEU A 43 7.49 -2.95 8.09
CA LEU A 43 7.27 -3.91 7.03
C LEU A 43 8.37 -4.95 7.05
N GLU A 44 9.56 -4.52 7.45
CA GLU A 44 10.71 -5.41 7.53
C GLU A 44 10.41 -6.56 8.48
N GLU A 45 9.47 -6.33 9.38
CA GLU A 45 9.09 -7.34 10.36
C GLU A 45 8.30 -8.45 9.68
N ILE A 46 7.31 -8.05 8.90
CA ILE A 46 6.46 -9.00 8.19
C ILE A 46 7.27 -9.63 7.05
N VAL A 47 8.13 -8.81 6.46
CA VAL A 47 8.96 -9.27 5.36
C VAL A 47 9.92 -10.34 5.86
N LYS A 48 10.60 -10.02 6.96
CA LYS A 48 11.54 -10.95 7.55
C LYS A 48 10.79 -12.15 8.14
N LYS A 49 9.65 -11.85 8.74
CA LYS A 49 8.82 -12.87 9.34
C LYS A 49 8.57 -13.99 8.31
N GLU A 50 7.98 -13.59 7.20
CA GLU A 50 7.67 -14.54 6.14
C GLU A 50 8.97 -15.03 5.48
N ILE A 51 9.72 -14.08 4.93
CA ILE A 51 10.97 -14.40 4.28
C ILE A 51 11.68 -13.11 3.87
N GLY A 52 12.63 -12.70 4.70
CA GLY A 52 13.39 -11.50 4.44
C GLY A 52 14.25 -11.64 3.19
N ASP A 53 13.59 -11.68 2.05
CA ASP A 53 14.28 -11.81 0.78
C ASP A 53 13.34 -11.45 -0.36
N VAL A 54 12.76 -10.26 -0.26
CA VAL A 54 11.83 -9.78 -1.27
C VAL A 54 12.18 -8.34 -1.64
N HIS A 55 11.42 -7.80 -2.58
CA HIS A 55 11.64 -6.44 -3.04
C HIS A 55 10.32 -5.84 -3.50
N VAL A 56 9.76 -4.98 -2.67
CA VAL A 56 8.50 -4.33 -2.99
C VAL A 56 8.73 -2.83 -3.14
N ASN A 57 8.52 -2.35 -4.36
CA ASN A 57 8.70 -0.93 -4.64
C ASN A 57 7.33 -0.29 -4.84
N VAL A 58 7.19 0.91 -4.27
CA VAL A 58 5.94 1.63 -4.37
C VAL A 58 6.16 2.89 -5.22
N ILE A 59 5.16 3.22 -6.02
CA ILE A 59 5.24 4.39 -6.88
C ILE A 59 4.15 5.39 -6.47
N LEU A 60 4.60 6.47 -5.84
CA LEU A 60 3.69 7.51 -5.39
C LEU A 60 3.29 8.39 -6.58
N VAL A 61 2.02 8.36 -6.90
CA VAL A 61 1.50 9.15 -8.01
C VAL A 61 0.12 9.69 -7.64
N SER A 62 -0.08 10.96 -7.97
CA SER A 62 -1.36 11.60 -7.70
C SER A 62 -2.42 11.15 -8.71
N GLU A 63 -3.55 11.83 -8.67
CA GLU A 63 -4.64 11.51 -9.58
C GLU A 63 -4.19 11.68 -11.03
N ASP A 64 -3.64 12.85 -11.31
CA ASP A 64 -3.16 13.16 -12.65
C ASP A 64 -1.96 12.26 -12.97
N GLU A 65 -1.02 12.24 -12.05
CA GLU A 65 0.18 11.43 -12.22
C GLU A 65 -0.20 9.98 -12.57
N ILE A 66 -1.25 9.50 -11.92
CA ILE A 66 -1.72 8.15 -12.15
C ILE A 66 -2.61 8.13 -13.38
N LYS A 67 -3.30 9.24 -13.60
CA LYS A 67 -4.20 9.37 -14.75
C LYS A 67 -3.46 8.93 -16.00
N GLU A 68 -2.26 9.46 -16.17
CA GLU A 68 -1.45 9.13 -17.32
C GLU A 68 -0.77 7.76 -17.13
N LEU A 69 -0.15 7.59 -15.97
CA LEU A 69 0.52 6.35 -15.67
C LEU A 69 -0.38 5.17 -16.04
N ASN A 70 -1.67 5.39 -15.88
CA ASN A 70 -2.65 4.36 -16.20
C ASN A 70 -2.64 4.11 -17.71
N GLN A 71 -2.62 5.20 -18.46
CA GLN A 71 -2.61 5.12 -19.91
C GLN A 71 -1.22 4.67 -20.41
N GLN A 72 -0.23 4.92 -19.57
CA GLN A 72 1.13 4.55 -19.91
C GLN A 72 1.23 3.05 -20.15
N PHE A 73 0.40 2.31 -19.44
CA PHE A 73 0.39 0.86 -19.56
C PHE A 73 -1.03 0.35 -19.85
N ARG A 74 -1.95 0.75 -18.98
CA ARG A 74 -3.34 0.34 -19.13
C ARG A 74 -3.97 1.02 -20.35
N GLY A 75 -3.31 2.07 -20.80
CA GLY A 75 -3.79 2.82 -21.96
C GLY A 75 -5.24 3.28 -21.75
N GLN A 76 -5.66 3.26 -20.49
CA GLN A 76 -7.00 3.67 -20.14
C GLN A 76 -6.97 4.96 -19.32
N ASP A 77 -7.85 5.88 -19.67
CA ASP A 77 -7.93 7.15 -18.98
C ASP A 77 -8.97 7.06 -17.86
N ARG A 78 -8.47 6.75 -16.67
CA ARG A 78 -9.34 6.62 -15.51
C ARG A 78 -8.52 6.39 -14.25
N PRO A 79 -8.87 7.17 -13.18
CA PRO A 79 -8.16 7.04 -11.92
C PRO A 79 -8.57 5.78 -11.18
N THR A 80 -7.82 5.47 -10.12
CA THR A 80 -8.10 4.30 -9.33
C THR A 80 -7.53 4.46 -7.92
N ASP A 81 -7.84 3.50 -7.07
CA ASP A 81 -7.37 3.51 -5.69
C ASP A 81 -5.88 3.20 -5.67
N VAL A 82 -5.52 2.12 -6.37
CA VAL A 82 -4.13 1.70 -6.43
C VAL A 82 -3.91 0.88 -7.71
N LEU A 83 -2.80 1.17 -8.37
CA LEU A 83 -2.46 0.46 -9.59
C LEU A 83 -1.52 -0.70 -9.27
N THR A 84 -1.92 -1.88 -9.72
CA THR A 84 -1.13 -3.08 -9.48
C THR A 84 -0.15 -3.30 -10.64
N PHE A 85 1.05 -3.74 -10.27
CA PHE A 85 2.09 -4.00 -11.25
C PHE A 85 1.87 -5.35 -11.94
N PRO A 86 2.04 -5.33 -13.29
CA PRO A 86 1.86 -6.55 -14.08
C PRO A 86 3.05 -7.49 -13.90
N LEU A 87 2.81 -8.58 -13.18
CA LEU A 87 3.84 -9.56 -12.94
C LEU A 87 3.22 -10.81 -12.33
N MET A 88 2.01 -11.12 -12.78
CA MET A 88 1.30 -12.29 -12.29
C MET A 88 2.12 -13.56 -12.51
N GLU A 89 3.05 -13.78 -11.59
CA GLU A 89 3.91 -14.95 -11.66
C GLU A 89 4.44 -15.31 -10.27
N GLU A 90 5.42 -16.19 -10.26
CA GLU A 90 6.03 -16.64 -9.02
C GLU A 90 7.01 -15.57 -8.50
N ASP A 91 6.50 -14.35 -8.37
CA ASP A 91 7.31 -13.25 -7.89
C ASP A 91 6.54 -11.94 -8.09
N VAL A 92 6.15 -11.35 -6.97
CA VAL A 92 5.42 -10.09 -7.00
C VAL A 92 6.34 -8.95 -6.60
N TYR A 93 7.61 -9.29 -6.42
CA TYR A 93 8.61 -8.30 -6.03
C TYR A 93 8.85 -7.29 -7.15
N GLY A 94 7.78 -6.59 -7.51
CA GLY A 94 7.86 -5.59 -8.56
C GLY A 94 7.68 -4.18 -8.00
N GLU A 95 6.96 -3.37 -8.75
CA GLU A 95 6.70 -2.00 -8.34
C GLU A 95 5.22 -1.66 -8.52
N ILE A 96 4.55 -1.43 -7.40
CA ILE A 96 3.15 -1.09 -7.42
C ILE A 96 2.98 0.42 -7.30
N TYR A 97 1.97 0.94 -7.98
CA TYR A 97 1.69 2.37 -7.95
C TYR A 97 0.52 2.69 -7.03
N VAL A 98 0.79 3.50 -6.03
CA VAL A 98 -0.24 3.89 -5.08
C VAL A 98 -0.56 5.37 -5.26
N CYS A 99 -1.79 5.73 -4.91
CA CYS A 99 -2.24 7.10 -5.03
C CYS A 99 -3.09 7.44 -3.80
N PRO A 100 -2.44 8.10 -2.81
CA PRO A 100 -3.13 8.48 -1.59
C PRO A 100 -4.06 9.68 -1.84
N LEU A 101 -4.10 10.11 -3.09
CA LEU A 101 -4.93 11.24 -3.46
C LEU A 101 -6.37 10.76 -3.66
N ILE A 102 -6.50 9.67 -4.41
CA ILE A 102 -7.82 9.10 -4.68
C ILE A 102 -8.27 8.29 -3.46
N VAL A 103 -7.30 7.82 -2.70
CA VAL A 103 -7.59 7.04 -1.50
C VAL A 103 -8.05 7.98 -0.38
N GLU A 104 -7.22 8.97 -0.11
CA GLU A 104 -7.52 9.93 0.94
C GLU A 104 -8.95 10.46 0.77
N GLU A 105 -9.25 10.87 -0.46
CA GLU A 105 -10.57 11.40 -0.76
C GLU A 105 -11.64 10.35 -0.47
N ASN A 106 -11.25 9.09 -0.60
CA ASN A 106 -12.16 7.99 -0.36
C ASN A 106 -12.31 7.78 1.15
N ALA A 107 -11.22 8.02 1.86
CA ALA A 107 -11.22 7.87 3.31
C ALA A 107 -11.91 9.08 3.94
N ARG A 108 -11.83 10.21 3.24
CA ARG A 108 -12.43 11.44 3.73
C ARG A 108 -13.95 11.35 3.65
N GLU A 109 -14.42 10.64 2.64
CA GLU A 109 -15.85 10.46 2.44
C GLU A 109 -16.40 9.44 3.44
N PHE A 110 -15.51 8.57 3.89
CA PHE A 110 -15.90 7.54 4.84
C PHE A 110 -15.15 7.71 6.16
N ASN A 111 -14.54 8.88 6.32
CA ASN A 111 -13.79 9.17 7.53
C ASN A 111 -12.91 7.98 7.89
N ASN A 112 -12.52 7.25 6.85
CA ASN A 112 -11.67 6.09 7.04
C ASN A 112 -10.24 6.54 7.36
N THR A 113 -9.50 5.65 8.01
CA THR A 113 -8.13 5.95 8.38
C THR A 113 -7.23 5.94 7.14
N PHE A 114 -6.98 7.12 6.61
CA PHE A 114 -6.15 7.26 5.43
C PHE A 114 -4.87 6.42 5.56
N GLU A 115 -4.23 6.55 6.71
CA GLU A 115 -3.01 5.82 6.97
C GLU A 115 -3.24 4.31 6.81
N LYS A 116 -4.38 3.87 7.33
CA LYS A 116 -4.74 2.47 7.26
C LYS A 116 -4.94 2.07 5.79
N GLU A 117 -5.69 2.91 5.09
CA GLU A 117 -5.96 2.66 3.68
C GLU A 117 -4.65 2.55 2.89
N LEU A 118 -3.75 3.48 3.19
CA LEU A 118 -2.46 3.51 2.53
C LEU A 118 -1.60 2.35 3.05
N LEU A 119 -1.87 1.97 4.29
CA LEU A 119 -1.13 0.89 4.91
C LEU A 119 -1.42 -0.42 4.17
N GLU A 120 -2.61 -0.50 3.60
CA GLU A 120 -3.02 -1.67 2.86
C GLU A 120 -2.17 -1.84 1.61
N VAL A 121 -2.19 -0.81 0.77
CA VAL A 121 -1.42 -0.83 -0.47
C VAL A 121 0.06 -1.07 -0.13
N VAL A 122 0.42 -0.72 1.08
CA VAL A 122 1.79 -0.88 1.54
C VAL A 122 2.08 -2.38 1.72
N ILE A 123 1.28 -3.01 2.58
CA ILE A 123 1.43 -4.42 2.85
C ILE A 123 0.95 -5.23 1.64
N HIS A 124 0.19 -4.55 0.79
CA HIS A 124 -0.34 -5.20 -0.40
C HIS A 124 0.80 -5.87 -1.16
N GLY A 125 1.99 -5.32 -1.01
CA GLY A 125 3.17 -5.85 -1.68
C GLY A 125 3.70 -7.08 -0.94
N ILE A 126 3.71 -6.98 0.38
CA ILE A 126 4.20 -8.07 1.21
C ILE A 126 3.10 -9.14 1.33
N LEU A 127 1.93 -8.70 1.76
CA LEU A 127 0.80 -9.60 1.92
C LEU A 127 0.64 -10.45 0.66
N HIS A 128 1.00 -9.85 -0.47
CA HIS A 128 0.91 -10.54 -1.74
C HIS A 128 1.81 -11.76 -1.72
N LEU A 129 3.09 -11.53 -1.46
CA LEU A 129 4.06 -12.60 -1.41
C LEU A 129 4.05 -13.22 -0.01
N ALA A 130 3.08 -12.81 0.78
CA ALA A 130 2.95 -13.32 2.13
C ALA A 130 2.21 -14.66 2.09
N GLY A 131 1.35 -14.80 1.11
CA GLY A 131 0.58 -16.02 0.95
C GLY A 131 0.73 -16.59 -0.46
N TYR A 132 -0.28 -16.34 -1.29
CA TYR A 132 -0.26 -16.82 -2.66
C TYR A 132 1.15 -16.75 -3.24
N ASP A 133 1.43 -17.69 -4.14
CA ASP A 133 2.74 -17.75 -4.78
C ASP A 133 2.58 -17.40 -6.26
N HIS A 134 1.38 -17.60 -6.76
CA HIS A 134 1.08 -17.31 -8.16
C HIS A 134 -0.40 -16.97 -8.32
N GLU A 135 -0.77 -15.82 -7.76
CA GLU A 135 -2.16 -15.37 -7.83
C GLU A 135 -3.06 -16.34 -7.06
N PHE A 136 -4.01 -15.74 -6.34
CA PHE A 136 -4.94 -16.53 -5.55
C PHE A 136 -6.35 -15.92 -5.60
N GLU A 137 -6.68 -15.35 -6.75
CA GLU A 137 -7.97 -14.73 -6.94
C GLU A 137 -7.97 -13.31 -6.35
N ASP A 138 -7.49 -12.38 -7.15
CA ASP A 138 -7.43 -10.99 -6.72
C ASP A 138 -8.85 -10.48 -6.43
N LYS A 139 -9.75 -10.81 -7.35
CA LYS A 139 -11.14 -10.40 -7.20
C LYS A 139 -11.68 -10.90 -5.86
N ASN A 140 -11.52 -10.05 -4.85
CA ASN A 140 -11.98 -10.38 -3.51
C ASN A 140 -11.16 -11.55 -2.97
N SER A 141 -11.26 -11.76 -1.67
CA SER A 141 -10.53 -12.83 -1.01
C SER A 141 -10.49 -12.59 0.50
N LYS A 142 -11.03 -13.55 1.24
CA LYS A 142 -11.05 -13.44 2.68
C LYS A 142 -9.64 -13.71 3.24
N GLU A 143 -8.90 -14.53 2.50
CA GLU A 143 -7.55 -14.86 2.89
C GLU A 143 -6.65 -13.62 2.85
N MET A 144 -6.82 -12.86 1.78
CA MET A 144 -6.03 -11.64 1.59
C MET A 144 -6.46 -10.57 2.60
N PHE A 145 -7.77 -10.39 2.70
CA PHE A 145 -8.31 -9.39 3.62
C PHE A 145 -7.78 -9.60 5.04
N GLU A 146 -7.94 -10.83 5.52
CA GLU A 146 -7.48 -11.17 6.86
C GLU A 146 -5.99 -10.88 6.99
N LYS A 147 -5.20 -11.58 6.17
CA LYS A 147 -3.76 -11.41 6.19
C LYS A 147 -3.42 -9.94 5.96
N GLN A 148 -4.35 -9.24 5.31
CA GLN A 148 -4.16 -7.82 5.02
C GLN A 148 -4.41 -6.99 6.28
N LYS A 149 -5.39 -7.42 7.06
CA LYS A 149 -5.74 -6.73 8.28
C LYS A 149 -4.76 -7.13 9.39
N LYS A 150 -4.07 -8.24 9.15
CA LYS A 150 -3.11 -8.74 10.12
C LYS A 150 -1.92 -7.80 10.18
N TYR A 151 -1.26 -7.64 9.04
CA TYR A 151 -0.09 -6.77 8.96
C TYR A 151 -0.50 -5.31 9.16
N VAL A 152 -1.70 -4.99 8.70
CA VAL A 152 -2.21 -3.63 8.83
C VAL A 152 -2.21 -3.23 10.31
N GLU A 153 -2.87 -4.05 11.10
CA GLU A 153 -2.96 -3.79 12.53
C GLU A 153 -1.58 -3.84 13.17
N GLU A 154 -0.71 -4.64 12.55
CA GLU A 154 0.66 -4.77 13.04
C GLU A 154 1.47 -3.53 12.71
N VAL A 155 1.45 -3.17 11.43
CA VAL A 155 2.19 -2.00 10.97
C VAL A 155 1.49 -0.73 11.47
N TRP A 156 0.18 -0.84 11.62
CA TRP A 156 -0.61 0.29 12.09
C TRP A 156 -0.46 0.38 13.60
N GLY A 157 0.09 -0.68 14.18
CA GLY A 157 0.29 -0.74 15.61
C GLY A 157 1.03 0.50 16.10
N GLU A 158 1.87 1.05 15.23
CA GLU A 158 2.63 2.23 15.56
C GLU A 158 1.83 3.49 15.24
N TRP A 159 1.44 3.60 13.98
CA TRP A 159 0.66 4.74 13.53
C TRP A 159 -0.58 4.86 14.42
N ARG A 160 -0.93 3.73 15.05
CA ARG A 160 -2.08 3.69 15.93
C ARG A 160 -1.97 4.77 17.00
N SER A 161 -0.77 4.88 17.56
CA SER A 161 -0.51 5.87 18.59
C SER A 161 -0.85 7.27 18.08
N ASN A 162 -0.94 7.37 16.76
CA ASN A 162 -1.26 8.65 16.14
C ASN A 162 -2.46 8.48 15.22
N PRO A 163 -3.67 8.41 15.85
CA PRO A 163 -4.90 8.26 15.11
C PRO A 163 -5.29 9.55 14.41
N SER A 164 -6.34 9.46 13.59
CA SER A 164 -6.83 10.62 12.87
C SER A 164 -5.83 11.01 11.78
N GLU A 165 -4.62 11.33 12.22
CA GLU A 165 -3.57 11.73 11.30
C GLU A 165 -2.21 11.24 11.81
N ASP A 166 -1.18 11.58 11.05
CA ASP A 166 0.18 11.19 11.40
C ASP A 166 0.59 11.91 12.68
N SER A 167 0.00 13.08 12.87
CA SER A 167 0.30 13.89 14.05
C SER A 167 -0.51 15.19 14.01
N ASP A 168 -0.84 15.67 15.20
CA ASP A 168 -1.62 16.89 15.32
C ASP A 168 -1.37 17.52 16.69
N PRO A 169 -0.62 18.65 16.68
CA PRO A 169 -0.31 19.35 17.92
C PRO A 169 -1.52 20.11 18.45
N GLY A 170 -2.55 19.35 18.78
CA GLY A 170 -3.78 19.95 19.29
C GLY A 170 -4.48 19.00 20.27
N LYS A 171 -5.33 18.15 19.72
CA LYS A 171 -6.07 17.20 20.52
C LYS A 171 -6.80 17.94 21.65
N ARG A 172 -7.58 17.18 22.40
CA ARG A 172 -8.33 17.75 23.50
C ARG A 172 -8.87 19.13 23.13
N MET A 23 13.25 -4.29 3.34
CA MET A 23 13.58 -4.66 1.99
C MET A 23 12.59 -4.05 1.00
N ILE A 24 12.15 -2.84 1.31
CA ILE A 24 11.20 -2.14 0.46
C ILE A 24 11.95 -1.12 -0.40
N ARG A 25 11.34 -0.77 -1.53
CA ARG A 25 11.94 0.18 -2.44
C ARG A 25 10.94 1.29 -2.77
N ILE A 26 11.39 2.52 -2.59
CA ILE A 26 10.55 3.67 -2.86
C ILE A 26 11.02 4.33 -4.16
N LEU A 27 10.04 4.69 -4.99
CA LEU A 27 10.34 5.33 -6.25
C LEU A 27 9.20 6.28 -6.61
N GLY A 28 9.50 7.22 -7.51
CA GLY A 28 8.52 8.19 -7.95
C GLY A 28 8.46 9.38 -6.99
N GLU A 29 7.36 10.11 -7.07
CA GLU A 29 7.17 11.29 -6.23
C GLU A 29 5.72 11.38 -5.78
N GLY A 30 5.55 11.79 -4.53
CA GLY A 30 4.21 11.94 -3.96
C GLY A 30 4.20 11.56 -2.48
N LYS A 31 3.51 12.38 -1.70
CA LYS A 31 3.41 12.14 -0.28
C LYS A 31 3.25 10.64 -0.02
N GLY A 32 4.32 10.04 0.50
CA GLY A 32 4.30 8.61 0.79
C GLY A 32 5.73 8.08 0.97
N SER A 33 6.65 8.71 0.25
CA SER A 33 8.05 8.31 0.32
C SER A 33 8.53 8.33 1.78
N LYS A 34 8.33 9.48 2.41
CA LYS A 34 8.75 9.65 3.79
C LYS A 34 7.82 8.83 4.70
N LEU A 35 6.53 8.92 4.40
CA LEU A 35 5.53 8.21 5.17
C LEU A 35 5.93 6.73 5.27
N LEU A 36 6.59 6.26 4.22
CA LEU A 36 7.04 4.88 4.18
C LEU A 36 8.29 4.71 5.06
N GLU A 37 9.27 5.56 4.79
CA GLU A 37 10.51 5.53 5.54
C GLU A 37 10.22 5.58 7.05
N ASN A 38 9.03 6.06 7.37
CA ASN A 38 8.62 6.17 8.77
C ASN A 38 8.35 4.76 9.32
N LEU A 39 7.73 3.95 8.49
CA LEU A 39 7.40 2.58 8.88
C LEU A 39 8.08 1.60 7.92
N LYS A 40 9.28 1.97 7.50
CA LYS A 40 10.04 1.14 6.58
C LYS A 40 10.39 -0.18 7.26
N GLU A 41 11.09 -0.06 8.39
CA GLU A 41 11.50 -1.22 9.15
C GLU A 41 10.26 -1.98 9.65
N LYS A 42 9.20 -1.24 9.88
CA LYS A 42 7.96 -1.83 10.36
C LYS A 42 7.50 -2.92 9.37
N LEU A 43 7.72 -2.63 8.10
CA LEU A 43 7.34 -3.57 7.05
C LEU A 43 8.42 -4.65 6.92
N GLU A 44 9.65 -4.25 7.23
CA GLU A 44 10.77 -5.17 7.14
C GLU A 44 10.56 -6.35 8.10
N GLU A 45 9.70 -6.12 9.09
CA GLU A 45 9.40 -7.15 10.07
C GLU A 45 8.55 -8.26 9.44
N ILE A 46 7.48 -7.83 8.78
CA ILE A 46 6.58 -8.77 8.13
C ILE A 46 7.32 -9.49 7.00
N VAL A 47 8.11 -8.72 6.27
CA VAL A 47 8.87 -9.27 5.16
C VAL A 47 9.93 -10.23 5.71
N LYS A 48 10.65 -9.77 6.72
CA LYS A 48 11.68 -10.57 7.35
C LYS A 48 11.04 -11.75 8.07
N LYS A 49 9.85 -11.50 8.60
CA LYS A 49 9.12 -12.54 9.32
C LYS A 49 8.82 -13.70 8.36
N GLU A 50 8.40 -13.35 7.16
CA GLU A 50 8.08 -14.35 6.16
C GLU A 50 9.37 -14.89 5.52
N ILE A 51 10.49 -14.40 6.02
CA ILE A 51 11.78 -14.82 5.51
C ILE A 51 11.74 -14.84 3.98
N GLY A 52 11.32 -13.72 3.42
CA GLY A 52 11.23 -13.60 1.97
C GLY A 52 11.99 -12.38 1.47
N ASP A 53 13.27 -12.58 1.19
CA ASP A 53 14.11 -11.50 0.70
C ASP A 53 13.66 -11.09 -0.70
N VAL A 54 12.87 -10.03 -0.74
CA VAL A 54 12.36 -9.53 -2.01
C VAL A 54 12.55 -8.02 -2.06
N HIS A 55 11.88 -7.40 -3.02
CA HIS A 55 11.97 -5.97 -3.20
C HIS A 55 10.67 -5.43 -3.80
N VAL A 56 10.02 -4.54 -3.05
CA VAL A 56 8.77 -3.95 -3.51
C VAL A 56 9.02 -2.51 -3.95
N ASN A 57 8.90 -2.31 -5.26
CA ASN A 57 9.11 -0.99 -5.83
C ASN A 57 7.77 -0.25 -5.89
N VAL A 58 7.65 0.75 -5.03
CA VAL A 58 6.44 1.55 -4.98
C VAL A 58 6.64 2.84 -5.76
N ILE A 59 5.66 3.14 -6.61
CA ILE A 59 5.73 4.35 -7.43
C ILE A 59 4.67 5.33 -6.95
N LEU A 60 5.15 6.40 -6.32
CA LEU A 60 4.26 7.43 -5.81
C LEU A 60 3.83 8.35 -6.96
N VAL A 61 2.52 8.42 -7.16
CA VAL A 61 1.98 9.25 -8.21
C VAL A 61 0.59 9.75 -7.79
N SER A 62 0.32 11.01 -8.13
CA SER A 62 -0.95 11.62 -7.80
C SER A 62 -2.03 11.15 -8.77
N GLU A 63 -3.15 11.85 -8.76
CA GLU A 63 -4.26 11.53 -9.64
C GLU A 63 -3.94 11.92 -11.07
N ASP A 64 -3.28 13.06 -11.21
CA ASP A 64 -2.91 13.56 -12.53
C ASP A 64 -1.73 12.74 -13.06
N GLU A 65 -0.82 12.41 -12.16
CA GLU A 65 0.34 11.63 -12.52
C GLU A 65 -0.04 10.19 -12.86
N ILE A 66 -0.99 9.68 -12.09
CA ILE A 66 -1.47 8.32 -12.31
C ILE A 66 -2.40 8.29 -13.53
N LYS A 67 -3.11 9.39 -13.70
CA LYS A 67 -4.03 9.52 -14.82
C LYS A 67 -3.32 9.13 -16.11
N GLU A 68 -2.13 9.69 -16.28
CA GLU A 68 -1.33 9.41 -17.47
C GLU A 68 -0.63 8.05 -17.33
N LEU A 69 0.02 7.87 -16.19
CA LEU A 69 0.74 6.63 -15.92
C LEU A 69 -0.16 5.45 -16.31
N ASN A 70 -1.43 5.57 -15.99
CA ASN A 70 -2.38 4.52 -16.30
C ASN A 70 -2.46 4.34 -17.81
N GLN A 71 -2.52 5.46 -18.51
CA GLN A 71 -2.59 5.44 -19.96
C GLN A 71 -1.23 5.05 -20.56
N GLN A 72 -0.19 5.30 -19.78
CA GLN A 72 1.16 4.99 -20.22
C GLN A 72 1.31 3.48 -20.44
N PHE A 73 0.40 2.74 -19.83
CA PHE A 73 0.42 1.29 -19.96
C PHE A 73 -0.96 0.75 -20.33
N ARG A 74 -1.94 1.11 -19.52
CA ARG A 74 -3.30 0.68 -19.75
C ARG A 74 -3.91 1.44 -20.93
N GLY A 75 -3.34 2.61 -21.20
CA GLY A 75 -3.81 3.44 -22.29
C GLY A 75 -5.25 3.89 -22.05
N GLN A 76 -5.71 3.67 -20.83
CA GLN A 76 -7.06 4.05 -20.45
C GLN A 76 -7.04 5.27 -19.53
N ASP A 77 -7.94 6.20 -19.82
CA ASP A 77 -8.04 7.42 -19.04
C ASP A 77 -9.02 7.20 -17.89
N ARG A 78 -8.48 6.85 -16.73
CA ARG A 78 -9.29 6.62 -15.56
C ARG A 78 -8.40 6.36 -14.34
N PRO A 79 -8.67 7.13 -13.25
CA PRO A 79 -7.92 6.99 -12.02
C PRO A 79 -8.31 5.72 -11.27
N THR A 80 -7.53 5.41 -10.25
CA THR A 80 -7.78 4.22 -9.44
C THR A 80 -7.18 4.39 -8.04
N ASP A 81 -7.52 3.45 -7.18
CA ASP A 81 -7.02 3.48 -5.81
C ASP A 81 -5.52 3.15 -5.81
N VAL A 82 -5.20 2.03 -6.43
CA VAL A 82 -3.82 1.59 -6.50
C VAL A 82 -3.60 0.81 -7.80
N LEU A 83 -2.50 1.14 -8.48
CA LEU A 83 -2.17 0.49 -9.73
C LEU A 83 -1.21 -0.67 -9.45
N THR A 84 -1.56 -1.84 -9.98
CA THR A 84 -0.75 -3.02 -9.79
C THR A 84 -0.11 -3.44 -11.12
N PHE A 85 1.14 -3.88 -11.03
CA PHE A 85 1.87 -4.31 -12.20
C PHE A 85 1.56 -5.77 -12.54
N PRO A 86 1.43 -6.04 -13.86
CA PRO A 86 1.13 -7.39 -14.33
C PRO A 86 2.37 -8.28 -14.24
N LEU A 87 2.33 -9.19 -13.27
CA LEU A 87 3.44 -10.12 -13.07
C LEU A 87 3.02 -11.19 -12.07
N MET A 88 2.95 -12.42 -12.57
CA MET A 88 2.57 -13.54 -11.74
C MET A 88 3.79 -14.37 -11.33
N GLU A 89 4.40 -13.96 -10.22
CA GLU A 89 5.58 -14.65 -9.72
C GLU A 89 5.35 -15.08 -8.27
N GLU A 90 6.42 -15.62 -7.68
CA GLU A 90 6.35 -16.07 -6.30
C GLU A 90 5.52 -15.10 -5.45
N ASP A 91 5.93 -13.84 -5.49
CA ASP A 91 5.23 -12.80 -4.74
C ASP A 91 4.90 -11.64 -5.67
N VAL A 92 5.93 -10.89 -6.03
CA VAL A 92 5.76 -9.75 -6.91
C VAL A 92 7.12 -9.25 -7.36
N TYR A 93 7.96 -8.94 -6.39
CA TYR A 93 9.30 -8.45 -6.67
C TYR A 93 9.29 -7.52 -7.88
N GLY A 94 8.17 -6.83 -8.06
CA GLY A 94 8.02 -5.91 -9.17
C GLY A 94 7.85 -4.47 -8.67
N GLU A 95 7.21 -3.66 -9.51
CA GLU A 95 6.98 -2.27 -9.16
C GLU A 95 5.48 -1.95 -9.18
N ILE A 96 4.97 -1.56 -8.02
CA ILE A 96 3.56 -1.23 -7.90
C ILE A 96 3.41 0.28 -7.78
N TYR A 97 2.35 0.78 -8.39
CA TYR A 97 2.07 2.21 -8.37
C TYR A 97 0.94 2.53 -7.38
N VAL A 98 1.22 3.48 -6.50
CA VAL A 98 0.25 3.89 -5.51
C VAL A 98 -0.01 5.39 -5.63
N CYS A 99 -1.23 5.78 -5.30
CA CYS A 99 -1.61 7.18 -5.36
C CYS A 99 -2.45 7.52 -4.12
N PRO A 100 -1.79 8.23 -3.17
CA PRO A 100 -2.45 8.62 -1.94
C PRO A 100 -3.43 9.78 -2.19
N LEU A 101 -3.51 10.18 -3.44
CA LEU A 101 -4.39 11.27 -3.82
C LEU A 101 -5.84 10.77 -3.82
N ILE A 102 -6.07 9.74 -4.63
CA ILE A 102 -7.40 9.16 -4.74
C ILE A 102 -7.74 8.42 -3.45
N VAL A 103 -6.70 7.85 -2.84
CA VAL A 103 -6.88 7.11 -1.60
C VAL A 103 -7.36 8.07 -0.51
N GLU A 104 -6.64 9.17 -0.37
CA GLU A 104 -6.97 10.17 0.62
C GLU A 104 -8.33 10.80 0.30
N GLU A 105 -8.52 11.09 -0.98
CA GLU A 105 -9.76 11.70 -1.42
C GLU A 105 -10.97 10.87 -0.94
N ASN A 106 -10.77 9.57 -0.89
CA ASN A 106 -11.82 8.67 -0.44
C ASN A 106 -11.88 8.69 1.08
N ALA A 107 -10.73 8.47 1.69
CA ALA A 107 -10.65 8.45 3.14
C ALA A 107 -11.16 9.78 3.69
N ARG A 108 -11.02 10.81 2.88
CA ARG A 108 -11.47 12.14 3.27
C ARG A 108 -12.98 12.14 3.52
N GLU A 109 -13.70 11.50 2.61
CA GLU A 109 -15.14 11.42 2.71
C GLU A 109 -15.54 10.27 3.64
N PHE A 110 -14.62 9.32 3.78
CA PHE A 110 -14.87 8.16 4.61
C PHE A 110 -14.16 8.30 5.96
N ASN A 111 -13.67 9.51 6.21
CA ASN A 111 -12.98 9.80 7.46
C ASN A 111 -12.10 8.61 7.83
N ASN A 112 -11.63 7.91 6.81
CA ASN A 112 -10.78 6.75 7.01
C ASN A 112 -9.34 7.21 7.24
N THR A 113 -8.58 6.36 7.90
CA THR A 113 -7.18 6.68 8.19
C THR A 113 -6.33 6.53 6.93
N PHE A 114 -6.09 7.67 6.28
CA PHE A 114 -5.29 7.68 5.06
C PHE A 114 -4.00 6.89 5.25
N GLU A 115 -3.56 6.81 6.49
CA GLU A 115 -2.33 6.10 6.81
C GLU A 115 -2.55 4.59 6.63
N LYS A 116 -3.69 4.12 7.11
CA LYS A 116 -4.03 2.71 7.00
C LYS A 116 -4.28 2.36 5.54
N GLU A 117 -5.14 3.15 4.91
CA GLU A 117 -5.48 2.93 3.51
C GLU A 117 -4.21 2.88 2.67
N LEU A 118 -3.24 3.70 3.05
CA LEU A 118 -1.98 3.76 2.34
C LEU A 118 -1.08 2.59 2.79
N LEU A 119 -1.19 2.28 4.07
CA LEU A 119 -0.41 1.20 4.64
C LEU A 119 -0.75 -0.11 3.92
N GLU A 120 -1.99 -0.21 3.50
CA GLU A 120 -2.46 -1.39 2.79
C GLU A 120 -1.69 -1.57 1.48
N VAL A 121 -1.72 -0.52 0.67
CA VAL A 121 -1.03 -0.54 -0.61
C VAL A 121 0.44 -0.88 -0.39
N VAL A 122 0.91 -0.57 0.81
CA VAL A 122 2.30 -0.82 1.17
C VAL A 122 2.47 -2.31 1.45
N ILE A 123 1.69 -2.80 2.41
CA ILE A 123 1.76 -4.21 2.78
C ILE A 123 1.25 -5.06 1.63
N HIS A 124 0.56 -4.40 0.70
CA HIS A 124 0.01 -5.08 -0.46
C HIS A 124 1.12 -5.90 -1.14
N GLY A 125 2.30 -5.30 -1.18
CA GLY A 125 3.44 -5.95 -1.80
C GLY A 125 3.94 -7.12 -0.95
N ILE A 126 3.90 -6.92 0.36
CA ILE A 126 4.35 -7.93 1.29
C ILE A 126 3.24 -8.97 1.47
N LEU A 127 2.01 -8.52 1.24
CA LEU A 127 0.85 -9.40 1.37
C LEU A 127 1.05 -10.63 0.48
N HIS A 128 1.49 -10.37 -0.74
CA HIS A 128 1.72 -11.43 -1.70
C HIS A 128 2.74 -12.43 -1.12
N LEU A 129 3.93 -11.92 -0.85
CA LEU A 129 4.99 -12.74 -0.30
C LEU A 129 4.53 -13.35 1.03
N ALA A 130 3.57 -12.67 1.64
CA ALA A 130 3.02 -13.13 2.91
C ALA A 130 2.50 -14.55 2.75
N GLY A 131 2.04 -14.85 1.55
CA GLY A 131 1.49 -16.16 1.25
C GLY A 131 0.68 -16.15 -0.03
N TYR A 132 0.08 -17.29 -0.34
CA TYR A 132 -0.73 -17.42 -1.54
C TYR A 132 0.13 -17.33 -2.79
N ASP A 133 -0.20 -18.19 -3.76
CA ASP A 133 0.54 -18.21 -5.01
C ASP A 133 -0.34 -18.84 -6.09
N HIS A 134 -1.35 -18.08 -6.50
CA HIS A 134 -2.27 -18.54 -7.53
C HIS A 134 -3.25 -17.43 -7.88
N GLU A 135 -4.05 -17.05 -6.89
CA GLU A 135 -5.03 -16.00 -7.08
C GLU A 135 -5.82 -15.76 -5.80
N PHE A 136 -5.66 -14.57 -5.26
CA PHE A 136 -6.35 -14.21 -4.03
C PHE A 136 -7.33 -13.05 -4.27
N GLU A 137 -7.75 -12.93 -5.51
CA GLU A 137 -8.69 -11.88 -5.88
C GLU A 137 -9.97 -12.49 -6.44
N ASP A 138 -9.80 -13.37 -7.42
CA ASP A 138 -10.93 -14.03 -8.04
C ASP A 138 -11.91 -14.49 -6.96
N LYS A 139 -13.19 -14.39 -7.28
CA LYS A 139 -14.24 -14.79 -6.35
C LYS A 139 -14.30 -13.78 -5.21
N ASN A 140 -13.42 -13.96 -4.23
CA ASN A 140 -13.37 -13.09 -3.08
C ASN A 140 -12.17 -13.46 -2.21
N SER A 141 -11.85 -12.55 -1.30
CA SER A 141 -10.72 -12.77 -0.40
C SER A 141 -11.06 -12.24 1.00
N LYS A 142 -11.88 -13.00 1.71
CA LYS A 142 -12.29 -12.62 3.05
C LYS A 142 -11.16 -12.95 4.03
N GLU A 143 -10.56 -14.12 3.82
CA GLU A 143 -9.48 -14.57 4.67
C GLU A 143 -8.26 -13.65 4.52
N MET A 144 -8.09 -13.15 3.31
CA MET A 144 -6.98 -12.25 3.02
C MET A 144 -7.14 -10.92 3.76
N PHE A 145 -8.38 -10.48 3.86
CA PHE A 145 -8.68 -9.23 4.54
C PHE A 145 -8.05 -9.21 5.95
N GLU A 146 -7.96 -10.39 6.53
CA GLU A 146 -7.41 -10.53 7.86
C GLU A 146 -5.88 -10.42 7.81
N LYS A 147 -5.31 -11.05 6.79
CA LYS A 147 -3.87 -11.05 6.62
C LYS A 147 -3.40 -9.61 6.35
N GLN A 148 -4.29 -8.85 5.72
CA GLN A 148 -3.99 -7.46 5.41
C GLN A 148 -4.17 -6.58 6.64
N LYS A 149 -5.14 -6.95 7.46
CA LYS A 149 -5.43 -6.21 8.68
C LYS A 149 -4.38 -6.55 9.74
N LYS A 150 -3.69 -7.66 9.51
CA LYS A 150 -2.66 -8.10 10.44
C LYS A 150 -1.45 -7.20 10.31
N TYR A 151 -0.95 -7.09 9.10
CA TYR A 151 0.22 -6.26 8.83
C TYR A 151 -0.12 -4.77 8.97
N VAL A 152 -1.38 -4.46 8.68
CA VAL A 152 -1.85 -3.09 8.76
C VAL A 152 -1.68 -2.59 10.20
N GLU A 153 -2.27 -3.34 11.12
CA GLU A 153 -2.20 -2.98 12.53
C GLU A 153 -0.77 -3.11 13.04
N GLU A 154 -0.07 -4.10 12.49
CA GLU A 154 1.31 -4.36 12.87
C GLU A 154 2.19 -3.18 12.47
N VAL A 155 2.03 -2.75 11.23
CA VAL A 155 2.80 -1.64 10.71
C VAL A 155 2.20 -0.33 11.20
N TRP A 156 0.89 -0.35 11.37
CA TRP A 156 0.18 0.83 11.82
C TRP A 156 0.35 0.93 13.34
N GLY A 157 0.85 -0.16 13.91
CA GLY A 157 1.08 -0.19 15.35
C GLY A 157 1.85 1.04 15.82
N GLU A 158 2.67 1.56 14.92
CA GLU A 158 3.48 2.73 15.23
C GLU A 158 2.69 4.01 14.93
N TRP A 159 2.26 4.12 13.68
CA TRP A 159 1.50 5.28 13.24
C TRP A 159 0.28 5.40 14.15
N ARG A 160 -0.07 4.29 14.79
CA ARG A 160 -1.22 4.27 15.69
C ARG A 160 -1.14 5.42 16.68
N SER A 161 0.09 5.84 16.97
CA SER A 161 0.32 6.94 17.90
C SER A 161 -0.16 8.25 17.28
N ASN A 162 -0.52 8.17 16.01
CA ASN A 162 -0.99 9.35 15.30
C ASN A 162 -2.17 8.95 14.41
N PRO A 163 -3.37 8.84 15.05
CA PRO A 163 -4.58 8.48 14.33
C PRO A 163 -5.10 9.65 13.50
N SER A 164 -5.91 10.47 14.14
CA SER A 164 -6.49 11.63 13.48
C SER A 164 -5.47 12.24 12.52
N GLU A 165 -5.96 12.66 11.37
CA GLU A 165 -5.10 13.27 10.36
C GLU A 165 -5.41 14.76 10.22
N ASP A 166 -6.61 15.12 10.65
CA ASP A 166 -7.05 16.50 10.58
C ASP A 166 -6.50 17.27 11.78
N SER A 167 -6.90 16.83 12.96
CA SER A 167 -6.46 17.46 14.18
C SER A 167 -7.03 16.72 15.40
N ASP A 168 -6.55 17.10 16.57
CA ASP A 168 -7.00 16.48 17.81
C ASP A 168 -6.22 17.06 18.99
N PRO A 169 -6.94 17.23 20.13
CA PRO A 169 -6.33 17.78 21.33
C PRO A 169 -5.43 16.73 22.00
N GLY A 170 -5.94 15.52 22.07
CA GLY A 170 -5.21 14.43 22.69
C GLY A 170 -6.15 13.48 23.44
N LYS A 171 -7.01 12.83 22.67
CA LYS A 171 -7.97 11.89 23.25
C LYS A 171 -7.43 10.47 23.10
N ARG A 172 -6.78 10.01 24.16
CA ARG A 172 -6.21 8.67 24.15
C ARG A 172 -6.74 7.87 25.35
N MET A 23 13.68 -6.36 1.07
CA MET A 23 13.10 -5.32 1.91
C MET A 23 12.09 -4.48 1.14
N ILE A 24 11.91 -3.25 1.59
CA ILE A 24 10.99 -2.34 0.95
C ILE A 24 11.77 -1.33 0.11
N ARG A 25 11.09 -0.79 -0.90
CA ARG A 25 11.71 0.18 -1.79
C ARG A 25 10.71 1.27 -2.15
N ILE A 26 11.14 2.51 -1.96
CA ILE A 26 10.29 3.65 -2.26
C ILE A 26 10.53 4.08 -3.71
N LEU A 27 9.62 3.68 -4.57
CA LEU A 27 9.72 4.01 -5.97
C LEU A 27 9.05 5.37 -6.22
N GLY A 28 9.69 6.16 -7.08
CA GLY A 28 9.17 7.48 -7.40
C GLY A 28 9.17 8.39 -6.17
N GLU A 29 8.14 9.22 -6.08
CA GLU A 29 8.02 10.15 -4.97
C GLU A 29 6.56 10.57 -4.79
N GLY A 30 6.24 11.00 -3.58
CA GLY A 30 4.89 11.43 -3.27
C GLY A 30 4.50 11.00 -1.85
N LYS A 31 3.52 11.72 -1.30
CA LYS A 31 3.04 11.41 0.03
C LYS A 31 2.97 9.89 0.22
N GLY A 32 3.94 9.38 0.96
CA GLY A 32 4.00 7.94 1.22
C GLY A 32 5.44 7.48 1.38
N SER A 33 6.33 8.17 0.69
CA SER A 33 7.75 7.84 0.74
C SER A 33 8.24 7.88 2.20
N LYS A 34 8.01 9.01 2.83
CA LYS A 34 8.42 9.20 4.21
C LYS A 34 7.55 8.31 5.11
N LEU A 35 6.26 8.31 4.82
CA LEU A 35 5.33 7.52 5.60
C LEU A 35 5.83 6.07 5.68
N LEU A 36 6.52 5.66 4.63
CA LEU A 36 7.06 4.31 4.58
C LEU A 36 8.29 4.22 5.49
N GLU A 37 9.22 5.14 5.27
CA GLU A 37 10.44 5.18 6.05
C GLU A 37 10.11 5.19 7.55
N ASN A 38 8.87 5.58 7.85
CA ASN A 38 8.43 5.63 9.22
C ASN A 38 8.13 4.21 9.72
N LEU A 39 7.34 3.50 8.93
CA LEU A 39 6.98 2.13 9.28
C LEU A 39 7.73 1.16 8.35
N LYS A 40 8.95 1.54 8.01
CA LYS A 40 9.77 0.72 7.14
C LYS A 40 10.21 -0.54 7.89
N GLU A 41 10.75 -0.32 9.08
CA GLU A 41 11.21 -1.43 9.91
C GLU A 41 10.05 -2.35 10.25
N LYS A 42 8.87 -1.76 10.35
CA LYS A 42 7.66 -2.51 10.67
C LYS A 42 7.45 -3.58 9.59
N LEU A 43 7.74 -3.20 8.36
CA LEU A 43 7.58 -4.12 7.24
C LEU A 43 8.76 -5.09 7.20
N GLU A 44 9.88 -4.61 7.70
CA GLU A 44 11.09 -5.42 7.72
C GLU A 44 10.90 -6.63 8.63
N GLU A 45 9.93 -6.51 9.53
CA GLU A 45 9.64 -7.59 10.46
C GLU A 45 8.88 -8.72 9.75
N ILE A 46 7.81 -8.34 9.07
CA ILE A 46 7.01 -9.31 8.34
C ILE A 46 7.88 -10.00 7.29
N VAL A 47 8.63 -9.18 6.57
CA VAL A 47 9.50 -9.69 5.52
C VAL A 47 10.59 -10.57 6.16
N LYS A 48 11.12 -10.07 7.27
CA LYS A 48 12.16 -10.79 7.98
C LYS A 48 11.60 -12.11 8.52
N LYS A 49 10.34 -12.05 8.92
CA LYS A 49 9.66 -13.23 9.46
C LYS A 49 9.55 -14.28 8.36
N GLU A 50 9.20 -13.82 7.17
CA GLU A 50 9.04 -14.70 6.04
C GLU A 50 10.41 -15.19 5.55
N ILE A 51 11.23 -14.24 5.15
CA ILE A 51 12.57 -14.55 4.67
C ILE A 51 13.56 -13.50 5.19
N GLY A 52 13.33 -12.26 4.76
CA GLY A 52 14.18 -11.17 5.17
C GLY A 52 15.10 -10.72 4.03
N ASP A 53 14.57 -10.85 2.82
CA ASP A 53 15.33 -10.48 1.63
C ASP A 53 14.40 -10.49 0.42
N VAL A 54 13.82 -9.33 0.13
CA VAL A 54 12.92 -9.19 -0.99
C VAL A 54 13.17 -7.84 -1.67
N HIS A 55 12.26 -7.50 -2.57
CA HIS A 55 12.37 -6.25 -3.31
C HIS A 55 10.97 -5.77 -3.71
N VAL A 56 10.52 -4.72 -3.06
CA VAL A 56 9.21 -4.16 -3.35
C VAL A 56 9.33 -2.65 -3.56
N ASN A 57 9.31 -2.27 -4.82
CA ASN A 57 9.42 -0.87 -5.19
C ASN A 57 8.03 -0.32 -5.52
N VAL A 58 7.46 0.42 -4.58
CA VAL A 58 6.15 1.01 -4.78
C VAL A 58 6.30 2.38 -5.44
N ILE A 59 5.47 2.60 -6.46
CA ILE A 59 5.50 3.86 -7.18
C ILE A 59 4.50 4.82 -6.55
N LEU A 60 5.02 5.82 -5.86
CA LEU A 60 4.18 6.81 -5.21
C LEU A 60 3.76 7.87 -6.23
N VAL A 61 2.47 7.89 -6.52
CA VAL A 61 1.92 8.83 -7.47
C VAL A 61 0.54 9.28 -7.00
N SER A 62 0.29 10.58 -7.11
CA SER A 62 -0.97 11.15 -6.72
C SER A 62 -2.07 10.74 -7.70
N GLU A 63 -3.19 11.44 -7.62
CA GLU A 63 -4.32 11.16 -8.50
C GLU A 63 -4.02 11.65 -9.91
N ASP A 64 -3.43 12.84 -9.97
CA ASP A 64 -3.08 13.44 -11.26
C ASP A 64 -1.88 12.71 -11.84
N GLU A 65 -0.90 12.45 -10.99
CA GLU A 65 0.31 11.76 -11.42
C GLU A 65 -0.04 10.37 -11.95
N ILE A 66 -1.01 9.74 -11.30
CA ILE A 66 -1.44 8.42 -11.70
C ILE A 66 -2.39 8.53 -12.89
N LYS A 67 -3.15 9.61 -12.90
CA LYS A 67 -4.11 9.84 -13.97
C LYS A 67 -3.40 9.68 -15.32
N GLU A 68 -2.24 10.31 -15.43
CA GLU A 68 -1.45 10.25 -16.64
C GLU A 68 -0.69 8.92 -16.71
N LEU A 69 -0.27 8.45 -15.55
CA LEU A 69 0.46 7.21 -15.46
C LEU A 69 -0.37 6.09 -16.09
N ASN A 70 -1.60 5.97 -15.62
CA ASN A 70 -2.50 4.95 -16.13
C ASN A 70 -2.63 5.10 -17.65
N GLN A 71 -2.80 6.33 -18.08
CA GLN A 71 -2.93 6.63 -19.50
C GLN A 71 -1.80 5.96 -20.28
N GLN A 72 -0.65 5.86 -19.64
CA GLN A 72 0.51 5.25 -20.26
C GLN A 72 0.16 3.85 -20.78
N PHE A 73 -0.81 3.24 -20.12
CA PHE A 73 -1.25 1.91 -20.51
C PHE A 73 -2.73 1.91 -20.90
N ARG A 74 -3.53 2.54 -20.05
CA ARG A 74 -4.96 2.61 -20.30
C ARG A 74 -5.25 3.54 -21.49
N GLY A 75 -4.37 4.51 -21.65
CA GLY A 75 -4.51 5.47 -22.74
C GLY A 75 -5.68 6.42 -22.48
N GLN A 76 -6.28 6.26 -21.32
CA GLN A 76 -7.41 7.10 -20.93
C GLN A 76 -7.30 7.51 -19.47
N ASP A 77 -8.03 8.56 -19.12
CA ASP A 77 -8.01 9.06 -17.76
C ASP A 77 -8.91 8.19 -16.89
N ARG A 78 -8.28 7.34 -16.09
CA ARG A 78 -9.01 6.45 -15.21
C ARG A 78 -8.28 6.31 -13.87
N PRO A 79 -8.85 6.99 -12.83
CA PRO A 79 -8.26 6.95 -11.50
C PRO A 79 -8.54 5.61 -10.82
N THR A 80 -7.88 5.41 -9.69
CA THR A 80 -8.06 4.18 -8.93
C THR A 80 -7.43 4.32 -7.55
N ASP A 81 -7.69 3.33 -6.71
CA ASP A 81 -7.16 3.32 -5.36
C ASP A 81 -5.66 3.00 -5.40
N VAL A 82 -5.34 1.96 -6.15
CA VAL A 82 -3.95 1.54 -6.28
C VAL A 82 -3.77 0.77 -7.59
N LEU A 83 -2.74 1.15 -8.32
CA LEU A 83 -2.45 0.52 -9.59
C LEU A 83 -1.41 -0.59 -9.38
N THR A 84 -1.64 -1.70 -10.06
CA THR A 84 -0.73 -2.84 -9.95
C THR A 84 0.09 -2.98 -11.24
N PHE A 85 1.36 -3.31 -11.04
CA PHE A 85 2.27 -3.48 -12.17
C PHE A 85 2.09 -4.85 -12.82
N PRO A 86 2.19 -4.87 -14.17
CA PRO A 86 2.04 -6.10 -14.92
C PRO A 86 3.29 -6.98 -14.78
N LEU A 87 3.13 -8.07 -14.05
CA LEU A 87 4.23 -9.00 -13.83
C LEU A 87 3.71 -10.24 -13.10
N MET A 88 2.50 -10.62 -13.46
CA MET A 88 1.88 -11.79 -12.86
C MET A 88 2.89 -12.92 -12.69
N GLU A 89 3.45 -13.01 -11.50
CA GLU A 89 4.44 -14.04 -11.20
C GLU A 89 4.15 -14.67 -9.84
N GLU A 90 5.10 -15.48 -9.38
CA GLU A 90 4.96 -16.15 -8.10
C GLU A 90 4.21 -15.25 -7.11
N ASP A 91 4.68 -14.01 -7.00
CA ASP A 91 4.06 -13.05 -6.11
C ASP A 91 4.04 -11.67 -6.77
N VAL A 92 5.23 -11.11 -6.91
CA VAL A 92 5.37 -9.80 -7.53
C VAL A 92 6.85 -9.39 -7.52
N TYR A 93 7.39 -9.26 -6.32
CA TYR A 93 8.78 -8.88 -6.16
C TYR A 93 9.19 -7.84 -7.20
N GLY A 94 8.21 -7.04 -7.61
CA GLY A 94 8.44 -6.00 -8.60
C GLY A 94 8.13 -4.62 -8.04
N GLU A 95 7.07 -4.03 -8.58
CA GLU A 95 6.64 -2.72 -8.14
C GLU A 95 5.12 -2.60 -8.20
N ILE A 96 4.60 -1.63 -7.47
CA ILE A 96 3.17 -1.40 -7.44
C ILE A 96 2.90 0.11 -7.30
N TYR A 97 2.00 0.59 -8.15
CA TYR A 97 1.64 1.99 -8.14
C TYR A 97 0.59 2.29 -7.07
N VAL A 98 0.97 3.15 -6.13
CA VAL A 98 0.08 3.52 -5.05
C VAL A 98 -0.31 5.00 -5.20
N CYS A 99 -1.54 5.29 -4.81
CA CYS A 99 -2.04 6.65 -4.88
C CYS A 99 -2.97 6.90 -3.69
N PRO A 100 -2.39 7.51 -2.62
CA PRO A 100 -3.15 7.79 -1.42
C PRO A 100 -4.08 8.99 -1.63
N LEU A 101 -4.03 9.53 -2.85
CA LEU A 101 -4.86 10.67 -3.20
C LEU A 101 -6.32 10.24 -3.22
N ILE A 102 -6.58 9.15 -3.94
CA ILE A 102 -7.93 8.63 -4.05
C ILE A 102 -8.31 7.91 -2.74
N VAL A 103 -7.31 7.26 -2.16
CA VAL A 103 -7.52 6.53 -0.92
C VAL A 103 -8.14 7.48 0.12
N GLU A 104 -7.49 8.61 0.30
CA GLU A 104 -7.97 9.60 1.26
C GLU A 104 -9.45 9.91 1.01
N GLU A 105 -9.75 10.19 -0.26
CA GLU A 105 -11.12 10.51 -0.64
C GLU A 105 -12.05 9.35 -0.27
N ASN A 106 -11.52 8.14 -0.41
CA ASN A 106 -12.30 6.96 -0.09
C ASN A 106 -12.35 6.77 1.43
N ALA A 107 -11.28 7.20 2.08
CA ALA A 107 -11.18 7.09 3.52
C ALA A 107 -12.04 8.17 4.17
N ARG A 108 -12.07 9.34 3.54
CA ARG A 108 -12.86 10.45 4.04
C ARG A 108 -14.34 10.25 3.70
N GLU A 109 -14.58 9.52 2.62
CA GLU A 109 -15.94 9.25 2.19
C GLU A 109 -16.76 8.69 3.35
N PHE A 110 -16.06 8.08 4.29
CA PHE A 110 -16.72 7.49 5.45
C PHE A 110 -15.97 7.85 6.74
N ASN A 111 -14.85 7.18 6.93
CA ASN A 111 -14.03 7.41 8.12
C ASN A 111 -12.95 6.34 8.20
N ASN A 112 -12.38 6.02 7.05
CA ASN A 112 -11.33 5.02 6.97
C ASN A 112 -9.97 5.70 7.16
N THR A 113 -9.15 5.08 7.99
CA THR A 113 -7.83 5.61 8.26
C THR A 113 -6.91 5.38 7.07
N PHE A 114 -6.77 6.43 6.26
CA PHE A 114 -5.92 6.35 5.09
C PHE A 114 -4.62 5.60 5.39
N GLU A 115 -4.21 5.68 6.65
CA GLU A 115 -2.99 5.01 7.07
C GLU A 115 -3.10 3.51 6.83
N LYS A 116 -4.17 2.93 7.37
CA LYS A 116 -4.40 1.50 7.22
C LYS A 116 -4.60 1.18 5.73
N GLU A 117 -5.51 1.91 5.12
CA GLU A 117 -5.80 1.70 3.71
C GLU A 117 -4.52 1.77 2.89
N LEU A 118 -3.57 2.56 3.38
CA LEU A 118 -2.29 2.71 2.70
C LEU A 118 -1.39 1.54 3.07
N LEU A 119 -1.42 1.18 4.34
CA LEU A 119 -0.60 0.08 4.83
C LEU A 119 -0.87 -1.16 3.97
N GLU A 120 -2.09 -1.23 3.45
CA GLU A 120 -2.48 -2.36 2.62
C GLU A 120 -1.63 -2.40 1.34
N VAL A 121 -1.61 -1.26 0.66
CA VAL A 121 -0.85 -1.15 -0.57
C VAL A 121 0.64 -1.38 -0.27
N VAL A 122 1.00 -1.11 0.97
CA VAL A 122 2.38 -1.28 1.39
C VAL A 122 2.67 -2.76 1.59
N ILE A 123 1.88 -3.38 2.45
CA ILE A 123 2.04 -4.80 2.73
C ILE A 123 1.59 -5.61 1.52
N HIS A 124 0.86 -4.95 0.64
CA HIS A 124 0.36 -5.60 -0.56
C HIS A 124 1.52 -6.28 -1.29
N GLY A 125 2.70 -5.69 -1.14
CA GLY A 125 3.89 -6.23 -1.78
C GLY A 125 4.44 -7.41 -0.99
N ILE A 126 4.60 -7.20 0.31
CA ILE A 126 5.11 -8.24 1.18
C ILE A 126 4.12 -9.39 1.25
N LEU A 127 2.88 -9.04 1.56
CA LEU A 127 1.82 -10.03 1.67
C LEU A 127 1.83 -10.92 0.42
N HIS A 128 2.21 -10.30 -0.69
CA HIS A 128 2.27 -11.01 -1.96
C HIS A 128 3.24 -12.19 -1.84
N LEU A 129 4.47 -11.87 -1.48
CA LEU A 129 5.50 -12.88 -1.32
C LEU A 129 5.29 -13.62 -0.01
N ALA A 130 4.42 -13.05 0.82
CA ALA A 130 4.12 -13.64 2.11
C ALA A 130 3.44 -14.99 1.90
N GLY A 131 2.85 -15.15 0.73
CA GLY A 131 2.15 -16.38 0.41
C GLY A 131 1.19 -16.18 -0.76
N TYR A 132 0.61 -17.27 -1.22
CA TYR A 132 -0.33 -17.23 -2.32
C TYR A 132 0.33 -16.68 -3.59
N ASP A 133 -0.01 -17.29 -4.71
CA ASP A 133 0.54 -16.88 -5.99
C ASP A 133 -0.60 -16.48 -6.93
N HIS A 134 -1.58 -17.36 -7.02
CA HIS A 134 -2.73 -17.12 -7.88
C HIS A 134 -3.33 -15.76 -7.55
N GLU A 135 -4.15 -15.27 -8.48
CA GLU A 135 -4.79 -13.97 -8.30
C GLU A 135 -6.11 -14.14 -7.55
N PHE A 136 -6.13 -13.59 -6.34
CA PHE A 136 -7.32 -13.67 -5.50
C PHE A 136 -7.85 -12.27 -5.17
N GLU A 137 -8.34 -11.60 -6.20
CA GLU A 137 -8.88 -10.27 -6.03
C GLU A 137 -10.20 -10.13 -6.78
N ASP A 138 -10.16 -10.47 -8.06
CA ASP A 138 -11.33 -10.39 -8.90
C ASP A 138 -12.56 -10.86 -8.12
N LYS A 139 -12.56 -12.15 -7.82
CA LYS A 139 -13.66 -12.75 -7.07
C LYS A 139 -13.67 -12.17 -5.65
N ASN A 140 -12.85 -12.76 -4.81
CA ASN A 140 -12.75 -12.32 -3.43
C ASN A 140 -11.58 -13.03 -2.74
N SER A 141 -11.29 -12.59 -1.52
CA SER A 141 -10.20 -13.17 -0.75
C SER A 141 -10.38 -12.86 0.73
N LYS A 142 -11.11 -13.73 1.40
CA LYS A 142 -11.36 -13.56 2.83
C LYS A 142 -10.10 -13.93 3.61
N GLU A 143 -9.47 -15.02 3.19
CA GLU A 143 -8.26 -15.49 3.84
C GLU A 143 -7.17 -14.43 3.76
N MET A 144 -7.06 -13.83 2.58
CA MET A 144 -6.06 -12.79 2.35
C MET A 144 -6.26 -11.62 3.32
N PHE A 145 -7.52 -11.26 3.50
CA PHE A 145 -7.87 -10.16 4.39
C PHE A 145 -7.22 -10.34 5.77
N GLU A 146 -7.21 -11.59 6.21
CA GLU A 146 -6.62 -11.91 7.51
C GLU A 146 -5.12 -11.64 7.49
N LYS A 147 -4.44 -12.24 6.51
CA LYS A 147 -3.01 -12.08 6.38
C LYS A 147 -2.69 -10.60 6.13
N GLN A 148 -3.68 -9.90 5.61
CA GLN A 148 -3.51 -8.49 5.31
C GLN A 148 -3.72 -7.66 6.58
N LYS A 149 -4.63 -8.14 7.42
CA LYS A 149 -4.94 -7.45 8.67
C LYS A 149 -3.87 -7.79 9.70
N LYS A 150 -3.16 -8.87 9.44
CA LYS A 150 -2.10 -9.31 10.33
C LYS A 150 -0.93 -8.33 10.27
N TYR A 151 -0.47 -8.08 9.05
CA TYR A 151 0.64 -7.17 8.83
C TYR A 151 0.19 -5.72 9.04
N VAL A 152 -1.03 -5.44 8.61
CA VAL A 152 -1.58 -4.10 8.74
C VAL A 152 -1.52 -3.67 10.20
N GLU A 153 -2.11 -4.49 11.06
CA GLU A 153 -2.13 -4.21 12.49
C GLU A 153 -0.70 -4.14 13.03
N GLU A 154 0.17 -4.93 12.42
CA GLU A 154 1.57 -4.97 12.83
C GLU A 154 2.29 -3.69 12.39
N VAL A 155 2.20 -3.42 11.10
CA VAL A 155 2.84 -2.24 10.54
C VAL A 155 2.12 -0.99 11.05
N TRP A 156 0.84 -1.16 11.36
CA TRP A 156 0.03 -0.05 11.86
C TRP A 156 0.37 0.14 13.34
N GLY A 157 1.04 -0.85 13.90
CA GLY A 157 1.42 -0.80 15.31
C GLY A 157 2.13 0.52 15.63
N GLU A 158 2.75 1.08 14.61
CA GLU A 158 3.46 2.34 14.78
C GLU A 158 2.51 3.52 14.57
N TRP A 159 1.91 3.56 13.38
CA TRP A 159 0.98 4.63 13.05
C TRP A 159 -0.15 4.61 14.09
N ARG A 160 -0.30 3.46 14.72
CA ARG A 160 -1.34 3.29 15.73
C ARG A 160 -1.19 4.36 16.82
N SER A 161 0.05 4.77 17.03
CA SER A 161 0.35 5.78 18.04
C SER A 161 -0.07 7.16 17.53
N ASN A 162 -0.50 7.19 16.28
CA ASN A 162 -0.92 8.44 15.67
C ASN A 162 -2.14 8.18 14.77
N PRO A 163 -3.24 7.75 15.42
CA PRO A 163 -4.47 7.47 14.71
C PRO A 163 -5.17 8.76 14.28
N SER A 164 -6.45 8.63 13.95
CA SER A 164 -7.25 9.77 13.54
C SER A 164 -6.40 10.69 12.66
N GLU A 165 -6.27 10.31 11.40
CA GLU A 165 -5.49 11.10 10.45
C GLU A 165 -5.87 12.58 10.56
N ASP A 166 -4.87 13.43 10.40
CA ASP A 166 -5.08 14.86 10.48
C ASP A 166 -6.00 15.18 11.66
N SER A 167 -5.36 15.40 12.81
CA SER A 167 -6.11 15.71 14.02
C SER A 167 -5.53 16.96 14.68
N ASP A 168 -6.26 17.48 15.65
CA ASP A 168 -5.84 18.67 16.37
C ASP A 168 -5.81 19.86 15.40
N PRO A 169 -6.85 20.74 15.54
CA PRO A 169 -6.94 21.91 14.69
C PRO A 169 -5.93 22.97 15.10
N GLY A 170 -5.96 23.30 16.39
CA GLY A 170 -5.05 24.30 16.93
C GLY A 170 -5.10 24.33 18.46
N LYS A 171 -4.43 23.35 19.05
CA LYS A 171 -4.38 23.25 20.50
C LYS A 171 -5.76 22.78 21.01
N ARG A 172 -5.85 22.68 22.33
CA ARG A 172 -7.10 22.25 22.95
C ARG A 172 -7.45 20.83 22.50
N MET A 23 14.61 -2.81 2.94
CA MET A 23 14.94 -3.36 1.63
C MET A 23 13.87 -3.00 0.60
N ILE A 24 13.20 -1.89 0.85
CA ILE A 24 12.15 -1.44 -0.06
C ILE A 24 12.73 -0.40 -1.02
N ARG A 25 12.06 -0.26 -2.16
CA ARG A 25 12.50 0.68 -3.17
C ARG A 25 11.33 1.54 -3.62
N ILE A 26 11.65 2.79 -3.95
CA ILE A 26 10.63 3.73 -4.41
C ILE A 26 10.90 4.10 -5.87
N LEU A 27 9.85 4.53 -6.53
CA LEU A 27 9.95 4.93 -7.93
C LEU A 27 9.30 6.30 -8.12
N GLY A 28 9.71 6.97 -9.20
CA GLY A 28 9.18 8.29 -9.51
C GLY A 28 9.27 9.21 -8.29
N GLU A 29 8.15 9.84 -7.98
CA GLU A 29 8.09 10.76 -6.85
C GLU A 29 6.63 11.04 -6.47
N GLY A 30 6.46 11.53 -5.26
CA GLY A 30 5.14 11.84 -4.75
C GLY A 30 5.04 11.55 -3.26
N LYS A 31 4.35 12.45 -2.56
CA LYS A 31 4.16 12.31 -1.13
C LYS A 31 3.93 10.83 -0.79
N GLY A 32 4.97 10.21 -0.25
CA GLY A 32 4.90 8.81 0.12
C GLY A 32 6.29 8.19 0.23
N SER A 33 7.22 8.76 -0.52
CA SER A 33 8.59 8.28 -0.51
C SER A 33 9.18 8.41 0.90
N LYS A 34 9.09 9.61 1.43
CA LYS A 34 9.61 9.87 2.76
C LYS A 34 8.70 9.21 3.80
N LEU A 35 7.43 9.08 3.43
CA LEU A 35 6.46 8.46 4.32
C LEU A 35 6.78 6.98 4.47
N LEU A 36 7.36 6.42 3.42
CA LEU A 36 7.72 5.02 3.42
C LEU A 36 8.99 4.82 4.25
N GLU A 37 9.99 5.63 3.93
CA GLU A 37 11.26 5.55 4.64
C GLU A 37 11.03 5.63 6.15
N ASN A 38 9.88 6.15 6.52
CA ASN A 38 9.53 6.28 7.93
C ASN A 38 9.18 4.90 8.49
N LEU A 39 8.39 4.16 7.71
CA LEU A 39 7.98 2.82 8.13
C LEU A 39 8.59 1.80 7.17
N LYS A 40 9.85 2.01 6.84
CA LYS A 40 10.56 1.12 5.94
C LYS A 40 10.90 -0.18 6.69
N GLU A 41 11.57 -0.02 7.81
CA GLU A 41 11.96 -1.16 8.63
C GLU A 41 10.72 -1.92 9.11
N LYS A 42 9.67 -1.16 9.40
CA LYS A 42 8.43 -1.74 9.87
C LYS A 42 7.95 -2.80 8.86
N LEU A 43 8.19 -2.50 7.59
CA LEU A 43 7.79 -3.41 6.53
C LEU A 43 8.82 -4.53 6.42
N GLU A 44 10.05 -4.22 6.78
CA GLU A 44 11.13 -5.18 6.73
C GLU A 44 10.86 -6.32 7.71
N GLU A 45 9.99 -6.05 8.67
CA GLU A 45 9.65 -7.05 9.67
C GLU A 45 8.69 -8.07 9.09
N ILE A 46 7.59 -7.57 8.54
CA ILE A 46 6.58 -8.43 7.95
C ILE A 46 7.25 -9.38 6.95
N VAL A 47 8.11 -8.81 6.11
CA VAL A 47 8.82 -9.59 5.11
C VAL A 47 9.69 -10.63 5.82
N LYS A 48 10.37 -10.19 6.87
CA LYS A 48 11.23 -11.07 7.64
C LYS A 48 10.38 -12.10 8.37
N LYS A 49 9.15 -11.70 8.67
CA LYS A 49 8.23 -12.58 9.36
C LYS A 49 7.81 -13.72 8.44
N GLU A 50 7.51 -13.34 7.20
CA GLU A 50 7.10 -14.32 6.20
C GLU A 50 8.29 -14.74 5.34
N ILE A 51 9.47 -14.39 5.81
CA ILE A 51 10.69 -14.73 5.11
C ILE A 51 10.51 -14.43 3.61
N GLY A 52 10.14 -13.19 3.33
CA GLY A 52 9.92 -12.78 1.95
C GLY A 52 11.24 -12.50 1.24
N ASP A 53 11.99 -11.55 1.80
CA ASP A 53 13.28 -11.18 1.24
C ASP A 53 13.12 -10.93 -0.27
N VAL A 54 12.64 -9.74 -0.59
CA VAL A 54 12.44 -9.37 -1.98
C VAL A 54 12.66 -7.87 -2.15
N HIS A 55 12.14 -7.34 -3.24
CA HIS A 55 12.29 -5.92 -3.53
C HIS A 55 10.96 -5.37 -4.07
N VAL A 56 10.36 -4.48 -3.30
CA VAL A 56 9.10 -3.88 -3.69
C VAL A 56 9.34 -2.43 -4.14
N ASN A 57 9.36 -2.26 -5.46
CA ASN A 57 9.58 -0.94 -6.03
C ASN A 57 8.22 -0.29 -6.34
N VAL A 58 7.81 0.59 -5.43
CA VAL A 58 6.55 1.28 -5.60
C VAL A 58 6.77 2.56 -6.43
N ILE A 59 5.80 2.83 -7.29
CA ILE A 59 5.87 4.00 -8.15
C ILE A 59 4.93 5.08 -7.61
N LEU A 60 5.53 6.12 -7.06
CA LEU A 60 4.76 7.23 -6.51
C LEU A 60 4.33 8.16 -7.65
N VAL A 61 3.02 8.27 -7.81
CA VAL A 61 2.46 9.12 -8.85
C VAL A 61 1.08 9.61 -8.41
N SER A 62 0.82 10.87 -8.72
CA SER A 62 -0.46 11.48 -8.37
C SER A 62 -1.56 10.95 -9.29
N GLU A 63 -2.68 11.64 -9.28
CA GLU A 63 -3.82 11.25 -10.11
C GLU A 63 -3.54 11.58 -11.57
N ASP A 64 -2.97 12.77 -11.79
CA ASP A 64 -2.65 13.20 -13.13
C ASP A 64 -1.43 12.44 -13.64
N GLU A 65 -0.61 12.02 -12.69
CA GLU A 65 0.60 11.27 -13.03
C GLU A 65 0.24 9.84 -13.42
N ILE A 66 -0.67 9.26 -12.66
CA ILE A 66 -1.11 7.90 -12.91
C ILE A 66 -2.06 7.88 -14.11
N LYS A 67 -2.78 8.98 -14.26
CA LYS A 67 -3.72 9.12 -15.35
C LYS A 67 -3.02 8.79 -16.68
N GLU A 68 -1.81 9.32 -16.81
CA GLU A 68 -1.02 9.10 -18.01
C GLU A 68 -0.39 7.70 -17.98
N LEU A 69 0.18 7.38 -16.83
CA LEU A 69 0.83 6.09 -16.66
C LEU A 69 -0.13 4.98 -17.12
N ASN A 70 -1.33 5.01 -16.56
CA ASN A 70 -2.34 4.03 -16.91
C ASN A 70 -2.57 4.04 -18.42
N GLN A 71 -2.32 5.20 -19.01
CA GLN A 71 -2.48 5.35 -20.45
C GLN A 71 -1.24 4.85 -21.19
N GLN A 72 -0.13 4.87 -20.48
CA GLN A 72 1.13 4.43 -21.05
C GLN A 72 1.04 2.95 -21.46
N PHE A 73 0.09 2.26 -20.83
CA PHE A 73 -0.11 0.85 -21.11
C PHE A 73 -1.59 0.56 -21.40
N ARG A 74 -2.43 0.96 -20.47
CA ARG A 74 -3.86 0.75 -20.60
C ARG A 74 -4.43 1.67 -21.69
N GLY A 75 -3.72 2.77 -21.93
CA GLY A 75 -4.14 3.72 -22.94
C GLY A 75 -5.52 4.31 -22.59
N GLN A 76 -5.93 4.07 -21.36
CA GLN A 76 -7.21 4.58 -20.89
C GLN A 76 -7.01 5.66 -19.83
N ASP A 77 -7.85 6.69 -19.90
CA ASP A 77 -7.76 7.79 -18.96
C ASP A 77 -8.72 7.52 -17.79
N ARG A 78 -8.16 6.95 -16.74
CA ARG A 78 -8.94 6.64 -15.55
C ARG A 78 -8.04 6.12 -14.44
N PRO A 79 -8.18 6.74 -13.23
CA PRO A 79 -7.39 6.35 -12.08
C PRO A 79 -7.89 5.03 -11.49
N THR A 80 -7.08 4.47 -10.62
CA THR A 80 -7.42 3.21 -9.98
C THR A 80 -6.92 3.20 -8.53
N ASP A 81 -6.54 4.37 -8.06
CA ASP A 81 -6.04 4.51 -6.69
C ASP A 81 -4.61 3.98 -6.62
N VAL A 82 -4.43 2.76 -7.11
CA VAL A 82 -3.13 2.14 -7.10
C VAL A 82 -3.06 1.08 -8.22
N LEU A 83 -2.01 1.17 -9.01
CA LEU A 83 -1.82 0.23 -10.11
C LEU A 83 -0.85 -0.86 -9.68
N THR A 84 -1.24 -2.10 -9.97
CA THR A 84 -0.42 -3.24 -9.62
C THR A 84 0.07 -3.96 -10.89
N PHE A 85 1.24 -4.57 -10.77
CA PHE A 85 1.82 -5.29 -11.89
C PHE A 85 1.29 -6.71 -11.96
N PRO A 86 1.15 -7.21 -13.22
CA PRO A 86 0.65 -8.56 -13.44
C PRO A 86 1.72 -9.60 -13.11
N LEU A 87 1.51 -10.28 -12.00
CA LEU A 87 2.44 -11.30 -11.56
C LEU A 87 1.92 -11.96 -10.28
N MET A 88 0.64 -12.27 -10.31
CA MET A 88 0.00 -12.90 -9.16
C MET A 88 0.64 -14.26 -8.86
N GLU A 89 1.79 -14.21 -8.21
CA GLU A 89 2.51 -15.42 -7.85
C GLU A 89 2.89 -15.39 -6.37
N GLU A 90 3.71 -16.37 -5.99
CA GLU A 90 4.16 -16.47 -4.61
C GLU A 90 5.40 -15.60 -4.40
N ASP A 91 5.58 -14.66 -5.30
CA ASP A 91 6.73 -13.77 -5.23
C ASP A 91 6.54 -12.61 -6.22
N VAL A 92 6.19 -11.45 -5.68
CA VAL A 92 5.98 -10.28 -6.51
C VAL A 92 7.33 -9.70 -6.93
N TYR A 93 8.15 -9.41 -5.93
CA TYR A 93 9.47 -8.86 -6.19
C TYR A 93 9.47 -8.00 -7.45
N GLY A 94 8.37 -7.27 -7.63
CA GLY A 94 8.24 -6.39 -8.77
C GLY A 94 8.00 -4.94 -8.34
N GLU A 95 7.09 -4.28 -9.05
CA GLU A 95 6.77 -2.90 -8.74
C GLU A 95 5.25 -2.73 -8.63
N ILE A 96 4.86 -1.66 -7.95
CA ILE A 96 3.46 -1.37 -7.75
C ILE A 96 3.25 0.15 -7.66
N TYR A 97 2.50 0.67 -8.62
CA TYR A 97 2.23 2.10 -8.65
C TYR A 97 1.18 2.49 -7.61
N VAL A 98 1.47 3.57 -6.90
CA VAL A 98 0.57 4.05 -5.87
C VAL A 98 0.23 5.52 -6.14
N CYS A 99 -0.97 5.90 -5.75
CA CYS A 99 -1.44 7.26 -5.94
C CYS A 99 -2.24 7.68 -4.71
N PRO A 100 -1.53 8.33 -3.74
CA PRO A 100 -2.17 8.78 -2.52
C PRO A 100 -3.02 10.03 -2.78
N LEU A 101 -3.06 10.44 -4.04
CA LEU A 101 -3.83 11.60 -4.44
C LEU A 101 -5.31 11.27 -4.38
N ILE A 102 -5.70 10.24 -5.11
CA ILE A 102 -7.08 9.82 -5.15
C ILE A 102 -7.45 9.18 -3.81
N VAL A 103 -6.52 8.38 -3.30
CA VAL A 103 -6.74 7.70 -2.03
C VAL A 103 -7.12 8.74 -0.97
N GLU A 104 -6.29 9.75 -0.85
CA GLU A 104 -6.53 10.81 0.12
C GLU A 104 -7.90 11.43 -0.10
N GLU A 105 -8.20 11.70 -1.37
CA GLU A 105 -9.48 12.29 -1.72
C GLU A 105 -10.63 11.45 -1.17
N ASN A 106 -10.49 10.14 -1.33
CA ASN A 106 -11.51 9.21 -0.85
C ASN A 106 -11.49 9.18 0.68
N ALA A 107 -10.30 9.42 1.22
CA ALA A 107 -10.13 9.42 2.66
C ALA A 107 -10.66 10.74 3.24
N ARG A 108 -10.63 11.76 2.40
CA ARG A 108 -11.09 13.08 2.80
C ARG A 108 -12.62 13.09 2.92
N GLU A 109 -13.25 12.41 1.98
CA GLU A 109 -14.70 12.33 1.96
C GLU A 109 -15.19 11.30 2.99
N PHE A 110 -14.24 10.55 3.52
CA PHE A 110 -14.56 9.54 4.51
C PHE A 110 -13.68 9.68 5.76
N ASN A 111 -13.04 10.84 5.85
CA ASN A 111 -12.17 11.13 6.98
C ASN A 111 -11.40 9.86 7.35
N ASN A 112 -11.03 9.10 6.33
CA ASN A 112 -10.30 7.87 6.53
C ASN A 112 -8.85 8.20 6.91
N THR A 113 -8.12 7.16 7.29
CA THR A 113 -6.73 7.32 7.67
C THR A 113 -5.83 7.26 6.43
N PHE A 114 -5.47 8.45 5.94
CA PHE A 114 -4.61 8.54 4.78
C PHE A 114 -3.37 7.67 4.94
N GLU A 115 -2.87 7.63 6.16
CA GLU A 115 -1.68 6.84 6.47
C GLU A 115 -1.98 5.35 6.30
N LYS A 116 -3.10 4.93 6.87
CA LYS A 116 -3.51 3.54 6.79
C LYS A 116 -3.80 3.18 5.33
N GLU A 117 -4.57 4.03 4.68
CA GLU A 117 -4.92 3.82 3.29
C GLU A 117 -3.66 3.61 2.44
N LEU A 118 -2.67 4.45 2.72
CA LEU A 118 -1.41 4.37 2.00
C LEU A 118 -0.63 3.15 2.47
N LEU A 119 -0.77 2.85 3.76
CA LEU A 119 -0.09 1.72 4.35
C LEU A 119 -0.52 0.43 3.63
N GLU A 120 -1.76 0.45 3.15
CA GLU A 120 -2.31 -0.69 2.45
C GLU A 120 -1.48 -1.00 1.21
N VAL A 121 -1.35 0.01 0.35
CA VAL A 121 -0.59 -0.15 -0.88
C VAL A 121 0.87 -0.46 -0.53
N VAL A 122 1.26 -0.05 0.67
CA VAL A 122 2.62 -0.29 1.13
C VAL A 122 2.82 -1.78 1.37
N ILE A 123 1.92 -2.35 2.15
CA ILE A 123 1.99 -3.77 2.46
C ILE A 123 1.40 -4.57 1.31
N HIS A 124 0.67 -3.87 0.46
CA HIS A 124 0.04 -4.50 -0.69
C HIS A 124 1.09 -5.30 -1.47
N GLY A 125 2.33 -4.84 -1.38
CA GLY A 125 3.42 -5.50 -2.06
C GLY A 125 3.91 -6.72 -1.27
N ILE A 126 4.19 -6.49 0.00
CA ILE A 126 4.66 -7.54 0.88
C ILE A 126 3.53 -8.55 1.12
N LEU A 127 2.41 -8.02 1.59
CA LEU A 127 1.25 -8.85 1.87
C LEU A 127 0.97 -9.74 0.66
N HIS A 128 1.42 -9.27 -0.50
CA HIS A 128 1.22 -10.01 -1.74
C HIS A 128 1.86 -11.40 -1.61
N LEU A 129 3.18 -11.41 -1.52
CA LEU A 129 3.91 -12.66 -1.39
C LEU A 129 3.66 -13.25 -0.01
N ALA A 130 3.23 -12.40 0.90
CA ALA A 130 2.94 -12.82 2.26
C ALA A 130 1.93 -13.97 2.23
N GLY A 131 1.18 -14.02 1.14
CA GLY A 131 0.17 -15.05 0.98
C GLY A 131 -0.14 -15.29 -0.50
N TYR A 132 -1.41 -15.11 -0.85
CA TYR A 132 -1.84 -15.30 -2.22
C TYR A 132 -1.50 -16.71 -2.71
N ASP A 133 -2.45 -17.62 -2.54
CA ASP A 133 -2.26 -18.99 -2.97
C ASP A 133 -3.49 -19.81 -2.60
N HIS A 134 -4.38 -19.95 -3.58
CA HIS A 134 -5.60 -20.70 -3.39
C HIS A 134 -6.34 -20.16 -2.15
N GLU A 135 -6.45 -18.84 -2.10
CA GLU A 135 -7.13 -18.19 -0.99
C GLU A 135 -7.63 -16.81 -1.41
N PHE A 136 -6.73 -16.05 -2.03
CA PHE A 136 -7.05 -14.71 -2.48
C PHE A 136 -8.31 -14.73 -3.37
N GLU A 137 -8.28 -15.61 -4.35
CA GLU A 137 -9.41 -15.74 -5.26
C GLU A 137 -9.56 -14.47 -6.10
N ASP A 138 -10.27 -13.51 -5.52
CA ASP A 138 -10.49 -12.24 -6.20
C ASP A 138 -11.24 -11.30 -5.26
N LYS A 139 -11.50 -10.09 -5.76
CA LYS A 139 -12.21 -9.10 -4.98
C LYS A 139 -11.28 -8.54 -3.91
N ASN A 140 -11.14 -9.30 -2.83
CA ASN A 140 -10.29 -8.89 -1.73
C ASN A 140 -9.99 -10.11 -0.85
N SER A 141 -11.04 -10.83 -0.51
CA SER A 141 -10.90 -12.02 0.31
C SER A 141 -10.68 -11.61 1.77
N LYS A 142 -11.36 -12.33 2.66
CA LYS A 142 -11.25 -12.05 4.09
C LYS A 142 -9.87 -12.52 4.58
N GLU A 143 -9.50 -13.73 4.17
CA GLU A 143 -8.22 -14.29 4.56
C GLU A 143 -7.08 -13.35 4.18
N MET A 144 -7.13 -12.88 2.94
CA MET A 144 -6.11 -11.97 2.44
C MET A 144 -6.22 -10.60 3.12
N PHE A 145 -7.45 -10.09 3.15
CA PHE A 145 -7.70 -8.79 3.77
C PHE A 145 -7.23 -8.77 5.22
N GLU A 146 -7.44 -9.89 5.89
CA GLU A 146 -7.05 -10.01 7.29
C GLU A 146 -5.52 -9.97 7.42
N LYS A 147 -4.88 -10.86 6.67
CA LYS A 147 -3.43 -10.93 6.69
C LYS A 147 -2.85 -9.56 6.34
N GLN A 148 -3.65 -8.78 5.62
CA GLN A 148 -3.22 -7.45 5.22
C GLN A 148 -3.29 -6.48 6.40
N LYS A 149 -4.33 -6.65 7.20
CA LYS A 149 -4.53 -5.81 8.36
C LYS A 149 -3.44 -6.11 9.40
N LYS A 150 -3.04 -7.37 9.45
CA LYS A 150 -2.01 -7.79 10.38
C LYS A 150 -0.77 -6.90 10.19
N TYR A 151 -0.35 -6.79 8.94
CA TYR A 151 0.82 -5.99 8.61
C TYR A 151 0.50 -4.50 8.73
N VAL A 152 -0.65 -4.12 8.18
CA VAL A 152 -1.08 -2.74 8.21
C VAL A 152 -1.10 -2.25 9.66
N GLU A 153 -1.68 -3.08 10.52
CA GLU A 153 -1.77 -2.75 11.94
C GLU A 153 -0.37 -2.72 12.57
N GLU A 154 0.43 -3.71 12.20
CA GLU A 154 1.78 -3.81 12.72
C GLU A 154 2.62 -2.62 12.26
N VAL A 155 2.50 -2.32 10.97
CA VAL A 155 3.24 -1.21 10.39
C VAL A 155 2.65 0.11 10.88
N TRP A 156 1.32 0.13 10.97
CA TRP A 156 0.62 1.32 11.42
C TRP A 156 0.79 1.41 12.94
N GLY A 157 1.25 0.31 13.52
CA GLY A 157 1.45 0.26 14.95
C GLY A 157 2.26 1.47 15.44
N GLU A 158 3.17 1.91 14.58
CA GLU A 158 4.01 3.05 14.91
C GLU A 158 3.31 4.35 14.52
N TRP A 159 2.92 4.42 13.25
CA TRP A 159 2.24 5.60 12.74
C TRP A 159 1.00 5.85 13.60
N ARG A 160 0.58 4.80 14.29
CA ARG A 160 -0.59 4.90 15.16
C ARG A 160 -0.49 6.13 16.05
N SER A 161 0.74 6.43 16.45
CA SER A 161 0.98 7.59 17.30
C SER A 161 0.51 8.86 16.61
N ASN A 162 0.30 8.75 15.31
CA ASN A 162 -0.15 9.88 14.51
C ASN A 162 -1.53 9.58 13.94
N PRO A 163 -2.57 9.82 14.79
CA PRO A 163 -3.94 9.58 14.37
C PRO A 163 -4.43 10.66 13.40
N SER A 164 -5.74 10.74 13.24
CA SER A 164 -6.34 11.72 12.36
C SER A 164 -6.20 13.12 12.96
N GLU A 165 -4.96 13.51 13.21
CA GLU A 165 -4.68 14.81 13.78
C GLU A 165 -5.39 14.96 15.13
N ASP A 166 -5.83 13.82 15.66
CA ASP A 166 -6.52 13.82 16.94
C ASP A 166 -6.61 12.37 17.45
N SER A 167 -6.31 12.22 18.74
CA SER A 167 -6.36 10.91 19.37
C SER A 167 -7.64 10.76 20.17
N ASP A 168 -7.77 11.60 21.18
CA ASP A 168 -8.95 11.56 22.04
C ASP A 168 -10.19 11.35 21.18
N PRO A 169 -10.67 10.08 21.18
CA PRO A 169 -11.85 9.73 20.41
C PRO A 169 -13.12 10.25 21.09
N GLY A 170 -13.18 10.07 22.39
CA GLY A 170 -14.33 10.51 23.16
C GLY A 170 -14.32 9.90 24.56
N LYS A 171 -13.21 10.11 25.27
CA LYS A 171 -13.07 9.58 26.61
C LYS A 171 -13.13 8.05 26.57
N ARG A 172 -11.99 7.45 26.86
CA ARG A 172 -11.90 5.99 26.86
C ARG A 172 -11.99 5.45 28.28
N MET A 23 13.87 -4.60 2.58
CA MET A 23 13.76 -4.86 1.16
C MET A 23 12.58 -4.08 0.56
N ILE A 24 12.71 -2.77 0.57
CA ILE A 24 11.66 -1.91 0.03
C ILE A 24 12.30 -0.79 -0.80
N ARG A 25 11.52 -0.27 -1.74
CA ARG A 25 12.00 0.79 -2.60
C ARG A 25 10.84 1.75 -2.94
N ILE A 26 11.20 3.01 -3.12
CA ILE A 26 10.22 4.02 -3.46
C ILE A 26 10.50 4.56 -4.86
N LEU A 27 9.44 4.98 -5.53
CA LEU A 27 9.56 5.51 -6.88
C LEU A 27 8.82 6.85 -6.96
N GLY A 28 9.14 7.60 -8.00
CA GLY A 28 8.51 8.90 -8.20
C GLY A 28 8.67 9.79 -6.96
N GLU A 29 7.57 10.40 -6.56
CA GLU A 29 7.57 11.27 -5.40
C GLU A 29 6.14 11.52 -4.93
N GLY A 30 6.03 11.87 -3.66
CA GLY A 30 4.72 12.14 -3.07
C GLY A 30 4.68 11.71 -1.60
N LYS A 31 4.09 12.57 -0.78
CA LYS A 31 3.98 12.29 0.64
C LYS A 31 3.70 10.80 0.85
N GLY A 32 4.73 10.08 1.26
CA GLY A 32 4.61 8.65 1.49
C GLY A 32 5.98 7.98 1.55
N SER A 33 6.93 8.59 0.85
CA SER A 33 8.28 8.07 0.82
C SER A 33 8.84 7.93 2.24
N LYS A 34 8.79 9.04 2.96
CA LYS A 34 9.27 9.06 4.33
C LYS A 34 8.36 8.20 5.20
N LEU A 35 7.06 8.36 4.98
CA LEU A 35 6.08 7.60 5.73
C LEU A 35 6.45 6.11 5.72
N LEU A 36 7.04 5.70 4.60
CA LEU A 36 7.45 4.32 4.44
C LEU A 36 8.73 4.08 5.24
N GLU A 37 9.68 4.99 5.08
CA GLU A 37 10.95 4.88 5.77
C GLU A 37 10.72 4.72 7.28
N ASN A 38 9.56 5.19 7.72
CA ASN A 38 9.20 5.09 9.13
C ASN A 38 8.96 3.63 9.49
N LEU A 39 8.18 2.97 8.66
CA LEU A 39 7.86 1.57 8.87
C LEU A 39 8.51 0.72 7.77
N LYS A 40 9.73 1.08 7.44
CA LYS A 40 10.47 0.37 6.42
C LYS A 40 10.98 -0.96 6.99
N GLU A 41 11.57 -0.87 8.17
CA GLU A 41 12.10 -2.05 8.82
C GLU A 41 10.96 -2.97 9.28
N LYS A 42 9.86 -2.33 9.66
CA LYS A 42 8.69 -3.08 10.13
C LYS A 42 8.25 -4.04 9.03
N LEU A 43 8.39 -3.60 7.78
CA LEU A 43 8.02 -4.41 6.64
C LEU A 43 9.12 -5.44 6.38
N GLU A 44 10.34 -5.07 6.74
CA GLU A 44 11.48 -5.94 6.54
C GLU A 44 11.35 -7.20 7.42
N GLU A 45 10.52 -7.08 8.44
CA GLU A 45 10.31 -8.18 9.36
C GLU A 45 9.39 -9.23 8.73
N ILE A 46 8.24 -8.75 8.26
CA ILE A 46 7.27 -9.63 7.63
C ILE A 46 7.96 -10.45 6.54
N VAL A 47 8.77 -9.76 5.74
CA VAL A 47 9.49 -10.40 4.66
C VAL A 47 10.53 -11.35 5.25
N LYS A 48 11.29 -10.84 6.20
CA LYS A 48 12.32 -11.63 6.85
C LYS A 48 11.69 -12.88 7.46
N LYS A 49 10.53 -12.68 8.07
CA LYS A 49 9.81 -13.79 8.69
C LYS A 49 9.49 -14.85 7.63
N GLU A 50 8.95 -14.38 6.52
CA GLU A 50 8.58 -15.26 5.43
C GLU A 50 9.85 -15.83 4.77
N ILE A 51 10.65 -14.93 4.22
CA ILE A 51 11.88 -15.31 3.56
C ILE A 51 12.93 -14.21 3.74
N GLY A 52 12.55 -13.01 3.30
CA GLY A 52 13.44 -11.87 3.42
C GLY A 52 14.32 -11.74 2.17
N ASP A 53 13.66 -11.68 1.02
CA ASP A 53 14.36 -11.55 -0.25
C ASP A 53 13.36 -11.26 -1.36
N VAL A 54 12.76 -10.08 -1.27
CA VAL A 54 11.78 -9.66 -2.26
C VAL A 54 12.05 -8.20 -2.64
N HIS A 55 11.51 -7.82 -3.79
CA HIS A 55 11.67 -6.46 -4.28
C HIS A 55 10.30 -5.87 -4.61
N VAL A 56 9.83 -5.03 -3.70
CA VAL A 56 8.54 -4.39 -3.88
C VAL A 56 8.72 -2.86 -3.89
N ASN A 57 8.63 -2.30 -5.09
CA ASN A 57 8.78 -0.86 -5.24
C ASN A 57 7.40 -0.21 -5.32
N VAL A 58 7.28 0.93 -4.66
CA VAL A 58 6.02 1.66 -4.65
C VAL A 58 6.17 2.93 -5.49
N ILE A 59 5.15 3.21 -6.28
CA ILE A 59 5.15 4.38 -7.14
C ILE A 59 4.33 5.49 -6.47
N LEU A 60 5.04 6.48 -5.96
CA LEU A 60 4.40 7.60 -5.30
C LEU A 60 3.93 8.61 -6.35
N VAL A 61 2.62 8.66 -6.53
CA VAL A 61 2.03 9.57 -7.50
C VAL A 61 0.70 10.10 -6.96
N SER A 62 0.49 11.38 -7.14
CA SER A 62 -0.73 12.02 -6.68
C SER A 62 -1.92 11.51 -7.49
N GLU A 63 -3.03 12.25 -7.39
CA GLU A 63 -4.24 11.88 -8.11
C GLU A 63 -4.06 12.14 -9.61
N ASP A 64 -3.59 13.35 -9.92
CA ASP A 64 -3.38 13.73 -11.30
C ASP A 64 -2.19 12.94 -11.87
N GLU A 65 -1.22 12.71 -11.01
CA GLU A 65 -0.03 11.98 -11.41
C GLU A 65 -0.41 10.56 -11.87
N ILE A 66 -1.38 9.99 -11.17
CA ILE A 66 -1.84 8.65 -11.50
C ILE A 66 -2.86 8.73 -12.65
N LYS A 67 -3.57 9.85 -12.69
CA LYS A 67 -4.57 10.06 -13.73
C LYS A 67 -3.97 9.70 -15.09
N GLU A 68 -2.78 10.23 -15.33
CA GLU A 68 -2.08 9.96 -16.59
C GLU A 68 -1.39 8.61 -16.54
N LEU A 69 -0.65 8.39 -15.46
CA LEU A 69 0.05 7.13 -15.28
C LEU A 69 -0.88 5.97 -15.61
N ASN A 70 -2.14 6.15 -15.26
CA ASN A 70 -3.15 5.12 -15.50
C ASN A 70 -3.19 4.80 -16.99
N GLN A 71 -3.38 5.85 -17.79
CA GLN A 71 -3.43 5.68 -19.23
C GLN A 71 -2.04 5.32 -19.78
N GLN A 72 -1.03 5.76 -19.05
CA GLN A 72 0.34 5.49 -19.46
C GLN A 72 0.57 3.99 -19.60
N PHE A 73 -0.30 3.22 -18.96
CA PHE A 73 -0.21 1.77 -19.02
C PHE A 73 -1.56 1.15 -19.38
N ARG A 74 -2.58 1.56 -18.64
CA ARG A 74 -3.92 1.05 -18.88
C ARG A 74 -4.47 1.61 -20.20
N GLY A 75 -3.95 2.75 -20.59
CA GLY A 75 -4.38 3.39 -21.82
C GLY A 75 -5.74 4.07 -21.64
N GLN A 76 -6.27 3.94 -20.44
CA GLN A 76 -7.56 4.53 -20.12
C GLN A 76 -7.38 5.76 -19.22
N ASP A 77 -8.33 6.68 -19.32
CA ASP A 77 -8.29 7.89 -18.53
C ASP A 77 -9.26 7.77 -17.36
N ARG A 78 -8.71 7.46 -16.20
CA ARG A 78 -9.51 7.32 -15.00
C ARG A 78 -8.62 7.14 -13.77
N PRO A 79 -8.86 7.99 -12.75
CA PRO A 79 -8.09 7.94 -11.52
C PRO A 79 -8.51 6.75 -10.66
N THR A 80 -7.77 6.56 -9.57
CA THR A 80 -8.06 5.46 -8.67
C THR A 80 -7.30 5.65 -7.35
N ASP A 81 -7.65 4.81 -6.38
CA ASP A 81 -7.02 4.88 -5.08
C ASP A 81 -5.55 4.43 -5.20
N VAL A 82 -5.38 3.21 -5.66
CA VAL A 82 -4.05 2.64 -5.83
C VAL A 82 -4.03 1.74 -7.06
N LEU A 83 -2.98 1.88 -7.85
CA LEU A 83 -2.84 1.08 -9.06
C LEU A 83 -1.94 -0.12 -8.75
N THR A 84 -2.43 -1.30 -9.12
CA THR A 84 -1.69 -2.53 -8.90
C THR A 84 -1.03 -2.99 -10.20
N PHE A 85 0.26 -3.29 -10.09
CA PHE A 85 1.02 -3.74 -11.25
C PHE A 85 0.83 -5.25 -11.46
N PRO A 86 0.75 -5.64 -12.77
CA PRO A 86 0.58 -7.04 -13.12
C PRO A 86 1.89 -7.81 -12.94
N LEU A 87 1.88 -8.68 -11.93
CA LEU A 87 3.05 -9.49 -11.64
C LEU A 87 2.63 -10.96 -11.49
N MET A 88 2.02 -11.48 -12.55
CA MET A 88 1.57 -12.86 -12.55
C MET A 88 2.75 -13.82 -12.62
N GLU A 89 3.65 -13.69 -11.65
CA GLU A 89 4.83 -14.54 -11.59
C GLU A 89 4.76 -15.45 -10.36
N GLU A 90 5.87 -16.14 -10.12
CA GLU A 90 5.95 -17.04 -8.99
C GLU A 90 5.18 -16.48 -7.80
N ASP A 91 5.48 -15.22 -7.49
CA ASP A 91 4.83 -14.55 -6.38
C ASP A 91 4.64 -13.07 -6.72
N VAL A 92 5.66 -12.29 -6.37
CA VAL A 92 5.62 -10.86 -6.64
C VAL A 92 6.97 -10.24 -6.28
N TYR A 93 7.50 -9.47 -7.22
CA TYR A 93 8.79 -8.82 -7.01
C TYR A 93 8.99 -7.69 -8.02
N GLY A 94 7.95 -6.89 -8.18
CA GLY A 94 7.99 -5.76 -9.10
C GLY A 94 7.77 -4.44 -8.36
N GLU A 95 6.65 -3.81 -8.67
CA GLU A 95 6.31 -2.53 -8.05
C GLU A 95 4.79 -2.30 -8.13
N ILE A 96 4.32 -1.41 -7.27
CA ILE A 96 2.91 -1.08 -7.22
C ILE A 96 2.74 0.43 -7.07
N TYR A 97 1.76 0.96 -7.79
CA TYR A 97 1.49 2.38 -7.75
C TYR A 97 0.57 2.72 -6.58
N VAL A 98 0.97 3.75 -5.85
CA VAL A 98 0.19 4.20 -4.70
C VAL A 98 -0.02 5.71 -4.78
N CYS A 99 -1.14 6.15 -4.21
CA CYS A 99 -1.46 7.57 -4.21
C CYS A 99 -2.19 7.89 -2.91
N PRO A 100 -1.42 8.49 -1.96
CA PRO A 100 -1.98 8.86 -0.68
C PRO A 100 -2.86 10.10 -0.79
N LEU A 101 -2.91 10.65 -1.99
CA LEU A 101 -3.70 11.83 -2.26
C LEU A 101 -5.19 11.47 -2.20
N ILE A 102 -5.54 10.47 -2.98
CA ILE A 102 -6.92 10.01 -3.04
C ILE A 102 -7.23 9.21 -1.77
N VAL A 103 -6.26 8.42 -1.35
CA VAL A 103 -6.42 7.60 -0.15
C VAL A 103 -6.85 8.49 1.02
N GLU A 104 -6.11 9.58 1.18
CA GLU A 104 -6.40 10.52 2.26
C GLU A 104 -7.72 11.25 1.98
N GLU A 105 -7.85 11.74 0.76
CA GLU A 105 -9.05 12.46 0.36
C GLU A 105 -10.29 11.59 0.62
N ASN A 106 -10.18 10.33 0.23
CA ASN A 106 -11.28 9.40 0.42
C ASN A 106 -11.39 9.02 1.90
N ALA A 107 -10.23 8.89 2.53
CA ALA A 107 -10.19 8.54 3.94
C ALA A 107 -10.76 9.70 4.76
N ARG A 108 -10.62 10.90 4.22
CA ARG A 108 -11.12 12.08 4.89
C ARG A 108 -12.65 12.07 4.95
N GLU A 109 -13.24 11.53 3.88
CA GLU A 109 -14.69 11.45 3.80
C GLU A 109 -15.19 10.18 4.51
N PHE A 110 -14.28 9.22 4.65
CA PHE A 110 -14.62 7.97 5.30
C PHE A 110 -13.88 7.83 6.64
N ASN A 111 -13.36 8.96 7.11
CA ASN A 111 -12.63 8.97 8.36
C ASN A 111 -11.76 7.72 8.47
N ASN A 112 -11.34 7.24 7.31
CA ASN A 112 -10.51 6.05 7.26
C ASN A 112 -9.08 6.41 7.68
N THR A 113 -8.35 5.39 8.10
CA THR A 113 -6.98 5.58 8.53
C THR A 113 -6.03 5.60 7.32
N PHE A 114 -5.71 6.81 6.90
CA PHE A 114 -4.81 6.98 5.76
C PHE A 114 -3.53 6.19 5.94
N GLU A 115 -3.20 5.93 7.20
CA GLU A 115 -2.00 5.18 7.52
C GLU A 115 -2.19 3.71 7.20
N LYS A 116 -3.29 3.16 7.71
CA LYS A 116 -3.61 1.76 7.49
C LYS A 116 -3.89 1.54 6.00
N GLU A 117 -4.64 2.46 5.42
CA GLU A 117 -4.98 2.38 4.01
C GLU A 117 -3.73 2.25 3.16
N LEU A 118 -2.73 3.05 3.52
CA LEU A 118 -1.47 3.03 2.79
C LEU A 118 -0.69 1.77 3.17
N LEU A 119 -0.70 1.46 4.45
CA LEU A 119 -0.01 0.29 4.95
C LEU A 119 -0.41 -0.94 4.12
N GLU A 120 -1.66 -0.91 3.67
CA GLU A 120 -2.19 -2.00 2.87
C GLU A 120 -1.40 -2.13 1.56
N VAL A 121 -1.30 -1.01 0.86
CA VAL A 121 -0.57 -0.99 -0.41
C VAL A 121 0.90 -1.31 -0.15
N VAL A 122 1.33 -1.03 1.07
CA VAL A 122 2.72 -1.29 1.45
C VAL A 122 2.93 -2.80 1.57
N ILE A 123 2.12 -3.42 2.42
CA ILE A 123 2.21 -4.84 2.63
C ILE A 123 1.59 -5.58 1.44
N HIS A 124 0.84 -4.83 0.64
CA HIS A 124 0.19 -5.40 -0.52
C HIS A 124 1.23 -6.15 -1.36
N GLY A 125 2.45 -5.65 -1.34
CA GLY A 125 3.53 -6.26 -2.09
C GLY A 125 4.08 -7.48 -1.35
N ILE A 126 4.44 -7.25 -0.10
CA ILE A 126 5.00 -8.32 0.73
C ILE A 126 3.95 -9.42 0.88
N LEU A 127 2.76 -9.01 1.31
CA LEU A 127 1.68 -9.95 1.51
C LEU A 127 1.52 -10.82 0.26
N HIS A 128 1.75 -10.20 -0.88
CA HIS A 128 1.65 -10.91 -2.15
C HIS A 128 2.65 -12.07 -2.17
N LEU A 129 3.88 -11.76 -1.78
CA LEU A 129 4.93 -12.76 -1.75
C LEU A 129 4.78 -13.62 -0.50
N ALA A 130 4.02 -13.09 0.45
CA ALA A 130 3.79 -13.80 1.70
C ALA A 130 2.97 -15.06 1.43
N GLY A 131 2.20 -15.01 0.34
CA GLY A 131 1.38 -16.15 -0.04
C GLY A 131 -0.10 -15.75 -0.09
N TYR A 132 -0.84 -16.48 -0.92
CA TYR A 132 -2.26 -16.22 -1.09
C TYR A 132 -2.95 -17.37 -1.81
N ASP A 133 -4.22 -17.16 -2.12
CA ASP A 133 -5.00 -18.17 -2.81
C ASP A 133 -4.68 -18.12 -4.31
N HIS A 134 -3.42 -18.40 -4.61
CA HIS A 134 -2.96 -18.39 -6.00
C HIS A 134 -3.62 -17.23 -6.75
N GLU A 135 -3.11 -16.03 -6.50
CA GLU A 135 -3.63 -14.84 -7.14
C GLU A 135 -5.11 -14.66 -6.79
N PHE A 136 -5.41 -13.55 -6.13
CA PHE A 136 -6.77 -13.24 -5.75
C PHE A 136 -7.21 -11.89 -6.30
N GLU A 137 -6.27 -10.95 -6.28
CA GLU A 137 -6.56 -9.60 -6.77
C GLU A 137 -7.56 -8.89 -5.86
N ASP A 138 -7.09 -8.61 -4.65
CA ASP A 138 -7.92 -7.93 -3.66
C ASP A 138 -9.15 -8.78 -3.38
N LYS A 139 -10.18 -8.59 -4.21
CA LYS A 139 -11.42 -9.32 -4.05
C LYS A 139 -11.83 -9.33 -2.57
N ASN A 140 -12.83 -10.14 -2.27
CA ASN A 140 -13.32 -10.25 -0.91
C ASN A 140 -12.25 -10.92 -0.04
N SER A 141 -12.03 -12.19 -0.30
CA SER A 141 -11.04 -12.95 0.45
C SER A 141 -11.04 -12.51 1.92
N LYS A 142 -11.95 -13.09 2.68
CA LYS A 142 -12.07 -12.77 4.08
C LYS A 142 -10.88 -13.36 4.84
N GLU A 143 -10.68 -14.65 4.66
CA GLU A 143 -9.58 -15.34 5.32
C GLU A 143 -8.25 -14.68 4.96
N MET A 144 -8.08 -14.42 3.66
CA MET A 144 -6.87 -13.79 3.18
C MET A 144 -6.70 -12.38 3.77
N PHE A 145 -7.84 -11.77 4.06
CA PHE A 145 -7.83 -10.43 4.63
C PHE A 145 -7.05 -10.39 5.94
N GLU A 146 -7.15 -11.49 6.69
CA GLU A 146 -6.46 -11.60 7.96
C GLU A 146 -4.96 -11.47 7.77
N LYS A 147 -4.45 -12.18 6.77
CA LYS A 147 -3.03 -12.15 6.46
C LYS A 147 -2.61 -10.71 6.16
N GLN A 148 -3.56 -9.95 5.64
CA GLN A 148 -3.30 -8.56 5.30
C GLN A 148 -3.38 -7.68 6.55
N LYS A 149 -4.27 -8.07 7.45
CA LYS A 149 -4.46 -7.32 8.69
C LYS A 149 -3.35 -7.71 9.68
N LYS A 150 -2.70 -8.82 9.38
CA LYS A 150 -1.63 -9.31 10.23
C LYS A 150 -0.44 -8.34 10.14
N TYR A 151 0.06 -8.19 8.92
CA TYR A 151 1.20 -7.31 8.68
C TYR A 151 0.80 -5.85 8.90
N VAL A 152 -0.42 -5.53 8.52
CA VAL A 152 -0.94 -4.18 8.67
C VAL A 152 -0.78 -3.74 10.13
N GLU A 153 -1.36 -4.52 11.02
CA GLU A 153 -1.30 -4.24 12.44
C GLU A 153 0.16 -4.27 12.92
N GLU A 154 0.84 -5.34 12.58
CA GLU A 154 2.23 -5.51 12.97
C GLU A 154 3.05 -4.30 12.50
N VAL A 155 2.87 -3.95 11.23
CA VAL A 155 3.60 -2.84 10.65
C VAL A 155 3.04 -1.53 11.24
N TRP A 156 1.73 -1.53 11.48
CA TRP A 156 1.07 -0.36 12.03
C TRP A 156 1.50 -0.22 13.50
N GLY A 157 2.10 -1.29 14.00
CA GLY A 157 2.57 -1.30 15.38
C GLY A 157 3.41 -0.05 15.68
N GLU A 158 3.97 0.51 14.62
CA GLU A 158 4.81 1.70 14.76
C GLU A 158 3.94 2.96 14.71
N TRP A 159 3.29 3.14 13.57
CA TRP A 159 2.43 4.30 13.37
C TRP A 159 1.39 4.31 14.50
N ARG A 160 1.19 3.14 15.08
CA ARG A 160 0.23 3.00 16.16
C ARG A 160 0.51 4.04 17.25
N SER A 161 1.75 4.49 17.29
CA SER A 161 2.15 5.49 18.28
C SER A 161 1.62 6.86 17.88
N ASN A 162 0.93 6.90 16.75
CA ASN A 162 0.37 8.14 16.25
C ASN A 162 -0.97 7.84 15.57
N PRO A 163 -2.02 7.72 16.42
CA PRO A 163 -3.36 7.43 15.92
C PRO A 163 -3.98 8.69 15.28
N SER A 164 -5.26 8.57 14.96
CA SER A 164 -5.97 9.69 14.35
C SER A 164 -5.08 10.40 13.34
N GLU A 165 -5.02 9.83 12.14
CA GLU A 165 -4.20 10.40 11.08
C GLU A 165 -4.89 11.62 10.48
N ASP A 166 -4.12 12.41 9.74
CA ASP A 166 -4.64 13.60 9.11
C ASP A 166 -6.04 13.31 8.56
N SER A 167 -7.04 13.82 9.28
CA SER A 167 -8.42 13.63 8.86
C SER A 167 -9.36 14.18 9.94
N ASP A 168 -9.52 15.49 9.92
CA ASP A 168 -10.38 16.17 10.87
C ASP A 168 -10.53 17.63 10.49
N PRO A 169 -11.81 18.11 10.49
CA PRO A 169 -12.09 19.50 10.15
C PRO A 169 -11.69 20.43 11.30
N GLY A 170 -12.20 20.12 12.48
CA GLY A 170 -11.92 20.93 13.65
C GLY A 170 -12.93 20.66 14.76
N LYS A 171 -12.51 19.87 15.74
CA LYS A 171 -13.37 19.54 16.87
C LYS A 171 -14.48 18.60 16.39
N ARG A 172 -15.14 17.98 17.34
CA ARG A 172 -16.23 17.06 17.03
C ARG A 172 -15.72 15.93 16.15
N MET A 23 15.28 -0.66 3.21
CA MET A 23 15.02 -2.07 2.94
C MET A 23 13.94 -2.22 1.86
N ILE A 24 13.04 -1.26 1.83
CA ILE A 24 11.96 -1.27 0.86
C ILE A 24 12.34 -0.40 -0.34
N ARG A 25 11.70 -0.68 -1.47
CA ARG A 25 11.97 0.07 -2.69
C ARG A 25 10.90 1.14 -2.89
N ILE A 26 11.36 2.38 -3.01
CA ILE A 26 10.46 3.50 -3.21
C ILE A 26 10.57 3.98 -4.66
N LEU A 27 9.53 3.69 -5.43
CA LEU A 27 9.50 4.08 -6.83
C LEU A 27 8.86 5.47 -6.94
N GLY A 28 9.34 6.23 -7.91
CA GLY A 28 8.83 7.58 -8.13
C GLY A 28 8.88 8.40 -6.84
N GLU A 29 7.91 9.30 -6.73
CA GLU A 29 7.82 10.16 -5.56
C GLU A 29 6.43 10.78 -5.45
N GLY A 30 6.17 11.38 -4.30
CA GLY A 30 4.89 12.01 -4.06
C GLY A 30 4.37 11.70 -2.65
N LYS A 31 3.46 12.55 -2.19
CA LYS A 31 2.89 12.37 -0.86
C LYS A 31 2.65 10.87 -0.61
N GLY A 32 3.52 10.30 0.20
CA GLY A 32 3.42 8.88 0.54
C GLY A 32 4.79 8.30 0.90
N SER A 33 5.80 8.77 0.19
CA SER A 33 7.15 8.31 0.42
C SER A 33 7.52 8.51 1.89
N LYS A 34 7.36 9.73 2.36
CA LYS A 34 7.67 10.06 3.74
C LYS A 34 6.78 9.24 4.67
N LEU A 35 5.52 9.15 4.29
CA LEU A 35 4.55 8.40 5.08
C LEU A 35 5.05 6.97 5.27
N LEU A 36 5.76 6.49 4.26
CA LEU A 36 6.30 5.14 4.29
C LEU A 36 7.52 5.11 5.21
N GLU A 37 8.46 6.01 4.94
CA GLU A 37 9.67 6.10 5.73
C GLU A 37 9.33 6.21 7.21
N ASN A 38 8.09 6.62 7.47
CA ASN A 38 7.63 6.78 8.84
C ASN A 38 7.44 5.39 9.47
N LEU A 39 6.97 4.47 8.66
CA LEU A 39 6.74 3.10 9.11
C LEU A 39 7.43 2.12 8.16
N LYS A 40 8.62 2.52 7.73
CA LYS A 40 9.40 1.69 6.81
C LYS A 40 9.82 0.41 7.54
N GLU A 41 10.47 0.61 8.68
CA GLU A 41 10.94 -0.51 9.48
C GLU A 41 9.77 -1.40 9.88
N LYS A 42 8.58 -0.82 9.83
CA LYS A 42 7.37 -1.54 10.19
C LYS A 42 7.17 -2.70 9.22
N LEU A 43 7.51 -2.45 7.96
CA LEU A 43 7.37 -3.47 6.94
C LEU A 43 8.57 -4.42 7.00
N GLU A 44 9.72 -3.85 7.34
CA GLU A 44 10.93 -4.63 7.45
C GLU A 44 10.73 -5.82 8.39
N GLU A 45 9.72 -5.68 9.25
CA GLU A 45 9.40 -6.73 10.20
C GLU A 45 8.74 -7.92 9.50
N ILE A 46 7.68 -7.60 8.75
CA ILE A 46 6.96 -8.63 8.02
C ILE A 46 7.81 -9.13 6.85
N VAL A 47 8.70 -8.25 6.39
CA VAL A 47 9.58 -8.60 5.28
C VAL A 47 10.62 -9.61 5.77
N LYS A 48 11.14 -9.36 6.95
CA LYS A 48 12.14 -10.24 7.54
C LYS A 48 11.48 -11.59 7.89
N LYS A 49 10.40 -11.50 8.64
CA LYS A 49 9.67 -12.69 9.05
C LYS A 49 9.37 -13.54 7.82
N GLU A 50 8.91 -12.89 6.77
CA GLU A 50 8.59 -13.58 5.54
C GLU A 50 9.73 -14.52 5.14
N ILE A 51 10.89 -13.93 4.92
CA ILE A 51 12.06 -14.70 4.54
C ILE A 51 13.31 -14.06 5.14
N GLY A 52 13.46 -12.76 4.87
CA GLY A 52 14.60 -12.03 5.38
C GLY A 52 14.83 -10.75 4.57
N ASP A 53 14.41 -10.80 3.32
CA ASP A 53 14.56 -9.66 2.44
C ASP A 53 13.61 -9.80 1.25
N VAL A 54 12.86 -8.74 0.98
CA VAL A 54 11.91 -8.73 -0.11
C VAL A 54 12.12 -7.48 -0.97
N HIS A 55 11.65 -7.56 -2.20
CA HIS A 55 11.77 -6.45 -3.12
C HIS A 55 10.39 -5.91 -3.49
N VAL A 56 10.10 -4.72 -3.00
CA VAL A 56 8.82 -4.09 -3.26
C VAL A 56 9.04 -2.62 -3.64
N ASN A 57 8.91 -2.35 -4.93
CA ASN A 57 9.11 -1.00 -5.43
C ASN A 57 7.73 -0.35 -5.64
N VAL A 58 7.35 0.47 -4.67
CA VAL A 58 6.07 1.15 -4.75
C VAL A 58 6.23 2.44 -5.55
N ILE A 59 5.37 2.58 -6.56
CA ILE A 59 5.41 3.75 -7.41
C ILE A 59 4.42 4.79 -6.89
N LEU A 60 4.97 5.85 -6.32
CA LEU A 60 4.14 6.91 -5.78
C LEU A 60 3.76 7.88 -6.90
N VAL A 61 2.48 7.88 -7.24
CA VAL A 61 1.98 8.75 -8.29
C VAL A 61 0.65 9.36 -7.85
N SER A 62 0.56 10.67 -8.02
CA SER A 62 -0.64 11.40 -7.64
C SER A 62 -1.80 11.02 -8.58
N GLU A 63 -2.84 11.83 -8.54
CA GLU A 63 -4.01 11.60 -9.38
C GLU A 63 -3.67 11.88 -10.84
N ASP A 64 -3.06 13.03 -11.06
CA ASP A 64 -2.68 13.43 -12.41
C ASP A 64 -1.51 12.56 -12.89
N GLU A 65 -0.63 12.23 -11.95
CA GLU A 65 0.52 11.41 -12.26
C GLU A 65 0.08 10.02 -12.70
N ILE A 66 -0.94 9.51 -12.02
CA ILE A 66 -1.47 8.19 -12.33
C ILE A 66 -2.39 8.29 -13.56
N LYS A 67 -3.08 9.42 -13.65
CA LYS A 67 -3.98 9.65 -14.76
C LYS A 67 -3.26 9.33 -16.08
N GLU A 68 -2.06 9.87 -16.21
CA GLU A 68 -1.26 9.64 -17.41
C GLU A 68 -0.59 8.27 -17.35
N LEU A 69 0.04 8.01 -16.22
CA LEU A 69 0.73 6.74 -16.02
C LEU A 69 -0.17 5.60 -16.50
N ASN A 70 -1.44 5.72 -16.18
CA ASN A 70 -2.40 4.70 -16.57
C ASN A 70 -2.40 4.56 -18.10
N GLN A 71 -2.33 5.72 -18.76
CA GLN A 71 -2.31 5.74 -20.21
C GLN A 71 -0.92 5.40 -20.73
N GLN A 72 0.07 5.69 -19.90
CA GLN A 72 1.46 5.43 -20.26
C GLN A 72 1.65 3.96 -20.61
N PHE A 73 0.76 3.14 -20.07
CA PHE A 73 0.81 1.70 -20.31
C PHE A 73 -0.55 1.17 -20.77
N ARG A 74 -1.58 1.52 -20.01
CA ARG A 74 -2.92 1.08 -20.32
C ARG A 74 -3.44 1.80 -21.57
N GLY A 75 -2.78 2.91 -21.88
CA GLY A 75 -3.15 3.69 -23.05
C GLY A 75 -4.50 4.39 -22.83
N GLN A 76 -5.00 4.27 -21.62
CA GLN A 76 -6.27 4.88 -21.26
C GLN A 76 -6.06 6.03 -20.27
N ASP A 77 -6.87 7.07 -20.44
CA ASP A 77 -6.77 8.23 -19.58
C ASP A 77 -7.86 8.15 -18.50
N ARG A 78 -7.45 7.63 -17.35
CA ARG A 78 -8.37 7.49 -16.23
C ARG A 78 -7.62 7.01 -14.99
N PRO A 79 -7.86 7.73 -13.85
CA PRO A 79 -7.21 7.39 -12.60
C PRO A 79 -7.85 6.16 -11.97
N THR A 80 -7.20 5.64 -10.95
CA THR A 80 -7.69 4.45 -10.25
C THR A 80 -7.22 4.45 -8.80
N ASP A 81 -7.75 3.51 -8.04
CA ASP A 81 -7.39 3.38 -6.64
C ASP A 81 -5.90 3.08 -6.53
N VAL A 82 -5.53 1.93 -7.07
CA VAL A 82 -4.14 1.49 -7.04
C VAL A 82 -3.82 0.72 -8.32
N LEU A 83 -2.65 0.98 -8.86
CA LEU A 83 -2.21 0.32 -10.07
C LEU A 83 -1.24 -0.81 -9.71
N THR A 84 -1.51 -1.99 -10.27
CA THR A 84 -0.67 -3.14 -10.02
C THR A 84 0.07 -3.55 -11.29
N PHE A 85 1.27 -4.09 -11.09
CA PHE A 85 2.08 -4.53 -12.21
C PHE A 85 1.61 -5.88 -12.74
N PRO A 86 1.75 -6.06 -14.09
CA PRO A 86 1.35 -7.30 -14.72
C PRO A 86 2.35 -8.42 -14.43
N LEU A 87 1.94 -9.32 -13.54
CA LEU A 87 2.78 -10.44 -13.17
C LEU A 87 2.03 -11.33 -12.17
N MET A 88 1.46 -12.40 -12.71
CA MET A 88 0.70 -13.33 -11.88
C MET A 88 1.50 -14.62 -11.65
N GLU A 89 2.09 -14.72 -10.47
CA GLU A 89 2.88 -15.89 -10.12
C GLU A 89 3.05 -15.98 -8.61
N GLU A 90 3.79 -16.99 -8.19
CA GLU A 90 4.05 -17.21 -6.77
C GLU A 90 5.17 -16.29 -6.29
N ASP A 91 5.03 -15.02 -6.59
CA ASP A 91 6.02 -14.04 -6.20
C ASP A 91 5.95 -12.83 -7.14
N VAL A 92 5.70 -11.67 -6.55
CA VAL A 92 5.60 -10.44 -7.32
C VAL A 92 6.97 -9.78 -7.40
N TYR A 93 7.57 -9.58 -6.24
CA TYR A 93 8.87 -8.96 -6.16
C TYR A 93 9.06 -7.93 -7.27
N GLY A 94 7.98 -7.25 -7.58
CA GLY A 94 8.00 -6.23 -8.62
C GLY A 94 7.73 -4.84 -8.04
N GLU A 95 6.87 -4.10 -8.72
CA GLU A 95 6.51 -2.76 -8.29
C GLU A 95 5.00 -2.62 -8.16
N ILE A 96 4.58 -1.74 -7.27
CA ILE A 96 3.16 -1.50 -7.07
C ILE A 96 2.90 0.01 -7.07
N TYR A 97 2.09 0.42 -8.04
CA TYR A 97 1.74 1.83 -8.18
C TYR A 97 0.57 2.19 -7.27
N VAL A 98 0.78 3.22 -6.46
CA VAL A 98 -0.25 3.68 -5.54
C VAL A 98 -0.46 5.19 -5.73
N CYS A 99 -1.70 5.61 -5.51
CA CYS A 99 -2.04 7.02 -5.65
C CYS A 99 -2.87 7.42 -4.44
N PRO A 100 -2.20 8.18 -3.51
CA PRO A 100 -2.87 8.64 -2.30
C PRO A 100 -3.81 9.80 -2.62
N LEU A 101 -3.76 10.26 -3.86
CA LEU A 101 -4.60 11.35 -4.29
C LEU A 101 -6.05 10.86 -4.44
N ILE A 102 -6.19 9.80 -5.23
CA ILE A 102 -7.51 9.23 -5.46
C ILE A 102 -7.93 8.41 -4.24
N VAL A 103 -6.95 7.70 -3.67
CA VAL A 103 -7.20 6.87 -2.51
C VAL A 103 -7.79 7.74 -1.39
N GLU A 104 -7.02 8.76 -1.02
CA GLU A 104 -7.45 9.67 0.03
C GLU A 104 -8.82 10.28 -0.31
N GLU A 105 -8.93 10.72 -1.55
CA GLU A 105 -10.17 11.32 -2.02
C GLU A 105 -11.35 10.40 -1.73
N ASN A 106 -11.07 9.10 -1.77
CA ASN A 106 -12.09 8.10 -1.51
C ASN A 106 -12.32 7.98 0.00
N ALA A 107 -11.22 7.82 0.72
CA ALA A 107 -11.28 7.70 2.16
C ALA A 107 -12.05 8.90 2.74
N ARG A 108 -11.98 10.01 2.01
CA ARG A 108 -12.65 11.23 2.44
C ARG A 108 -14.17 11.04 2.40
N GLU A 109 -14.63 10.42 1.32
CA GLU A 109 -16.05 10.17 1.15
C GLU A 109 -16.49 9.00 2.04
N PHE A 110 -15.51 8.23 2.49
CA PHE A 110 -15.79 7.09 3.34
C PHE A 110 -15.17 7.28 4.73
N ASN A 111 -14.76 8.51 5.00
CA ASN A 111 -14.14 8.83 6.27
C ASN A 111 -13.20 7.71 6.68
N ASN A 112 -12.67 7.03 5.68
CA ASN A 112 -11.75 5.93 5.93
C ASN A 112 -10.35 6.48 6.19
N THR A 113 -9.59 5.74 6.99
CA THR A 113 -8.25 6.14 7.34
C THR A 113 -7.33 6.03 6.11
N PHE A 114 -7.14 7.16 5.45
CA PHE A 114 -6.30 7.20 4.27
C PHE A 114 -5.00 6.40 4.50
N GLU A 115 -4.44 6.57 5.68
CA GLU A 115 -3.22 5.88 6.02
C GLU A 115 -3.40 4.36 5.88
N LYS A 116 -4.56 3.90 6.32
CA LYS A 116 -4.87 2.48 6.25
C LYS A 116 -4.98 2.06 4.78
N GLU A 117 -5.72 2.86 4.03
CA GLU A 117 -5.92 2.58 2.61
C GLU A 117 -4.56 2.51 1.90
N LEU A 118 -3.66 3.38 2.32
CA LEU A 118 -2.33 3.43 1.74
C LEU A 118 -1.46 2.33 2.36
N LEU A 119 -1.77 2.01 3.61
CA LEU A 119 -1.04 0.98 4.32
C LEU A 119 -1.29 -0.38 3.66
N GLU A 120 -2.53 -0.58 3.24
CA GLU A 120 -2.92 -1.82 2.60
C GLU A 120 -2.08 -2.05 1.34
N VAL A 121 -2.12 -1.06 0.46
CA VAL A 121 -1.37 -1.13 -0.78
C VAL A 121 0.11 -1.32 -0.47
N VAL A 122 0.48 -0.93 0.74
CA VAL A 122 1.86 -1.05 1.17
C VAL A 122 2.15 -2.50 1.56
N ILE A 123 1.40 -2.99 2.53
CA ILE A 123 1.56 -4.36 2.99
C ILE A 123 1.04 -5.32 1.91
N HIS A 124 0.27 -4.77 1.00
CA HIS A 124 -0.30 -5.55 -0.08
C HIS A 124 0.82 -6.31 -0.81
N GLY A 125 1.86 -5.57 -1.15
CA GLY A 125 3.01 -6.15 -1.84
C GLY A 125 3.61 -7.29 -1.03
N ILE A 126 3.92 -6.99 0.23
CA ILE A 126 4.51 -7.98 1.11
C ILE A 126 3.52 -9.12 1.33
N LEU A 127 2.26 -8.74 1.52
CA LEU A 127 1.20 -9.71 1.74
C LEU A 127 1.29 -10.80 0.67
N HIS A 128 1.31 -10.35 -0.58
CA HIS A 128 1.38 -11.27 -1.70
C HIS A 128 2.61 -12.17 -1.55
N LEU A 129 3.69 -11.56 -1.07
CA LEU A 129 4.94 -12.29 -0.87
C LEU A 129 4.94 -12.92 0.52
N ALA A 130 3.78 -12.85 1.17
CA ALA A 130 3.62 -13.42 2.50
C ALA A 130 3.49 -14.94 2.39
N GLY A 131 2.92 -15.37 1.28
CA GLY A 131 2.72 -16.79 1.05
C GLY A 131 1.37 -17.06 0.38
N TYR A 132 1.10 -16.28 -0.66
CA TYR A 132 -0.15 -16.41 -1.39
C TYR A 132 -0.16 -15.52 -2.63
N ASP A 133 -0.46 -16.14 -3.77
CA ASP A 133 -0.51 -15.42 -5.02
C ASP A 133 -1.41 -14.20 -4.88
N HIS A 134 -0.88 -13.05 -5.25
CA HIS A 134 -1.62 -11.81 -5.15
C HIS A 134 -3.10 -12.07 -5.47
N GLU A 135 -3.96 -11.44 -4.69
CA GLU A 135 -5.39 -11.60 -4.88
C GLU A 135 -5.86 -12.92 -4.29
N PHE A 136 -5.22 -13.99 -4.73
CA PHE A 136 -5.55 -15.33 -4.25
C PHE A 136 -6.94 -15.75 -4.74
N GLU A 137 -7.94 -14.99 -4.30
CA GLU A 137 -9.31 -15.29 -4.68
C GLU A 137 -10.17 -14.02 -4.56
N ASP A 138 -10.71 -13.59 -5.69
CA ASP A 138 -11.55 -12.40 -5.72
C ASP A 138 -10.74 -11.20 -5.22
N LYS A 139 -11.37 -10.05 -5.29
CA LYS A 139 -10.73 -8.82 -4.84
C LYS A 139 -10.07 -9.05 -3.49
N ASN A 140 -10.85 -9.61 -2.57
CA ASN A 140 -10.35 -9.89 -1.23
C ASN A 140 -11.40 -10.69 -0.46
N SER A 141 -10.91 -11.57 0.40
CA SER A 141 -11.79 -12.41 1.20
C SER A 141 -11.55 -12.15 2.68
N LYS A 142 -12.17 -12.98 3.50
CA LYS A 142 -12.03 -12.85 4.95
C LYS A 142 -10.61 -13.23 5.36
N GLU A 143 -10.15 -14.35 4.83
CA GLU A 143 -8.82 -14.83 5.13
C GLU A 143 -7.77 -13.75 4.81
N MET A 144 -7.89 -13.20 3.62
CA MET A 144 -6.98 -12.16 3.18
C MET A 144 -7.15 -10.89 4.02
N PHE A 145 -8.39 -10.46 4.13
CA PHE A 145 -8.70 -9.27 4.90
C PHE A 145 -8.11 -9.35 6.31
N GLU A 146 -8.00 -10.57 6.80
CA GLU A 146 -7.45 -10.80 8.13
C GLU A 146 -5.93 -10.67 8.10
N LYS A 147 -5.30 -11.54 7.31
CA LYS A 147 -3.86 -11.54 7.18
C LYS A 147 -3.39 -10.13 6.80
N GLN A 148 -4.26 -9.42 6.10
CA GLN A 148 -3.94 -8.07 5.67
C GLN A 148 -4.00 -7.11 6.85
N LYS A 149 -4.97 -7.35 7.72
CA LYS A 149 -5.15 -6.51 8.90
C LYS A 149 -4.05 -6.83 9.91
N LYS A 150 -3.52 -8.04 9.80
CA LYS A 150 -2.45 -8.47 10.70
C LYS A 150 -1.32 -7.46 10.67
N TYR A 151 -0.80 -7.23 9.47
CA TYR A 151 0.29 -6.28 9.30
C TYR A 151 -0.21 -4.84 9.44
N VAL A 152 -1.34 -4.58 8.83
CA VAL A 152 -1.94 -3.25 8.88
C VAL A 152 -2.12 -2.83 10.34
N GLU A 153 -2.75 -3.70 11.10
CA GLU A 153 -2.99 -3.45 12.50
C GLU A 153 -1.66 -3.27 13.25
N GLU A 154 -0.63 -3.88 12.70
CA GLU A 154 0.70 -3.80 13.29
C GLU A 154 1.38 -2.50 12.87
N VAL A 155 1.43 -2.28 11.56
CA VAL A 155 2.06 -1.09 11.02
C VAL A 155 1.24 0.14 11.44
N TRP A 156 -0.06 0.05 11.23
CA TRP A 156 -0.95 1.15 11.57
C TRP A 156 -0.94 1.30 13.09
N GLY A 157 -0.39 0.29 13.75
CA GLY A 157 -0.31 0.30 15.20
C GLY A 157 0.27 1.62 15.71
N GLU A 158 1.15 2.20 14.90
CA GLU A 158 1.79 3.45 15.26
C GLU A 158 0.94 4.63 14.78
N TRP A 159 0.65 4.64 13.49
CA TRP A 159 -0.15 5.69 12.90
C TRP A 159 -1.48 5.74 13.65
N ARG A 160 -1.80 4.63 14.30
CA ARG A 160 -3.04 4.54 15.06
C ARG A 160 -3.17 5.72 16.03
N SER A 161 -2.01 6.19 16.48
CA SER A 161 -1.98 7.32 17.41
C SER A 161 -2.29 8.61 16.67
N ASN A 162 -2.22 8.54 15.34
CA ASN A 162 -2.50 9.69 14.51
C ASN A 162 -3.35 9.28 13.32
N PRO A 163 -4.60 8.84 13.63
CA PRO A 163 -5.52 8.40 12.59
C PRO A 163 -6.09 9.61 11.82
N SER A 164 -7.07 10.25 12.43
CA SER A 164 -7.71 11.40 11.82
C SER A 164 -6.66 12.22 11.05
N GLU A 165 -5.58 12.54 11.74
CA GLU A 165 -4.51 13.31 11.14
C GLU A 165 -3.41 13.59 12.17
N ASP A 166 -2.27 14.04 11.67
CA ASP A 166 -1.14 14.35 12.52
C ASP A 166 -1.49 15.57 13.38
N SER A 167 -1.83 15.30 14.63
CA SER A 167 -2.19 16.37 15.56
C SER A 167 -2.25 15.81 16.99
N ASP A 168 -3.10 14.81 17.16
CA ASP A 168 -3.26 14.19 18.46
C ASP A 168 -1.95 13.54 18.89
N PRO A 169 -1.60 13.73 20.19
CA PRO A 169 -0.38 13.17 20.73
C PRO A 169 -0.51 11.67 20.95
N GLY A 170 -1.62 11.29 21.57
CA GLY A 170 -1.89 9.89 21.85
C GLY A 170 -2.54 9.71 23.22
N LYS A 171 -3.68 10.37 23.39
CA LYS A 171 -4.40 10.30 24.64
C LYS A 171 -5.75 9.62 24.40
N ARG A 172 -5.85 8.40 24.90
CA ARG A 172 -7.08 7.63 24.76
C ARG A 172 -7.37 6.83 26.03
N MET A 23 15.68 -2.14 2.20
CA MET A 23 15.82 -3.22 1.22
C MET A 23 14.69 -3.16 0.18
N ILE A 24 13.77 -2.23 0.40
CA ILE A 24 12.65 -2.06 -0.51
C ILE A 24 12.96 -0.92 -1.49
N ARG A 25 12.43 -1.06 -2.69
CA ARG A 25 12.64 -0.06 -3.72
C ARG A 25 11.53 0.98 -3.68
N ILE A 26 11.93 2.24 -3.52
CA ILE A 26 10.98 3.33 -3.46
C ILE A 26 11.20 4.26 -4.66
N LEU A 27 10.23 4.25 -5.57
CA LEU A 27 10.31 5.07 -6.76
C LEU A 27 9.05 5.93 -6.87
N GLY A 28 9.14 6.96 -7.68
CA GLY A 28 8.01 7.86 -7.88
C GLY A 28 8.06 9.02 -6.89
N GLU A 29 7.01 9.83 -6.93
CA GLU A 29 6.92 10.97 -6.04
C GLU A 29 5.50 11.10 -5.49
N GLY A 30 5.43 11.47 -4.21
CA GLY A 30 4.15 11.63 -3.54
C GLY A 30 4.21 11.14 -2.10
N LYS A 31 3.54 11.88 -1.23
CA LYS A 31 3.51 11.53 0.18
C LYS A 31 3.40 10.01 0.33
N GLY A 32 4.52 9.40 0.69
CA GLY A 32 4.57 7.96 0.87
C GLY A 32 6.01 7.46 0.90
N SER A 33 6.85 8.11 0.10
CA SER A 33 8.25 7.74 0.02
C SER A 33 8.88 7.76 1.41
N LYS A 34 8.68 8.89 2.08
CA LYS A 34 9.22 9.06 3.43
C LYS A 34 8.36 8.29 4.43
N LEU A 35 7.06 8.35 4.21
CA LEU A 35 6.12 7.66 5.08
C LEU A 35 6.56 6.21 5.25
N LEU A 36 7.18 5.69 4.20
CA LEU A 36 7.66 4.32 4.23
C LEU A 36 8.92 4.23 5.10
N GLU A 37 9.83 5.16 4.86
CA GLU A 37 11.06 5.20 5.62
C GLU A 37 10.78 5.19 7.12
N ASN A 38 9.54 5.55 7.44
CA ASN A 38 9.12 5.58 8.84
C ASN A 38 8.89 4.16 9.34
N LEU A 39 8.15 3.40 8.55
CA LEU A 39 7.84 2.03 8.89
C LEU A 39 8.43 1.10 7.82
N LYS A 40 9.63 1.44 7.39
CA LYS A 40 10.31 0.64 6.37
C LYS A 40 10.79 -0.67 6.99
N GLU A 41 11.59 -0.54 8.04
CA GLU A 41 12.13 -1.70 8.72
C GLU A 41 10.98 -2.57 9.25
N LYS A 42 9.92 -1.91 9.66
CA LYS A 42 8.76 -2.61 10.18
C LYS A 42 8.23 -3.59 9.12
N LEU A 43 8.25 -3.13 7.88
CA LEU A 43 7.78 -3.94 6.77
C LEU A 43 8.87 -4.96 6.41
N GLU A 44 10.11 -4.57 6.65
CA GLU A 44 11.24 -5.43 6.35
C GLU A 44 11.21 -6.67 7.25
N GLU A 45 10.49 -6.56 8.35
CA GLU A 45 10.38 -7.65 9.29
C GLU A 45 9.44 -8.72 8.74
N ILE A 46 8.25 -8.28 8.36
CA ILE A 46 7.24 -9.19 7.82
C ILE A 46 7.84 -9.96 6.64
N VAL A 47 8.56 -9.21 5.80
CA VAL A 47 9.18 -9.81 4.63
C VAL A 47 10.40 -10.65 5.08
N LYS A 48 11.15 -10.08 6.01
CA LYS A 48 12.32 -10.76 6.54
C LYS A 48 11.93 -12.15 7.02
N LYS A 49 10.93 -12.20 7.87
CA LYS A 49 10.45 -13.46 8.41
C LYS A 49 9.97 -14.35 7.27
N GLU A 50 9.13 -13.76 6.42
CA GLU A 50 8.58 -14.48 5.29
C GLU A 50 9.68 -15.27 4.58
N ILE A 51 10.68 -14.53 4.10
CA ILE A 51 11.79 -15.15 3.40
C ILE A 51 13.10 -14.47 3.83
N GLY A 52 13.17 -13.18 3.55
CA GLY A 52 14.35 -12.40 3.90
C GLY A 52 14.41 -11.11 3.08
N ASP A 53 14.52 -11.28 1.77
CA ASP A 53 14.59 -10.15 0.87
C ASP A 53 13.73 -10.42 -0.37
N VAL A 54 13.15 -9.35 -0.90
CA VAL A 54 12.31 -9.47 -2.08
C VAL A 54 12.56 -8.27 -3.00
N HIS A 55 11.58 -8.01 -3.86
CA HIS A 55 11.68 -6.90 -4.79
C HIS A 55 10.32 -6.22 -4.93
N VAL A 56 10.16 -5.14 -4.19
CA VAL A 56 8.91 -4.39 -4.22
C VAL A 56 9.21 -2.94 -4.60
N ASN A 57 8.93 -2.62 -5.85
CA ASN A 57 9.17 -1.27 -6.35
C ASN A 57 7.87 -0.47 -6.27
N VAL A 58 7.82 0.43 -5.30
CA VAL A 58 6.64 1.26 -5.10
C VAL A 58 6.77 2.53 -5.95
N ILE A 59 5.71 2.83 -6.68
CA ILE A 59 5.70 4.00 -7.54
C ILE A 59 4.65 4.99 -7.02
N LEU A 60 5.15 6.06 -6.42
CA LEU A 60 4.26 7.09 -5.87
C LEU A 60 3.86 8.06 -6.99
N VAL A 61 2.56 8.12 -7.23
CA VAL A 61 2.03 9.01 -8.26
C VAL A 61 0.71 9.62 -7.77
N SER A 62 0.57 10.91 -8.01
CA SER A 62 -0.63 11.63 -7.62
C SER A 62 -1.81 11.19 -8.48
N GLU A 63 -2.86 11.98 -8.43
CA GLU A 63 -4.07 11.68 -9.20
C GLU A 63 -3.82 11.98 -10.69
N ASP A 64 -3.34 13.18 -10.95
CA ASP A 64 -3.07 13.59 -12.31
C ASP A 64 -1.84 12.84 -12.83
N GLU A 65 -0.93 12.55 -11.92
CA GLU A 65 0.29 11.84 -12.26
C GLU A 65 -0.04 10.39 -12.63
N ILE A 66 -1.07 9.86 -12.00
CA ILE A 66 -1.50 8.49 -12.25
C ILE A 66 -2.49 8.48 -13.41
N LYS A 67 -3.21 9.59 -13.55
CA LYS A 67 -4.20 9.72 -14.61
C LYS A 67 -3.57 9.29 -15.94
N GLU A 68 -2.40 9.87 -16.21
CA GLU A 68 -1.69 9.56 -17.44
C GLU A 68 -0.95 8.23 -17.31
N LEU A 69 -0.22 8.09 -16.22
CA LEU A 69 0.53 6.87 -15.97
C LEU A 69 -0.35 5.65 -16.29
N ASN A 70 -1.63 5.80 -15.97
CA ASN A 70 -2.59 4.73 -16.21
C ASN A 70 -2.64 4.44 -17.72
N GLN A 71 -2.82 5.50 -18.49
CA GLN A 71 -2.88 5.36 -19.94
C GLN A 71 -1.51 5.05 -20.51
N GLN A 72 -0.49 5.43 -19.76
CA GLN A 72 0.89 5.19 -20.18
C GLN A 72 1.13 3.69 -20.36
N PHE A 73 0.25 2.90 -19.75
CA PHE A 73 0.36 1.45 -19.85
C PHE A 73 -0.99 0.83 -20.25
N ARG A 74 -2.02 1.19 -19.50
CA ARG A 74 -3.35 0.68 -19.76
C ARG A 74 -3.91 1.29 -21.05
N GLY A 75 -3.40 2.46 -21.38
CA GLY A 75 -3.83 3.16 -22.57
C GLY A 75 -5.18 3.84 -22.36
N GLN A 76 -5.70 3.68 -21.14
CA GLN A 76 -6.99 4.26 -20.79
C GLN A 76 -6.77 5.48 -19.88
N ASP A 77 -7.67 6.45 -20.03
CA ASP A 77 -7.59 7.66 -19.24
C ASP A 77 -8.64 7.60 -18.12
N ARG A 78 -8.17 7.20 -16.94
CA ARG A 78 -9.04 7.10 -15.79
C ARG A 78 -8.22 6.89 -14.52
N PRO A 79 -8.54 7.71 -13.48
CA PRO A 79 -7.84 7.62 -12.21
C PRO A 79 -8.29 6.39 -11.41
N THR A 80 -7.60 6.15 -10.32
CA THR A 80 -7.92 5.02 -9.46
C THR A 80 -7.22 5.16 -8.11
N ASP A 81 -7.57 4.26 -7.20
CA ASP A 81 -7.00 4.27 -5.87
C ASP A 81 -5.51 3.92 -5.97
N VAL A 82 -5.25 2.67 -6.30
CA VAL A 82 -3.88 2.20 -6.43
C VAL A 82 -3.76 1.34 -7.70
N LEU A 83 -2.68 1.59 -8.44
CA LEU A 83 -2.44 0.85 -9.66
C LEU A 83 -1.50 -0.33 -9.37
N THR A 84 -1.93 -1.50 -9.75
CA THR A 84 -1.15 -2.70 -9.54
C THR A 84 -0.50 -3.16 -10.85
N PHE A 85 0.74 -3.62 -10.73
CA PHE A 85 1.48 -4.08 -11.90
C PHE A 85 1.02 -5.48 -12.32
N PRO A 86 0.70 -5.62 -13.62
CA PRO A 86 0.24 -6.89 -14.15
C PRO A 86 1.41 -7.86 -14.32
N LEU A 87 1.44 -8.85 -13.43
CA LEU A 87 2.49 -9.85 -13.46
C LEU A 87 2.23 -10.89 -12.37
N MET A 88 1.11 -11.57 -12.49
CA MET A 88 0.73 -12.58 -11.53
C MET A 88 1.96 -13.23 -10.89
N GLU A 89 2.85 -13.72 -11.75
CA GLU A 89 4.06 -14.35 -11.30
C GLU A 89 3.82 -15.12 -10.00
N GLU A 90 4.87 -15.26 -9.21
CA GLU A 90 4.78 -15.96 -7.94
C GLU A 90 4.16 -15.05 -6.88
N ASP A 91 4.20 -13.76 -7.16
CA ASP A 91 3.66 -12.78 -6.22
C ASP A 91 3.58 -11.42 -6.92
N VAL A 92 4.75 -10.87 -7.21
CA VAL A 92 4.84 -9.58 -7.87
C VAL A 92 6.26 -9.35 -8.37
N TYR A 93 7.19 -9.25 -7.43
CA TYR A 93 8.58 -9.04 -7.77
C TYR A 93 8.72 -8.02 -8.90
N GLY A 94 7.85 -7.03 -8.88
CA GLY A 94 7.86 -5.99 -9.89
C GLY A 94 7.77 -4.61 -9.25
N GLU A 95 6.94 -3.76 -9.86
CA GLU A 95 6.76 -2.41 -9.37
C GLU A 95 5.28 -2.05 -9.35
N ILE A 96 4.78 -1.73 -8.17
CA ILE A 96 3.39 -1.37 -8.00
C ILE A 96 3.28 0.15 -7.81
N TYR A 97 2.23 0.72 -8.38
CA TYR A 97 2.01 2.15 -8.28
C TYR A 97 0.89 2.45 -7.27
N VAL A 98 1.19 3.36 -6.36
CA VAL A 98 0.22 3.75 -5.35
C VAL A 98 -0.02 5.26 -5.43
N CYS A 99 -1.22 5.65 -5.02
CA CYS A 99 -1.59 7.06 -5.05
C CYS A 99 -2.36 7.37 -3.77
N PRO A 100 -1.63 7.98 -2.80
CA PRO A 100 -2.23 8.34 -1.52
C PRO A 100 -3.12 9.57 -1.66
N LEU A 101 -3.18 10.08 -2.88
CA LEU A 101 -3.98 11.26 -3.16
C LEU A 101 -5.46 10.88 -3.09
N ILE A 102 -5.83 9.88 -3.89
CA ILE A 102 -7.20 9.42 -3.93
C ILE A 102 -7.50 8.59 -2.67
N VAL A 103 -6.53 7.75 -2.32
CA VAL A 103 -6.67 6.90 -1.14
C VAL A 103 -7.02 7.77 0.06
N GLU A 104 -6.18 8.75 0.32
CA GLU A 104 -6.38 9.64 1.44
C GLU A 104 -7.68 10.44 1.25
N GLU A 105 -7.83 10.98 0.05
CA GLU A 105 -9.01 11.76 -0.27
C GLU A 105 -10.28 10.96 0.03
N ASN A 106 -10.19 9.66 -0.23
CA ASN A 106 -11.32 8.77 0.00
C ASN A 106 -11.46 8.53 1.51
N ALA A 107 -10.31 8.46 2.17
CA ALA A 107 -10.30 8.22 3.61
C ALA A 107 -10.77 9.49 4.33
N ARG A 108 -10.53 10.62 3.69
CA ARG A 108 -10.92 11.89 4.26
C ARG A 108 -12.44 11.98 4.39
N GLU A 109 -13.12 11.36 3.44
CA GLU A 109 -14.57 11.35 3.43
C GLU A 109 -15.10 10.22 4.32
N PHE A 110 -14.23 9.24 4.54
CA PHE A 110 -14.60 8.10 5.36
C PHE A 110 -13.86 8.12 6.70
N ASN A 111 -13.24 9.26 6.98
CA ASN A 111 -12.50 9.43 8.21
C ASN A 111 -11.66 8.18 8.48
N ASN A 112 -11.30 7.51 7.40
CA ASN A 112 -10.49 6.30 7.49
C ASN A 112 -9.03 6.68 7.70
N THR A 113 -8.29 5.75 8.27
CA THR A 113 -6.88 5.96 8.53
C THR A 113 -6.09 5.98 7.22
N PHE A 114 -5.82 7.18 6.74
CA PHE A 114 -5.08 7.34 5.50
C PHE A 114 -3.79 6.53 5.52
N GLU A 115 -3.24 6.37 6.73
CA GLU A 115 -2.02 5.61 6.90
C GLU A 115 -2.28 4.11 6.72
N LYS A 116 -3.40 3.68 7.29
CA LYS A 116 -3.79 2.28 7.20
C LYS A 116 -4.10 1.92 5.76
N GLU A 117 -4.92 2.75 5.14
CA GLU A 117 -5.31 2.54 3.75
C GLU A 117 -4.07 2.40 2.88
N LEU A 118 -3.09 3.26 3.15
CA LEU A 118 -1.85 3.24 2.39
C LEU A 118 -1.01 2.03 2.81
N LEU A 119 -1.08 1.72 4.10
CA LEU A 119 -0.35 0.59 4.65
C LEU A 119 -0.75 -0.68 3.89
N GLU A 120 -1.98 -0.68 3.42
CA GLU A 120 -2.50 -1.83 2.69
C GLU A 120 -1.69 -2.05 1.41
N VAL A 121 -1.65 -1.01 0.59
CA VAL A 121 -0.93 -1.08 -0.66
C VAL A 121 0.55 -1.37 -0.38
N VAL A 122 0.98 -0.99 0.82
CA VAL A 122 2.36 -1.19 1.23
C VAL A 122 2.60 -2.69 1.44
N ILE A 123 1.79 -3.27 2.31
CA ILE A 123 1.91 -4.69 2.62
C ILE A 123 1.33 -5.50 1.45
N HIS A 124 0.58 -4.81 0.62
CA HIS A 124 -0.04 -5.46 -0.54
C HIS A 124 1.02 -6.24 -1.31
N GLY A 125 2.23 -5.71 -1.29
CA GLY A 125 3.34 -6.34 -1.99
C GLY A 125 3.91 -7.50 -1.17
N ILE A 126 4.18 -7.22 0.10
CA ILE A 126 4.73 -8.22 0.99
C ILE A 126 3.69 -9.33 1.20
N LEU A 127 2.51 -8.91 1.62
CA LEU A 127 1.43 -9.85 1.86
C LEU A 127 1.29 -10.78 0.66
N HIS A 128 1.70 -10.27 -0.50
CA HIS A 128 1.62 -11.04 -1.73
C HIS A 128 2.58 -12.22 -1.65
N LEU A 129 3.86 -11.89 -1.56
CA LEU A 129 4.90 -12.91 -1.48
C LEU A 129 4.82 -13.60 -0.11
N ALA A 130 4.11 -12.96 0.80
CA ALA A 130 3.95 -13.51 2.14
C ALA A 130 3.29 -14.88 2.05
N GLY A 131 2.69 -15.14 0.90
CA GLY A 131 2.03 -16.41 0.68
C GLY A 131 0.71 -16.48 1.45
N TYR A 132 -0.14 -15.49 1.22
CA TYR A 132 -1.43 -15.44 1.88
C TYR A 132 -2.24 -16.71 1.62
N ASP A 133 -2.20 -17.14 0.36
CA ASP A 133 -2.93 -18.33 -0.03
C ASP A 133 -2.66 -18.62 -1.51
N HIS A 134 -2.63 -19.90 -1.84
CA HIS A 134 -2.38 -20.32 -3.20
C HIS A 134 -3.52 -19.82 -4.10
N GLU A 135 -3.43 -18.55 -4.47
CA GLU A 135 -4.44 -17.96 -5.32
C GLU A 135 -5.79 -17.93 -4.60
N PHE A 136 -6.27 -16.72 -4.35
CA PHE A 136 -7.54 -16.54 -3.67
C PHE A 136 -8.66 -16.20 -4.67
N GLU A 137 -8.82 -17.06 -5.66
CA GLU A 137 -9.83 -16.86 -6.67
C GLU A 137 -9.41 -15.73 -7.62
N ASP A 138 -9.49 -14.51 -7.10
CA ASP A 138 -9.12 -13.34 -7.89
C ASP A 138 -9.10 -12.11 -6.98
N LYS A 139 -8.06 -12.06 -6.15
CA LYS A 139 -7.91 -10.94 -5.22
C LYS A 139 -8.73 -11.21 -3.96
N ASN A 140 -10.00 -11.52 -4.18
CA ASN A 140 -10.90 -11.81 -3.08
C ASN A 140 -11.17 -10.51 -2.29
N SER A 141 -10.11 -10.01 -1.69
CA SER A 141 -10.22 -8.78 -0.91
C SER A 141 -10.83 -9.08 0.46
N LYS A 142 -12.04 -9.62 0.42
CA LYS A 142 -12.74 -9.96 1.65
C LYS A 142 -11.81 -10.76 2.56
N GLU A 143 -11.25 -11.83 1.99
CA GLU A 143 -10.36 -12.69 2.73
C GLU A 143 -9.00 -12.00 2.92
N MET A 144 -8.46 -11.51 1.82
CA MET A 144 -7.18 -10.84 1.84
C MET A 144 -7.17 -9.71 2.89
N PHE A 145 -8.35 -9.16 3.12
CA PHE A 145 -8.49 -8.09 4.09
C PHE A 145 -7.92 -8.50 5.45
N GLU A 146 -8.32 -9.68 5.89
CA GLU A 146 -7.85 -10.20 7.17
C GLU A 146 -6.33 -10.35 7.16
N LYS A 147 -5.87 -11.21 6.25
CA LYS A 147 -4.43 -11.45 6.12
C LYS A 147 -3.71 -10.13 5.87
N GLN A 148 -4.43 -9.21 5.24
CA GLN A 148 -3.86 -7.91 4.94
C GLN A 148 -3.83 -7.03 6.19
N LYS A 149 -4.86 -7.20 7.01
CA LYS A 149 -4.95 -6.43 8.25
C LYS A 149 -3.98 -7.01 9.27
N LYS A 150 -3.54 -8.23 9.00
CA LYS A 150 -2.60 -8.90 9.89
C LYS A 150 -1.29 -8.10 9.94
N TYR A 151 -0.69 -7.94 8.78
CA TYR A 151 0.56 -7.21 8.68
C TYR A 151 0.34 -5.72 8.91
N VAL A 152 -0.78 -5.23 8.41
CA VAL A 152 -1.13 -3.83 8.55
C VAL A 152 -1.08 -3.45 10.03
N GLU A 153 -1.65 -4.33 10.85
CA GLU A 153 -1.68 -4.10 12.29
C GLU A 153 -0.26 -3.98 12.85
N GLU A 154 0.56 -4.96 12.49
CA GLU A 154 1.94 -4.99 12.94
C GLU A 154 2.65 -3.70 12.53
N VAL A 155 2.65 -3.44 11.24
CA VAL A 155 3.29 -2.25 10.70
C VAL A 155 2.62 -1.01 11.28
N TRP A 156 1.30 -1.02 11.24
CA TRP A 156 0.52 0.10 11.76
C TRP A 156 0.75 0.17 13.27
N GLY A 157 1.33 -0.90 13.80
CA GLY A 157 1.62 -0.97 15.22
C GLY A 157 2.36 0.29 15.70
N GLU A 158 3.07 0.90 14.76
CA GLU A 158 3.83 2.10 15.07
C GLU A 158 2.95 3.35 14.88
N TRP A 159 2.50 3.54 13.65
CA TRP A 159 1.66 4.68 13.33
C TRP A 159 0.43 4.63 14.24
N ARG A 160 0.17 3.44 14.78
CA ARG A 160 -0.96 3.26 15.67
C ARG A 160 -0.91 4.27 16.81
N SER A 161 0.31 4.63 17.19
CA SER A 161 0.50 5.59 18.26
C SER A 161 0.15 6.99 17.78
N ASN A 162 0.10 7.14 16.46
CA ASN A 162 -0.22 8.42 15.86
C ASN A 162 -1.26 8.21 14.75
N PRO A 163 -2.48 7.80 15.17
CA PRO A 163 -3.56 7.55 14.23
C PRO A 163 -4.15 8.87 13.73
N SER A 164 -5.10 9.39 14.49
CA SER A 164 -5.75 10.64 14.13
C SER A 164 -4.74 11.59 13.49
N GLU A 165 -5.14 12.17 12.37
CA GLU A 165 -4.28 13.10 11.65
C GLU A 165 -4.66 14.54 11.99
N ASP A 166 -5.66 14.67 12.86
CA ASP A 166 -6.13 15.99 13.27
C ASP A 166 -5.77 16.22 14.74
N SER A 167 -6.23 15.30 15.58
CA SER A 167 -5.98 15.39 17.01
C SER A 167 -7.00 16.31 17.66
N ASP A 168 -7.82 15.70 18.51
CA ASP A 168 -8.85 16.46 19.22
C ASP A 168 -9.08 15.83 20.59
N PRO A 169 -9.15 16.71 21.62
CA PRO A 169 -9.37 16.25 22.98
C PRO A 169 -10.83 15.84 23.20
N GLY A 170 -11.71 16.57 22.53
CA GLY A 170 -13.14 16.29 22.63
C GLY A 170 -13.96 17.57 22.43
N LYS A 171 -14.55 17.66 21.25
CA LYS A 171 -15.37 18.81 20.91
C LYS A 171 -14.54 20.09 21.08
N ARG A 172 -15.21 21.22 20.95
CA ARG A 172 -14.55 22.51 21.07
C ARG A 172 -13.40 22.62 20.07
N MET A 23 13.95 -4.89 1.15
CA MET A 23 13.22 -3.92 1.97
C MET A 23 12.23 -3.13 1.12
N ILE A 24 11.86 -1.97 1.64
CA ILE A 24 10.92 -1.10 0.94
C ILE A 24 11.69 -0.04 0.17
N ARG A 25 11.25 0.19 -1.06
CA ARG A 25 11.89 1.18 -1.92
C ARG A 25 10.88 2.23 -2.35
N ILE A 26 11.07 3.44 -1.85
CA ILE A 26 10.18 4.55 -2.19
C ILE A 26 10.68 5.21 -3.48
N LEU A 27 9.76 5.31 -4.44
CA LEU A 27 10.08 5.92 -5.72
C LEU A 27 8.91 6.78 -6.17
N GLY A 28 9.23 7.72 -7.05
CA GLY A 28 8.21 8.62 -7.58
C GLY A 28 8.10 9.88 -6.72
N GLU A 29 6.86 10.29 -6.47
CA GLU A 29 6.61 11.47 -5.68
C GLU A 29 5.12 11.57 -5.34
N GLY A 30 4.85 11.98 -4.11
CA GLY A 30 3.48 12.13 -3.65
C GLY A 30 3.33 11.69 -2.19
N LYS A 31 2.53 12.44 -1.45
CA LYS A 31 2.29 12.13 -0.05
C LYS A 31 2.15 10.61 0.12
N GLY A 32 3.20 10.02 0.68
CA GLY A 32 3.20 8.58 0.90
C GLY A 32 4.59 8.10 1.32
N SER A 33 5.60 8.79 0.81
CA SER A 33 6.97 8.44 1.11
C SER A 33 7.27 8.74 2.59
N LYS A 34 6.87 9.92 3.00
CA LYS A 34 7.09 10.34 4.38
C LYS A 34 6.23 9.49 5.31
N LEU A 35 5.08 9.08 4.80
CA LEU A 35 4.16 8.26 5.57
C LEU A 35 4.73 6.84 5.68
N LEU A 36 5.42 6.44 4.63
CA LEU A 36 6.02 5.11 4.58
C LEU A 36 7.23 5.06 5.52
N GLU A 37 8.12 6.02 5.33
CA GLU A 37 9.31 6.11 6.15
C GLU A 37 8.95 6.12 7.63
N ASN A 38 7.69 6.44 7.90
CA ASN A 38 7.20 6.48 9.27
C ASN A 38 6.98 5.06 9.77
N LEU A 39 6.27 4.28 8.95
CA LEU A 39 5.98 2.90 9.30
C LEU A 39 6.80 1.97 8.40
N LYS A 40 8.03 2.38 8.12
CA LYS A 40 8.91 1.60 7.28
C LYS A 40 9.44 0.40 8.07
N GLU A 41 10.10 0.71 9.18
CA GLU A 41 10.65 -0.33 10.04
C GLU A 41 9.56 -1.34 10.42
N LYS A 42 8.34 -0.84 10.50
CA LYS A 42 7.20 -1.68 10.86
C LYS A 42 6.97 -2.71 9.75
N LEU A 43 7.24 -2.28 8.52
CA LEU A 43 7.05 -3.15 7.37
C LEU A 43 8.28 -4.07 7.25
N GLU A 44 9.42 -3.54 7.67
CA GLU A 44 10.66 -4.30 7.61
C GLU A 44 10.55 -5.57 8.45
N GLU A 45 9.63 -5.53 9.40
CA GLU A 45 9.41 -6.67 10.28
C GLU A 45 8.73 -7.81 9.52
N ILE A 46 7.64 -7.47 8.85
CA ILE A 46 6.89 -8.45 8.09
C ILE A 46 7.73 -8.91 6.90
N VAL A 47 8.35 -7.94 6.24
CA VAL A 47 9.18 -8.23 5.09
C VAL A 47 10.33 -9.14 5.51
N LYS A 48 10.91 -8.82 6.66
CA LYS A 48 12.01 -9.61 7.18
C LYS A 48 11.50 -10.97 7.63
N LYS A 49 10.49 -10.94 8.48
CA LYS A 49 9.90 -12.17 8.99
C LYS A 49 9.69 -13.14 7.83
N GLU A 50 9.18 -12.61 6.73
CA GLU A 50 8.94 -13.42 5.55
C GLU A 50 10.21 -14.19 5.16
N ILE A 51 11.28 -13.43 5.02
CA ILE A 51 12.56 -14.01 4.65
C ILE A 51 13.69 -13.26 5.35
N GLY A 52 13.79 -11.97 5.04
CA GLY A 52 14.81 -11.13 5.63
C GLY A 52 15.19 -9.98 4.69
N ASP A 53 15.56 -10.35 3.48
CA ASP A 53 15.95 -9.36 2.49
C ASP A 53 15.03 -9.48 1.28
N VAL A 54 14.34 -8.39 0.99
CA VAL A 54 13.42 -8.36 -0.14
C VAL A 54 13.62 -7.05 -0.92
N HIS A 55 12.67 -6.77 -1.80
CA HIS A 55 12.71 -5.57 -2.60
C HIS A 55 11.30 -5.20 -3.06
N VAL A 56 10.81 -4.09 -2.51
CA VAL A 56 9.48 -3.62 -2.86
C VAL A 56 9.56 -2.17 -3.33
N ASN A 57 9.30 -1.98 -4.61
CA ASN A 57 9.35 -0.66 -5.20
C ASN A 57 7.94 -0.06 -5.22
N VAL A 58 7.81 1.10 -4.58
CA VAL A 58 6.53 1.78 -4.52
C VAL A 58 6.61 3.09 -5.30
N ILE A 59 5.65 3.27 -6.19
CA ILE A 59 5.60 4.47 -7.01
C ILE A 59 4.44 5.36 -6.53
N LEU A 60 4.82 6.50 -5.98
CA LEU A 60 3.83 7.44 -5.48
C LEU A 60 3.36 8.34 -6.63
N VAL A 61 2.10 8.18 -6.98
CA VAL A 61 1.51 8.96 -8.06
C VAL A 61 0.10 9.40 -7.65
N SER A 62 -0.20 10.65 -7.98
CA SER A 62 -1.51 11.21 -7.66
C SER A 62 -2.56 10.67 -8.63
N GLU A 63 -3.72 11.32 -8.64
CA GLU A 63 -4.80 10.92 -9.50
C GLU A 63 -4.48 11.27 -10.96
N ASP A 64 -4.12 12.52 -11.17
CA ASP A 64 -3.79 12.99 -12.50
C ASP A 64 -2.44 12.41 -12.92
N GLU A 65 -1.62 12.11 -11.92
CA GLU A 65 -0.30 11.56 -12.17
C GLU A 65 -0.42 10.09 -12.57
N ILE A 66 -1.43 9.43 -12.02
CA ILE A 66 -1.66 8.03 -12.31
C ILE A 66 -2.52 7.91 -13.57
N LYS A 67 -3.36 8.92 -13.77
CA LYS A 67 -4.24 8.95 -14.93
C LYS A 67 -3.43 8.61 -16.18
N GLU A 68 -2.30 9.28 -16.33
CA GLU A 68 -1.44 9.05 -17.48
C GLU A 68 -0.60 7.80 -17.27
N LEU A 69 0.03 7.73 -16.10
CA LEU A 69 0.87 6.59 -15.77
C LEU A 69 0.13 5.29 -16.13
N ASN A 70 -1.19 5.37 -16.05
CA ASN A 70 -2.02 4.21 -16.36
C ASN A 70 -1.87 3.88 -17.85
N GLN A 71 -2.17 4.86 -18.68
CA GLN A 71 -2.08 4.69 -20.12
C GLN A 71 -0.61 4.59 -20.55
N GLN A 72 0.25 5.16 -19.72
CA GLN A 72 1.67 5.16 -20.00
C GLN A 72 2.13 3.74 -20.37
N PHE A 73 1.38 2.76 -19.89
CA PHE A 73 1.70 1.37 -20.17
C PHE A 73 0.47 0.63 -20.69
N ARG A 74 -0.63 0.77 -19.96
CA ARG A 74 -1.86 0.11 -20.35
C ARG A 74 -2.45 0.78 -21.59
N GLY A 75 -2.05 2.02 -21.80
CA GLY A 75 -2.53 2.78 -22.94
C GLY A 75 -3.97 3.25 -22.72
N GLN A 76 -4.52 2.88 -21.57
CA GLN A 76 -5.88 3.25 -21.24
C GLN A 76 -5.87 4.47 -20.31
N ASP A 77 -6.74 5.41 -20.63
CA ASP A 77 -6.85 6.63 -19.84
C ASP A 77 -7.98 6.47 -18.81
N ARG A 78 -7.58 6.13 -17.59
CA ARG A 78 -8.54 5.94 -16.52
C ARG A 78 -7.81 5.70 -15.20
N PRO A 79 -8.28 6.43 -14.15
CA PRO A 79 -7.68 6.31 -12.82
C PRO A 79 -8.12 5.01 -12.15
N THR A 80 -7.47 4.71 -11.04
CA THR A 80 -7.77 3.50 -10.29
C THR A 80 -7.26 3.62 -8.85
N ASP A 81 -7.70 2.68 -8.02
CA ASP A 81 -7.30 2.67 -6.63
C ASP A 81 -5.78 2.54 -6.54
N VAL A 82 -5.29 1.37 -6.93
CA VAL A 82 -3.87 1.10 -6.91
C VAL A 82 -3.46 0.38 -8.19
N LEU A 83 -2.35 0.82 -8.76
CA LEU A 83 -1.85 0.23 -9.98
C LEU A 83 -0.79 -0.82 -9.65
N THR A 84 -0.96 -2.00 -10.24
CA THR A 84 -0.04 -3.10 -10.00
C THR A 84 0.83 -3.34 -11.24
N PHE A 85 2.04 -3.80 -11.00
CA PHE A 85 2.97 -4.07 -12.08
C PHE A 85 2.64 -5.41 -12.75
N PRO A 86 3.10 -5.55 -14.02
CA PRO A 86 2.86 -6.77 -14.78
C PRO A 86 3.78 -7.90 -14.30
N LEU A 87 3.17 -8.87 -13.63
CA LEU A 87 3.92 -10.00 -13.11
C LEU A 87 3.03 -10.79 -12.16
N MET A 88 2.45 -10.08 -11.21
CA MET A 88 1.58 -10.71 -10.23
C MET A 88 1.97 -12.17 -9.99
N GLU A 89 3.13 -12.34 -9.37
CA GLU A 89 3.64 -13.67 -9.08
C GLU A 89 3.74 -13.89 -7.57
N GLU A 90 4.24 -15.05 -7.20
CA GLU A 90 4.38 -15.39 -5.79
C GLU A 90 5.17 -14.30 -5.07
N ASP A 91 6.09 -13.69 -5.79
CA ASP A 91 6.91 -12.63 -5.22
C ASP A 91 7.04 -11.49 -6.23
N VAL A 92 6.05 -10.60 -6.21
CA VAL A 92 6.04 -9.47 -7.12
C VAL A 92 7.47 -8.94 -7.28
N TYR A 93 8.12 -8.73 -6.15
CA TYR A 93 9.49 -8.24 -6.15
C TYR A 93 9.70 -7.22 -7.28
N GLY A 94 8.63 -6.48 -7.57
CA GLY A 94 8.68 -5.48 -8.62
C GLY A 94 8.35 -4.09 -8.07
N GLU A 95 7.69 -3.29 -8.89
CA GLU A 95 7.31 -1.95 -8.50
C GLU A 95 5.79 -1.78 -8.59
N ILE A 96 5.20 -1.45 -7.45
CA ILE A 96 3.76 -1.25 -7.39
C ILE A 96 3.46 0.23 -7.23
N TYR A 97 2.50 0.70 -8.01
CA TYR A 97 2.11 2.10 -7.96
C TYR A 97 0.89 2.30 -7.06
N VAL A 98 0.92 3.38 -6.29
CA VAL A 98 -0.16 3.70 -5.39
C VAL A 98 -0.52 5.18 -5.52
N CYS A 99 -1.78 5.47 -5.24
CA CYS A 99 -2.26 6.85 -5.32
C CYS A 99 -3.25 7.08 -4.19
N PRO A 100 -2.78 7.81 -3.14
CA PRO A 100 -3.61 8.11 -1.99
C PRO A 100 -4.63 9.19 -2.33
N LEU A 101 -4.65 9.59 -3.59
CA LEU A 101 -5.57 10.61 -4.05
C LEU A 101 -6.97 10.01 -4.16
N ILE A 102 -7.05 8.91 -4.89
CA ILE A 102 -8.32 8.23 -5.09
C ILE A 102 -8.69 7.47 -3.81
N VAL A 103 -7.66 6.90 -3.20
CA VAL A 103 -7.87 6.14 -1.97
C VAL A 103 -8.47 7.05 -0.90
N GLU A 104 -7.77 8.13 -0.63
CA GLU A 104 -8.23 9.09 0.37
C GLU A 104 -9.60 9.64 -0.01
N GLU A 105 -9.72 10.04 -1.28
CA GLU A 105 -10.97 10.57 -1.78
C GLU A 105 -12.12 9.62 -1.48
N ASN A 106 -11.80 8.33 -1.48
CA ASN A 106 -12.80 7.31 -1.21
C ASN A 106 -13.02 7.22 0.30
N ALA A 107 -11.92 7.17 1.02
CA ALA A 107 -11.97 7.07 2.48
C ALA A 107 -12.71 8.28 3.03
N ARG A 108 -12.65 9.38 2.29
CA ARG A 108 -13.31 10.60 2.70
C ARG A 108 -14.83 10.38 2.79
N GLU A 109 -15.35 9.64 1.83
CA GLU A 109 -16.77 9.34 1.79
C GLU A 109 -17.08 8.14 2.68
N PHE A 110 -16.06 7.35 2.94
CA PHE A 110 -16.21 6.17 3.77
C PHE A 110 -15.59 6.39 5.15
N ASN A 111 -15.30 7.65 5.44
CA ASN A 111 -14.72 8.01 6.72
C ASN A 111 -13.72 6.93 7.15
N ASN A 112 -13.09 6.33 6.15
CA ASN A 112 -12.11 5.28 6.40
C ASN A 112 -10.75 5.91 6.65
N THR A 113 -9.90 5.17 7.35
CA THR A 113 -8.57 5.64 7.67
C THR A 113 -7.64 5.45 6.47
N PHE A 114 -7.48 6.52 5.71
CA PHE A 114 -6.61 6.48 4.54
C PHE A 114 -5.30 5.76 4.84
N GLU A 115 -4.88 5.86 6.09
CA GLU A 115 -3.65 5.23 6.53
C GLU A 115 -3.73 3.72 6.34
N LYS A 116 -4.84 3.15 6.80
CA LYS A 116 -5.06 1.72 6.68
C LYS A 116 -5.23 1.35 5.21
N GLU A 117 -6.03 2.16 4.52
CA GLU A 117 -6.28 1.93 3.11
C GLU A 117 -4.96 1.91 2.33
N LEU A 118 -4.08 2.84 2.69
CA LEU A 118 -2.80 2.93 2.03
C LEU A 118 -1.87 1.84 2.57
N LEU A 119 -2.00 1.58 3.86
CA LEU A 119 -1.18 0.56 4.50
C LEU A 119 -1.37 -0.77 3.78
N GLU A 120 -2.55 -0.94 3.21
CA GLU A 120 -2.87 -2.16 2.48
C GLU A 120 -2.00 -2.27 1.23
N VAL A 121 -2.07 -1.23 0.40
CA VAL A 121 -1.29 -1.21 -0.83
C VAL A 121 0.18 -1.42 -0.50
N VAL A 122 0.53 -1.08 0.74
CA VAL A 122 1.91 -1.23 1.19
C VAL A 122 2.22 -2.71 1.43
N ILE A 123 1.42 -3.30 2.31
CA ILE A 123 1.60 -4.71 2.64
C ILE A 123 1.22 -5.57 1.42
N HIS A 124 0.51 -4.93 0.50
CA HIS A 124 0.06 -5.61 -0.70
C HIS A 124 1.27 -6.28 -1.39
N GLY A 125 2.39 -5.58 -1.35
CA GLY A 125 3.61 -6.08 -1.95
C GLY A 125 4.29 -7.12 -1.04
N ILE A 126 4.35 -6.77 0.25
CA ILE A 126 4.97 -7.65 1.22
C ILE A 126 4.13 -8.92 1.36
N LEU A 127 2.85 -8.72 1.65
CA LEU A 127 1.93 -9.83 1.81
C LEU A 127 2.06 -10.76 0.59
N HIS A 128 2.27 -10.16 -0.56
CA HIS A 128 2.40 -10.91 -1.80
C HIS A 128 3.49 -11.97 -1.63
N LEU A 129 4.71 -11.50 -1.43
CA LEU A 129 5.83 -12.40 -1.25
C LEU A 129 5.58 -13.30 -0.05
N ALA A 130 4.84 -12.77 0.91
CA ALA A 130 4.51 -13.51 2.11
C ALA A 130 3.66 -14.73 1.74
N GLY A 131 2.92 -14.58 0.65
CA GLY A 131 2.06 -15.66 0.18
C GLY A 131 0.59 -15.37 0.52
N TYR A 132 -0.29 -15.79 -0.39
CA TYR A 132 -1.71 -15.59 -0.19
C TYR A 132 -2.52 -16.39 -1.21
N ASP A 133 -3.83 -16.16 -1.21
CA ASP A 133 -4.72 -16.85 -2.12
C ASP A 133 -4.20 -16.68 -3.56
N HIS A 134 -4.24 -17.78 -4.29
CA HIS A 134 -3.78 -17.77 -5.67
C HIS A 134 -4.54 -16.70 -6.46
N GLU A 135 -3.86 -15.60 -6.71
CA GLU A 135 -4.45 -14.49 -7.45
C GLU A 135 -5.67 -13.96 -6.71
N PHE A 136 -5.55 -12.71 -6.29
CA PHE A 136 -6.64 -12.06 -5.56
C PHE A 136 -7.04 -10.75 -6.23
N GLU A 137 -7.62 -10.88 -7.41
CA GLU A 137 -8.07 -9.72 -8.16
C GLU A 137 -9.34 -9.12 -7.54
N ASP A 138 -9.27 -7.84 -7.26
CA ASP A 138 -10.40 -7.14 -6.67
C ASP A 138 -10.51 -7.53 -5.19
N LYS A 139 -11.11 -6.63 -4.43
CA LYS A 139 -11.29 -6.86 -3.00
C LYS A 139 -12.66 -7.52 -2.76
N ASN A 140 -12.61 -8.77 -2.34
CA ASN A 140 -13.84 -9.51 -2.07
C ASN A 140 -13.54 -10.61 -1.05
N SER A 141 -12.60 -11.48 -1.40
CA SER A 141 -12.22 -12.58 -0.53
C SER A 141 -12.16 -12.08 0.92
N LYS A 142 -12.88 -12.79 1.78
CA LYS A 142 -12.91 -12.44 3.19
C LYS A 142 -11.64 -12.95 3.86
N GLU A 143 -11.31 -14.20 3.58
CA GLU A 143 -10.12 -14.81 4.15
C GLU A 143 -8.88 -14.00 3.79
N MET A 144 -8.86 -13.52 2.56
CA MET A 144 -7.74 -12.73 2.07
C MET A 144 -7.63 -11.41 2.85
N PHE A 145 -8.77 -10.76 3.01
CA PHE A 145 -8.81 -9.49 3.73
C PHE A 145 -8.17 -9.63 5.11
N GLU A 146 -8.40 -10.78 5.73
CA GLU A 146 -7.86 -11.05 7.04
C GLU A 146 -6.33 -11.04 7.00
N LYS A 147 -5.80 -11.60 5.93
CA LYS A 147 -4.36 -11.67 5.75
C LYS A 147 -3.77 -10.26 5.83
N GLN A 148 -4.28 -9.40 4.97
CA GLN A 148 -3.82 -8.01 4.93
C GLN A 148 -4.10 -7.33 6.27
N LYS A 149 -5.14 -7.80 6.94
CA LYS A 149 -5.53 -7.24 8.23
C LYS A 149 -4.45 -7.58 9.27
N LYS A 150 -3.87 -8.75 9.09
CA LYS A 150 -2.82 -9.21 10.00
C LYS A 150 -1.68 -8.20 10.01
N TYR A 151 -1.07 -8.02 8.85
CA TYR A 151 0.03 -7.09 8.70
C TYR A 151 -0.43 -5.65 8.96
N VAL A 152 -1.63 -5.36 8.48
CA VAL A 152 -2.21 -4.02 8.65
C VAL A 152 -2.20 -3.66 10.14
N GLU A 153 -2.81 -4.52 10.93
CA GLU A 153 -2.87 -4.30 12.36
C GLU A 153 -1.47 -4.27 12.96
N GLU A 154 -0.55 -4.93 12.27
CA GLU A 154 0.83 -4.98 12.73
C GLU A 154 1.56 -3.68 12.37
N VAL A 155 1.44 -3.29 11.11
CA VAL A 155 2.08 -2.07 10.63
C VAL A 155 1.31 -0.86 11.17
N TRP A 156 -0.01 -0.96 11.10
CA TRP A 156 -0.86 0.11 11.56
C TRP A 156 -0.72 0.21 13.09
N GLY A 157 -0.12 -0.83 13.66
CA GLY A 157 0.08 -0.87 15.10
C GLY A 157 0.72 0.42 15.60
N GLU A 158 1.44 1.08 14.70
CA GLU A 158 2.10 2.34 15.05
C GLU A 158 1.16 3.51 14.80
N TRP A 159 0.77 3.66 13.54
CA TRP A 159 -0.12 4.75 13.16
C TRP A 159 -1.38 4.66 14.04
N ARG A 160 -1.61 3.47 14.56
CA ARG A 160 -2.76 3.23 15.42
C ARG A 160 -2.83 4.29 16.51
N SER A 161 -1.70 4.46 17.20
CA SER A 161 -1.63 5.44 18.27
C SER A 161 -2.13 6.80 17.78
N ASN A 162 -2.10 6.97 16.47
CA ASN A 162 -2.54 8.21 15.86
C ASN A 162 -3.65 7.91 14.84
N PRO A 163 -4.86 7.63 15.40
CA PRO A 163 -6.01 7.33 14.55
C PRO A 163 -6.56 8.59 13.88
N SER A 164 -7.70 8.44 13.24
CA SER A 164 -8.34 9.56 12.56
C SER A 164 -7.48 10.00 11.37
N GLU A 165 -6.33 10.55 11.68
CA GLU A 165 -5.41 11.02 10.65
C GLU A 165 -4.13 11.55 11.29
N ASP A 166 -3.15 11.84 10.43
CA ASP A 166 -1.87 12.35 10.89
C ASP A 166 -2.06 13.77 11.42
N SER A 167 -1.98 13.89 12.73
CA SER A 167 -2.15 15.19 13.37
C SER A 167 -1.95 15.06 14.89
N ASP A 168 -1.66 16.19 15.52
CA ASP A 168 -1.45 16.20 16.95
C ASP A 168 -0.46 15.10 17.34
N PRO A 169 0.84 15.51 17.48
CA PRO A 169 1.87 14.58 17.84
C PRO A 169 1.80 14.20 19.32
N GLY A 170 0.68 13.58 19.69
CA GLY A 170 0.46 13.16 21.06
C GLY A 170 0.96 14.23 22.03
N LYS A 171 0.23 15.34 22.05
CA LYS A 171 0.57 16.46 22.93
C LYS A 171 -0.20 16.31 24.24
N ARG A 172 0.37 15.57 25.16
CA ARG A 172 -0.25 15.36 26.46
C ARG A 172 0.62 14.44 27.32
N MET A 23 14.73 -1.78 3.56
CA MET A 23 14.98 -2.76 2.52
C MET A 23 13.88 -2.74 1.46
N ILE A 24 13.15 -1.63 1.43
CA ILE A 24 12.07 -1.46 0.48
C ILE A 24 12.48 -0.42 -0.56
N ARG A 25 12.10 -0.70 -1.80
CA ARG A 25 12.42 0.20 -2.90
C ARG A 25 11.36 1.30 -3.00
N ILE A 26 11.81 2.53 -2.81
CA ILE A 26 10.92 3.68 -2.88
C ILE A 26 11.21 4.48 -4.15
N LEU A 27 10.23 4.51 -5.03
CA LEU A 27 10.37 5.24 -6.28
C LEU A 27 9.13 6.11 -6.51
N GLY A 28 9.27 7.06 -7.42
CA GLY A 28 8.17 7.95 -7.74
C GLY A 28 8.22 9.21 -6.88
N GLU A 29 7.15 9.99 -6.95
CA GLU A 29 7.06 11.22 -6.18
C GLU A 29 5.66 11.39 -5.60
N GLY A 30 5.62 11.80 -4.34
CA GLY A 30 4.35 12.00 -3.66
C GLY A 30 4.42 11.50 -2.21
N LYS A 31 3.81 12.28 -1.33
CA LYS A 31 3.79 11.93 0.08
C LYS A 31 3.63 10.42 0.22
N GLY A 32 4.69 9.79 0.72
CA GLY A 32 4.68 8.35 0.92
C GLY A 32 6.11 7.80 1.00
N SER A 33 7.03 8.53 0.38
CA SER A 33 8.42 8.12 0.38
C SER A 33 9.00 8.24 1.78
N LYS A 34 8.89 9.44 2.34
CA LYS A 34 9.39 9.70 3.68
C LYS A 34 8.45 9.08 4.70
N LEU A 35 7.18 8.97 4.31
CA LEU A 35 6.17 8.42 5.19
C LEU A 35 6.45 6.92 5.39
N LEU A 36 6.97 6.29 4.34
CA LEU A 36 7.28 4.88 4.38
C LEU A 36 8.53 4.67 5.25
N GLU A 37 9.52 5.53 5.02
CA GLU A 37 10.77 5.44 5.77
C GLU A 37 10.48 5.41 7.27
N ASN A 38 9.37 6.02 7.64
CA ASN A 38 8.97 6.07 9.04
C ASN A 38 8.77 4.65 9.56
N LEU A 39 8.00 3.88 8.81
CA LEU A 39 7.72 2.50 9.17
C LEU A 39 8.32 1.57 8.13
N LYS A 40 9.57 1.85 7.77
CA LYS A 40 10.26 1.04 6.78
C LYS A 40 10.58 -0.33 7.38
N GLU A 41 11.32 -0.30 8.48
CA GLU A 41 11.72 -1.53 9.15
C GLU A 41 10.47 -2.37 9.47
N LYS A 42 9.36 -1.67 9.66
CA LYS A 42 8.11 -2.33 9.98
C LYS A 42 7.82 -3.39 8.91
N LEU A 43 8.09 -3.02 7.67
CA LEU A 43 7.85 -3.92 6.55
C LEU A 43 9.02 -4.90 6.45
N GLU A 44 10.21 -4.41 6.74
CA GLU A 44 11.40 -5.23 6.68
C GLU A 44 11.21 -6.49 7.54
N GLU A 45 10.28 -6.40 8.47
CA GLU A 45 9.99 -7.52 9.36
C GLU A 45 9.21 -8.60 8.61
N ILE A 46 8.18 -8.16 7.90
CA ILE A 46 7.35 -9.08 7.13
C ILE A 46 8.08 -9.47 5.85
N VAL A 47 8.94 -8.57 5.40
CA VAL A 47 9.70 -8.79 4.18
C VAL A 47 10.69 -9.94 4.41
N LYS A 48 11.41 -9.84 5.53
CA LYS A 48 12.38 -10.86 5.88
C LYS A 48 11.67 -12.18 6.14
N LYS A 49 10.58 -12.10 6.90
CA LYS A 49 9.80 -13.28 7.22
C LYS A 49 9.28 -13.91 5.94
N GLU A 50 8.80 -13.06 5.04
CA GLU A 50 8.27 -13.51 3.77
C GLU A 50 9.22 -14.54 3.14
N ILE A 51 10.46 -14.12 2.97
CA ILE A 51 11.47 -14.99 2.39
C ILE A 51 12.83 -14.67 3.01
N GLY A 52 13.18 -13.40 2.98
CA GLY A 52 14.44 -12.95 3.54
C GLY A 52 15.16 -11.99 2.58
N ASP A 53 15.12 -12.35 1.30
CA ASP A 53 15.75 -11.54 0.28
C ASP A 53 14.71 -11.14 -0.78
N VAL A 54 14.30 -9.89 -0.71
CA VAL A 54 13.31 -9.38 -1.64
C VAL A 54 13.17 -7.86 -1.48
N HIS A 55 12.60 -7.23 -2.48
CA HIS A 55 12.40 -5.79 -2.46
C HIS A 55 11.20 -5.42 -3.31
N VAL A 56 10.37 -4.53 -2.76
CA VAL A 56 9.18 -4.09 -3.46
C VAL A 56 9.39 -2.66 -3.96
N ASN A 57 9.02 -2.44 -5.21
CA ASN A 57 9.16 -1.13 -5.82
C ASN A 57 7.82 -0.42 -5.80
N VAL A 58 7.73 0.58 -4.93
CA VAL A 58 6.51 1.36 -4.80
C VAL A 58 6.66 2.68 -5.55
N ILE A 59 5.68 2.97 -6.39
CA ILE A 59 5.70 4.20 -7.17
C ILE A 59 4.65 5.17 -6.61
N LEU A 60 5.15 6.25 -6.04
CA LEU A 60 4.28 7.26 -5.46
C LEU A 60 3.72 8.14 -6.58
N VAL A 61 2.40 8.13 -6.69
CA VAL A 61 1.73 8.91 -7.72
C VAL A 61 0.34 9.30 -7.22
N SER A 62 -0.01 10.57 -7.45
CA SER A 62 -1.30 11.08 -7.03
C SER A 62 -2.40 10.54 -7.96
N GLU A 63 -3.56 11.17 -7.88
CA GLU A 63 -4.69 10.76 -8.69
C GLU A 63 -4.49 11.20 -10.14
N ASP A 64 -3.97 12.42 -10.29
CA ASP A 64 -3.72 12.96 -11.62
C ASP A 64 -2.48 12.28 -12.21
N GLU A 65 -1.58 11.89 -11.33
CA GLU A 65 -0.36 11.23 -11.75
C GLU A 65 -0.63 9.77 -12.11
N ILE A 66 -1.48 9.15 -11.31
CA ILE A 66 -1.83 7.75 -11.52
C ILE A 66 -2.84 7.67 -12.67
N LYS A 67 -3.69 8.68 -12.76
CA LYS A 67 -4.69 8.73 -13.80
C LYS A 67 -4.04 8.48 -15.15
N GLU A 68 -2.93 9.17 -15.38
CA GLU A 68 -2.20 9.03 -16.62
C GLU A 68 -1.36 7.75 -16.61
N LEU A 69 -0.63 7.57 -15.52
CA LEU A 69 0.22 6.40 -15.36
C LEU A 69 -0.58 5.15 -15.72
N ASN A 70 -1.87 5.20 -15.41
CA ASN A 70 -2.75 4.07 -15.70
C ASN A 70 -2.87 3.92 -17.22
N GLN A 71 -3.20 5.02 -17.87
CA GLN A 71 -3.35 5.01 -19.32
C GLN A 71 -2.00 4.82 -20.00
N GLN A 72 -0.95 5.20 -19.28
CA GLN A 72 0.39 5.09 -19.79
C GLN A 72 0.70 3.63 -20.17
N PHE A 73 -0.06 2.73 -19.56
CA PHE A 73 0.11 1.31 -19.82
C PHE A 73 -1.23 0.66 -20.16
N ARG A 74 -2.20 0.88 -19.30
CA ARG A 74 -3.52 0.32 -19.49
C ARG A 74 -4.22 1.00 -20.67
N GLY A 75 -3.79 2.22 -20.96
CA GLY A 75 -4.35 2.97 -22.06
C GLY A 75 -5.69 3.61 -21.66
N GLN A 76 -6.09 3.33 -20.43
CA GLN A 76 -7.33 3.87 -19.91
C GLN A 76 -7.05 4.99 -18.90
N ASP A 77 -7.92 5.98 -18.91
CA ASP A 77 -7.78 7.11 -18.00
C ASP A 77 -8.76 6.97 -16.85
N ARG A 78 -8.28 6.37 -15.76
CA ARG A 78 -9.09 6.17 -14.59
C ARG A 78 -8.26 5.59 -13.45
N PRO A 79 -8.49 6.12 -12.22
CA PRO A 79 -7.76 5.66 -11.05
C PRO A 79 -8.29 4.30 -10.58
N THR A 80 -7.53 3.67 -9.71
CA THR A 80 -7.90 2.37 -9.17
C THR A 80 -7.47 2.25 -7.70
N ASP A 81 -7.12 3.40 -7.13
CA ASP A 81 -6.70 3.43 -5.73
C ASP A 81 -5.22 3.03 -5.65
N VAL A 82 -4.92 1.91 -6.28
CA VAL A 82 -3.55 1.40 -6.28
C VAL A 82 -3.34 0.51 -7.50
N LEU A 83 -2.26 0.79 -8.21
CA LEU A 83 -1.94 0.02 -9.40
C LEU A 83 -0.94 -1.09 -9.04
N THR A 84 -1.25 -2.29 -9.50
CA THR A 84 -0.39 -3.43 -9.24
C THR A 84 0.24 -3.95 -10.54
N PHE A 85 1.43 -4.53 -10.40
CA PHE A 85 2.13 -5.07 -11.55
C PHE A 85 1.70 -6.51 -11.84
N PRO A 86 1.52 -6.81 -13.14
CA PRO A 86 1.11 -8.13 -13.57
C PRO A 86 2.28 -9.12 -13.47
N LEU A 87 2.19 -10.00 -12.48
CA LEU A 87 3.22 -10.99 -12.27
C LEU A 87 2.80 -11.94 -11.14
N MET A 88 3.04 -13.22 -11.37
CA MET A 88 2.69 -14.23 -10.39
C MET A 88 3.83 -15.22 -10.18
N GLU A 89 4.76 -14.83 -9.30
CA GLU A 89 5.91 -15.68 -9.00
C GLU A 89 6.12 -15.76 -7.49
N GLU A 90 7.20 -16.45 -7.12
CA GLU A 90 7.52 -16.61 -5.71
C GLU A 90 8.61 -15.62 -5.30
N ASP A 91 8.32 -14.35 -5.51
CA ASP A 91 9.26 -13.29 -5.17
C ASP A 91 8.65 -11.94 -5.53
N VAL A 92 7.99 -11.91 -6.67
CA VAL A 92 7.35 -10.68 -7.14
C VAL A 92 8.44 -9.67 -7.50
N TYR A 93 9.12 -9.19 -6.47
CA TYR A 93 10.18 -8.21 -6.66
C TYR A 93 9.87 -7.30 -7.84
N GLY A 94 8.59 -6.95 -7.97
CA GLY A 94 8.16 -6.09 -9.05
C GLY A 94 7.96 -4.65 -8.56
N GLU A 95 7.21 -3.89 -9.33
CA GLU A 95 6.93 -2.51 -8.98
C GLU A 95 5.42 -2.25 -8.98
N ILE A 96 4.97 -1.61 -7.91
CA ILE A 96 3.56 -1.30 -7.76
C ILE A 96 3.39 0.19 -7.50
N TYR A 97 2.32 0.75 -8.06
CA TYR A 97 2.04 2.16 -7.89
C TYR A 97 0.91 2.38 -6.89
N VAL A 98 1.08 3.40 -6.06
CA VAL A 98 0.10 3.72 -5.04
C VAL A 98 -0.22 5.22 -5.11
N CYS A 99 -1.47 5.54 -4.81
CA CYS A 99 -1.92 6.92 -4.83
C CYS A 99 -2.78 7.17 -3.59
N PRO A 100 -2.17 7.84 -2.59
CA PRO A 100 -2.86 8.15 -1.35
C PRO A 100 -3.87 9.29 -1.55
N LEU A 101 -3.95 9.75 -2.79
CA LEU A 101 -4.85 10.83 -3.13
C LEU A 101 -6.29 10.35 -2.99
N ILE A 102 -6.61 9.31 -3.74
CA ILE A 102 -7.95 8.73 -3.71
C ILE A 102 -8.18 8.07 -2.36
N VAL A 103 -7.14 7.38 -1.88
CA VAL A 103 -7.22 6.69 -0.61
C VAL A 103 -7.70 7.68 0.47
N GLU A 104 -7.12 8.87 0.43
CA GLU A 104 -7.46 9.90 1.39
C GLU A 104 -8.97 10.17 1.35
N GLU A 105 -9.46 10.44 0.16
CA GLU A 105 -10.88 10.71 -0.02
C GLU A 105 -11.71 9.52 0.45
N ASN A 106 -11.19 8.33 0.21
CA ASN A 106 -11.88 7.12 0.61
C ASN A 106 -11.79 6.97 2.13
N ALA A 107 -10.67 7.41 2.67
CA ALA A 107 -10.44 7.32 4.11
C ALA A 107 -11.21 8.45 4.81
N ARG A 108 -11.38 9.54 4.06
CA ARG A 108 -12.08 10.69 4.60
C ARG A 108 -13.57 10.38 4.78
N GLU A 109 -14.09 9.58 3.85
CA GLU A 109 -15.50 9.19 3.90
C GLU A 109 -15.71 8.10 4.95
N PHE A 110 -14.60 7.46 5.32
CA PHE A 110 -14.66 6.40 6.32
C PHE A 110 -13.85 6.77 7.56
N ASN A 111 -13.40 8.02 7.58
CA ASN A 111 -12.62 8.52 8.70
C ASN A 111 -11.45 7.57 8.95
N ASN A 112 -11.11 6.80 7.93
CA ASN A 112 -10.02 5.86 8.02
C ASN A 112 -8.69 6.59 7.83
N THR A 113 -7.71 6.22 8.65
CA THR A 113 -6.40 6.84 8.57
C THR A 113 -5.69 6.43 7.28
N PHE A 114 -5.65 7.36 6.34
CA PHE A 114 -5.01 7.10 5.06
C PHE A 114 -3.74 6.28 5.24
N GLU A 115 -3.12 6.44 6.40
CA GLU A 115 -1.89 5.72 6.71
C GLU A 115 -2.15 4.21 6.67
N LYS A 116 -3.10 3.79 7.50
CA LYS A 116 -3.45 2.37 7.57
C LYS A 116 -3.77 1.86 6.15
N GLU A 117 -4.52 2.67 5.42
CA GLU A 117 -4.90 2.31 4.06
C GLU A 117 -3.69 2.42 3.13
N LEU A 118 -2.73 3.22 3.56
CA LEU A 118 -1.52 3.43 2.77
C LEU A 118 -0.63 2.18 2.88
N LEU A 119 -0.25 1.87 4.10
CA LEU A 119 0.59 0.72 4.36
C LEU A 119 -0.10 -0.54 3.84
N GLU A 120 -1.42 -0.49 3.84
CA GLU A 120 -2.22 -1.62 3.37
C GLU A 120 -1.82 -2.00 1.95
N VAL A 121 -1.51 -0.97 1.16
CA VAL A 121 -1.11 -1.17 -0.22
C VAL A 121 0.33 -1.70 -0.26
N VAL A 122 1.07 -1.36 0.77
CA VAL A 122 2.46 -1.78 0.88
C VAL A 122 2.50 -3.30 1.10
N ILE A 123 1.86 -3.73 2.16
CA ILE A 123 1.81 -5.15 2.50
C ILE A 123 1.12 -5.91 1.36
N HIS A 124 0.43 -5.16 0.52
CA HIS A 124 -0.29 -5.75 -0.59
C HIS A 124 0.66 -6.65 -1.39
N GLY A 125 1.90 -6.18 -1.53
CA GLY A 125 2.90 -6.93 -2.26
C GLY A 125 3.52 -8.02 -1.38
N ILE A 126 3.97 -7.61 -0.21
CA ILE A 126 4.57 -8.55 0.72
C ILE A 126 3.57 -9.66 1.05
N LEU A 127 2.41 -9.24 1.50
CA LEU A 127 1.35 -10.18 1.85
C LEU A 127 1.13 -11.14 0.68
N HIS A 128 1.10 -10.57 -0.51
CA HIS A 128 0.90 -11.36 -1.72
C HIS A 128 1.93 -12.48 -1.78
N LEU A 129 3.20 -12.08 -1.82
CA LEU A 129 4.29 -13.04 -1.89
C LEU A 129 4.27 -13.90 -0.63
N ALA A 130 3.66 -13.35 0.42
CA ALA A 130 3.57 -14.06 1.69
C ALA A 130 2.82 -15.37 1.48
N GLY A 131 1.96 -15.38 0.48
CA GLY A 131 1.18 -16.56 0.15
C GLY A 131 -0.16 -16.17 -0.50
N TYR A 132 -0.24 -16.48 -1.79
CA TYR A 132 -1.45 -16.17 -2.55
C TYR A 132 -1.33 -16.67 -3.99
N ASP A 133 -2.47 -16.75 -4.65
CA ASP A 133 -2.50 -17.20 -6.02
C ASP A 133 -3.54 -16.38 -6.81
N HIS A 134 -3.52 -16.56 -8.12
CA HIS A 134 -4.45 -15.85 -8.98
C HIS A 134 -5.88 -16.02 -8.46
N GLU A 135 -6.36 -15.01 -7.77
CA GLU A 135 -7.71 -15.04 -7.22
C GLU A 135 -8.03 -13.72 -6.53
N PHE A 136 -7.05 -13.21 -5.80
CA PHE A 136 -7.22 -11.95 -5.09
C PHE A 136 -6.88 -10.77 -5.98
N GLU A 137 -7.76 -10.51 -6.93
CA GLU A 137 -7.56 -9.40 -7.86
C GLU A 137 -8.65 -8.35 -7.69
N ASP A 138 -9.89 -8.85 -7.57
CA ASP A 138 -11.03 -7.96 -7.39
C ASP A 138 -10.81 -7.09 -6.15
N LYS A 139 -11.60 -6.04 -6.06
CA LYS A 139 -11.51 -5.12 -4.94
C LYS A 139 -12.51 -5.54 -3.85
N ASN A 140 -12.20 -6.67 -3.22
CA ASN A 140 -13.04 -7.20 -2.17
C ASN A 140 -12.17 -7.87 -1.10
N SER A 141 -11.48 -8.92 -1.52
CA SER A 141 -10.62 -9.66 -0.63
C SER A 141 -11.31 -9.85 0.72
N LYS A 142 -12.15 -10.88 0.78
CA LYS A 142 -12.89 -11.18 1.99
C LYS A 142 -11.99 -12.00 2.93
N GLU A 143 -11.49 -13.11 2.39
CA GLU A 143 -10.62 -13.99 3.16
C GLU A 143 -9.22 -13.39 3.25
N MET A 144 -8.76 -12.88 2.13
CA MET A 144 -7.43 -12.27 2.06
C MET A 144 -7.30 -11.13 3.08
N PHE A 145 -8.43 -10.50 3.36
CA PHE A 145 -8.45 -9.40 4.30
C PHE A 145 -7.78 -9.79 5.62
N GLU A 146 -8.12 -10.97 6.10
CA GLU A 146 -7.56 -11.47 7.34
C GLU A 146 -6.03 -11.50 7.26
N LYS A 147 -5.54 -12.20 6.25
CA LYS A 147 -4.11 -12.32 6.05
C LYS A 147 -3.52 -10.93 5.80
N GLN A 148 -4.32 -10.08 5.18
CA GLN A 148 -3.90 -8.72 4.87
C GLN A 148 -3.85 -7.89 6.15
N LYS A 149 -4.76 -8.20 7.06
CA LYS A 149 -4.83 -7.48 8.32
C LYS A 149 -3.67 -7.92 9.22
N LYS A 150 -3.23 -9.15 9.01
CA LYS A 150 -2.13 -9.70 9.78
C LYS A 150 -0.93 -8.76 9.69
N TYR A 151 -0.48 -8.54 8.47
CA TYR A 151 0.65 -7.66 8.24
C TYR A 151 0.30 -6.20 8.55
N VAL A 152 -0.90 -5.81 8.13
CA VAL A 152 -1.36 -4.46 8.37
C VAL A 152 -1.28 -4.15 9.86
N GLU A 153 -1.68 -5.13 10.66
CA GLU A 153 -1.66 -4.96 12.10
C GLU A 153 -0.22 -4.77 12.59
N GLU A 154 0.70 -5.46 11.93
CA GLU A 154 2.10 -5.37 12.28
C GLU A 154 2.68 -4.01 11.86
N VAL A 155 2.38 -3.64 10.62
CA VAL A 155 2.85 -2.38 10.08
C VAL A 155 2.10 -1.23 10.76
N TRP A 156 0.78 -1.30 10.68
CA TRP A 156 -0.06 -0.27 11.27
C TRP A 156 0.16 -0.30 12.78
N GLY A 157 0.78 -1.37 13.24
CA GLY A 157 1.06 -1.53 14.66
C GLY A 157 1.77 -0.29 15.21
N GLU A 158 2.54 0.35 14.34
CA GLU A 158 3.28 1.54 14.73
C GLU A 158 2.40 2.78 14.56
N TRP A 159 1.90 2.96 13.34
CA TRP A 159 1.06 4.10 13.03
C TRP A 159 -0.16 4.04 13.94
N ARG A 160 -0.42 2.85 14.46
CA ARG A 160 -1.55 2.65 15.35
C ARG A 160 -1.51 3.66 16.50
N SER A 161 -0.30 4.08 16.84
CA SER A 161 -0.12 5.04 17.91
C SER A 161 -0.44 6.45 17.41
N ASN A 162 -0.56 6.57 16.09
CA ASN A 162 -0.87 7.84 15.48
C ASN A 162 -1.93 7.65 14.39
N PRO A 163 -3.13 7.20 14.85
CA PRO A 163 -4.23 6.96 13.94
C PRO A 163 -4.86 8.28 13.48
N SER A 164 -5.13 9.13 14.46
CA SER A 164 -5.74 10.43 14.17
C SER A 164 -4.74 11.31 13.41
N GLU A 165 -3.51 11.30 13.89
CA GLU A 165 -2.45 12.08 13.27
C GLU A 165 -3.02 13.40 12.76
N ASP A 166 -2.87 14.44 13.59
CA ASP A 166 -3.36 15.76 13.23
C ASP A 166 -4.78 15.64 12.67
N SER A 167 -5.75 15.81 13.55
CA SER A 167 -7.15 15.73 13.17
C SER A 167 -8.04 16.14 14.34
N ASP A 168 -8.01 17.43 14.63
CA ASP A 168 -8.82 17.97 15.72
C ASP A 168 -9.46 19.28 15.27
N PRO A 169 -10.78 19.41 15.59
CA PRO A 169 -11.53 20.61 15.23
C PRO A 169 -11.15 21.78 16.13
N GLY A 170 -11.31 21.56 17.43
CA GLY A 170 -11.00 22.58 18.41
C GLY A 170 -11.87 22.43 19.66
N LYS A 171 -11.38 21.60 20.57
CA LYS A 171 -12.09 21.36 21.82
C LYS A 171 -11.29 20.39 22.68
N ARG A 172 -11.34 20.62 23.98
CA ARG A 172 -10.63 19.78 24.93
C ARG A 172 -9.26 19.39 24.36
N MET A 23 14.49 -1.51 3.64
CA MET A 23 14.70 -2.39 2.50
C MET A 23 13.54 -2.28 1.50
N ILE A 24 13.12 -1.05 1.26
CA ILE A 24 12.04 -0.80 0.33
C ILE A 24 12.46 0.26 -0.68
N ARG A 25 12.06 0.06 -1.92
CA ARG A 25 12.40 0.99 -2.98
C ARG A 25 11.26 1.98 -3.18
N ILE A 26 11.58 3.26 -2.98
CA ILE A 26 10.60 4.32 -3.14
C ILE A 26 10.96 5.16 -4.37
N LEU A 27 10.19 4.96 -5.43
CA LEU A 27 10.40 5.69 -6.66
C LEU A 27 9.15 6.50 -7.01
N GLY A 28 9.33 7.45 -7.91
CA GLY A 28 8.23 8.30 -8.33
C GLY A 28 8.13 9.55 -7.44
N GLU A 29 6.91 10.07 -7.34
CA GLU A 29 6.66 11.24 -6.53
C GLU A 29 5.19 11.31 -6.13
N GLY A 30 4.96 11.85 -4.94
CA GLY A 30 3.61 11.98 -4.44
C GLY A 30 3.57 11.76 -2.92
N LYS A 31 2.82 12.62 -2.25
CA LYS A 31 2.70 12.53 -0.80
C LYS A 31 2.56 11.06 -0.40
N GLY A 32 3.63 10.54 0.17
CA GLY A 32 3.65 9.15 0.62
C GLY A 32 5.08 8.64 0.78
N SER A 33 5.98 9.25 0.02
CA SER A 33 7.39 8.87 0.06
C SER A 33 7.90 8.96 1.50
N LYS A 34 7.72 10.14 2.08
CA LYS A 34 8.16 10.38 3.44
C LYS A 34 7.32 9.54 4.41
N LEU A 35 6.02 9.53 4.14
CA LEU A 35 5.10 8.76 4.98
C LEU A 35 5.58 7.32 5.07
N LEU A 36 6.25 6.88 4.01
CA LEU A 36 6.77 5.52 3.97
C LEU A 36 8.04 5.43 4.82
N GLU A 37 8.94 6.37 4.59
CA GLU A 37 10.19 6.40 5.33
C GLU A 37 9.91 6.35 6.83
N ASN A 38 8.69 6.70 7.20
CA ASN A 38 8.30 6.70 8.59
C ASN A 38 8.10 5.25 9.06
N LEU A 39 7.33 4.51 8.28
CA LEU A 39 7.06 3.11 8.59
C LEU A 39 7.73 2.22 7.55
N LYS A 40 8.94 2.60 7.19
CA LYS A 40 9.69 1.85 6.20
C LYS A 40 10.28 0.59 6.86
N GLU A 41 10.75 0.78 8.09
CA GLU A 41 11.34 -0.32 8.83
C GLU A 41 10.24 -1.23 9.39
N LYS A 42 9.05 -0.65 9.52
CA LYS A 42 7.91 -1.40 10.03
C LYS A 42 7.57 -2.52 9.07
N LEU A 43 7.74 -2.24 7.78
CA LEU A 43 7.46 -3.22 6.75
C LEU A 43 8.61 -4.21 6.65
N GLU A 44 9.79 -3.73 7.02
CA GLU A 44 10.99 -4.55 6.97
C GLU A 44 10.82 -5.77 7.89
N GLU A 45 9.87 -5.66 8.80
CA GLU A 45 9.60 -6.73 9.75
C GLU A 45 8.75 -7.82 9.08
N ILE A 46 7.62 -7.39 8.55
CA ILE A 46 6.71 -8.32 7.89
C ILE A 46 7.49 -9.13 6.84
N VAL A 47 8.23 -8.41 6.02
CA VAL A 47 9.02 -9.05 4.98
C VAL A 47 9.96 -10.06 5.62
N LYS A 48 10.48 -9.70 6.78
CA LYS A 48 11.40 -10.56 7.50
C LYS A 48 10.67 -11.85 7.89
N LYS A 49 9.51 -11.68 8.49
CA LYS A 49 8.71 -12.82 8.91
C LYS A 49 8.51 -13.77 7.72
N GLU A 50 8.21 -13.17 6.58
CA GLU A 50 8.00 -13.96 5.37
C GLU A 50 9.31 -14.58 4.90
N ILE A 51 10.26 -13.72 4.59
CA ILE A 51 11.56 -14.17 4.13
C ILE A 51 12.63 -13.15 4.53
N GLY A 52 12.38 -11.90 4.12
CA GLY A 52 13.30 -10.82 4.42
C GLY A 52 14.08 -10.41 3.17
N ASP A 53 14.13 -11.32 2.22
CA ASP A 53 14.83 -11.06 0.97
C ASP A 53 13.81 -10.75 -0.14
N VAL A 54 13.29 -9.54 -0.09
CA VAL A 54 12.32 -9.10 -1.07
C VAL A 54 12.63 -7.66 -1.50
N HIS A 55 11.89 -7.20 -2.49
CA HIS A 55 12.07 -5.85 -3.01
C HIS A 55 10.76 -5.36 -3.62
N VAL A 56 10.13 -4.43 -2.91
CA VAL A 56 8.88 -3.87 -3.38
C VAL A 56 9.10 -2.40 -3.77
N ASN A 57 9.12 -2.17 -5.08
CA ASN A 57 9.32 -0.83 -5.60
C ASN A 57 7.96 -0.16 -5.81
N VAL A 58 7.75 0.91 -5.06
CA VAL A 58 6.50 1.66 -5.15
C VAL A 58 6.72 2.91 -6.00
N ILE A 59 5.78 3.15 -6.89
CA ILE A 59 5.84 4.32 -7.76
C ILE A 59 4.72 5.29 -7.40
N LEU A 60 5.12 6.39 -6.78
CA LEU A 60 4.16 7.40 -6.37
C LEU A 60 3.82 8.28 -7.58
N VAL A 61 2.54 8.29 -7.91
CA VAL A 61 2.06 9.08 -9.04
C VAL A 61 0.68 9.65 -8.71
N SER A 62 0.48 10.89 -9.11
CA SER A 62 -0.78 11.57 -8.87
C SER A 62 -1.86 10.99 -9.79
N GLU A 63 -2.99 11.70 -9.85
CA GLU A 63 -4.09 11.27 -10.69
C GLU A 63 -3.79 11.56 -12.16
N ASP A 64 -3.20 12.72 -12.39
CA ASP A 64 -2.85 13.12 -13.74
C ASP A 64 -1.63 12.33 -14.21
N GLU A 65 -0.81 11.95 -13.25
CA GLU A 65 0.39 11.19 -13.53
C GLU A 65 0.06 9.72 -13.72
N ILE A 66 -0.86 9.24 -12.88
CA ILE A 66 -1.27 7.85 -12.95
C ILE A 66 -2.13 7.63 -14.19
N LYS A 67 -3.09 8.52 -14.37
CA LYS A 67 -3.99 8.45 -15.50
C LYS A 67 -3.16 8.24 -16.78
N GLU A 68 -2.14 9.06 -16.92
CA GLU A 68 -1.26 8.99 -18.08
C GLU A 68 -0.36 7.76 -17.98
N LEU A 69 0.28 7.62 -16.84
CA LEU A 69 1.18 6.49 -16.60
C LEU A 69 0.47 5.20 -17.00
N ASN A 70 -0.79 5.11 -16.60
CA ASN A 70 -1.58 3.93 -16.91
C ASN A 70 -1.50 3.64 -18.40
N GLN A 71 -1.54 4.70 -19.18
CA GLN A 71 -1.46 4.57 -20.63
C GLN A 71 -0.01 4.43 -21.08
N GLN A 72 0.89 4.94 -20.26
CA GLN A 72 2.31 4.86 -20.55
C GLN A 72 2.75 3.42 -20.68
N PHE A 73 1.96 2.54 -20.09
CA PHE A 73 2.27 1.11 -20.13
C PHE A 73 1.04 0.30 -20.58
N ARG A 74 -0.07 0.55 -19.90
CA ARG A 74 -1.31 -0.14 -20.23
C ARG A 74 -1.85 0.35 -21.57
N GLY A 75 -1.49 1.57 -21.91
CA GLY A 75 -1.94 2.17 -23.17
C GLY A 75 -3.34 2.76 -23.02
N GLN A 76 -3.95 2.49 -21.87
CA GLN A 76 -5.28 2.98 -21.59
C GLN A 76 -5.22 4.28 -20.80
N ASP A 77 -6.11 5.20 -21.15
CA ASP A 77 -6.16 6.49 -20.48
C ASP A 77 -7.27 6.47 -19.43
N ARG A 78 -6.88 6.17 -18.20
CA ARG A 78 -7.83 6.12 -17.10
C ARG A 78 -7.11 5.91 -15.78
N PRO A 79 -7.33 6.87 -14.84
CA PRO A 79 -6.71 6.80 -13.53
C PRO A 79 -7.37 5.73 -12.66
N THR A 80 -6.76 5.48 -11.51
CA THR A 80 -7.28 4.48 -10.58
C THR A 80 -6.66 4.68 -9.19
N ASP A 81 -7.20 3.94 -8.24
CA ASP A 81 -6.72 4.03 -6.87
C ASP A 81 -5.23 3.68 -6.83
N VAL A 82 -4.95 2.39 -7.00
CA VAL A 82 -3.58 1.92 -7.00
C VAL A 82 -3.36 1.00 -8.20
N LEU A 83 -2.19 1.14 -8.81
CA LEU A 83 -1.84 0.32 -9.96
C LEU A 83 -0.91 -0.81 -9.52
N THR A 84 -1.25 -2.01 -9.94
CA THR A 84 -0.47 -3.18 -9.60
C THR A 84 0.33 -3.66 -10.81
N PHE A 85 1.59 -3.98 -10.56
CA PHE A 85 2.48 -4.45 -11.62
C PHE A 85 2.21 -5.92 -11.94
N PRO A 86 2.11 -6.21 -13.27
CA PRO A 86 1.85 -7.55 -13.73
C PRO A 86 3.11 -8.43 -13.60
N LEU A 87 3.05 -9.36 -12.66
CA LEU A 87 4.18 -10.25 -12.42
C LEU A 87 3.75 -11.34 -11.43
N MET A 88 2.48 -11.73 -11.53
CA MET A 88 1.94 -12.75 -10.66
C MET A 88 2.94 -13.90 -10.48
N GLU A 89 3.68 -13.82 -9.38
CA GLU A 89 4.67 -14.85 -9.08
C GLU A 89 4.47 -15.39 -7.67
N GLU A 90 5.38 -16.26 -7.26
CA GLU A 90 5.32 -16.85 -5.94
C GLU A 90 5.50 -15.77 -4.86
N ASP A 91 6.39 -14.83 -5.15
CA ASP A 91 6.67 -13.75 -4.23
C ASP A 91 6.91 -12.45 -5.01
N VAL A 92 5.81 -11.76 -5.28
CA VAL A 92 5.89 -10.51 -6.02
C VAL A 92 7.06 -9.68 -5.49
N TYR A 93 7.83 -9.14 -6.44
CA TYR A 93 8.98 -8.33 -6.08
C TYR A 93 9.36 -7.37 -7.22
N GLY A 94 8.32 -6.85 -7.86
CA GLY A 94 8.53 -5.92 -8.97
C GLY A 94 8.35 -4.47 -8.51
N GLU A 95 7.66 -3.70 -9.35
CA GLU A 95 7.42 -2.30 -9.03
C GLU A 95 5.95 -1.96 -9.23
N ILE A 96 5.29 -1.64 -8.12
CA ILE A 96 3.89 -1.29 -8.14
C ILE A 96 3.73 0.23 -8.04
N TYR A 97 2.64 0.72 -8.59
CA TYR A 97 2.36 2.15 -8.56
C TYR A 97 1.14 2.46 -7.69
N VAL A 98 1.30 3.48 -6.87
CA VAL A 98 0.23 3.89 -5.96
C VAL A 98 -0.05 5.38 -6.15
N CYS A 99 -1.27 5.77 -5.83
CA CYS A 99 -1.68 7.16 -5.96
C CYS A 99 -2.59 7.50 -4.77
N PRO A 100 -1.97 8.15 -3.75
CA PRO A 100 -2.70 8.54 -2.56
C PRO A 100 -3.58 9.75 -2.83
N LEU A 101 -3.53 10.22 -4.08
CA LEU A 101 -4.32 11.37 -4.48
C LEU A 101 -5.79 10.98 -4.54
N ILE A 102 -6.07 9.97 -5.35
CA ILE A 102 -7.45 9.48 -5.50
C ILE A 102 -7.88 8.79 -4.21
N VAL A 103 -6.96 8.03 -3.63
CA VAL A 103 -7.24 7.31 -2.40
C VAL A 103 -7.77 8.30 -1.36
N GLU A 104 -7.03 9.39 -1.18
CA GLU A 104 -7.42 10.40 -0.22
C GLU A 104 -8.75 11.03 -0.62
N GLU A 105 -8.90 11.28 -1.91
CA GLU A 105 -10.11 11.88 -2.43
C GLU A 105 -11.32 11.02 -2.05
N ASN A 106 -11.19 9.73 -2.31
CA ASN A 106 -12.27 8.79 -2.00
C ASN A 106 -12.41 8.67 -0.48
N ALA A 107 -11.30 8.87 0.20
CA ALA A 107 -11.28 8.80 1.65
C ALA A 107 -11.89 10.07 2.25
N ARG A 108 -11.78 11.15 1.48
CA ARG A 108 -12.32 12.42 1.92
C ARG A 108 -13.84 12.33 2.06
N GLU A 109 -14.47 11.86 0.99
CA GLU A 109 -15.92 11.72 0.98
C GLU A 109 -16.35 10.56 1.88
N PHE A 110 -15.53 9.52 1.88
CA PHE A 110 -15.82 8.34 2.68
C PHE A 110 -15.15 8.45 4.06
N ASN A 111 -14.67 9.64 4.35
CA ASN A 111 -14.01 9.89 5.62
C ASN A 111 -13.16 8.68 5.99
N ASN A 112 -12.56 8.07 4.97
CA ASN A 112 -11.72 6.90 5.17
C ASN A 112 -10.34 7.35 5.64
N THR A 113 -9.65 6.44 6.32
CA THR A 113 -8.33 6.73 6.83
C THR A 113 -7.31 6.72 5.68
N PHE A 114 -7.00 7.90 5.19
CA PHE A 114 -6.05 8.04 4.10
C PHE A 114 -4.73 7.33 4.43
N GLU A 115 -4.45 7.25 5.72
CA GLU A 115 -3.24 6.60 6.18
C GLU A 115 -3.34 5.09 6.01
N LYS A 116 -4.37 4.53 6.63
CA LYS A 116 -4.60 3.10 6.55
C LYS A 116 -4.76 2.68 5.08
N GLU A 117 -5.44 3.54 4.33
CA GLU A 117 -5.66 3.28 2.92
C GLU A 117 -4.33 3.11 2.20
N LEU A 118 -3.46 4.10 2.39
CA LEU A 118 -2.15 4.08 1.75
C LEU A 118 -1.31 2.96 2.38
N LEU A 119 -1.62 2.66 3.62
CA LEU A 119 -0.90 1.61 4.35
C LEU A 119 -1.23 0.25 3.73
N GLU A 120 -2.42 0.18 3.16
CA GLU A 120 -2.86 -1.05 2.54
C GLU A 120 -2.02 -1.37 1.30
N VAL A 121 -1.97 -0.40 0.39
CA VAL A 121 -1.20 -0.55 -0.83
C VAL A 121 0.27 -0.81 -0.47
N VAL A 122 0.65 -0.32 0.69
CA VAL A 122 2.02 -0.49 1.16
C VAL A 122 2.29 -1.98 1.39
N ILE A 123 1.47 -2.57 2.26
CA ILE A 123 1.61 -3.98 2.58
C ILE A 123 1.01 -4.82 1.45
N HIS A 124 0.23 -4.15 0.62
CA HIS A 124 -0.41 -4.83 -0.51
C HIS A 124 0.63 -5.60 -1.30
N GLY A 125 1.87 -5.10 -1.25
CA GLY A 125 2.96 -5.74 -1.95
C GLY A 125 3.53 -6.91 -1.15
N ILE A 126 3.86 -6.61 0.10
CA ILE A 126 4.41 -7.63 0.99
C ILE A 126 3.34 -8.68 1.28
N LEU A 127 2.20 -8.20 1.76
CA LEU A 127 1.10 -9.08 2.08
C LEU A 127 0.86 -10.04 0.92
N HIS A 128 1.22 -9.59 -0.26
CA HIS A 128 1.05 -10.40 -1.47
C HIS A 128 2.03 -11.58 -1.43
N LEU A 129 3.29 -11.26 -1.19
CA LEU A 129 4.32 -12.28 -1.13
C LEU A 129 4.33 -12.91 0.27
N ALA A 130 3.38 -12.47 1.08
CA ALA A 130 3.26 -12.98 2.44
C ALA A 130 2.68 -14.39 2.39
N GLY A 131 1.91 -14.66 1.35
CA GLY A 131 1.29 -15.95 1.18
C GLY A 131 0.52 -16.03 -0.14
N TYR A 132 -0.50 -16.88 -0.15
CA TYR A 132 -1.32 -17.06 -1.33
C TYR A 132 -0.53 -17.72 -2.46
N ASP A 133 -1.26 -18.28 -3.41
CA ASP A 133 -0.64 -18.95 -4.54
C ASP A 133 -1.72 -19.36 -5.54
N HIS A 134 -2.76 -20.00 -5.01
CA HIS A 134 -3.85 -20.45 -5.84
C HIS A 134 -5.07 -19.55 -5.62
N GLU A 135 -5.00 -18.37 -6.24
CA GLU A 135 -6.08 -17.41 -6.12
C GLU A 135 -6.23 -16.95 -4.66
N PHE A 136 -6.37 -15.65 -4.50
CA PHE A 136 -6.52 -15.07 -3.17
C PHE A 136 -7.86 -14.34 -3.04
N GLU A 137 -8.66 -14.44 -4.09
CA GLU A 137 -9.97 -13.81 -4.10
C GLU A 137 -11.05 -14.82 -4.45
N ASP A 138 -12.27 -14.49 -4.04
CA ASP A 138 -13.40 -15.37 -4.29
C ASP A 138 -14.66 -14.78 -3.64
N LYS A 139 -15.40 -14.04 -4.45
CA LYS A 139 -16.62 -13.41 -3.97
C LYS A 139 -16.27 -12.35 -2.92
N ASN A 140 -15.92 -12.84 -1.73
CA ASN A 140 -15.56 -11.94 -0.64
C ASN A 140 -14.08 -12.17 -0.28
N SER A 141 -13.38 -11.06 -0.09
CA SER A 141 -11.97 -11.11 0.25
C SER A 141 -11.80 -10.89 1.76
N LYS A 142 -12.12 -11.92 2.51
CA LYS A 142 -12.01 -11.86 3.96
C LYS A 142 -10.56 -12.12 4.37
N GLU A 143 -10.03 -13.25 3.90
CA GLU A 143 -8.66 -13.63 4.20
C GLU A 143 -7.70 -12.58 3.66
N MET A 144 -8.02 -12.06 2.48
CA MET A 144 -7.19 -11.06 1.85
C MET A 144 -7.08 -9.81 2.73
N PHE A 145 -8.23 -9.31 3.15
CA PHE A 145 -8.28 -8.13 3.99
C PHE A 145 -7.82 -8.44 5.41
N GLU A 146 -8.05 -9.69 5.81
CA GLU A 146 -7.65 -10.13 7.14
C GLU A 146 -6.13 -10.16 7.27
N LYS A 147 -5.51 -10.99 6.44
CA LYS A 147 -4.07 -11.12 6.46
C LYS A 147 -3.44 -9.75 6.16
N GLN A 148 -4.20 -8.92 5.47
CA GLN A 148 -3.74 -7.59 5.10
C GLN A 148 -3.82 -6.66 6.31
N LYS A 149 -4.88 -6.82 7.08
CA LYS A 149 -5.08 -6.00 8.26
C LYS A 149 -4.05 -6.38 9.33
N LYS A 150 -3.58 -7.62 9.23
CA LYS A 150 -2.60 -8.11 10.18
C LYS A 150 -1.39 -7.18 10.18
N TYR A 151 -0.81 -7.02 9.00
CA TYR A 151 0.36 -6.15 8.85
C TYR A 151 -0.03 -4.68 8.96
N VAL A 152 -1.17 -4.36 8.35
CA VAL A 152 -1.66 -3.00 8.36
C VAL A 152 -1.80 -2.52 9.82
N GLU A 153 -2.33 -3.41 10.65
CA GLU A 153 -2.51 -3.10 12.05
C GLU A 153 -1.16 -2.97 12.76
N GLU A 154 -0.23 -3.82 12.34
CA GLU A 154 1.10 -3.82 12.92
C GLU A 154 1.86 -2.57 12.48
N VAL A 155 1.69 -2.23 11.21
CA VAL A 155 2.36 -1.06 10.65
C VAL A 155 1.61 0.20 11.08
N TRP A 156 0.29 0.09 11.08
CA TRP A 156 -0.56 1.21 11.45
C TRP A 156 -0.52 1.33 12.97
N GLY A 157 -0.01 0.29 13.61
CA GLY A 157 0.09 0.27 15.06
C GLY A 157 0.76 1.55 15.59
N GLU A 158 1.66 2.08 14.77
CA GLU A 158 2.38 3.28 15.14
C GLU A 158 1.58 4.52 14.72
N TRP A 159 1.29 4.60 13.44
CA TRP A 159 0.53 5.72 12.90
C TRP A 159 -0.79 5.81 13.67
N ARG A 160 -1.15 4.69 14.27
CA ARG A 160 -2.39 4.64 15.04
C ARG A 160 -2.49 5.83 15.99
N SER A 161 -1.33 6.23 16.51
CA SER A 161 -1.27 7.35 17.43
C SER A 161 -1.82 8.60 16.75
N ASN A 162 -1.92 8.54 15.43
CA ASN A 162 -2.42 9.66 14.66
C ASN A 162 -3.72 9.26 13.96
N PRO A 163 -4.84 9.37 14.72
CA PRO A 163 -6.15 9.02 14.17
C PRO A 163 -6.64 10.09 13.20
N SER A 164 -7.94 10.05 12.95
CA SER A 164 -8.56 11.02 12.05
C SER A 164 -7.92 12.39 12.23
N GLU A 165 -7.88 12.83 13.47
CA GLU A 165 -7.29 14.13 13.78
C GLU A 165 -6.75 14.13 15.22
N ASP A 166 -5.83 15.05 15.47
CA ASP A 166 -5.23 15.17 16.78
C ASP A 166 -6.31 14.99 17.85
N SER A 167 -5.94 14.31 18.92
CA SER A 167 -6.86 14.07 20.02
C SER A 167 -6.18 13.22 21.10
N ASP A 168 -6.14 13.78 22.30
CA ASP A 168 -5.52 13.09 23.42
C ASP A 168 -4.05 12.81 23.10
N PRO A 169 -3.23 12.77 24.18
CA PRO A 169 -1.80 12.52 24.03
C PRO A 169 -1.54 11.04 23.72
N GLY A 170 -2.19 10.18 24.49
CA GLY A 170 -2.04 8.75 24.30
C GLY A 170 -1.96 8.04 25.65
N LYS A 171 -2.86 8.43 26.55
CA LYS A 171 -2.91 7.84 27.88
C LYS A 171 -1.73 8.36 28.71
N ARG A 172 -2.02 8.68 29.96
CA ARG A 172 -1.01 9.18 30.86
C ARG A 172 -0.64 8.13 31.90
N MET A 23 14.86 -1.36 3.56
CA MET A 23 15.24 -2.26 2.48
C MET A 23 14.13 -2.35 1.43
N ILE A 24 13.43 -1.24 1.26
CA ILE A 24 12.35 -1.17 0.29
C ILE A 24 12.73 -0.22 -0.84
N ARG A 25 12.10 -0.42 -1.98
CA ARG A 25 12.37 0.41 -3.15
C ARG A 25 11.34 1.54 -3.24
N ILE A 26 11.81 2.75 -2.99
CA ILE A 26 10.95 3.93 -3.05
C ILE A 26 11.22 4.69 -4.34
N LEU A 27 10.27 4.59 -5.26
CA LEU A 27 10.39 5.26 -6.54
C LEU A 27 9.12 6.08 -6.80
N GLY A 28 9.22 6.99 -7.76
CA GLY A 28 8.09 7.83 -8.12
C GLY A 28 8.06 9.09 -7.25
N GLU A 29 8.29 8.88 -5.96
CA GLU A 29 8.29 9.98 -5.01
C GLU A 29 6.91 10.66 -5.00
N GLY A 30 6.53 11.12 -3.81
CA GLY A 30 5.25 11.79 -3.65
C GLY A 30 4.71 11.58 -2.23
N LYS A 31 3.74 12.42 -1.89
CA LYS A 31 3.13 12.34 -0.57
C LYS A 31 2.95 10.87 -0.18
N GLY A 32 3.80 10.42 0.72
CA GLY A 32 3.74 9.04 1.18
C GLY A 32 5.14 8.45 1.30
N SER A 33 6.05 8.98 0.50
CA SER A 33 7.43 8.52 0.50
C SER A 33 8.02 8.62 1.91
N LYS A 34 7.84 9.80 2.49
CA LYS A 34 8.35 10.05 3.83
C LYS A 34 7.51 9.28 4.84
N LEU A 35 6.23 9.09 4.50
CA LEU A 35 5.32 8.37 5.35
C LEU A 35 5.77 6.91 5.46
N LEU A 36 6.40 6.44 4.41
CA LEU A 36 6.89 5.07 4.37
C LEU A 36 8.11 4.93 5.27
N GLU A 37 9.06 5.84 5.06
CA GLU A 37 10.28 5.84 5.84
C GLU A 37 9.96 5.82 7.34
N ASN A 38 8.74 6.25 7.65
CA ASN A 38 8.29 6.29 9.03
C ASN A 38 8.01 4.87 9.52
N LEU A 39 7.33 4.11 8.68
CA LEU A 39 6.99 2.74 9.01
C LEU A 39 7.73 1.80 8.06
N LYS A 40 8.95 2.18 7.73
CA LYS A 40 9.78 1.39 6.84
C LYS A 40 10.21 0.10 7.55
N GLU A 41 10.89 0.29 8.67
CA GLU A 41 11.35 -0.84 9.46
C GLU A 41 10.19 -1.78 9.77
N LYS A 42 9.05 -1.19 10.08
CA LYS A 42 7.86 -1.97 10.40
C LYS A 42 7.56 -2.93 9.25
N LEU A 43 7.80 -2.45 8.04
CA LEU A 43 7.56 -3.25 6.85
C LEU A 43 8.74 -4.20 6.64
N GLU A 44 9.91 -3.74 7.06
CA GLU A 44 11.11 -4.54 6.93
C GLU A 44 11.03 -5.79 7.80
N GLU A 45 10.15 -5.73 8.78
CA GLU A 45 9.95 -6.85 9.69
C GLU A 45 9.15 -7.96 9.00
N ILE A 46 8.01 -7.57 8.45
CA ILE A 46 7.15 -8.51 7.76
C ILE A 46 7.90 -9.11 6.57
N VAL A 47 8.63 -8.24 5.87
CA VAL A 47 9.39 -8.66 4.71
C VAL A 47 10.51 -9.60 5.16
N LYS A 48 11.06 -9.30 6.33
CA LYS A 48 12.14 -10.11 6.87
C LYS A 48 11.58 -11.48 7.27
N LYS A 49 10.53 -11.45 8.08
CA LYS A 49 9.90 -12.67 8.53
C LYS A 49 9.50 -13.53 7.33
N GLU A 50 8.77 -12.90 6.42
CA GLU A 50 8.32 -13.58 5.22
C GLU A 50 9.42 -14.51 4.69
N ILE A 51 10.60 -13.93 4.53
CA ILE A 51 11.73 -14.69 4.03
C ILE A 51 13.01 -14.20 4.71
N GLY A 52 13.22 -12.89 4.63
CA GLY A 52 14.39 -12.29 5.23
C GLY A 52 14.78 -11.00 4.50
N ASP A 53 14.48 -10.98 3.21
CA ASP A 53 14.79 -9.82 2.39
C ASP A 53 14.07 -9.96 1.04
N VAL A 54 13.39 -8.89 0.66
CA VAL A 54 12.68 -8.87 -0.60
C VAL A 54 12.89 -7.52 -1.29
N HIS A 55 12.22 -7.36 -2.42
CA HIS A 55 12.32 -6.13 -3.18
C HIS A 55 10.94 -5.68 -3.65
N VAL A 56 10.51 -4.54 -3.11
CA VAL A 56 9.21 -4.00 -3.45
C VAL A 56 9.39 -2.63 -4.09
N ASN A 57 9.00 -2.55 -5.36
CA ASN A 57 9.12 -1.31 -6.09
C ASN A 57 7.79 -0.53 -6.00
N VAL A 58 7.76 0.39 -5.05
CA VAL A 58 6.57 1.20 -4.84
C VAL A 58 6.71 2.52 -5.60
N ILE A 59 5.70 2.82 -6.40
CA ILE A 59 5.71 4.04 -7.19
C ILE A 59 4.67 5.00 -6.63
N LEU A 60 5.15 6.05 -5.97
CA LEU A 60 4.28 7.04 -5.38
C LEU A 60 3.99 8.14 -6.42
N VAL A 61 2.73 8.19 -6.84
CA VAL A 61 2.32 9.18 -7.82
C VAL A 61 0.97 9.78 -7.40
N SER A 62 0.84 11.08 -7.63
CA SER A 62 -0.38 11.77 -7.28
C SER A 62 -1.52 11.31 -8.18
N GLU A 63 -2.62 12.06 -8.15
CA GLU A 63 -3.78 11.74 -8.95
C GLU A 63 -3.52 12.08 -10.42
N ASP A 64 -3.11 13.31 -10.65
CA ASP A 64 -2.81 13.78 -11.99
C ASP A 64 -1.60 13.02 -12.53
N GLU A 65 -0.75 12.60 -11.61
CA GLU A 65 0.45 11.88 -11.98
C GLU A 65 0.10 10.45 -12.42
N ILE A 66 -0.78 9.83 -11.65
CA ILE A 66 -1.21 8.48 -11.94
C ILE A 66 -2.19 8.50 -13.12
N LYS A 67 -2.99 9.57 -13.16
CA LYS A 67 -3.97 9.72 -14.21
C LYS A 67 -3.31 9.47 -15.57
N GLU A 68 -2.15 10.07 -15.75
CA GLU A 68 -1.40 9.92 -16.99
C GLU A 68 -0.66 8.58 -17.00
N LEU A 69 -0.04 8.27 -15.88
CA LEU A 69 0.71 7.04 -15.75
C LEU A 69 -0.15 5.87 -16.26
N ASN A 70 -1.46 6.04 -16.09
CA ASN A 70 -2.40 5.02 -16.52
C ASN A 70 -2.30 4.84 -18.03
N GLN A 71 -2.50 5.95 -18.74
CA GLN A 71 -2.43 5.93 -20.20
C GLN A 71 -1.00 5.68 -20.66
N GLN A 72 -0.06 6.00 -19.78
CA GLN A 72 1.35 5.81 -20.08
C GLN A 72 1.63 4.34 -20.41
N PHE A 73 0.75 3.48 -19.93
CA PHE A 73 0.89 2.06 -20.17
C PHE A 73 -0.42 1.45 -20.69
N ARG A 74 -1.49 1.69 -19.94
CA ARG A 74 -2.80 1.18 -20.32
C ARG A 74 -3.32 1.94 -21.55
N GLY A 75 -2.82 3.15 -21.72
CA GLY A 75 -3.22 3.97 -22.84
C GLY A 75 -4.57 4.67 -22.55
N GLN A 76 -5.21 4.21 -21.49
CA GLN A 76 -6.49 4.78 -21.10
C GLN A 76 -6.28 5.99 -20.19
N ASP A 77 -7.17 6.96 -20.35
CA ASP A 77 -7.10 8.17 -19.54
C ASP A 77 -8.12 8.10 -18.41
N ARG A 78 -7.65 7.65 -17.25
CA ARG A 78 -8.52 7.52 -16.09
C ARG A 78 -7.69 7.13 -14.86
N PRO A 79 -7.88 7.92 -13.76
CA PRO A 79 -7.17 7.66 -12.53
C PRO A 79 -7.75 6.45 -11.80
N THR A 80 -7.07 6.06 -10.73
CA THR A 80 -7.50 4.91 -9.95
C THR A 80 -6.97 5.02 -8.51
N ASP A 81 -7.38 4.06 -7.69
CA ASP A 81 -6.97 4.04 -6.30
C ASP A 81 -5.48 3.69 -6.22
N VAL A 82 -5.15 2.56 -6.83
CA VAL A 82 -3.77 2.09 -6.83
C VAL A 82 -3.53 1.25 -8.09
N LEU A 83 -2.40 1.51 -8.72
CA LEU A 83 -2.03 0.79 -9.93
C LEU A 83 -1.12 -0.38 -9.56
N THR A 84 -1.35 -1.49 -10.23
CA THR A 84 -0.55 -2.70 -9.99
C THR A 84 0.04 -3.22 -11.30
N PHE A 85 1.19 -3.87 -11.17
CA PHE A 85 1.87 -4.42 -12.34
C PHE A 85 1.28 -5.78 -12.72
N PRO A 86 1.20 -6.01 -14.05
CA PRO A 86 0.67 -7.27 -14.56
C PRO A 86 1.66 -8.40 -14.38
N LEU A 87 1.33 -9.30 -13.46
CA LEU A 87 2.18 -10.44 -13.18
C LEU A 87 1.47 -11.37 -12.19
N MET A 88 0.84 -10.77 -11.20
CA MET A 88 0.13 -11.53 -10.19
C MET A 88 0.74 -12.92 -10.02
N GLU A 89 1.67 -13.02 -9.09
CA GLU A 89 2.33 -14.30 -8.82
C GLU A 89 2.49 -14.49 -7.31
N GLU A 90 3.09 -15.61 -6.97
CA GLU A 90 3.32 -15.94 -5.56
C GLU A 90 4.16 -14.85 -4.89
N ASP A 91 5.28 -14.53 -5.53
CA ASP A 91 6.18 -13.51 -5.01
C ASP A 91 6.29 -12.38 -6.03
N VAL A 92 5.24 -11.57 -6.09
CA VAL A 92 5.23 -10.44 -7.01
C VAL A 92 6.63 -9.86 -7.13
N TYR A 93 7.11 -9.33 -6.02
CA TYR A 93 8.43 -8.74 -5.99
C TYR A 93 8.63 -7.76 -7.14
N GLY A 94 7.51 -7.36 -7.74
CA GLY A 94 7.54 -6.44 -8.86
C GLY A 94 7.45 -4.99 -8.37
N GLU A 95 6.69 -4.20 -9.11
CA GLU A 95 6.51 -2.80 -8.76
C GLU A 95 5.02 -2.45 -8.73
N ILE A 96 4.63 -1.75 -7.67
CA ILE A 96 3.24 -1.35 -7.51
C ILE A 96 3.18 0.18 -7.33
N TYR A 97 2.29 0.80 -8.09
CA TYR A 97 2.11 2.23 -8.02
C TYR A 97 0.97 2.60 -7.08
N VAL A 98 1.31 3.39 -6.07
CA VAL A 98 0.33 3.83 -5.10
C VAL A 98 -0.01 5.30 -5.35
N CYS A 99 -1.23 5.67 -4.95
CA CYS A 99 -1.69 7.04 -5.13
C CYS A 99 -2.53 7.42 -3.91
N PRO A 100 -1.87 8.12 -2.95
CA PRO A 100 -2.55 8.55 -1.75
C PRO A 100 -3.47 9.74 -2.02
N LEU A 101 -3.54 10.11 -3.29
CA LEU A 101 -4.37 11.22 -3.70
C LEU A 101 -5.82 10.74 -3.82
N ILE A 102 -6.01 9.70 -4.62
CA ILE A 102 -7.34 9.14 -4.82
C ILE A 102 -7.73 8.31 -3.60
N VAL A 103 -6.71 7.81 -2.92
CA VAL A 103 -6.94 7.01 -1.73
C VAL A 103 -7.42 7.90 -0.59
N GLU A 104 -6.62 8.91 -0.28
CA GLU A 104 -6.96 9.84 0.77
C GLU A 104 -8.35 10.42 0.55
N GLU A 105 -8.61 10.81 -0.69
CA GLU A 105 -9.90 11.37 -1.05
C GLU A 105 -11.01 10.37 -0.76
N ASN A 106 -10.66 9.10 -0.81
CA ASN A 106 -11.62 8.03 -0.56
C ASN A 106 -11.81 7.88 0.95
N ALA A 107 -10.70 7.99 1.66
CA ALA A 107 -10.72 7.86 3.12
C ALA A 107 -11.39 9.09 3.72
N ARG A 108 -11.21 10.22 3.04
CA ARG A 108 -11.79 11.47 3.50
C ARG A 108 -13.28 11.52 3.15
N GLU A 109 -13.61 10.90 2.04
CA GLU A 109 -15.00 10.87 1.59
C GLU A 109 -15.91 10.36 2.70
N PHE A 110 -15.32 9.62 3.62
CA PHE A 110 -16.07 9.08 4.75
C PHE A 110 -15.39 9.42 6.07
N ASN A 111 -14.35 8.67 6.38
CA ASN A 111 -13.60 8.87 7.61
C ASN A 111 -12.71 7.66 7.87
N ASN A 112 -12.07 7.20 6.81
CA ASN A 112 -11.17 6.05 6.91
C ASN A 112 -9.76 6.53 7.21
N THR A 113 -9.02 5.68 7.90
CA THR A 113 -7.64 6.00 8.26
C THR A 113 -6.74 5.98 7.02
N PHE A 114 -6.52 7.17 6.47
CA PHE A 114 -5.68 7.29 5.28
C PHE A 114 -4.39 6.47 5.44
N GLU A 115 -3.87 6.47 6.66
CA GLU A 115 -2.65 5.74 6.95
C GLU A 115 -2.82 4.26 6.61
N LYS A 116 -3.95 3.72 7.06
CA LYS A 116 -4.25 2.32 6.82
C LYS A 116 -4.44 2.09 5.32
N GLU A 117 -5.20 2.98 4.71
CA GLU A 117 -5.46 2.89 3.28
C GLU A 117 -4.14 2.87 2.50
N LEU A 118 -3.22 3.72 2.94
CA LEU A 118 -1.92 3.81 2.30
C LEU A 118 -1.05 2.64 2.75
N LEU A 119 -1.31 2.18 3.97
CA LEU A 119 -0.55 1.07 4.53
C LEU A 119 -0.86 -0.20 3.72
N GLU A 120 -2.13 -0.32 3.33
CA GLU A 120 -2.55 -1.47 2.56
C GLU A 120 -1.73 -1.60 1.28
N VAL A 121 -1.80 -0.55 0.48
CA VAL A 121 -1.07 -0.53 -0.79
C VAL A 121 0.42 -0.75 -0.51
N VAL A 122 0.82 -0.40 0.70
CA VAL A 122 2.20 -0.56 1.10
C VAL A 122 2.51 -2.04 1.34
N ILE A 123 1.73 -2.64 2.23
CA ILE A 123 1.91 -4.05 2.55
C ILE A 123 1.44 -4.89 1.37
N HIS A 124 0.69 -4.25 0.48
CA HIS A 124 0.18 -4.94 -0.70
C HIS A 124 1.33 -5.62 -1.44
N GLY A 125 2.48 -4.97 -1.38
CA GLY A 125 3.67 -5.51 -2.04
C GLY A 125 4.34 -6.59 -1.19
N ILE A 126 4.25 -6.39 0.12
CA ILE A 126 4.83 -7.34 1.05
C ILE A 126 3.90 -8.54 1.22
N LEU A 127 2.67 -8.23 1.61
CA LEU A 127 1.67 -9.27 1.81
C LEU A 127 1.65 -10.20 0.59
N HIS A 128 1.55 -9.58 -0.58
CA HIS A 128 1.53 -10.33 -1.82
C HIS A 128 2.80 -11.16 -1.95
N LEU A 129 3.85 -10.66 -1.31
CA LEU A 129 5.14 -11.35 -1.35
C LEU A 129 5.18 -12.41 -0.25
N ALA A 130 4.37 -12.18 0.78
CA ALA A 130 4.31 -13.11 1.90
C ALA A 130 3.87 -14.48 1.39
N GLY A 131 3.26 -14.48 0.21
CA GLY A 131 2.79 -15.71 -0.39
C GLY A 131 1.54 -16.23 0.32
N TYR A 132 0.76 -17.02 -0.40
CA TYR A 132 -0.45 -17.58 0.15
C TYR A 132 -0.92 -18.79 -0.67
N ASP A 133 -2.18 -19.14 -0.50
CA ASP A 133 -2.75 -20.27 -1.22
C ASP A 133 -3.90 -19.79 -2.10
N HIS A 134 -4.69 -18.88 -1.54
CA HIS A 134 -5.83 -18.34 -2.26
C HIS A 134 -5.42 -18.04 -3.71
N GLU A 135 -6.44 -17.89 -4.55
CA GLU A 135 -6.20 -17.60 -5.95
C GLU A 135 -6.36 -16.11 -6.23
N PHE A 136 -6.56 -15.36 -5.15
CA PHE A 136 -6.72 -13.92 -5.27
C PHE A 136 -7.73 -13.57 -6.36
N GLU A 137 -8.76 -14.40 -6.46
CA GLU A 137 -9.79 -14.19 -7.46
C GLU A 137 -10.92 -15.20 -7.28
N ASP A 138 -11.96 -15.04 -8.09
CA ASP A 138 -13.10 -15.93 -8.03
C ASP A 138 -13.73 -15.86 -6.63
N LYS A 139 -14.98 -15.42 -6.60
CA LYS A 139 -15.69 -15.30 -5.34
C LYS A 139 -15.23 -14.02 -4.62
N ASN A 140 -14.14 -14.16 -3.89
CA ASN A 140 -13.59 -13.03 -3.16
C ASN A 140 -12.38 -13.51 -2.35
N SER A 141 -11.66 -12.54 -1.80
CA SER A 141 -10.48 -12.85 -1.00
C SER A 141 -10.72 -12.47 0.46
N LYS A 142 -11.37 -13.38 1.17
CA LYS A 142 -11.67 -13.15 2.58
C LYS A 142 -10.42 -13.41 3.42
N GLU A 143 -9.82 -14.57 3.20
CA GLU A 143 -8.62 -14.95 3.92
C GLU A 143 -7.54 -13.88 3.75
N MET A 144 -7.40 -13.42 2.52
CA MET A 144 -6.42 -12.39 2.22
C MET A 144 -6.62 -11.15 3.09
N PHE A 145 -7.87 -10.75 3.19
CA PHE A 145 -8.23 -9.58 3.98
C PHE A 145 -7.66 -9.70 5.40
N GLU A 146 -7.59 -10.94 5.88
CA GLU A 146 -7.09 -11.20 7.21
C GLU A 146 -5.56 -11.04 7.24
N LYS A 147 -4.91 -11.85 6.42
CA LYS A 147 -3.45 -11.81 6.34
C LYS A 147 -3.00 -10.37 6.07
N GLN A 148 -3.75 -9.69 5.22
CA GLN A 148 -3.44 -8.32 4.88
C GLN A 148 -3.62 -7.41 6.10
N LYS A 149 -4.64 -7.72 6.88
CA LYS A 149 -4.94 -6.94 8.07
C LYS A 149 -3.90 -7.26 9.15
N LYS A 150 -3.20 -8.38 8.95
CA LYS A 150 -2.19 -8.80 9.89
C LYS A 150 -1.04 -7.78 9.88
N TYR A 151 -0.50 -7.56 8.69
CA TYR A 151 0.60 -6.62 8.54
C TYR A 151 0.10 -5.18 8.68
N VAL A 152 -1.10 -4.95 8.19
CA VAL A 152 -1.69 -3.63 8.24
C VAL A 152 -1.72 -3.15 9.70
N GLU A 153 -2.25 -4.00 10.55
CA GLU A 153 -2.34 -3.69 11.97
C GLU A 153 -0.95 -3.67 12.61
N GLU A 154 -0.12 -4.58 12.14
CA GLU A 154 1.25 -4.68 12.64
C GLU A 154 2.03 -3.42 12.29
N VAL A 155 2.01 -3.08 11.01
CA VAL A 155 2.72 -1.91 10.53
C VAL A 155 2.04 -0.65 11.07
N TRP A 156 0.72 -0.73 11.17
CA TRP A 156 -0.07 0.39 11.67
C TRP A 156 0.04 0.41 13.20
N GLY A 157 0.55 -0.69 13.73
CA GLY A 157 0.71 -0.81 15.17
C GLY A 157 1.45 0.40 15.75
N GLU A 158 2.32 0.97 14.91
CA GLU A 158 3.09 2.13 15.32
C GLU A 158 2.31 3.41 15.03
N TRP A 159 1.85 3.53 13.81
CA TRP A 159 1.08 4.70 13.39
C TRP A 159 -0.16 4.78 14.27
N ARG A 160 -0.51 3.64 14.85
CA ARG A 160 -1.68 3.57 15.72
C ARG A 160 -1.58 4.61 16.84
N SER A 161 -0.36 4.76 17.34
CA SER A 161 -0.12 5.71 18.40
C SER A 161 -0.41 7.14 17.92
N ASN A 162 -0.53 7.27 16.61
CA ASN A 162 -0.82 8.56 16.00
C ASN A 162 -1.99 8.42 15.03
N PRO A 163 -3.20 8.20 15.61
CA PRO A 163 -4.40 8.06 14.81
C PRO A 163 -4.87 9.40 14.27
N SER A 164 -6.05 9.39 13.68
CA SER A 164 -6.62 10.60 13.11
C SER A 164 -5.55 11.37 12.34
N GLU A 165 -5.48 11.08 11.04
CA GLU A 165 -4.51 11.73 10.18
C GLU A 165 -4.96 13.16 9.88
N ASP A 166 -6.12 13.51 10.41
CA ASP A 166 -6.66 14.85 10.20
C ASP A 166 -7.83 15.07 11.16
N SER A 167 -7.49 15.25 12.42
CA SER A 167 -8.51 15.46 13.44
C SER A 167 -7.94 15.16 14.83
N ASP A 168 -7.33 16.16 15.42
CA ASP A 168 -6.74 16.02 16.74
C ASP A 168 -7.53 16.86 17.75
N PRO A 169 -8.07 16.17 18.78
CA PRO A 169 -8.83 16.84 19.83
C PRO A 169 -7.92 17.61 20.76
N GLY A 170 -7.00 16.88 21.38
CA GLY A 170 -6.06 17.49 22.31
C GLY A 170 -5.53 16.45 23.31
N LYS A 171 -5.14 15.30 22.76
CA LYS A 171 -4.61 14.23 23.57
C LYS A 171 -3.82 13.27 22.69
N ARG A 172 -2.95 12.50 23.33
CA ARG A 172 -2.13 11.54 22.62
C ARG A 172 -1.26 12.24 21.58
N MET A 23 14.97 -3.33 2.29
CA MET A 23 14.98 -3.97 0.98
C MET A 23 13.73 -3.59 0.18
N ILE A 24 13.39 -2.32 0.24
CA ILE A 24 12.23 -1.81 -0.48
C ILE A 24 12.68 -0.76 -1.51
N ARG A 25 12.27 -0.97 -2.74
CA ARG A 25 12.61 -0.06 -3.81
C ARG A 25 11.69 1.16 -3.79
N ILE A 26 12.30 2.33 -3.66
CA ILE A 26 11.54 3.57 -3.62
C ILE A 26 11.79 4.35 -4.92
N LEU A 27 10.78 4.35 -5.77
CA LEU A 27 10.88 5.05 -7.05
C LEU A 27 9.71 6.03 -7.17
N GLY A 28 9.88 6.98 -8.08
CA GLY A 28 8.84 7.98 -8.31
C GLY A 28 8.99 9.16 -7.34
N GLU A 29 7.96 9.98 -7.29
CA GLU A 29 7.95 11.14 -6.42
C GLU A 29 6.57 11.35 -5.81
N GLY A 30 6.56 11.72 -4.54
CA GLY A 30 5.31 11.96 -3.84
C GLY A 30 5.46 11.65 -2.35
N LYS A 31 4.99 12.59 -1.53
CA LYS A 31 5.06 12.43 -0.08
C LYS A 31 4.77 10.97 0.27
N GLY A 32 5.81 10.27 0.69
CA GLY A 32 5.67 8.87 1.07
C GLY A 32 7.04 8.17 1.06
N SER A 33 7.94 8.70 0.23
CA SER A 33 9.27 8.13 0.13
C SER A 33 9.94 8.11 1.50
N LYS A 34 9.97 9.27 2.14
CA LYS A 34 10.57 9.40 3.46
C LYS A 34 9.68 8.71 4.49
N LEU A 35 8.38 8.98 4.37
CA LEU A 35 7.41 8.41 5.29
C LEU A 35 7.61 6.89 5.34
N LEU A 36 8.09 6.35 4.23
CA LEU A 36 8.33 4.92 4.13
C LEU A 36 9.62 4.57 4.88
N GLU A 37 10.64 5.37 4.63
CA GLU A 37 11.93 5.16 5.27
C GLU A 37 11.76 5.04 6.79
N ASN A 38 10.64 5.57 7.27
CA ASN A 38 10.35 5.53 8.68
C ASN A 38 9.96 4.10 9.09
N LEU A 39 9.04 3.53 8.31
CA LEU A 39 8.58 2.18 8.58
C LEU A 39 9.15 1.24 7.51
N LYS A 40 10.38 1.50 7.14
CA LYS A 40 11.05 0.69 6.13
C LYS A 40 11.38 -0.69 6.73
N GLU A 41 12.11 -0.65 7.83
CA GLU A 41 12.51 -1.89 8.50
C GLU A 41 11.26 -2.65 8.97
N LYS A 42 10.22 -1.90 9.25
CA LYS A 42 8.97 -2.50 9.70
C LYS A 42 8.51 -3.53 8.68
N LEU A 43 8.63 -3.17 7.41
CA LEU A 43 8.23 -4.05 6.34
C LEU A 43 9.30 -5.13 6.15
N GLU A 44 10.53 -4.77 6.48
CA GLU A 44 11.64 -5.70 6.37
C GLU A 44 11.48 -6.85 7.35
N GLU A 45 10.65 -6.62 8.35
CA GLU A 45 10.40 -7.62 9.38
C GLU A 45 9.46 -8.70 8.84
N ILE A 46 8.33 -8.25 8.31
CA ILE A 46 7.34 -9.16 7.77
C ILE A 46 8.01 -10.08 6.75
N VAL A 47 8.84 -9.48 5.91
CA VAL A 47 9.55 -10.24 4.89
C VAL A 47 10.60 -11.12 5.56
N LYS A 48 11.38 -10.51 6.44
CA LYS A 48 12.42 -11.22 7.15
C LYS A 48 11.82 -12.41 7.89
N LYS A 49 10.66 -12.17 8.48
CA LYS A 49 9.96 -13.21 9.22
C LYS A 49 9.59 -14.35 8.25
N GLU A 50 9.01 -13.95 7.14
CA GLU A 50 8.60 -14.92 6.13
C GLU A 50 9.83 -15.60 5.51
N ILE A 51 10.66 -14.77 4.88
CA ILE A 51 11.86 -15.27 4.25
C ILE A 51 12.97 -14.21 4.35
N GLY A 52 12.63 -13.01 3.88
CA GLY A 52 13.58 -11.91 3.91
C GLY A 52 14.43 -11.88 2.65
N ASP A 53 13.74 -11.97 1.51
CA ASP A 53 14.41 -11.95 0.23
C ASP A 53 13.40 -11.61 -0.87
N VAL A 54 12.77 -10.45 -0.70
CA VAL A 54 11.78 -10.00 -1.68
C VAL A 54 12.19 -8.62 -2.20
N HIS A 55 11.53 -8.23 -3.28
CA HIS A 55 11.81 -6.94 -3.89
C HIS A 55 10.50 -6.30 -4.35
N VAL A 56 10.04 -5.34 -3.55
CA VAL A 56 8.80 -4.63 -3.87
C VAL A 56 9.12 -3.18 -4.22
N ASN A 57 8.86 -2.83 -5.47
CA ASN A 57 9.10 -1.48 -5.94
C ASN A 57 7.82 -0.66 -5.82
N VAL A 58 7.94 0.45 -5.12
CA VAL A 58 6.80 1.33 -4.92
C VAL A 58 6.93 2.54 -5.85
N ILE A 59 5.79 2.91 -6.44
CA ILE A 59 5.77 4.04 -7.35
C ILE A 59 4.99 5.19 -6.72
N LEU A 60 5.73 6.21 -6.32
CA LEU A 60 5.11 7.37 -5.70
C LEU A 60 4.55 8.29 -6.78
N VAL A 61 3.22 8.33 -6.84
CA VAL A 61 2.54 9.16 -7.83
C VAL A 61 1.30 9.78 -7.20
N SER A 62 1.06 11.03 -7.55
CA SER A 62 -0.11 11.74 -7.03
C SER A 62 -1.34 11.40 -7.85
N GLU A 63 -2.41 12.16 -7.60
CA GLU A 63 -3.65 11.95 -8.31
C GLU A 63 -3.50 12.32 -9.79
N ASP A 64 -2.91 13.49 -10.01
CA ASP A 64 -2.69 13.96 -11.37
C ASP A 64 -1.55 13.17 -12.00
N GLU A 65 -0.63 12.71 -11.16
CA GLU A 65 0.50 11.93 -11.62
C GLU A 65 0.08 10.50 -11.94
N ILE A 66 -0.84 10.00 -11.12
CA ILE A 66 -1.35 8.65 -11.31
C ILE A 66 -2.41 8.64 -12.41
N LYS A 67 -3.09 9.77 -12.53
CA LYS A 67 -4.13 9.91 -13.53
C LYS A 67 -3.58 9.50 -14.89
N GLU A 68 -2.38 9.97 -15.18
CA GLU A 68 -1.72 9.66 -16.44
C GLU A 68 -1.13 8.25 -16.40
N LEU A 69 -0.38 7.99 -15.33
CA LEU A 69 0.26 6.70 -15.16
C LEU A 69 -0.76 5.60 -15.46
N ASN A 70 -2.00 5.86 -15.07
CA ASN A 70 -3.06 4.89 -15.29
C ASN A 70 -3.37 4.82 -16.79
N GLN A 71 -3.45 5.99 -17.40
CA GLN A 71 -3.73 6.08 -18.83
C GLN A 71 -2.55 5.57 -19.64
N GLN A 72 -1.38 5.63 -19.02
CA GLN A 72 -0.16 5.18 -19.68
C GLN A 72 -0.29 3.71 -20.10
N PHE A 73 -1.20 3.02 -19.42
CA PHE A 73 -1.43 1.61 -19.71
C PHE A 73 -2.92 1.33 -19.88
N ARG A 74 -3.68 1.74 -18.89
CA ARG A 74 -5.13 1.54 -18.91
C ARG A 74 -5.78 2.52 -19.88
N GLY A 75 -5.03 3.56 -20.21
CA GLY A 75 -5.52 4.58 -21.13
C GLY A 75 -6.87 5.14 -20.66
N GLN A 76 -7.14 4.93 -19.37
CA GLN A 76 -8.38 5.40 -18.79
C GLN A 76 -8.09 6.49 -17.75
N ASP A 77 -9.00 7.46 -17.69
CA ASP A 77 -8.86 8.56 -16.74
C ASP A 77 -9.68 8.26 -15.49
N ARG A 78 -9.00 7.68 -14.51
CA ARG A 78 -9.65 7.33 -13.25
C ARG A 78 -8.62 6.78 -12.25
N PRO A 79 -8.64 7.38 -11.03
CA PRO A 79 -7.72 6.96 -9.99
C PRO A 79 -8.15 5.62 -9.38
N THR A 80 -7.23 5.01 -8.65
CA THR A 80 -7.50 3.74 -8.02
C THR A 80 -6.83 3.67 -6.63
N ASP A 81 -6.37 4.83 -6.19
CA ASP A 81 -5.70 4.91 -4.90
C ASP A 81 -4.31 4.30 -5.00
N VAL A 82 -4.28 3.06 -5.47
CA VAL A 82 -3.03 2.34 -5.63
C VAL A 82 -3.08 1.48 -6.89
N LEU A 83 -2.07 1.64 -7.73
CA LEU A 83 -1.99 0.90 -8.96
C LEU A 83 -1.12 -0.34 -8.76
N THR A 84 -1.54 -1.44 -9.36
CA THR A 84 -0.81 -2.68 -9.25
C THR A 84 -0.27 -3.12 -10.62
N PHE A 85 0.89 -3.74 -10.59
CA PHE A 85 1.52 -4.20 -11.81
C PHE A 85 0.97 -5.56 -12.24
N PRO A 86 0.74 -5.70 -13.57
CA PRO A 86 0.20 -6.94 -14.12
C PRO A 86 1.29 -8.01 -14.16
N LEU A 87 1.15 -8.98 -13.26
CA LEU A 87 2.10 -10.08 -13.19
C LEU A 87 1.64 -11.08 -12.13
N MET A 88 1.29 -12.27 -12.60
CA MET A 88 0.83 -13.32 -11.72
C MET A 88 1.93 -14.35 -11.46
N GLU A 89 3.12 -13.84 -11.17
CA GLU A 89 4.27 -14.70 -10.91
C GLU A 89 4.13 -15.37 -9.55
N GLU A 90 5.19 -16.07 -9.15
CA GLU A 90 5.20 -16.75 -7.87
C GLU A 90 4.51 -15.89 -6.80
N ASP A 91 4.95 -14.64 -6.72
CA ASP A 91 4.37 -13.72 -5.75
C ASP A 91 4.04 -12.40 -6.45
N VAL A 92 5.09 -11.72 -6.89
CA VAL A 92 4.91 -10.44 -7.57
C VAL A 92 6.29 -9.91 -7.99
N TYR A 93 7.12 -9.66 -6.98
CA TYR A 93 8.46 -9.15 -7.22
C TYR A 93 8.44 -8.09 -8.32
N GLY A 94 7.36 -7.32 -8.35
CA GLY A 94 7.22 -6.26 -9.33
C GLY A 94 7.21 -4.89 -8.66
N GLU A 95 6.53 -3.95 -9.32
CA GLU A 95 6.43 -2.60 -8.81
C GLU A 95 4.97 -2.19 -8.65
N ILE A 96 4.63 -1.80 -7.44
CA ILE A 96 3.27 -1.37 -7.15
C ILE A 96 3.23 0.15 -6.98
N TYR A 97 2.36 0.78 -7.75
CA TYR A 97 2.22 2.22 -7.70
C TYR A 97 1.26 2.64 -6.58
N VAL A 98 1.71 3.59 -5.78
CA VAL A 98 0.91 4.08 -4.67
C VAL A 98 0.68 5.59 -4.84
N CYS A 99 -0.41 6.06 -4.26
CA CYS A 99 -0.75 7.47 -4.33
C CYS A 99 -1.52 7.85 -3.07
N PRO A 100 -0.81 8.58 -2.16
CA PRO A 100 -1.41 9.01 -0.91
C PRO A 100 -2.38 10.17 -1.14
N LEU A 101 -2.46 10.60 -2.39
CA LEU A 101 -3.34 11.69 -2.76
C LEU A 101 -4.79 11.22 -2.64
N ILE A 102 -5.13 10.22 -3.44
CA ILE A 102 -6.48 9.68 -3.44
C ILE A 102 -6.73 8.96 -2.11
N VAL A 103 -5.71 8.26 -1.64
CA VAL A 103 -5.82 7.53 -0.39
C VAL A 103 -6.29 8.48 0.71
N GLU A 104 -5.62 9.63 0.79
CA GLU A 104 -5.96 10.62 1.79
C GLU A 104 -7.37 11.17 1.52
N GLU A 105 -7.62 11.50 0.27
CA GLU A 105 -8.91 12.04 -0.13
C GLU A 105 -10.02 11.03 0.20
N ASN A 106 -9.72 9.77 -0.03
CA ASN A 106 -10.67 8.70 0.22
C ASN A 106 -10.79 8.49 1.73
N ALA A 107 -9.65 8.52 2.39
CA ALA A 107 -9.61 8.34 3.84
C ALA A 107 -10.54 9.35 4.51
N ARG A 108 -10.72 10.48 3.82
CA ARG A 108 -11.57 11.53 4.34
C ARG A 108 -13.05 11.09 4.28
N GLU A 109 -13.46 10.68 3.10
CA GLU A 109 -14.84 10.24 2.91
C GLU A 109 -15.05 8.87 3.57
N PHE A 110 -13.98 8.11 3.65
CA PHE A 110 -14.03 6.79 4.26
C PHE A 110 -13.45 6.81 5.67
N ASN A 111 -13.21 8.01 6.15
CA ASN A 111 -12.66 8.19 7.49
C ASN A 111 -11.60 7.11 7.74
N ASN A 112 -10.95 6.69 6.66
CA ASN A 112 -9.92 5.68 6.75
C ASN A 112 -8.59 6.34 7.10
N THR A 113 -7.63 5.50 7.49
CA THR A 113 -6.31 5.99 7.85
C THR A 113 -5.37 5.91 6.66
N PHE A 114 -5.23 7.03 5.97
CA PHE A 114 -4.36 7.09 4.80
C PHE A 114 -2.98 6.49 5.11
N GLU A 115 -2.51 6.76 6.32
CA GLU A 115 -1.22 6.26 6.75
C GLU A 115 -1.17 4.74 6.63
N LYS A 116 -2.19 4.09 7.19
CA LYS A 116 -2.27 2.65 7.14
C LYS A 116 -2.58 2.20 5.71
N GLU A 117 -3.56 2.87 5.12
CA GLU A 117 -3.97 2.54 3.77
C GLU A 117 -2.76 2.58 2.82
N LEU A 118 -1.75 3.30 3.26
CA LEU A 118 -0.52 3.42 2.47
C LEU A 118 0.40 2.24 2.78
N LEU A 119 0.75 2.14 4.06
CA LEU A 119 1.63 1.07 4.51
C LEU A 119 1.02 -0.28 4.12
N GLU A 120 -0.30 -0.29 4.00
CA GLU A 120 -1.02 -1.50 3.64
C GLU A 120 -0.71 -1.88 2.20
N VAL A 121 -0.51 -0.86 1.37
CA VAL A 121 -0.22 -1.08 -0.03
C VAL A 121 1.16 -1.74 -0.17
N VAL A 122 1.98 -1.53 0.86
CA VAL A 122 3.31 -2.11 0.88
C VAL A 122 3.22 -3.61 1.14
N ILE A 123 2.61 -3.93 2.28
CA ILE A 123 2.44 -5.33 2.66
C ILE A 123 1.66 -6.07 1.57
N HIS A 124 1.01 -5.28 0.73
CA HIS A 124 0.22 -5.85 -0.36
C HIS A 124 1.08 -6.84 -1.15
N GLY A 125 2.31 -6.43 -1.42
CA GLY A 125 3.24 -7.27 -2.16
C GLY A 125 3.85 -8.34 -1.26
N ILE A 126 4.37 -7.90 -0.12
CA ILE A 126 4.98 -8.80 0.83
C ILE A 126 3.98 -9.90 1.20
N LEU A 127 2.81 -9.45 1.65
CA LEU A 127 1.77 -10.38 2.04
C LEU A 127 1.47 -11.34 0.87
N HIS A 128 1.56 -10.80 -0.33
CA HIS A 128 1.31 -11.59 -1.52
C HIS A 128 2.14 -12.86 -1.48
N LEU A 129 3.36 -12.72 -0.97
CA LEU A 129 4.27 -13.85 -0.86
C LEU A 129 4.00 -14.59 0.45
N ALA A 130 3.48 -13.84 1.42
CA ALA A 130 3.18 -14.41 2.72
C ALA A 130 2.19 -15.56 2.55
N GLY A 131 1.54 -15.57 1.40
CA GLY A 131 0.56 -16.60 1.11
C GLY A 131 -0.40 -16.17 -0.01
N TYR A 132 -1.17 -17.11 -0.48
CA TYR A 132 -2.13 -16.84 -1.55
C TYR A 132 -1.42 -16.35 -2.81
N ASP A 133 -1.92 -16.81 -3.96
CA ASP A 133 -1.33 -16.43 -5.24
C ASP A 133 -2.44 -16.39 -6.29
N HIS A 134 -3.31 -15.41 -6.16
CA HIS A 134 -4.41 -15.24 -7.09
C HIS A 134 -5.22 -14.01 -6.72
N GLU A 135 -5.66 -13.30 -7.75
CA GLU A 135 -6.45 -12.09 -7.55
C GLU A 135 -7.38 -12.26 -6.35
N PHE A 136 -7.12 -11.48 -5.31
CA PHE A 136 -7.93 -11.55 -4.11
C PHE A 136 -8.55 -10.18 -3.80
N GLU A 137 -8.78 -9.42 -4.86
CA GLU A 137 -9.38 -8.10 -4.72
C GLU A 137 -10.45 -8.11 -3.62
N ASP A 138 -11.39 -9.05 -3.77
CA ASP A 138 -12.47 -9.17 -2.81
C ASP A 138 -13.45 -10.23 -3.31
N LYS A 139 -13.11 -11.48 -3.06
CA LYS A 139 -13.96 -12.59 -3.47
C LYS A 139 -13.35 -13.90 -2.95
N ASN A 140 -12.04 -13.99 -3.04
CA ASN A 140 -11.34 -15.17 -2.59
C ASN A 140 -11.90 -15.62 -1.24
N SER A 141 -11.78 -14.73 -0.26
CA SER A 141 -12.27 -15.02 1.08
C SER A 141 -11.97 -13.83 2.00
N LYS A 142 -12.73 -13.76 3.09
CA LYS A 142 -12.56 -12.70 4.06
C LYS A 142 -11.33 -13.00 4.93
N GLU A 143 -10.96 -14.27 4.95
CA GLU A 143 -9.82 -14.71 5.73
C GLU A 143 -8.53 -14.10 5.16
N MET A 144 -8.37 -14.25 3.86
CA MET A 144 -7.19 -13.73 3.18
C MET A 144 -7.06 -12.22 3.41
N PHE A 145 -8.21 -11.57 3.56
CA PHE A 145 -8.22 -10.13 3.78
C PHE A 145 -7.62 -9.78 5.14
N GLU A 146 -8.18 -10.39 6.18
CA GLU A 146 -7.71 -10.16 7.53
C GLU A 146 -6.20 -10.27 7.60
N LYS A 147 -5.68 -11.22 6.83
CA LYS A 147 -4.24 -11.45 6.79
C LYS A 147 -3.53 -10.13 6.50
N GLN A 148 -4.09 -9.38 5.57
CA GLN A 148 -3.52 -8.09 5.19
C GLN A 148 -3.34 -7.21 6.43
N LYS A 149 -4.37 -7.21 7.26
CA LYS A 149 -4.33 -6.40 8.47
C LYS A 149 -3.30 -6.99 9.44
N LYS A 150 -3.00 -8.27 9.22
CA LYS A 150 -2.03 -8.96 10.06
C LYS A 150 -0.70 -8.20 10.03
N TYR A 151 -0.16 -8.06 8.83
CA TYR A 151 1.10 -7.37 8.66
C TYR A 151 0.93 -5.86 8.83
N VAL A 152 -0.22 -5.37 8.39
CA VAL A 152 -0.53 -3.96 8.49
C VAL A 152 -0.50 -3.53 9.96
N GLU A 153 -1.00 -4.42 10.81
CA GLU A 153 -1.02 -4.15 12.23
C GLU A 153 0.40 -3.90 12.76
N GLU A 154 1.31 -4.76 12.36
CA GLU A 154 2.70 -4.64 12.77
C GLU A 154 3.32 -3.38 12.17
N VAL A 155 3.17 -3.25 10.87
CA VAL A 155 3.71 -2.11 10.16
C VAL A 155 3.06 -0.83 10.69
N TRP A 156 1.77 -0.95 10.98
CA TRP A 156 1.01 0.18 11.48
C TRP A 156 1.38 0.39 12.95
N GLY A 157 2.07 -0.61 13.49
CA GLY A 157 2.49 -0.55 14.88
C GLY A 157 3.24 0.75 15.18
N GLU A 158 4.02 1.17 14.20
CA GLU A 158 4.79 2.41 14.34
C GLU A 158 3.95 3.61 13.90
N TRP A 159 3.51 3.55 12.66
CA TRP A 159 2.70 4.63 12.09
C TRP A 159 1.51 4.85 13.03
N ARG A 160 1.21 3.83 13.81
CA ARG A 160 0.11 3.91 14.75
C ARG A 160 0.26 5.13 15.66
N SER A 161 1.52 5.50 15.90
CA SER A 161 1.82 6.64 16.75
C SER A 161 1.29 7.92 16.11
N ASN A 162 0.85 7.78 14.87
CA ASN A 162 0.32 8.92 14.14
C ASN A 162 -1.05 8.55 13.55
N PRO A 163 -2.04 8.39 14.47
CA PRO A 163 -3.39 8.05 14.06
C PRO A 163 -4.10 9.25 13.43
N SER A 164 -5.32 9.01 12.98
CA SER A 164 -6.12 10.05 12.36
C SER A 164 -5.27 10.82 11.34
N GLU A 165 -5.86 11.89 10.83
CA GLU A 165 -5.17 12.71 9.85
C GLU A 165 -5.49 14.19 10.07
N ASP A 166 -6.05 14.47 11.24
CA ASP A 166 -6.42 15.83 11.59
C ASP A 166 -7.61 16.27 10.72
N SER A 167 -8.77 15.74 11.06
CA SER A 167 -9.98 16.06 10.34
C SER A 167 -11.21 15.63 11.13
N ASP A 168 -11.53 16.43 12.15
CA ASP A 168 -12.68 16.13 13.00
C ASP A 168 -13.33 17.44 13.44
N PRO A 169 -14.68 17.39 13.64
CA PRO A 169 -15.42 18.55 14.06
C PRO A 169 -15.18 18.85 15.54
N GLY A 170 -15.27 17.80 16.34
CA GLY A 170 -15.06 17.94 17.77
C GLY A 170 -15.86 16.89 18.55
N LYS A 171 -15.13 15.89 19.03
CA LYS A 171 -15.77 14.81 19.79
C LYS A 171 -16.51 15.41 20.99
N ARG A 172 -17.77 15.01 21.11
CA ARG A 172 -18.60 15.50 22.20
C ARG A 172 -18.91 14.36 23.17
N MET A 23 14.90 -1.44 3.72
CA MET A 23 15.39 -2.17 2.56
C MET A 23 14.32 -2.28 1.48
N ILE A 24 13.41 -1.32 1.50
CA ILE A 24 12.32 -1.31 0.53
C ILE A 24 12.70 -0.38 -0.63
N ARG A 25 12.06 -0.62 -1.76
CA ARG A 25 12.32 0.18 -2.95
C ARG A 25 11.13 1.11 -3.23
N ILE A 26 11.46 2.36 -3.51
CA ILE A 26 10.45 3.36 -3.80
C ILE A 26 10.79 4.09 -5.10
N LEU A 27 9.96 3.88 -6.09
CA LEU A 27 10.16 4.51 -7.38
C LEU A 27 9.08 5.56 -7.62
N GLY A 28 9.35 6.44 -8.58
CA GLY A 28 8.40 7.50 -8.91
C GLY A 28 8.50 8.65 -7.90
N GLU A 29 7.37 9.32 -7.72
CA GLU A 29 7.31 10.44 -6.80
C GLU A 29 5.86 10.75 -6.43
N GLY A 30 5.68 11.24 -5.21
CA GLY A 30 4.35 11.58 -4.73
C GLY A 30 4.20 11.24 -3.25
N LYS A 31 3.40 12.05 -2.57
CA LYS A 31 3.16 11.84 -1.16
C LYS A 31 3.02 10.35 -0.88
N GLY A 32 4.08 9.79 -0.31
CA GLY A 32 4.09 8.37 0.02
C GLY A 32 5.52 7.86 0.21
N SER A 33 6.42 8.43 -0.56
CA SER A 33 7.82 8.05 -0.49
C SER A 33 8.33 8.20 0.95
N LYS A 34 8.12 9.39 1.49
CA LYS A 34 8.55 9.68 2.85
C LYS A 34 7.64 8.94 3.83
N LEU A 35 6.35 8.99 3.55
CA LEU A 35 5.36 8.33 4.40
C LEU A 35 5.80 6.88 4.64
N LEU A 36 6.39 6.29 3.60
CA LEU A 36 6.85 4.92 3.69
C LEU A 36 8.10 4.86 4.57
N GLU A 37 9.07 5.69 4.21
CA GLU A 37 10.32 5.74 4.96
C GLU A 37 10.04 5.92 6.46
N ASN A 38 8.84 6.41 6.74
CA ASN A 38 8.44 6.63 8.13
C ASN A 38 8.13 5.28 8.77
N LEU A 39 7.33 4.50 8.09
CA LEU A 39 6.94 3.19 8.59
C LEU A 39 7.62 2.10 7.74
N LYS A 40 8.86 2.37 7.38
CA LYS A 40 9.62 1.43 6.57
C LYS A 40 9.98 0.21 7.43
N GLU A 41 10.58 0.48 8.58
CA GLU A 41 10.97 -0.58 9.49
C GLU A 41 9.75 -1.38 9.93
N LYS A 42 8.59 -0.72 9.89
CA LYS A 42 7.35 -1.35 10.28
C LYS A 42 7.04 -2.50 9.32
N LEU A 43 7.29 -2.25 8.04
CA LEU A 43 7.04 -3.25 7.02
C LEU A 43 8.20 -4.25 7.00
N GLU A 44 9.36 -3.78 7.41
CA GLU A 44 10.55 -4.62 7.45
C GLU A 44 10.35 -5.77 8.45
N GLU A 45 9.36 -5.59 9.31
CA GLU A 45 9.05 -6.60 10.31
C GLU A 45 8.25 -7.74 9.69
N ILE A 46 7.14 -7.37 9.07
CA ILE A 46 6.28 -8.35 8.43
C ILE A 46 7.12 -9.23 7.50
N VAL A 47 7.94 -8.57 6.69
CA VAL A 47 8.79 -9.29 5.76
C VAL A 47 9.77 -10.16 6.54
N LYS A 48 10.16 -9.67 7.70
CA LYS A 48 11.09 -10.41 8.55
C LYS A 48 10.51 -11.78 8.86
N LYS A 49 9.27 -11.79 9.30
CA LYS A 49 8.59 -13.03 9.63
C LYS A 49 8.43 -13.88 8.36
N GLU A 50 8.17 -13.19 7.26
CA GLU A 50 8.00 -13.86 5.99
C GLU A 50 9.32 -14.49 5.53
N ILE A 51 10.31 -13.63 5.34
CA ILE A 51 11.62 -14.08 4.90
C ILE A 51 12.69 -13.15 5.47
N GLY A 52 12.60 -11.88 5.09
CA GLY A 52 13.55 -10.89 5.55
C GLY A 52 13.90 -9.91 4.43
N ASP A 53 14.89 -10.28 3.65
CA ASP A 53 15.33 -9.45 2.55
C ASP A 53 14.40 -9.65 1.35
N VAL A 54 13.46 -8.73 1.22
CA VAL A 54 12.49 -8.80 0.14
C VAL A 54 12.78 -7.68 -0.86
N HIS A 55 11.86 -7.48 -1.79
CA HIS A 55 12.00 -6.46 -2.80
C HIS A 55 10.62 -5.95 -3.21
N VAL A 56 10.25 -4.81 -2.64
CA VAL A 56 8.95 -4.22 -2.95
C VAL A 56 9.18 -2.85 -3.59
N ASN A 57 8.98 -2.80 -4.90
CA ASN A 57 9.15 -1.56 -5.63
C ASN A 57 7.81 -0.85 -5.76
N VAL A 58 7.67 0.23 -5.03
CA VAL A 58 6.43 1.00 -5.05
C VAL A 58 6.60 2.20 -5.99
N ILE A 59 5.56 2.45 -6.76
CA ILE A 59 5.58 3.55 -7.70
C ILE A 59 4.54 4.60 -7.28
N LEU A 60 5.05 5.73 -6.83
CA LEU A 60 4.18 6.82 -6.39
C LEU A 60 3.85 7.72 -7.59
N VAL A 61 2.57 7.81 -7.88
CA VAL A 61 2.10 8.63 -8.99
C VAL A 61 0.75 9.25 -8.64
N SER A 62 0.60 10.52 -9.01
CA SER A 62 -0.63 11.23 -8.74
C SER A 62 -1.75 10.72 -9.65
N GLU A 63 -2.84 11.47 -9.68
CA GLU A 63 -3.98 11.10 -10.50
C GLU A 63 -3.66 11.37 -11.98
N ASP A 64 -3.17 12.57 -12.24
CA ASP A 64 -2.83 12.96 -13.60
C ASP A 64 -1.59 12.17 -14.05
N GLU A 65 -0.77 11.81 -13.08
CA GLU A 65 0.45 11.06 -13.36
C GLU A 65 0.12 9.59 -13.60
N ILE A 66 -0.78 9.07 -12.78
CA ILE A 66 -1.19 7.69 -12.89
C ILE A 66 -2.11 7.52 -14.11
N LYS A 67 -2.88 8.57 -14.37
CA LYS A 67 -3.79 8.55 -15.49
C LYS A 67 -3.05 8.09 -16.75
N GLU A 68 -1.85 8.63 -16.92
CA GLU A 68 -1.04 8.28 -18.06
C GLU A 68 -0.37 6.92 -17.85
N LEU A 69 0.24 6.77 -16.68
CA LEU A 69 0.92 5.53 -16.35
C LEU A 69 0.01 4.35 -16.71
N ASN A 70 -1.29 4.60 -16.66
CA ASN A 70 -2.27 3.57 -16.98
C ASN A 70 -2.29 3.36 -18.49
N GLN A 71 -2.47 4.45 -19.21
CA GLN A 71 -2.52 4.40 -20.66
C GLN A 71 -1.20 3.86 -21.22
N GLN A 72 -0.15 4.02 -20.43
CA GLN A 72 1.16 3.55 -20.82
C GLN A 72 1.10 2.07 -21.22
N PHE A 73 0.22 1.35 -20.55
CA PHE A 73 0.06 -0.07 -20.83
C PHE A 73 -1.42 -0.41 -21.10
N ARG A 74 -2.27 0.06 -20.20
CA ARG A 74 -3.69 -0.19 -20.32
C ARG A 74 -4.28 0.63 -21.48
N GLY A 75 -3.52 1.65 -21.88
CA GLY A 75 -3.95 2.51 -22.97
C GLY A 75 -5.33 3.10 -22.68
N GLN A 76 -5.72 3.04 -21.43
CA GLN A 76 -7.01 3.56 -21.01
C GLN A 76 -6.82 4.75 -20.07
N ASP A 77 -7.70 5.73 -20.22
CA ASP A 77 -7.64 6.93 -19.39
C ASP A 77 -8.65 6.79 -18.25
N ARG A 78 -8.16 6.30 -17.12
CA ARG A 78 -9.00 6.12 -15.95
C ARG A 78 -8.16 5.66 -14.75
N PRO A 79 -8.36 6.37 -13.60
CA PRO A 79 -7.63 6.04 -12.40
C PRO A 79 -8.19 4.78 -11.74
N THR A 80 -7.39 4.21 -10.84
CA THR A 80 -7.79 3.00 -10.14
C THR A 80 -7.30 3.03 -8.69
N ASP A 81 -6.83 4.20 -8.29
CA ASP A 81 -6.34 4.38 -6.94
C ASP A 81 -4.94 3.77 -6.83
N VAL A 82 -4.84 2.52 -7.26
CA VAL A 82 -3.57 1.81 -7.22
C VAL A 82 -3.46 0.89 -8.43
N LEU A 83 -2.39 1.09 -9.20
CA LEU A 83 -2.17 0.28 -10.38
C LEU A 83 -1.21 -0.86 -10.04
N THR A 84 -1.69 -2.07 -10.29
CA THR A 84 -0.90 -3.25 -10.02
C THR A 84 -0.84 -4.16 -11.26
N PHE A 85 0.39 -4.41 -11.70
CA PHE A 85 0.60 -5.25 -12.87
C PHE A 85 0.94 -6.68 -12.47
N PRO A 86 0.72 -7.62 -13.42
CA PRO A 86 1.01 -9.02 -13.17
C PRO A 86 2.51 -9.30 -13.20
N LEU A 87 3.01 -9.86 -12.11
CA LEU A 87 4.43 -10.17 -12.01
C LEU A 87 4.60 -11.63 -11.58
N MET A 88 3.52 -12.39 -11.76
CA MET A 88 3.55 -13.80 -11.40
C MET A 88 4.93 -14.40 -11.61
N GLU A 89 5.69 -14.46 -10.53
CA GLU A 89 7.03 -15.01 -10.58
C GLU A 89 7.31 -15.87 -9.35
N GLU A 90 8.55 -16.30 -9.23
CA GLU A 90 8.96 -17.13 -8.10
C GLU A 90 8.23 -16.68 -6.83
N ASP A 91 8.32 -15.39 -6.56
CA ASP A 91 7.68 -14.82 -5.38
C ASP A 91 7.50 -13.32 -5.58
N VAL A 92 6.39 -12.97 -6.21
CA VAL A 92 6.08 -11.58 -6.47
C VAL A 92 7.37 -10.81 -6.69
N TYR A 93 7.82 -10.16 -5.62
CA TYR A 93 9.05 -9.38 -5.68
C TYR A 93 9.07 -8.49 -6.93
N GLY A 94 7.95 -7.81 -7.15
CA GLY A 94 7.84 -6.93 -8.30
C GLY A 94 7.63 -5.48 -7.85
N GLU A 95 6.67 -4.83 -8.50
CA GLU A 95 6.36 -3.44 -8.18
C GLU A 95 4.85 -3.22 -8.20
N ILE A 96 4.43 -2.15 -7.55
CA ILE A 96 3.01 -1.81 -7.49
C ILE A 96 2.86 -0.29 -7.46
N TYR A 97 2.11 0.22 -8.41
CA TYR A 97 1.87 1.65 -8.50
C TYR A 97 0.72 2.08 -7.59
N VAL A 98 1.00 3.10 -6.79
CA VAL A 98 0.00 3.62 -5.86
C VAL A 98 -0.22 5.11 -6.14
N CYS A 99 -1.43 5.56 -5.83
CA CYS A 99 -1.79 6.95 -6.04
C CYS A 99 -2.69 7.39 -4.89
N PRO A 100 -2.08 8.10 -3.92
CA PRO A 100 -2.81 8.58 -2.75
C PRO A 100 -3.68 9.78 -3.13
N LEU A 101 -3.63 10.14 -4.40
CA LEU A 101 -4.41 11.26 -4.89
C LEU A 101 -5.90 10.91 -4.84
N ILE A 102 -6.26 9.86 -5.56
CA ILE A 102 -7.64 9.42 -5.60
C ILE A 102 -8.01 8.80 -4.25
N VAL A 103 -7.10 7.99 -3.73
CA VAL A 103 -7.32 7.34 -2.46
C VAL A 103 -7.69 8.38 -1.41
N GLU A 104 -6.98 9.50 -1.46
CA GLU A 104 -7.22 10.59 -0.52
C GLU A 104 -8.63 11.14 -0.70
N GLU A 105 -8.94 11.48 -1.94
CA GLU A 105 -10.25 12.02 -2.27
C GLU A 105 -11.35 11.02 -1.89
N ASN A 106 -11.02 9.75 -2.04
CA ASN A 106 -11.95 8.68 -1.72
C ASN A 106 -12.07 8.54 -0.20
N ALA A 107 -10.93 8.72 0.47
CA ALA A 107 -10.89 8.61 1.91
C ALA A 107 -11.56 9.85 2.53
N ARG A 108 -11.47 10.95 1.79
CA ARG A 108 -12.06 12.20 2.25
C ARG A 108 -13.58 12.10 2.29
N GLU A 109 -14.12 11.37 1.31
CA GLU A 109 -15.55 11.19 1.23
C GLU A 109 -16.00 10.07 2.17
N PHE A 110 -15.04 9.22 2.53
CA PHE A 110 -15.33 8.11 3.42
C PHE A 110 -14.63 8.31 4.78
N ASN A 111 -14.15 9.52 4.99
CA ASN A 111 -13.46 9.85 6.23
C ASN A 111 -12.57 8.68 6.64
N ASN A 112 -12.10 7.96 5.62
CA ASN A 112 -11.23 6.82 5.86
C ASN A 112 -9.83 7.30 6.22
N THR A 113 -8.99 6.36 6.63
CA THR A 113 -7.62 6.68 7.00
C THR A 113 -6.72 6.66 5.75
N PHE A 114 -6.48 7.84 5.21
CA PHE A 114 -5.63 7.97 4.04
C PHE A 114 -4.33 7.19 4.21
N GLU A 115 -3.89 7.10 5.46
CA GLU A 115 -2.66 6.39 5.76
C GLU A 115 -2.90 4.88 5.72
N LYS A 116 -4.07 4.49 6.21
CA LYS A 116 -4.43 3.09 6.24
C LYS A 116 -4.62 2.58 4.81
N GLU A 117 -5.44 3.31 4.06
CA GLU A 117 -5.71 2.94 2.68
C GLU A 117 -4.39 2.79 1.91
N LEU A 118 -3.49 3.73 2.14
CA LEU A 118 -2.20 3.71 1.48
C LEU A 118 -1.34 2.59 2.07
N LEU A 119 -1.58 2.31 3.35
CA LEU A 119 -0.85 1.27 4.04
C LEU A 119 -1.16 -0.09 3.40
N GLU A 120 -2.41 -0.24 2.99
CA GLU A 120 -2.86 -1.47 2.37
C GLU A 120 -2.02 -1.76 1.12
N VAL A 121 -2.02 -0.79 0.21
CA VAL A 121 -1.27 -0.92 -1.03
C VAL A 121 0.20 -1.13 -0.71
N VAL A 122 0.58 -0.68 0.48
CA VAL A 122 1.96 -0.82 0.91
C VAL A 122 2.23 -2.27 1.32
N ILE A 123 1.44 -2.73 2.29
CA ILE A 123 1.58 -4.09 2.78
C ILE A 123 1.14 -5.07 1.68
N HIS A 124 0.40 -4.54 0.72
CA HIS A 124 -0.09 -5.35 -0.38
C HIS A 124 1.09 -6.03 -1.08
N GLY A 125 2.14 -5.25 -1.28
CA GLY A 125 3.34 -5.76 -1.94
C GLY A 125 3.97 -6.88 -1.12
N ILE A 126 4.10 -6.63 0.18
CA ILE A 126 4.69 -7.61 1.08
C ILE A 126 3.74 -8.80 1.23
N LEU A 127 2.45 -8.48 1.34
CA LEU A 127 1.43 -9.51 1.48
C LEU A 127 1.63 -10.58 0.40
N HIS A 128 1.98 -10.11 -0.78
CA HIS A 128 2.21 -11.01 -1.91
C HIS A 128 3.24 -12.07 -1.51
N LEU A 129 4.46 -11.60 -1.27
CA LEU A 129 5.54 -12.50 -0.90
C LEU A 129 5.20 -13.16 0.44
N ALA A 130 4.43 -12.43 1.24
CA ALA A 130 4.03 -12.94 2.54
C ALA A 130 3.28 -14.26 2.36
N GLY A 131 2.82 -14.49 1.14
CA GLY A 131 2.09 -15.70 0.83
C GLY A 131 0.58 -15.48 0.97
N TYR A 132 -0.15 -15.92 -0.06
CA TYR A 132 -1.59 -15.78 -0.06
C TYR A 132 -2.20 -16.47 -1.28
N ASP A 133 -3.51 -16.27 -1.44
CA ASP A 133 -4.21 -16.87 -2.55
C ASP A 133 -3.99 -16.03 -3.81
N HIS A 134 -2.91 -16.34 -4.51
CA HIS A 134 -2.58 -15.62 -5.73
C HIS A 134 -3.85 -15.35 -6.53
N GLU A 135 -3.80 -14.27 -7.30
CA GLU A 135 -4.94 -13.89 -8.12
C GLU A 135 -6.07 -13.36 -7.24
N PHE A 136 -5.78 -13.24 -5.96
CA PHE A 136 -6.76 -12.76 -5.00
C PHE A 136 -7.64 -11.67 -5.62
N GLU A 137 -7.02 -10.89 -6.50
CA GLU A 137 -7.73 -9.81 -7.16
C GLU A 137 -9.02 -10.33 -7.79
N ASP A 138 -10.11 -10.19 -7.05
CA ASP A 138 -11.41 -10.64 -7.53
C ASP A 138 -12.47 -10.27 -6.49
N LYS A 139 -13.11 -9.13 -6.73
CA LYS A 139 -14.15 -8.64 -5.84
C LYS A 139 -13.54 -8.29 -4.49
N ASN A 140 -13.28 -9.33 -3.71
CA ASN A 140 -12.71 -9.15 -2.39
C ASN A 140 -12.57 -10.51 -1.70
N SER A 141 -11.84 -10.51 -0.60
CA SER A 141 -11.61 -11.73 0.16
C SER A 141 -11.53 -11.42 1.65
N LYS A 142 -11.94 -12.39 2.46
CA LYS A 142 -11.92 -12.22 3.90
C LYS A 142 -10.50 -12.47 4.42
N GLU A 143 -9.96 -13.62 4.04
CA GLU A 143 -8.61 -13.98 4.46
C GLU A 143 -7.62 -12.88 4.07
N MET A 144 -7.75 -12.43 2.83
CA MET A 144 -6.88 -11.38 2.33
C MET A 144 -6.99 -10.11 3.18
N PHE A 145 -8.22 -9.68 3.36
CA PHE A 145 -8.49 -8.48 4.16
C PHE A 145 -8.00 -8.66 5.59
N GLU A 146 -8.24 -9.84 6.13
CA GLU A 146 -7.83 -10.16 7.48
C GLU A 146 -6.30 -10.09 7.61
N LYS A 147 -5.64 -10.91 6.80
CA LYS A 147 -4.19 -10.96 6.81
C LYS A 147 -3.64 -9.59 6.42
N GLN A 148 -4.45 -8.85 5.68
CA GLN A 148 -4.06 -7.51 5.24
C GLN A 148 -4.23 -6.51 6.37
N LYS A 149 -5.24 -6.76 7.19
CA LYS A 149 -5.53 -5.88 8.31
C LYS A 149 -4.56 -6.17 9.46
N LYS A 150 -3.92 -7.33 9.36
CA LYS A 150 -2.96 -7.74 10.37
C LYS A 150 -1.73 -6.82 10.31
N TYR A 151 -1.09 -6.82 9.15
CA TYR A 151 0.09 -5.99 8.95
C TYR A 151 -0.28 -4.50 8.97
N VAL A 152 -1.49 -4.21 8.49
CA VAL A 152 -1.96 -2.84 8.46
C VAL A 152 -1.93 -2.25 9.87
N GLU A 153 -2.57 -2.97 10.78
CA GLU A 153 -2.63 -2.53 12.16
C GLU A 153 -1.24 -2.51 12.77
N GLU A 154 -0.41 -3.46 12.32
CA GLU A 154 0.94 -3.56 12.81
C GLU A 154 1.79 -2.39 12.30
N VAL A 155 1.73 -2.19 10.99
CA VAL A 155 2.48 -1.12 10.37
C VAL A 155 1.84 0.23 10.74
N TRP A 156 0.52 0.20 10.88
CA TRP A 156 -0.22 1.40 11.23
C TRP A 156 -0.04 1.65 12.73
N GLY A 157 0.46 0.62 13.41
CA GLY A 157 0.68 0.72 14.84
C GLY A 157 1.48 1.97 15.19
N GLU A 158 2.24 2.45 14.21
CA GLU A 158 3.04 3.64 14.40
C GLU A 158 2.24 4.89 14.09
N TRP A 159 1.82 5.00 12.84
CA TRP A 159 1.04 6.15 12.39
C TRP A 159 -0.20 6.24 13.29
N ARG A 160 -0.55 5.10 13.87
CA ARG A 160 -1.70 5.04 14.75
C ARG A 160 -1.69 6.21 15.73
N SER A 161 -0.51 6.48 16.26
CA SER A 161 -0.35 7.56 17.22
C SER A 161 -0.94 8.85 16.65
N ASN A 162 -1.07 8.87 15.33
CA ASN A 162 -1.61 10.04 14.65
C ASN A 162 -2.93 9.66 13.97
N PRO A 163 -4.05 9.83 14.74
CA PRO A 163 -5.36 9.50 14.22
C PRO A 163 -5.84 10.56 13.22
N SER A 164 -7.14 10.58 12.99
CA SER A 164 -7.73 11.54 12.07
C SER A 164 -6.98 12.86 12.14
N GLU A 165 -7.45 13.72 13.04
CA GLU A 165 -6.84 15.03 13.21
C GLU A 165 -6.99 15.49 14.66
N ASP A 166 -7.26 14.53 15.54
CA ASP A 166 -7.44 14.83 16.95
C ASP A 166 -6.94 13.65 17.79
N SER A 167 -5.98 13.93 18.65
CA SER A 167 -5.42 12.91 19.50
C SER A 167 -5.32 13.42 20.94
N ASP A 168 -4.94 12.52 21.84
CA ASP A 168 -4.80 12.86 23.25
C ASP A 168 -4.08 11.73 23.98
N PRO A 169 -2.73 11.85 24.03
CA PRO A 169 -1.92 10.84 24.70
C PRO A 169 -2.02 10.97 26.21
N GLY A 170 -3.23 10.75 26.71
CA GLY A 170 -3.48 10.84 28.14
C GLY A 170 -4.66 9.96 28.56
N LYS A 171 -5.85 10.52 28.42
CA LYS A 171 -7.06 9.80 28.77
C LYS A 171 -6.84 9.03 30.07
N ARG A 172 -5.97 9.58 30.91
CA ARG A 172 -5.65 8.96 32.19
C ARG A 172 -6.84 9.07 33.14
N MET A 23 15.04 -2.35 2.74
CA MET A 23 15.32 -3.38 1.75
C MET A 23 14.23 -3.43 0.68
N ILE A 24 13.62 -2.29 0.45
CA ILE A 24 12.56 -2.19 -0.53
C ILE A 24 12.94 -1.14 -1.59
N ARG A 25 12.34 -1.29 -2.76
CA ARG A 25 12.61 -0.38 -3.86
C ARG A 25 11.55 0.73 -3.91
N ILE A 26 12.00 1.94 -3.62
CA ILE A 26 11.10 3.10 -3.62
C ILE A 26 11.45 4.00 -4.80
N LEU A 27 10.59 3.95 -5.81
CA LEU A 27 10.81 4.76 -7.01
C LEU A 27 9.62 5.71 -7.18
N GLY A 28 9.81 6.70 -8.04
CA GLY A 28 8.76 7.67 -8.31
C GLY A 28 8.89 8.87 -7.37
N GLU A 29 7.83 9.67 -7.34
CA GLU A 29 7.81 10.86 -6.50
C GLU A 29 6.38 11.14 -6.02
N GLY A 30 6.27 11.50 -4.75
CA GLY A 30 4.97 11.80 -4.17
C GLY A 30 4.92 11.36 -2.70
N LYS A 31 4.20 12.14 -1.91
CA LYS A 31 4.05 11.84 -0.50
C LYS A 31 3.92 10.32 -0.31
N GLY A 32 5.00 9.72 0.15
CA GLY A 32 5.02 8.28 0.38
C GLY A 32 6.46 7.77 0.49
N SER A 33 7.35 8.42 -0.23
CA SER A 33 8.75 8.05 -0.20
C SER A 33 9.28 8.04 1.24
N LYS A 34 9.08 9.17 1.90
CA LYS A 34 9.53 9.32 3.27
C LYS A 34 8.59 8.54 4.19
N LEU A 35 7.29 8.65 3.90
CA LEU A 35 6.29 7.97 4.69
C LEU A 35 6.69 6.50 4.88
N LEU A 36 7.34 5.97 3.85
CA LEU A 36 7.78 4.58 3.88
C LEU A 36 9.03 4.48 4.77
N GLU A 37 9.97 5.38 4.50
CA GLU A 37 11.21 5.40 5.27
C GLU A 37 10.92 5.41 6.77
N ASN A 38 9.70 5.83 7.09
CA ASN A 38 9.28 5.90 8.48
C ASN A 38 9.02 4.48 9.00
N LEU A 39 8.22 3.75 8.25
CA LEU A 39 7.88 2.39 8.63
C LEU A 39 8.49 1.42 7.61
N LYS A 40 9.69 1.75 7.18
CA LYS A 40 10.39 0.92 6.21
C LYS A 40 10.86 -0.37 6.88
N GLU A 41 11.66 -0.20 7.92
CA GLU A 41 12.18 -1.34 8.65
C GLU A 41 11.03 -2.15 9.25
N LYS A 42 10.04 -1.44 9.74
CA LYS A 42 8.87 -2.08 10.34
C LYS A 42 8.24 -3.02 9.32
N LEU A 43 8.38 -2.66 8.05
CA LEU A 43 7.84 -3.46 6.97
C LEU A 43 8.79 -4.62 6.67
N GLU A 44 10.07 -4.30 6.64
CA GLU A 44 11.09 -5.29 6.37
C GLU A 44 10.92 -6.49 7.30
N GLU A 45 10.24 -6.25 8.41
CA GLU A 45 10.02 -7.29 9.40
C GLU A 45 9.07 -8.35 8.83
N ILE A 46 7.93 -7.88 8.34
CA ILE A 46 6.94 -8.78 7.77
C ILE A 46 7.53 -9.49 6.55
N VAL A 47 8.30 -8.73 5.78
CA VAL A 47 8.94 -9.28 4.60
C VAL A 47 10.04 -10.25 5.02
N LYS A 48 10.83 -9.82 6.00
CA LYS A 48 11.92 -10.65 6.50
C LYS A 48 11.34 -11.86 7.22
N LYS A 49 10.24 -11.63 7.92
CA LYS A 49 9.59 -12.69 8.65
C LYS A 49 9.19 -13.81 7.69
N GLU A 50 8.48 -13.42 6.63
CA GLU A 50 8.04 -14.38 5.63
C GLU A 50 9.21 -14.81 4.76
N ILE A 51 9.86 -13.82 4.16
CA ILE A 51 11.00 -14.09 3.30
C ILE A 51 11.63 -12.77 2.87
N GLY A 52 12.76 -12.46 3.48
CA GLY A 52 13.47 -11.23 3.18
C GLY A 52 14.00 -11.24 1.75
N ASP A 53 14.99 -10.39 1.50
CA ASP A 53 15.57 -10.29 0.18
C ASP A 53 14.48 -10.42 -0.88
N VAL A 54 13.59 -9.44 -0.86
CA VAL A 54 12.49 -9.43 -1.82
C VAL A 54 12.74 -8.34 -2.86
N HIS A 55 11.68 -8.01 -3.58
CA HIS A 55 11.76 -6.98 -4.61
C HIS A 55 10.41 -6.30 -4.78
N VAL A 56 10.29 -5.13 -4.16
CA VAL A 56 9.06 -4.36 -4.23
C VAL A 56 9.36 -2.95 -4.74
N ASN A 57 9.04 -2.74 -6.02
CA ASN A 57 9.28 -1.45 -6.64
C ASN A 57 7.99 -0.63 -6.59
N VAL A 58 7.97 0.33 -5.68
CA VAL A 58 6.82 1.19 -5.52
C VAL A 58 7.04 2.49 -6.30
N ILE A 59 6.07 2.83 -7.13
CA ILE A 59 6.14 4.03 -7.94
C ILE A 59 5.14 5.06 -7.40
N LEU A 60 5.69 6.12 -6.81
CA LEU A 60 4.86 7.17 -6.25
C LEU A 60 4.49 8.16 -7.36
N VAL A 61 3.22 8.16 -7.73
CA VAL A 61 2.72 9.05 -8.76
C VAL A 61 1.42 9.69 -8.30
N SER A 62 1.32 10.99 -8.56
CA SER A 62 0.13 11.74 -8.17
C SER A 62 -1.06 11.29 -9.03
N GLU A 63 -2.11 12.11 -8.99
CA GLU A 63 -3.30 11.81 -9.75
C GLU A 63 -3.05 12.04 -11.25
N ASP A 64 -2.51 13.21 -11.55
CA ASP A 64 -2.22 13.54 -12.93
C ASP A 64 -1.08 12.67 -13.45
N GLU A 65 -0.11 12.45 -12.57
CA GLU A 65 1.04 11.62 -12.92
C GLU A 65 0.58 10.20 -13.28
N ILE A 66 -0.35 9.70 -12.49
CA ILE A 66 -0.87 8.36 -12.71
C ILE A 66 -1.85 8.40 -13.89
N LYS A 67 -2.53 9.52 -14.03
CA LYS A 67 -3.50 9.69 -15.10
C LYS A 67 -2.85 9.27 -16.42
N GLU A 68 -1.63 9.73 -16.62
CA GLU A 68 -0.89 9.41 -17.84
C GLU A 68 -0.30 8.01 -17.75
N LEU A 69 0.36 7.75 -16.63
CA LEU A 69 0.97 6.45 -16.40
C LEU A 69 -0.02 5.34 -16.81
N ASN A 70 -1.26 5.53 -16.40
CA ASN A 70 -2.30 4.56 -16.71
C ASN A 70 -2.44 4.44 -18.22
N GLN A 71 -2.33 5.58 -18.90
CA GLN A 71 -2.44 5.62 -20.34
C GLN A 71 -1.14 5.13 -20.99
N GLN A 72 -0.05 5.23 -20.22
CA GLN A 72 1.25 4.79 -20.70
C GLN A 72 1.25 3.29 -20.94
N PHE A 73 0.41 2.59 -20.19
CA PHE A 73 0.31 1.15 -20.32
C PHE A 73 -1.15 0.72 -20.52
N ARG A 74 -1.98 1.12 -19.57
CA ARG A 74 -3.39 0.79 -19.63
C ARG A 74 -4.08 1.54 -20.78
N GLY A 75 -3.36 2.53 -21.30
CA GLY A 75 -3.88 3.34 -22.39
C GLY A 75 -5.26 3.91 -22.04
N GLN A 76 -5.47 4.11 -20.75
CA GLN A 76 -6.73 4.65 -20.28
C GLN A 76 -6.49 5.92 -19.46
N ASP A 77 -7.29 6.94 -19.74
CA ASP A 77 -7.17 8.20 -19.04
C ASP A 77 -8.19 8.24 -17.90
N ARG A 78 -7.72 7.88 -16.71
CA ARG A 78 -8.59 7.87 -15.54
C ARG A 78 -7.77 7.52 -14.30
N PRO A 79 -8.08 8.26 -13.18
CA PRO A 79 -7.38 8.04 -11.93
C PRO A 79 -7.87 6.75 -11.25
N THR A 80 -7.10 6.32 -10.26
CA THR A 80 -7.44 5.12 -9.53
C THR A 80 -6.80 5.14 -8.13
N ASP A 81 -7.15 4.14 -7.35
CA ASP A 81 -6.62 4.02 -5.99
C ASP A 81 -5.13 3.73 -6.06
N VAL A 82 -4.81 2.57 -6.63
CA VAL A 82 -3.42 2.15 -6.76
C VAL A 82 -3.28 1.27 -8.01
N LEU A 83 -2.24 1.55 -8.77
CA LEU A 83 -1.98 0.79 -9.99
C LEU A 83 -0.97 -0.32 -9.67
N THR A 84 -1.30 -1.52 -10.13
CA THR A 84 -0.44 -2.67 -9.91
C THR A 84 -0.07 -3.32 -11.25
N PHE A 85 1.12 -3.91 -11.28
CA PHE A 85 1.59 -4.58 -12.48
C PHE A 85 0.99 -5.98 -12.61
N PRO A 86 0.68 -6.35 -13.88
CA PRO A 86 0.10 -7.66 -14.15
C PRO A 86 1.15 -8.76 -14.05
N LEU A 87 1.06 -9.54 -12.98
CA LEU A 87 1.99 -10.62 -12.76
C LEU A 87 1.55 -11.41 -11.52
N MET A 88 0.25 -11.53 -11.36
CA MET A 88 -0.31 -12.26 -10.23
C MET A 88 0.38 -13.61 -10.07
N GLU A 89 1.34 -13.64 -9.15
CA GLU A 89 2.08 -14.86 -8.89
C GLU A 89 2.41 -14.97 -7.40
N GLU A 90 3.14 -16.02 -7.05
CA GLU A 90 3.53 -16.24 -5.67
C GLU A 90 4.83 -15.50 -5.35
N ASP A 91 4.89 -14.26 -5.80
CA ASP A 91 6.06 -13.44 -5.57
C ASP A 91 6.09 -12.30 -6.61
N VAL A 92 5.36 -11.24 -6.29
CA VAL A 92 5.30 -10.09 -7.17
C VAL A 92 6.68 -9.84 -7.78
N TYR A 93 7.64 -9.56 -6.91
CA TYR A 93 8.99 -9.30 -7.34
C TYR A 93 9.02 -8.32 -8.51
N GLY A 94 7.96 -7.53 -8.60
CA GLY A 94 7.84 -6.55 -9.67
C GLY A 94 7.73 -5.14 -9.10
N GLU A 95 6.96 -4.31 -9.80
CA GLU A 95 6.76 -2.94 -9.37
C GLU A 95 5.26 -2.62 -9.29
N ILE A 96 4.94 -1.68 -8.42
CA ILE A 96 3.56 -1.28 -8.23
C ILE A 96 3.49 0.25 -8.07
N TYR A 97 2.55 0.85 -8.80
CA TYR A 97 2.37 2.28 -8.75
C TYR A 97 1.24 2.67 -7.79
N VAL A 98 1.59 3.53 -6.84
CA VAL A 98 0.62 3.97 -5.85
C VAL A 98 0.42 5.48 -5.98
N CYS A 99 -0.78 5.93 -5.65
CA CYS A 99 -1.10 7.35 -5.73
C CYS A 99 -1.90 7.72 -4.48
N PRO A 100 -1.18 8.37 -3.52
CA PRO A 100 -1.82 8.80 -2.28
C PRO A 100 -2.70 10.03 -2.50
N LEU A 101 -2.68 10.50 -3.74
CA LEU A 101 -3.48 11.66 -4.09
C LEU A 101 -4.95 11.28 -4.12
N ILE A 102 -5.25 10.22 -4.86
CA ILE A 102 -6.61 9.74 -4.98
C ILE A 102 -7.01 9.01 -3.69
N VAL A 103 -6.06 8.26 -3.17
CA VAL A 103 -6.30 7.50 -1.94
C VAL A 103 -6.82 8.45 -0.86
N GLU A 104 -6.05 9.51 -0.63
CA GLU A 104 -6.41 10.50 0.37
C GLU A 104 -7.84 10.99 0.13
N GLU A 105 -8.11 11.34 -1.12
CA GLU A 105 -9.43 11.82 -1.50
C GLU A 105 -10.50 10.80 -1.13
N ASN A 106 -10.17 9.54 -1.38
CA ASN A 106 -11.09 8.45 -1.10
C ASN A 106 -11.25 8.32 0.42
N ALA A 107 -10.16 8.58 1.13
CA ALA A 107 -10.17 8.50 2.58
C ALA A 107 -10.83 9.75 3.15
N ARG A 108 -10.73 10.84 2.39
CA ARG A 108 -11.31 12.10 2.81
C ARG A 108 -12.84 12.02 2.76
N GLU A 109 -13.34 11.22 1.84
CA GLU A 109 -14.77 11.04 1.67
C GLU A 109 -15.31 10.06 2.70
N PHE A 110 -14.42 9.18 3.17
CA PHE A 110 -14.81 8.20 4.16
C PHE A 110 -14.00 8.37 5.45
N ASN A 111 -13.41 9.55 5.58
CA ASN A 111 -12.61 9.86 6.75
C ASN A 111 -11.76 8.65 7.12
N ASN A 112 -11.43 7.87 6.09
CA ASN A 112 -10.62 6.68 6.30
C ASN A 112 -9.17 7.10 6.56
N THR A 113 -8.46 6.22 7.26
CA THR A 113 -7.06 6.48 7.58
C THR A 113 -6.20 6.40 6.32
N PHE A 114 -5.95 7.57 5.75
CA PHE A 114 -5.14 7.66 4.54
C PHE A 114 -3.89 6.78 4.66
N GLU A 115 -3.21 6.93 5.79
CA GLU A 115 -2.00 6.16 6.03
C GLU A 115 -2.29 4.66 5.92
N LYS A 116 -3.35 4.25 6.60
CA LYS A 116 -3.75 2.85 6.59
C LYS A 116 -3.96 2.39 5.15
N GLU A 117 -4.79 3.14 4.44
CA GLU A 117 -5.08 2.84 3.05
C GLU A 117 -3.79 2.69 2.25
N LEU A 118 -2.76 3.39 2.71
CA LEU A 118 -1.46 3.34 2.06
C LEU A 118 -0.70 2.11 2.53
N LEU A 119 -0.72 1.91 3.85
CA LEU A 119 -0.04 0.77 4.45
C LEU A 119 -0.40 -0.50 3.67
N GLU A 120 -1.60 -0.49 3.10
CA GLU A 120 -2.08 -1.63 2.35
C GLU A 120 -1.28 -1.78 1.05
N VAL A 121 -1.26 -0.71 0.28
CA VAL A 121 -0.53 -0.71 -0.98
C VAL A 121 0.94 -1.00 -0.72
N VAL A 122 1.36 -0.70 0.51
CA VAL A 122 2.75 -0.92 0.89
C VAL A 122 2.95 -2.41 1.19
N ILE A 123 2.16 -2.92 2.12
CA ILE A 123 2.25 -4.31 2.50
C ILE A 123 1.78 -5.19 1.33
N HIS A 124 1.08 -4.55 0.40
CA HIS A 124 0.58 -5.24 -0.76
C HIS A 124 1.71 -6.00 -1.45
N GLY A 125 2.82 -5.30 -1.64
CA GLY A 125 3.98 -5.89 -2.28
C GLY A 125 4.61 -6.95 -1.38
N ILE A 126 4.67 -6.66 -0.10
CA ILE A 126 5.24 -7.58 0.87
C ILE A 126 4.38 -8.84 0.94
N LEU A 127 3.08 -8.61 1.07
CA LEU A 127 2.15 -9.73 1.15
C LEU A 127 2.39 -10.68 -0.03
N HIS A 128 2.39 -10.12 -1.22
CA HIS A 128 2.61 -10.90 -2.42
C HIS A 128 3.85 -11.77 -2.24
N LEU A 129 4.83 -11.22 -1.53
CA LEU A 129 6.07 -11.93 -1.28
C LEU A 129 5.90 -12.82 -0.05
N ALA A 130 4.97 -12.42 0.81
CA ALA A 130 4.70 -13.18 2.02
C ALA A 130 4.00 -14.48 1.66
N GLY A 131 3.24 -14.43 0.58
CA GLY A 131 2.50 -15.59 0.12
C GLY A 131 1.00 -15.39 0.27
N TYR A 132 0.24 -16.26 -0.39
CA TYR A 132 -1.20 -16.19 -0.34
C TYR A 132 -1.82 -17.59 -0.26
N ASP A 133 -3.14 -17.62 -0.44
CA ASP A 133 -3.86 -18.88 -0.40
C ASP A 133 -4.52 -19.14 -1.75
N HIS A 134 -5.04 -20.35 -1.90
CA HIS A 134 -5.70 -20.73 -3.14
C HIS A 134 -6.60 -19.59 -3.62
N GLU A 135 -6.06 -18.80 -4.53
CA GLU A 135 -6.80 -17.67 -5.07
C GLU A 135 -7.22 -16.72 -3.94
N PHE A 136 -6.67 -15.51 -4.00
CA PHE A 136 -6.97 -14.51 -3.00
C PHE A 136 -7.46 -13.21 -3.64
N GLU A 137 -8.14 -13.38 -4.78
CA GLU A 137 -8.67 -12.24 -5.51
C GLU A 137 -10.15 -12.46 -5.83
N ASP A 138 -10.86 -11.36 -5.96
CA ASP A 138 -12.28 -11.42 -6.26
C ASP A 138 -12.93 -12.53 -5.44
N LYS A 139 -13.22 -12.22 -4.19
CA LYS A 139 -13.84 -13.18 -3.30
C LYS A 139 -14.09 -12.51 -1.95
N ASN A 140 -14.96 -13.14 -1.16
CA ASN A 140 -15.30 -12.63 0.14
C ASN A 140 -14.04 -12.14 0.84
N SER A 141 -12.93 -12.79 0.51
CA SER A 141 -11.65 -12.43 1.09
C SER A 141 -11.82 -12.10 2.57
N LYS A 142 -12.20 -13.12 3.33
CA LYS A 142 -12.40 -12.96 4.76
C LYS A 142 -11.05 -13.04 5.47
N GLU A 143 -10.31 -14.10 5.17
CA GLU A 143 -9.00 -14.30 5.78
C GLU A 143 -7.97 -13.39 5.12
N MET A 144 -8.06 -13.31 3.80
CA MET A 144 -7.14 -12.48 3.04
C MET A 144 -7.06 -11.07 3.62
N PHE A 145 -8.22 -10.46 3.81
CA PHE A 145 -8.28 -9.12 4.35
C PHE A 145 -7.61 -9.06 5.72
N GLU A 146 -7.80 -10.13 6.49
CA GLU A 146 -7.21 -10.21 7.82
C GLU A 146 -5.69 -10.23 7.72
N LYS A 147 -5.20 -10.89 6.69
CA LYS A 147 -3.76 -11.00 6.48
C LYS A 147 -3.19 -9.62 6.17
N GLN A 148 -3.99 -8.82 5.48
CA GLN A 148 -3.59 -7.48 5.12
C GLN A 148 -3.80 -6.51 6.29
N LYS A 149 -4.80 -6.84 7.10
CA LYS A 149 -5.11 -6.02 8.26
C LYS A 149 -4.14 -6.34 9.38
N LYS A 150 -3.47 -7.48 9.24
CA LYS A 150 -2.51 -7.92 10.23
C LYS A 150 -1.25 -7.06 10.13
N TYR A 151 -0.72 -6.98 8.92
CA TYR A 151 0.47 -6.20 8.67
C TYR A 151 0.17 -4.70 8.75
N VAL A 152 -1.06 -4.35 8.41
CA VAL A 152 -1.49 -2.96 8.43
C VAL A 152 -1.41 -2.43 9.87
N GLU A 153 -2.13 -3.12 10.75
CA GLU A 153 -2.16 -2.74 12.15
C GLU A 153 -0.74 -2.79 12.74
N GLU A 154 -0.05 -3.88 12.44
CA GLU A 154 1.29 -4.06 12.93
C GLU A 154 2.17 -2.87 12.55
N VAL A 155 2.25 -2.63 11.24
CA VAL A 155 3.05 -1.53 10.73
C VAL A 155 2.42 -0.21 11.18
N TRP A 156 1.10 -0.20 11.20
CA TRP A 156 0.37 1.00 11.61
C TRP A 156 0.68 1.26 13.08
N GLY A 157 1.27 0.26 13.72
CA GLY A 157 1.62 0.37 15.13
C GLY A 157 2.39 1.66 15.40
N GLU A 158 3.11 2.12 14.38
CA GLU A 158 3.88 3.34 14.51
C GLU A 158 3.02 4.56 14.15
N TRP A 159 2.51 4.53 12.92
CA TRP A 159 1.68 5.62 12.44
C TRP A 159 0.53 5.81 13.43
N ARG A 160 0.27 4.75 14.20
CA ARG A 160 -0.79 4.79 15.19
C ARG A 160 -0.53 5.88 16.22
N SER A 161 0.72 6.32 16.25
CA SER A 161 1.13 7.36 17.19
C SER A 161 0.71 8.73 16.66
N ASN A 162 0.28 8.74 15.40
CA ASN A 162 -0.15 9.97 14.76
C ASN A 162 -1.27 9.66 13.78
N PRO A 163 -2.42 9.16 14.34
CA PRO A 163 -3.57 8.83 13.52
C PRO A 163 -4.30 10.08 13.06
N SER A 164 -5.55 9.89 12.67
CA SER A 164 -6.37 11.00 12.21
C SER A 164 -6.07 12.25 13.03
N GLU A 165 -5.63 13.29 12.33
CA GLU A 165 -5.29 14.54 12.98
C GLU A 165 -6.30 14.84 14.10
N ASP A 166 -5.79 15.33 15.22
CA ASP A 166 -6.62 15.66 16.35
C ASP A 166 -7.21 14.37 16.93
N SER A 167 -6.72 14.02 18.12
CA SER A 167 -7.19 12.82 18.80
C SER A 167 -8.26 13.18 19.83
N ASP A 168 -8.82 12.14 20.45
CA ASP A 168 -9.84 12.35 21.46
C ASP A 168 -11.07 12.98 20.81
N PRO A 169 -12.24 12.32 21.03
CA PRO A 169 -13.49 12.81 20.47
C PRO A 169 -13.99 14.03 21.26
N GLY A 170 -14.12 13.85 22.57
CA GLY A 170 -14.58 14.92 23.42
C GLY A 170 -14.50 14.52 24.90
N LYS A 171 -13.42 14.95 25.53
CA LYS A 171 -13.20 14.63 26.93
C LYS A 171 -12.69 13.20 27.06
N ARG A 172 -12.95 12.62 28.23
CA ARG A 172 -12.52 11.26 28.49
C ARG A 172 -12.71 10.39 27.24
N MET A 23 13.40 -5.40 3.78
CA MET A 23 13.67 -4.12 3.13
C MET A 23 12.50 -3.72 2.22
N ILE A 24 12.43 -2.42 1.96
CA ILE A 24 11.36 -1.89 1.12
C ILE A 24 11.94 -0.79 0.22
N ARG A 25 11.30 -0.63 -0.93
CA ARG A 25 11.74 0.38 -1.89
C ARG A 25 10.61 1.37 -2.16
N ILE A 26 10.96 2.65 -2.13
CA ILE A 26 9.99 3.70 -2.37
C ILE A 26 10.46 4.57 -3.53
N LEU A 27 9.50 5.00 -4.34
CA LEU A 27 9.80 5.82 -5.49
C LEU A 27 8.62 6.77 -5.76
N GLY A 28 8.90 7.80 -6.53
CA GLY A 28 7.88 8.78 -6.86
C GLY A 28 7.72 9.82 -5.75
N GLU A 29 6.64 10.57 -5.84
CA GLU A 29 6.35 11.59 -4.85
C GLU A 29 4.89 11.52 -4.42
N GLY A 30 4.67 11.79 -3.14
CA GLY A 30 3.33 11.76 -2.59
C GLY A 30 3.33 11.28 -1.14
N LYS A 31 2.68 12.06 -0.29
CA LYS A 31 2.61 11.72 1.13
C LYS A 31 2.42 10.22 1.29
N GLY A 32 3.49 9.56 1.69
CA GLY A 32 3.45 8.12 1.89
C GLY A 32 4.87 7.54 1.98
N SER A 33 5.78 8.16 1.25
CA SER A 33 7.17 7.72 1.24
C SER A 33 7.71 7.71 2.67
N LYS A 34 7.55 8.83 3.35
CA LYS A 34 8.02 8.97 4.72
C LYS A 34 7.20 8.04 5.62
N LEU A 35 5.91 7.95 5.32
CA LEU A 35 5.03 7.10 6.10
C LEU A 35 5.58 5.68 6.13
N LEU A 36 6.16 5.28 5.01
CA LEU A 36 6.74 3.95 4.90
C LEU A 36 7.99 3.86 5.77
N GLU A 37 8.86 4.84 5.61
CA GLU A 37 10.08 4.90 6.38
C GLU A 37 9.79 4.75 7.87
N ASN A 38 8.59 5.16 8.25
CA ASN A 38 8.18 5.08 9.64
C ASN A 38 8.06 3.61 10.04
N LEU A 39 7.44 2.83 9.16
CA LEU A 39 7.27 1.41 9.41
C LEU A 39 8.08 0.61 8.39
N LYS A 40 9.27 1.13 8.09
CA LYS A 40 10.14 0.47 7.13
C LYS A 40 10.64 -0.84 7.73
N GLU A 41 11.30 -0.72 8.88
CA GLU A 41 11.83 -1.89 9.56
C GLU A 41 10.70 -2.83 9.96
N LYS A 42 9.53 -2.26 10.21
CA LYS A 42 8.37 -3.03 10.60
C LYS A 42 8.09 -4.08 9.52
N LEU A 43 8.26 -3.66 8.27
CA LEU A 43 8.03 -4.56 7.15
C LEU A 43 9.24 -5.48 6.98
N GLU A 44 10.40 -4.94 7.29
CA GLU A 44 11.64 -5.69 7.17
C GLU A 44 11.59 -6.94 8.07
N GLU A 45 10.65 -6.91 9.01
CA GLU A 45 10.48 -8.02 9.92
C GLU A 45 9.72 -9.16 9.26
N ILE A 46 8.55 -8.82 8.73
CA ILE A 46 7.72 -9.80 8.06
C ILE A 46 8.55 -10.54 7.01
N VAL A 47 9.21 -9.76 6.17
CA VAL A 47 10.03 -10.31 5.11
C VAL A 47 11.01 -11.32 5.71
N LYS A 48 11.72 -10.87 6.74
CA LYS A 48 12.70 -11.71 7.41
C LYS A 48 11.96 -12.85 8.12
N LYS A 49 10.70 -12.58 8.45
CA LYS A 49 9.89 -13.57 9.13
C LYS A 49 9.77 -14.82 8.26
N GLU A 50 9.10 -14.66 7.13
CA GLU A 50 8.91 -15.75 6.21
C GLU A 50 10.08 -15.84 5.23
N ILE A 51 10.21 -14.80 4.41
CA ILE A 51 11.28 -14.75 3.43
C ILE A 51 11.17 -13.45 2.62
N GLY A 52 12.22 -12.66 2.68
CA GLY A 52 12.25 -11.40 1.97
C GLY A 52 13.09 -11.51 0.70
N ASP A 53 14.32 -11.05 0.80
CA ASP A 53 15.24 -11.08 -0.34
C ASP A 53 14.48 -10.71 -1.61
N VAL A 54 13.62 -9.71 -1.47
CA VAL A 54 12.83 -9.23 -2.60
C VAL A 54 13.05 -7.73 -2.78
N HIS A 55 12.23 -7.15 -3.64
CA HIS A 55 12.32 -5.72 -3.91
C HIS A 55 10.95 -5.19 -4.33
N VAL A 56 10.33 -4.45 -3.41
CA VAL A 56 9.02 -3.88 -3.67
C VAL A 56 9.16 -2.38 -3.94
N ASN A 57 8.98 -2.01 -5.19
CA ASN A 57 9.08 -0.61 -5.58
C ASN A 57 7.71 0.05 -5.49
N VAL A 58 7.61 1.02 -4.60
CA VAL A 58 6.36 1.74 -4.40
C VAL A 58 6.43 3.09 -5.12
N ILE A 59 5.43 3.35 -5.93
CA ILE A 59 5.37 4.60 -6.67
C ILE A 59 4.26 5.48 -6.10
N LEU A 60 4.67 6.61 -5.55
CA LEU A 60 3.72 7.54 -4.95
C LEU A 60 3.21 8.50 -6.04
N VAL A 61 1.92 8.39 -6.31
CA VAL A 61 1.30 9.24 -7.32
C VAL A 61 -0.05 9.73 -6.80
N SER A 62 -0.30 11.01 -7.04
CA SER A 62 -1.54 11.63 -6.61
C SER A 62 -2.68 11.25 -7.56
N GLU A 63 -3.78 11.97 -7.44
CA GLU A 63 -4.94 11.71 -8.28
C GLU A 63 -4.65 12.13 -9.72
N ASP A 64 -4.15 13.35 -9.86
CA ASP A 64 -3.82 13.88 -11.18
C ASP A 64 -2.56 13.19 -11.71
N GLU A 65 -1.75 12.75 -10.77
CA GLU A 65 -0.51 12.06 -11.13
C GLU A 65 -0.80 10.62 -11.56
N ILE A 66 -1.77 10.03 -10.89
CA ILE A 66 -2.16 8.65 -11.18
C ILE A 66 -3.10 8.65 -12.39
N LYS A 67 -3.88 9.71 -12.51
CA LYS A 67 -4.82 9.84 -13.60
C LYS A 67 -4.09 9.57 -14.92
N GLU A 68 -2.94 10.21 -15.07
CA GLU A 68 -2.16 10.04 -16.28
C GLU A 68 -1.37 8.72 -16.23
N LEU A 69 -0.69 8.52 -15.10
CA LEU A 69 0.09 7.31 -14.92
C LEU A 69 -0.75 6.10 -15.32
N ASN A 70 -2.06 6.26 -15.20
CA ASN A 70 -2.98 5.19 -15.53
C ASN A 70 -2.91 4.91 -17.04
N GLN A 71 -3.10 5.97 -17.82
CA GLN A 71 -3.06 5.86 -19.26
C GLN A 71 -1.62 5.66 -19.74
N GLN A 72 -0.70 6.14 -18.92
CA GLN A 72 0.72 6.02 -19.24
C GLN A 72 1.06 4.58 -19.64
N PHE A 73 0.27 3.66 -19.10
CA PHE A 73 0.47 2.25 -19.39
C PHE A 73 -0.83 1.58 -19.83
N ARG A 74 -1.89 1.89 -19.10
CA ARG A 74 -3.20 1.34 -19.40
C ARG A 74 -3.76 1.96 -20.68
N GLY A 75 -3.26 3.15 -20.98
CA GLY A 75 -3.70 3.87 -22.17
C GLY A 75 -5.14 4.37 -22.01
N GLN A 76 -5.65 4.22 -20.79
CA GLN A 76 -7.01 4.64 -20.50
C GLN A 76 -6.98 5.80 -19.50
N ASP A 77 -7.91 6.73 -19.70
CA ASP A 77 -8.01 7.89 -18.83
C ASP A 77 -9.02 7.60 -17.72
N ARG A 78 -8.48 7.20 -16.56
CA ARG A 78 -9.32 6.89 -15.42
C ARG A 78 -8.45 6.62 -14.18
N PRO A 79 -8.67 7.46 -13.13
CA PRO A 79 -7.91 7.31 -11.91
C PRO A 79 -8.42 6.11 -11.09
N THR A 80 -7.65 5.78 -10.06
CA THR A 80 -8.00 4.66 -9.20
C THR A 80 -7.34 4.81 -7.84
N ASP A 81 -7.71 3.92 -6.93
CA ASP A 81 -7.17 3.94 -5.58
C ASP A 81 -5.67 3.61 -5.63
N VAL A 82 -5.38 2.38 -6.04
CA VAL A 82 -4.01 1.94 -6.14
C VAL A 82 -3.81 1.20 -7.46
N LEU A 83 -2.70 1.52 -8.12
CA LEU A 83 -2.38 0.91 -9.40
C LEU A 83 -1.44 -0.29 -9.16
N THR A 84 -1.85 -1.43 -9.69
CA THR A 84 -1.06 -2.64 -9.55
C THR A 84 -0.16 -2.85 -10.77
N PHE A 85 1.07 -3.24 -10.49
CA PHE A 85 2.04 -3.47 -11.55
C PHE A 85 1.79 -4.81 -12.24
N PRO A 86 2.11 -4.84 -13.57
CA PRO A 86 1.92 -6.05 -14.35
C PRO A 86 3.00 -7.09 -14.04
N LEU A 87 2.58 -8.12 -13.31
CA LEU A 87 3.50 -9.18 -12.92
C LEU A 87 2.73 -10.26 -12.16
N MET A 88 1.61 -10.68 -12.75
CA MET A 88 0.78 -11.69 -12.14
C MET A 88 1.63 -12.72 -11.38
N GLU A 89 1.73 -12.53 -10.08
CA GLU A 89 2.51 -13.43 -9.25
C GLU A 89 3.94 -13.53 -9.77
N GLU A 90 4.56 -14.66 -9.45
CA GLU A 90 5.93 -14.89 -9.90
C GLU A 90 6.92 -14.32 -8.88
N ASP A 91 6.58 -14.48 -7.61
CA ASP A 91 7.42 -13.98 -6.53
C ASP A 91 7.08 -12.51 -6.25
N VAL A 92 6.93 -11.76 -7.34
CA VAL A 92 6.61 -10.34 -7.23
C VAL A 92 7.84 -9.58 -6.79
N TYR A 93 8.20 -8.57 -7.59
CA TYR A 93 9.35 -7.76 -7.30
C TYR A 93 9.46 -6.59 -8.28
N GLY A 94 8.29 -6.10 -8.69
CA GLY A 94 8.25 -4.98 -9.63
C GLY A 94 8.04 -3.66 -8.89
N GLU A 95 7.18 -2.83 -9.45
CA GLU A 95 6.89 -1.53 -8.87
C GLU A 95 5.39 -1.26 -8.88
N ILE A 96 4.82 -1.19 -7.68
CA ILE A 96 3.39 -0.94 -7.55
C ILE A 96 3.16 0.54 -7.27
N TYR A 97 2.12 1.07 -7.87
CA TYR A 97 1.78 2.48 -7.70
C TYR A 97 0.59 2.64 -6.76
N VAL A 98 0.74 3.57 -5.82
CA VAL A 98 -0.31 3.84 -4.86
C VAL A 98 -0.57 5.34 -4.78
N CYS A 99 -1.81 5.69 -4.45
CA CYS A 99 -2.20 7.07 -4.35
C CYS A 99 -3.03 7.26 -3.07
N PRO A 100 -2.38 7.85 -2.04
CA PRO A 100 -3.04 8.08 -0.77
C PRO A 100 -4.02 9.26 -0.87
N LEU A 101 -4.09 9.82 -2.06
CA LEU A 101 -4.98 10.94 -2.31
C LEU A 101 -6.42 10.46 -2.33
N ILE A 102 -6.66 9.44 -3.15
CA ILE A 102 -7.99 8.87 -3.27
C ILE A 102 -8.28 8.01 -2.04
N VAL A 103 -7.29 7.23 -1.65
CA VAL A 103 -7.42 6.37 -0.49
C VAL A 103 -7.90 7.19 0.70
N GLU A 104 -7.20 8.29 0.95
CA GLU A 104 -7.54 9.16 2.05
C GLU A 104 -8.99 9.64 1.92
N GLU A 105 -9.30 10.17 0.75
CA GLU A 105 -10.64 10.67 0.48
C GLU A 105 -11.67 9.58 0.77
N ASN A 106 -11.25 8.35 0.58
CA ASN A 106 -12.13 7.21 0.82
C ASN A 106 -12.22 6.95 2.31
N ALA A 107 -11.06 6.89 2.94
CA ALA A 107 -10.99 6.64 4.38
C ALA A 107 -11.67 7.79 5.12
N ARG A 108 -11.65 8.95 4.50
CA ARG A 108 -12.26 10.14 5.09
C ARG A 108 -13.78 9.97 5.15
N GLU A 109 -14.33 9.37 4.09
CA GLU A 109 -15.76 9.15 4.01
C GLU A 109 -16.14 7.91 4.82
N PHE A 110 -15.18 7.02 4.96
CA PHE A 110 -15.41 5.78 5.71
C PHE A 110 -14.68 5.82 7.05
N ASN A 111 -14.24 7.01 7.43
CA ASN A 111 -13.54 7.18 8.69
C ASN A 111 -12.60 6.00 8.91
N ASN A 112 -12.12 5.44 7.80
CA ASN A 112 -11.22 4.30 7.87
C ASN A 112 -9.80 4.80 8.15
N THR A 113 -8.99 3.91 8.67
CA THR A 113 -7.61 4.24 8.99
C THR A 113 -6.79 4.39 7.70
N PHE A 114 -6.61 5.63 7.29
CA PHE A 114 -5.85 5.93 6.09
C PHE A 114 -4.54 5.16 6.08
N GLU A 115 -3.87 5.17 7.22
CA GLU A 115 -2.59 4.48 7.35
C GLU A 115 -2.78 2.98 7.13
N LYS A 116 -3.88 2.47 7.64
CA LYS A 116 -4.19 1.05 7.50
C LYS A 116 -4.43 0.73 6.03
N GLU A 117 -5.25 1.56 5.40
CA GLU A 117 -5.56 1.37 3.99
C GLU A 117 -4.28 1.36 3.16
N LEU A 118 -3.39 2.29 3.47
CA LEU A 118 -2.13 2.41 2.77
C LEU A 118 -1.22 1.25 3.18
N LEU A 119 -1.38 0.82 4.42
CA LEU A 119 -0.58 -0.26 4.95
C LEU A 119 -0.85 -1.53 4.14
N GLU A 120 -2.07 -1.63 3.65
CA GLU A 120 -2.47 -2.78 2.86
C GLU A 120 -1.62 -2.89 1.60
N VAL A 121 -1.63 -1.81 0.82
CA VAL A 121 -0.87 -1.77 -0.40
C VAL A 121 0.62 -1.91 -0.08
N VAL A 122 0.96 -1.55 1.15
CA VAL A 122 2.34 -1.61 1.60
C VAL A 122 2.75 -3.09 1.74
N ILE A 123 1.99 -3.80 2.57
CA ILE A 123 2.26 -5.20 2.80
C ILE A 123 1.77 -6.02 1.61
N HIS A 124 0.93 -5.38 0.80
CA HIS A 124 0.38 -6.03 -0.38
C HIS A 124 1.52 -6.65 -1.19
N GLY A 125 2.69 -6.05 -1.08
CA GLY A 125 3.86 -6.53 -1.79
C GLY A 125 4.50 -7.72 -1.07
N ILE A 126 4.68 -7.55 0.23
CA ILE A 126 5.28 -8.59 1.05
C ILE A 126 4.30 -9.76 1.17
N LEU A 127 3.04 -9.41 1.42
CA LEU A 127 2.01 -10.41 1.57
C LEU A 127 2.08 -11.39 0.39
N HIS A 128 2.25 -10.83 -0.80
CA HIS A 128 2.35 -11.65 -2.00
C HIS A 128 3.44 -12.70 -1.82
N LEU A 129 4.66 -12.23 -1.72
CA LEU A 129 5.81 -13.12 -1.54
C LEU A 129 5.57 -14.01 -0.32
N ALA A 130 4.85 -13.45 0.64
CA ALA A 130 4.55 -14.17 1.87
C ALA A 130 3.71 -15.41 1.53
N GLY A 131 2.93 -15.29 0.47
CA GLY A 131 2.08 -16.37 0.03
C GLY A 131 0.74 -15.86 -0.49
N TYR A 132 -0.08 -16.78 -0.96
CA TYR A 132 -1.39 -16.44 -1.48
C TYR A 132 -2.11 -17.67 -2.03
N ASP A 133 -3.21 -17.41 -2.71
CA ASP A 133 -4.00 -18.48 -3.29
C ASP A 133 -4.15 -18.24 -4.81
N HIS A 134 -3.02 -18.26 -5.49
CA HIS A 134 -3.01 -18.04 -6.92
C HIS A 134 -3.33 -16.58 -7.23
N GLU A 135 -4.59 -16.21 -7.02
CA GLU A 135 -5.02 -14.86 -7.26
C GLU A 135 -6.46 -14.66 -6.76
N PHE A 136 -6.61 -13.71 -5.86
CA PHE A 136 -7.92 -13.41 -5.30
C PHE A 136 -8.61 -12.29 -6.08
N GLU A 137 -8.68 -12.48 -7.39
CA GLU A 137 -9.31 -11.49 -8.24
C GLU A 137 -8.71 -10.11 -8.00
N ASP A 138 -9.20 -9.14 -8.76
CA ASP A 138 -8.72 -7.77 -8.62
C ASP A 138 -9.85 -6.89 -8.07
N LYS A 139 -10.04 -6.99 -6.76
CA LYS A 139 -11.08 -6.21 -6.11
C LYS A 139 -10.87 -6.28 -4.59
N ASN A 140 -10.97 -7.49 -4.07
CA ASN A 140 -10.80 -7.71 -2.64
C ASN A 140 -10.54 -9.20 -2.38
N SER A 141 -10.05 -9.48 -1.18
CA SER A 141 -9.76 -10.85 -0.79
C SER A 141 -10.21 -11.10 0.64
N LYS A 142 -10.90 -12.21 0.83
CA LYS A 142 -11.40 -12.58 2.15
C LYS A 142 -10.31 -13.36 2.89
N GLU A 143 -9.84 -14.42 2.26
CA GLU A 143 -8.80 -15.25 2.85
C GLU A 143 -7.55 -14.42 3.13
N MET A 144 -7.05 -13.81 2.06
CA MET A 144 -5.86 -12.98 2.18
C MET A 144 -6.03 -11.89 3.23
N PHE A 145 -7.29 -11.52 3.44
CA PHE A 145 -7.62 -10.49 4.42
C PHE A 145 -6.96 -10.78 5.77
N GLU A 146 -6.97 -12.06 6.13
CA GLU A 146 -6.38 -12.50 7.38
C GLU A 146 -4.87 -12.42 7.31
N LYS A 147 -4.31 -13.13 6.34
CA LYS A 147 -2.87 -13.15 6.15
C LYS A 147 -2.36 -11.72 6.00
N GLN A 148 -3.12 -10.94 5.24
CA GLN A 148 -2.75 -9.54 5.01
C GLN A 148 -2.86 -8.74 6.31
N LYS A 149 -3.89 -9.08 7.08
CA LYS A 149 -4.12 -8.39 8.35
C LYS A 149 -3.02 -8.77 9.33
N LYS A 150 -2.42 -9.93 9.11
CA LYS A 150 -1.36 -10.42 9.96
C LYS A 150 -0.20 -9.42 9.95
N TYR A 151 0.24 -9.10 8.75
CA TYR A 151 1.34 -8.15 8.58
C TYR A 151 0.88 -6.71 8.87
N VAL A 152 -0.34 -6.43 8.43
CA VAL A 152 -0.92 -5.11 8.64
C VAL A 152 -1.03 -4.83 10.13
N GLU A 153 -1.47 -5.84 10.86
CA GLU A 153 -1.63 -5.71 12.30
C GLU A 153 -0.27 -5.53 12.96
N GLU A 154 0.72 -6.23 12.43
CA GLU A 154 2.07 -6.16 12.96
C GLU A 154 2.70 -4.80 12.63
N VAL A 155 2.53 -4.40 11.37
CA VAL A 155 3.08 -3.14 10.91
C VAL A 155 2.26 -1.99 11.51
N TRP A 156 0.95 -2.20 11.53
CA TRP A 156 0.04 -1.19 12.06
C TRP A 156 0.18 -1.19 13.59
N GLY A 157 0.82 -2.24 14.08
CA GLY A 157 1.03 -2.37 15.52
C GLY A 157 1.63 -1.10 16.11
N GLU A 158 2.40 -0.40 15.28
CA GLU A 158 3.04 0.84 15.70
C GLU A 158 2.10 2.02 15.47
N TRP A 159 1.74 2.21 14.22
CA TRP A 159 0.85 3.30 13.85
C TRP A 159 -0.41 3.19 14.70
N ARG A 160 -0.66 1.98 15.19
CA ARG A 160 -1.82 1.73 16.03
C ARG A 160 -1.88 2.74 17.17
N SER A 161 -0.71 3.10 17.66
CA SER A 161 -0.61 4.07 18.75
C SER A 161 -1.01 5.45 18.27
N ASN A 162 -1.07 5.60 16.96
CA ASN A 162 -1.45 6.86 16.35
C ASN A 162 -2.44 6.62 15.21
N PRO A 163 -3.66 6.19 15.61
CA PRO A 163 -4.70 5.91 14.62
C PRO A 163 -5.29 7.21 14.08
N SER A 164 -6.29 7.71 14.78
CA SER A 164 -6.95 8.93 14.37
C SER A 164 -5.93 9.92 13.83
N GLU A 165 -6.40 10.79 12.94
CA GLU A 165 -5.54 11.80 12.34
C GLU A 165 -5.94 13.19 12.81
N ASP A 166 -6.76 13.22 13.85
CA ASP A 166 -7.23 14.48 14.40
C ASP A 166 -6.02 15.33 14.81
N SER A 167 -6.06 16.58 14.40
CA SER A 167 -4.98 17.51 14.73
C SER A 167 -5.26 18.88 14.13
N ASP A 168 -5.96 19.69 14.90
CA ASP A 168 -6.31 21.03 14.45
C ASP A 168 -7.18 20.94 13.20
N PRO A 169 -8.09 21.93 13.06
CA PRO A 169 -8.98 21.98 11.91
C PRO A 169 -8.23 22.44 10.65
N GLY A 170 -7.51 23.54 10.81
CA GLY A 170 -6.75 24.10 9.70
C GLY A 170 -6.79 25.63 9.72
N LYS A 171 -6.45 26.19 10.88
CA LYS A 171 -6.44 27.62 11.05
C LYS A 171 -5.65 27.99 12.30
N ARG A 172 -5.04 29.17 12.26
CA ARG A 172 -4.24 29.64 13.37
C ARG A 172 -2.94 28.84 13.47
N MET A 23 13.90 -1.53 4.41
CA MET A 23 14.48 -2.14 3.23
C MET A 23 13.46 -2.19 2.08
N ILE A 24 13.08 -1.00 1.63
CA ILE A 24 12.12 -0.89 0.54
C ILE A 24 12.57 0.22 -0.42
N ARG A 25 12.07 0.14 -1.64
CA ARG A 25 12.40 1.12 -2.65
C ARG A 25 11.31 2.19 -2.74
N ILE A 26 11.69 3.41 -2.37
CA ILE A 26 10.75 4.52 -2.41
C ILE A 26 11.02 5.37 -3.66
N LEU A 27 10.12 5.25 -4.62
CA LEU A 27 10.24 5.99 -5.86
C LEU A 27 8.94 6.76 -6.12
N GLY A 28 9.02 7.69 -7.06
CA GLY A 28 7.86 8.49 -7.42
C GLY A 28 7.81 9.78 -6.60
N GLU A 29 6.70 10.47 -6.70
CA GLU A 29 6.51 11.71 -5.98
C GLU A 29 5.05 11.85 -5.51
N GLY A 30 4.91 12.21 -4.24
CA GLY A 30 3.59 12.38 -3.66
C GLY A 30 3.57 11.90 -2.21
N LYS A 31 2.83 12.63 -1.39
CA LYS A 31 2.72 12.30 0.02
C LYS A 31 2.63 10.77 0.17
N GLY A 32 3.65 10.22 0.82
CA GLY A 32 3.69 8.78 1.04
C GLY A 32 5.13 8.33 1.32
N SER A 33 6.06 8.94 0.62
CA SER A 33 7.47 8.60 0.77
C SER A 33 7.89 8.80 2.23
N LYS A 34 7.63 10.00 2.74
CA LYS A 34 7.98 10.32 4.10
C LYS A 34 7.03 9.59 5.05
N LEU A 35 5.75 9.61 4.69
CA LEU A 35 4.74 8.95 5.50
C LEU A 35 5.18 7.52 5.81
N LEU A 36 5.90 6.94 4.86
CA LEU A 36 6.40 5.59 5.02
C LEU A 36 7.58 5.59 5.99
N GLU A 37 8.47 6.54 5.78
CA GLU A 37 9.65 6.67 6.62
C GLU A 37 9.25 6.69 8.10
N ASN A 38 7.99 7.01 8.32
CA ASN A 38 7.47 7.07 9.69
C ASN A 38 7.31 5.65 10.23
N LEU A 39 6.68 4.80 9.42
CA LEU A 39 6.46 3.43 9.81
C LEU A 39 6.99 2.50 8.72
N LYS A 40 8.20 2.80 8.27
CA LYS A 40 8.84 2.00 7.23
C LYS A 40 9.32 0.68 7.82
N GLU A 41 10.18 0.80 8.83
CA GLU A 41 10.71 -0.38 9.49
C GLU A 41 9.59 -1.33 9.88
N LYS A 42 8.41 -0.76 10.09
CA LYS A 42 7.25 -1.55 10.47
C LYS A 42 7.03 -2.66 9.43
N LEU A 43 7.16 -2.27 8.17
CA LEU A 43 6.98 -3.21 7.08
C LEU A 43 8.26 -4.05 6.92
N GLU A 44 9.37 -3.44 7.29
CA GLU A 44 10.65 -4.12 7.20
C GLU A 44 10.68 -5.33 8.12
N GLU A 45 9.76 -5.33 9.07
CA GLU A 45 9.67 -6.42 10.03
C GLU A 45 8.95 -7.63 9.40
N ILE A 46 7.77 -7.36 8.87
CA ILE A 46 6.97 -8.40 8.25
C ILE A 46 7.83 -9.14 7.23
N VAL A 47 8.49 -8.36 6.38
CA VAL A 47 9.35 -8.94 5.36
C VAL A 47 10.41 -9.82 6.01
N LYS A 48 11.10 -9.23 6.98
CA LYS A 48 12.14 -9.96 7.70
C LYS A 48 11.56 -11.25 8.29
N LYS A 49 10.47 -11.08 9.03
CA LYS A 49 9.80 -12.20 9.65
C LYS A 49 9.52 -13.27 8.59
N GLU A 50 8.61 -12.93 7.69
CA GLU A 50 8.24 -13.84 6.62
C GLU A 50 9.47 -14.54 6.07
N ILE A 51 10.39 -13.75 5.53
CA ILE A 51 11.62 -14.28 4.97
C ILE A 51 12.72 -13.22 5.07
N GLY A 52 12.45 -12.07 4.47
CA GLY A 52 13.40 -10.98 4.49
C GLY A 52 14.12 -10.85 3.14
N ASP A 53 14.72 -9.68 2.93
CA ASP A 53 15.43 -9.43 1.69
C ASP A 53 14.46 -9.48 0.52
N VAL A 54 13.77 -8.37 0.31
CA VAL A 54 12.80 -8.27 -0.77
C VAL A 54 13.09 -7.03 -1.61
N HIS A 55 12.25 -6.83 -2.62
CA HIS A 55 12.41 -5.69 -3.50
C HIS A 55 11.04 -5.18 -3.95
N VAL A 56 10.58 -4.14 -3.28
CA VAL A 56 9.28 -3.56 -3.60
C VAL A 56 9.46 -2.06 -3.87
N ASN A 57 9.28 -1.69 -5.14
CA ASN A 57 9.41 -0.31 -5.55
C ASN A 57 8.02 0.32 -5.65
N VAL A 58 7.79 1.32 -4.80
CA VAL A 58 6.51 2.02 -4.78
C VAL A 58 6.67 3.37 -5.47
N ILE A 59 5.81 3.61 -6.45
CA ILE A 59 5.83 4.86 -7.18
C ILE A 59 4.66 5.74 -6.74
N LEU A 60 5.00 6.80 -6.02
CA LEU A 60 4.00 7.73 -5.53
C LEU A 60 3.55 8.63 -6.67
N VAL A 61 2.24 8.62 -6.90
CA VAL A 61 1.66 9.44 -7.96
C VAL A 61 0.26 9.89 -7.54
N SER A 62 -0.07 11.12 -7.91
CA SER A 62 -1.36 11.68 -7.58
C SER A 62 -2.44 11.09 -8.50
N GLU A 63 -3.59 11.74 -8.49
CA GLU A 63 -4.70 11.29 -9.32
C GLU A 63 -4.44 11.63 -10.79
N ASP A 64 -4.06 12.88 -11.02
CA ASP A 64 -3.78 13.34 -12.37
C ASP A 64 -2.47 12.72 -12.84
N GLU A 65 -1.60 12.44 -11.89
CA GLU A 65 -0.31 11.84 -12.20
C GLU A 65 -0.47 10.35 -12.50
N ILE A 66 -1.42 9.73 -11.80
CA ILE A 66 -1.68 8.32 -11.97
C ILE A 66 -2.65 8.13 -13.14
N LYS A 67 -3.43 9.17 -13.40
CA LYS A 67 -4.40 9.13 -14.48
C LYS A 67 -3.67 8.79 -15.80
N GLU A 68 -2.57 9.48 -16.02
CA GLU A 68 -1.79 9.27 -17.21
C GLU A 68 -0.93 8.00 -17.08
N LEU A 69 -0.25 7.92 -15.95
CA LEU A 69 0.61 6.78 -15.68
C LEU A 69 -0.14 5.48 -16.03
N ASN A 70 -1.45 5.56 -15.87
CA ASN A 70 -2.29 4.40 -16.17
C ASN A 70 -2.17 4.04 -17.64
N GLN A 71 -2.40 5.04 -18.49
CA GLN A 71 -2.32 4.84 -19.92
C GLN A 71 -0.86 4.72 -20.35
N GLN A 72 0.00 5.37 -19.60
CA GLN A 72 1.43 5.33 -19.89
C GLN A 72 1.88 3.90 -20.19
N PHE A 73 1.18 2.96 -19.58
CA PHE A 73 1.50 1.55 -19.78
C PHE A 73 0.25 0.76 -20.14
N ARG A 74 -0.82 1.02 -19.40
CA ARG A 74 -2.08 0.33 -19.62
C ARG A 74 -2.71 0.81 -20.93
N GLY A 75 -2.31 1.99 -21.36
CA GLY A 75 -2.82 2.56 -22.59
C GLY A 75 -4.27 3.02 -22.42
N GLN A 76 -4.76 2.88 -21.19
CA GLN A 76 -6.13 3.27 -20.90
C GLN A 76 -6.13 4.56 -20.06
N ASP A 77 -7.04 5.45 -20.42
CA ASP A 77 -7.18 6.72 -19.73
C ASP A 77 -8.23 6.59 -18.64
N ARG A 78 -7.77 6.31 -17.43
CA ARG A 78 -8.68 6.16 -16.30
C ARG A 78 -7.88 5.99 -15.01
N PRO A 79 -8.26 6.80 -13.98
CA PRO A 79 -7.60 6.74 -12.69
C PRO A 79 -8.02 5.49 -11.91
N THR A 80 -7.40 5.32 -10.76
CA THR A 80 -7.70 4.18 -9.90
C THR A 80 -7.15 4.40 -8.50
N ASP A 81 -7.40 3.42 -7.64
CA ASP A 81 -6.94 3.51 -6.26
C ASP A 81 -5.42 3.31 -6.22
N VAL A 82 -5.00 2.09 -6.52
CA VAL A 82 -3.59 1.76 -6.53
C VAL A 82 -3.26 0.96 -7.79
N LEU A 83 -2.15 1.31 -8.41
CA LEU A 83 -1.72 0.63 -9.61
C LEU A 83 -0.69 -0.44 -9.25
N THR A 84 -0.91 -1.64 -9.77
CA THR A 84 -0.02 -2.76 -9.50
C THR A 84 0.53 -3.31 -10.82
N PHE A 85 1.80 -3.73 -10.76
CA PHE A 85 2.46 -4.29 -11.93
C PHE A 85 2.05 -5.73 -12.15
N PRO A 86 2.42 -6.26 -13.35
CA PRO A 86 2.10 -7.64 -13.69
C PRO A 86 3.01 -8.62 -12.93
N LEU A 87 2.40 -9.35 -12.01
CA LEU A 87 3.14 -10.32 -11.22
C LEU A 87 2.30 -11.59 -11.08
N MET A 88 1.25 -11.48 -10.26
CA MET A 88 0.37 -12.61 -10.03
C MET A 88 1.16 -13.87 -9.67
N GLU A 89 2.35 -13.64 -9.11
CA GLU A 89 3.22 -14.74 -8.72
C GLU A 89 3.46 -14.71 -7.21
N GLU A 90 4.31 -15.62 -6.77
CA GLU A 90 4.64 -15.71 -5.35
C GLU A 90 5.96 -14.98 -5.07
N ASP A 91 6.06 -13.78 -5.61
CA ASP A 91 7.26 -12.97 -5.42
C ASP A 91 7.17 -11.72 -6.29
N VAL A 92 6.66 -10.65 -5.69
CA VAL A 92 6.50 -9.39 -6.39
C VAL A 92 7.85 -8.98 -6.98
N TYR A 93 8.80 -8.73 -6.08
CA TYR A 93 10.14 -8.33 -6.50
C TYR A 93 10.08 -7.43 -7.74
N GLY A 94 9.09 -6.55 -7.74
CA GLY A 94 8.91 -5.62 -8.84
C GLY A 94 8.60 -4.22 -8.34
N GLU A 95 7.85 -3.48 -9.14
CA GLU A 95 7.48 -2.13 -8.79
C GLU A 95 5.96 -1.95 -8.88
N ILE A 96 5.45 -1.09 -8.01
CA ILE A 96 4.02 -0.82 -7.98
C ILE A 96 3.78 0.68 -7.78
N TYR A 97 2.66 1.15 -8.29
CA TYR A 97 2.32 2.55 -8.18
C TYR A 97 1.13 2.74 -7.24
N VAL A 98 1.28 3.69 -6.32
CA VAL A 98 0.24 3.98 -5.36
C VAL A 98 -0.11 5.47 -5.42
N CYS A 99 -1.35 5.77 -5.07
CA CYS A 99 -1.81 7.15 -5.09
C CYS A 99 -2.74 7.35 -3.88
N PRO A 100 -2.18 8.04 -2.84
CA PRO A 100 -2.94 8.31 -1.63
C PRO A 100 -3.96 9.43 -1.86
N LEU A 101 -3.97 9.93 -3.09
CA LEU A 101 -4.88 11.00 -3.45
C LEU A 101 -6.31 10.44 -3.54
N ILE A 102 -6.45 9.41 -4.36
CA ILE A 102 -7.75 8.77 -4.54
C ILE A 102 -8.10 7.97 -3.29
N VAL A 103 -7.08 7.33 -2.72
CA VAL A 103 -7.27 6.54 -1.52
C VAL A 103 -7.88 7.41 -0.43
N GLU A 104 -7.32 8.60 -0.28
CA GLU A 104 -7.79 9.54 0.73
C GLU A 104 -9.26 9.87 0.48
N GLU A 105 -9.55 10.24 -0.76
CA GLU A 105 -10.92 10.59 -1.15
C GLU A 105 -11.83 9.37 -1.04
N ASN A 106 -11.28 8.23 -1.44
CA ASN A 106 -12.03 6.98 -1.39
C ASN A 106 -12.31 6.61 0.07
N ALA A 107 -11.38 7.00 0.93
CA ALA A 107 -11.50 6.71 2.36
C ALA A 107 -12.48 7.70 2.98
N ARG A 108 -12.54 8.89 2.38
CA ARG A 108 -13.43 9.93 2.87
C ARG A 108 -14.89 9.51 2.68
N GLU A 109 -15.11 8.70 1.66
CA GLU A 109 -16.45 8.24 1.35
C GLU A 109 -16.78 6.99 2.19
N PHE A 110 -15.74 6.38 2.72
CA PHE A 110 -15.90 5.20 3.55
C PHE A 110 -15.42 5.45 4.97
N ASN A 111 -15.14 6.71 5.26
CA ASN A 111 -14.67 7.10 6.58
C ASN A 111 -13.52 6.18 7.00
N ASN A 112 -12.88 5.59 5.99
CA ASN A 112 -11.77 4.69 6.24
C ASN A 112 -10.51 5.50 6.57
N THR A 113 -9.60 4.85 7.26
CA THR A 113 -8.35 5.50 7.63
C THR A 113 -7.35 5.46 6.47
N PHE A 114 -7.30 6.56 5.73
CA PHE A 114 -6.41 6.67 4.60
C PHE A 114 -5.02 6.12 4.94
N GLU A 115 -4.65 6.28 6.20
CA GLU A 115 -3.36 5.81 6.68
C GLU A 115 -3.27 4.28 6.55
N LYS A 116 -4.27 3.63 7.12
CA LYS A 116 -4.33 2.18 7.10
C LYS A 116 -4.47 1.70 5.64
N GLU A 117 -5.14 2.53 4.85
CA GLU A 117 -5.36 2.22 3.45
C GLU A 117 -4.07 2.43 2.65
N LEU A 118 -3.20 3.27 3.20
CA LEU A 118 -1.93 3.56 2.56
C LEU A 118 -0.97 2.40 2.78
N LEU A 119 -0.72 2.12 4.05
CA LEU A 119 0.19 1.04 4.41
C LEU A 119 -0.31 -0.27 3.79
N GLU A 120 -1.62 -0.31 3.56
CA GLU A 120 -2.23 -1.48 2.97
C GLU A 120 -1.60 -1.80 1.61
N VAL A 121 -1.48 -0.75 0.81
CA VAL A 121 -0.90 -0.89 -0.52
C VAL A 121 0.58 -1.30 -0.38
N VAL A 122 1.15 -0.96 0.76
CA VAL A 122 2.55 -1.27 1.02
C VAL A 122 2.67 -2.79 1.27
N ILE A 123 1.89 -3.26 2.24
CA ILE A 123 1.91 -4.67 2.57
C ILE A 123 1.38 -5.49 1.40
N HIS A 124 0.70 -4.80 0.49
CA HIS A 124 0.15 -5.44 -0.68
C HIS A 124 1.23 -6.24 -1.39
N GLY A 125 2.43 -5.67 -1.44
CA GLY A 125 3.55 -6.32 -2.08
C GLY A 125 4.17 -7.37 -1.16
N ILE A 126 4.40 -6.97 0.08
CA ILE A 126 4.99 -7.86 1.06
C ILE A 126 4.07 -9.06 1.26
N LEU A 127 2.82 -8.77 1.58
CA LEU A 127 1.83 -9.81 1.80
C LEU A 127 1.84 -10.78 0.61
N HIS A 128 1.97 -10.19 -0.58
CA HIS A 128 2.00 -10.99 -1.80
C HIS A 128 3.02 -12.12 -1.66
N LEU A 129 4.27 -11.72 -1.46
CA LEU A 129 5.35 -12.68 -1.31
C LEU A 129 5.19 -13.41 0.02
N ALA A 130 4.39 -12.81 0.90
CA ALA A 130 4.15 -13.39 2.21
C ALA A 130 3.34 -14.68 2.05
N GLY A 131 2.72 -14.82 0.89
CA GLY A 131 1.92 -15.99 0.60
C GLY A 131 0.56 -15.59 0.00
N TYR A 132 0.24 -16.24 -1.11
CA TYR A 132 -1.01 -15.96 -1.80
C TYR A 132 -1.86 -17.24 -1.92
N ASP A 133 -3.04 -17.07 -2.51
CA ASP A 133 -3.95 -18.19 -2.70
C ASP A 133 -5.37 -17.65 -2.83
N HIS A 134 -6.31 -18.59 -2.95
CA HIS A 134 -7.71 -18.24 -3.09
C HIS A 134 -8.04 -18.03 -4.56
N GLU A 135 -7.54 -16.94 -5.10
CA GLU A 135 -7.78 -16.61 -6.50
C GLU A 135 -7.24 -15.21 -6.82
N PHE A 136 -7.39 -14.32 -5.85
CA PHE A 136 -6.93 -12.95 -6.02
C PHE A 136 -7.46 -12.34 -7.31
N GLU A 137 -8.66 -12.79 -7.69
CA GLU A 137 -9.29 -12.30 -8.90
C GLU A 137 -10.29 -11.18 -8.56
N ASP A 138 -10.33 -10.18 -9.43
CA ASP A 138 -11.23 -9.06 -9.24
C ASP A 138 -12.63 -9.59 -8.94
N LYS A 139 -12.93 -9.69 -7.65
CA LYS A 139 -14.23 -10.17 -7.21
C LYS A 139 -14.30 -10.13 -5.69
N ASN A 140 -13.41 -10.87 -5.05
CA ASN A 140 -13.36 -10.91 -3.60
C ASN A 140 -12.22 -11.82 -3.16
N SER A 141 -11.92 -11.77 -1.87
CA SER A 141 -10.85 -12.57 -1.31
C SER A 141 -10.96 -12.60 0.22
N LYS A 142 -11.30 -13.77 0.73
CA LYS A 142 -11.44 -13.94 2.17
C LYS A 142 -10.05 -14.17 2.78
N GLU A 143 -9.33 -15.11 2.20
CA GLU A 143 -7.99 -15.43 2.69
C GLU A 143 -7.10 -14.20 2.62
N MET A 144 -7.07 -13.58 1.44
CA MET A 144 -6.25 -12.39 1.24
C MET A 144 -6.60 -11.31 2.25
N PHE A 145 -7.90 -11.08 2.41
CA PHE A 145 -8.37 -10.08 3.34
C PHE A 145 -7.82 -10.32 4.74
N GLU A 146 -7.82 -11.59 5.13
CA GLU A 146 -7.32 -11.97 6.44
C GLU A 146 -5.81 -11.76 6.51
N LYS A 147 -5.09 -12.48 5.64
CA LYS A 147 -3.64 -12.38 5.60
C LYS A 147 -3.24 -10.91 5.42
N GLN A 148 -4.06 -10.19 4.65
CA GLN A 148 -3.80 -8.79 4.38
C GLN A 148 -3.97 -7.97 5.67
N LYS A 149 -4.96 -8.36 6.46
CA LYS A 149 -5.24 -7.68 7.71
C LYS A 149 -4.17 -8.05 8.74
N LYS A 150 -3.47 -9.14 8.44
CA LYS A 150 -2.41 -9.61 9.33
C LYS A 150 -1.31 -8.56 9.40
N TYR A 151 -0.77 -8.23 8.25
CA TYR A 151 0.30 -7.25 8.16
C TYR A 151 -0.24 -5.83 8.40
N VAL A 152 -1.43 -5.60 7.88
CA VAL A 152 -2.08 -4.29 8.02
C VAL A 152 -2.23 -3.97 9.51
N GLU A 153 -2.70 -4.96 10.25
CA GLU A 153 -2.89 -4.79 11.68
C GLU A 153 -1.55 -4.57 12.38
N GLU A 154 -0.54 -5.27 11.88
CA GLU A 154 0.80 -5.16 12.45
C GLU A 154 1.43 -3.82 12.05
N VAL A 155 1.23 -3.46 10.80
CA VAL A 155 1.77 -2.22 10.28
C VAL A 155 0.96 -1.05 10.83
N TRP A 156 -0.35 -1.11 10.61
CA TRP A 156 -1.24 -0.06 11.07
C TRP A 156 -1.12 0.02 12.60
N GLY A 157 -0.56 -1.03 13.18
CA GLY A 157 -0.38 -1.09 14.61
C GLY A 157 0.37 0.15 15.12
N GLU A 158 1.11 0.76 14.21
CA GLU A 158 1.87 1.95 14.55
C GLU A 158 0.98 3.19 14.51
N TRP A 159 0.33 3.38 13.36
CA TRP A 159 -0.55 4.52 13.18
C TRP A 159 -1.79 4.30 14.06
N ARG A 160 -2.00 3.05 14.43
CA ARG A 160 -3.14 2.70 15.27
C ARG A 160 -3.15 3.56 16.52
N SER A 161 -1.97 3.94 16.96
CA SER A 161 -1.83 4.76 18.15
C SER A 161 -2.45 6.15 17.90
N ASN A 162 -2.76 6.40 16.64
CA ASN A 162 -3.35 7.66 16.25
C ASN A 162 -4.62 7.41 15.44
N PRO A 163 -5.78 7.51 16.14
CA PRO A 163 -7.06 7.27 15.49
C PRO A 163 -7.45 8.47 14.61
N SER A 164 -8.54 8.29 13.87
CA SER A 164 -9.02 9.34 12.98
C SER A 164 -7.95 9.68 11.93
N GLU A 165 -7.21 10.74 12.22
CA GLU A 165 -6.16 11.18 11.32
C GLU A 165 -5.08 11.94 12.08
N ASP A 166 -5.03 11.70 13.38
CA ASP A 166 -4.06 12.35 14.24
C ASP A 166 -4.25 11.87 15.68
N SER A 167 -3.54 12.53 16.59
CA SER A 167 -3.63 12.18 18.00
C SER A 167 -2.59 12.98 18.79
N ASP A 168 -2.64 14.30 18.62
CA ASP A 168 -1.72 15.18 19.31
C ASP A 168 -2.39 15.70 20.59
N PRO A 169 -1.55 15.90 21.64
CA PRO A 169 -2.03 16.38 22.91
C PRO A 169 -2.34 17.88 22.84
N GLY A 170 -1.55 18.58 22.03
CA GLY A 170 -1.73 20.01 21.87
C GLY A 170 -0.39 20.71 21.67
N LYS A 171 -0.09 21.02 20.42
CA LYS A 171 1.16 21.67 20.09
C LYS A 171 2.34 20.75 20.41
N ARG A 172 3.25 20.64 19.46
CA ARG A 172 4.41 19.79 19.63
C ARG A 172 5.33 19.90 18.40
N MET A 23 14.05 -3.24 3.76
CA MET A 23 14.38 -3.82 2.47
C MET A 23 13.27 -3.53 1.44
N ILE A 24 12.90 -2.27 1.37
CA ILE A 24 11.86 -1.85 0.43
C ILE A 24 12.47 -0.94 -0.62
N ARG A 25 11.85 -0.95 -1.80
CA ARG A 25 12.32 -0.13 -2.89
C ARG A 25 11.32 0.99 -3.19
N ILE A 26 11.85 2.17 -3.45
CA ILE A 26 11.02 3.32 -3.74
C ILE A 26 11.48 3.97 -5.04
N LEU A 27 10.52 4.30 -5.89
CA LEU A 27 10.82 4.92 -7.16
C LEU A 27 9.73 5.94 -7.50
N GLY A 28 10.04 6.81 -8.45
CA GLY A 28 9.11 7.83 -8.87
C GLY A 28 9.15 9.05 -7.93
N GLU A 29 8.10 9.84 -7.99
CA GLU A 29 8.00 11.03 -7.16
C GLU A 29 6.57 11.20 -6.65
N GLY A 30 6.48 11.70 -5.42
CA GLY A 30 5.18 11.91 -4.79
C GLY A 30 5.21 11.57 -3.30
N LYS A 31 4.71 12.49 -2.50
CA LYS A 31 4.68 12.30 -1.07
C LYS A 31 4.32 10.84 -0.77
N GLY A 32 5.30 10.11 -0.24
CA GLY A 32 5.09 8.72 0.10
C GLY A 32 6.44 7.99 0.24
N SER A 33 7.38 8.39 -0.61
CA SER A 33 8.70 7.79 -0.59
C SER A 33 9.34 7.94 0.80
N LYS A 34 9.39 9.19 1.25
CA LYS A 34 9.96 9.49 2.54
C LYS A 34 8.97 9.07 3.64
N LEU A 35 7.71 9.39 3.41
CA LEU A 35 6.66 9.06 4.36
C LEU A 35 6.78 7.58 4.74
N LEU A 36 7.08 6.76 3.74
CA LEU A 36 7.22 5.34 3.96
C LEU A 36 8.43 5.08 4.88
N GLU A 37 9.50 5.80 4.61
CA GLU A 37 10.72 5.67 5.40
C GLU A 37 10.39 5.78 6.89
N ASN A 38 9.28 6.45 7.17
CA ASN A 38 8.84 6.64 8.54
C ASN A 38 8.60 5.28 9.19
N LEU A 39 7.94 4.41 8.44
CA LEU A 39 7.64 3.07 8.93
C LEU A 39 8.25 2.04 7.97
N LYS A 40 9.50 2.30 7.60
CA LYS A 40 10.21 1.40 6.71
C LYS A 40 10.51 0.09 7.43
N GLU A 41 11.08 0.23 8.62
CA GLU A 41 11.43 -0.93 9.42
C GLU A 41 10.16 -1.71 9.81
N LYS A 42 9.04 -0.99 9.81
CA LYS A 42 7.77 -1.59 10.15
C LYS A 42 7.44 -2.69 9.14
N LEU A 43 7.73 -2.40 7.88
CA LEU A 43 7.47 -3.36 6.82
C LEU A 43 8.61 -4.39 6.78
N GLU A 44 9.80 -3.92 7.12
CA GLU A 44 10.97 -4.79 7.13
C GLU A 44 10.72 -6.00 8.02
N GLU A 45 9.77 -5.85 8.93
CA GLU A 45 9.43 -6.92 9.85
C GLU A 45 8.65 -8.02 9.12
N ILE A 46 7.59 -7.61 8.44
CA ILE A 46 6.77 -8.55 7.70
C ILE A 46 7.58 -9.13 6.54
N VAL A 47 8.32 -8.25 5.88
CA VAL A 47 9.15 -8.65 4.76
C VAL A 47 10.16 -9.71 5.23
N LYS A 48 10.82 -9.40 6.33
CA LYS A 48 11.81 -10.30 6.89
C LYS A 48 11.11 -11.55 7.43
N LYS A 49 10.08 -11.30 8.23
CA LYS A 49 9.32 -12.40 8.82
C LYS A 49 9.14 -13.50 7.79
N GLU A 50 8.48 -13.15 6.69
CA GLU A 50 8.23 -14.09 5.62
C GLU A 50 9.52 -14.86 5.28
N ILE A 51 10.52 -14.10 4.84
CA ILE A 51 11.79 -14.69 4.48
C ILE A 51 12.89 -13.62 4.56
N GLY A 52 12.59 -12.46 3.98
CA GLY A 52 13.53 -11.36 4.00
C GLY A 52 14.45 -11.40 2.77
N ASP A 53 13.81 -11.56 1.61
CA ASP A 53 14.55 -11.62 0.36
C ASP A 53 13.60 -11.32 -0.81
N VAL A 54 12.88 -10.22 -0.66
CA VAL A 54 11.93 -9.81 -1.69
C VAL A 54 12.38 -8.46 -2.28
N HIS A 55 11.55 -7.95 -3.17
CA HIS A 55 11.84 -6.68 -3.81
C HIS A 55 10.54 -5.97 -4.16
N VAL A 56 10.19 -4.99 -3.32
CA VAL A 56 8.97 -4.23 -3.53
C VAL A 56 9.33 -2.80 -3.93
N ASN A 57 9.22 -2.54 -5.22
CA ASN A 57 9.53 -1.21 -5.75
C ASN A 57 8.23 -0.46 -6.04
N VAL A 58 7.91 0.46 -5.16
CA VAL A 58 6.70 1.26 -5.30
C VAL A 58 6.98 2.45 -6.22
N ILE A 59 5.94 2.90 -6.91
CA ILE A 59 6.06 4.02 -7.82
C ILE A 59 5.10 5.12 -7.39
N LEU A 60 5.69 6.24 -6.97
CA LEU A 60 4.89 7.38 -6.52
C LEU A 60 4.52 8.24 -7.74
N VAL A 61 3.22 8.38 -7.94
CA VAL A 61 2.73 9.17 -9.06
C VAL A 61 1.44 9.88 -8.64
N SER A 62 1.34 11.14 -9.05
CA SER A 62 0.16 11.93 -8.72
C SER A 62 -1.04 11.45 -9.53
N GLU A 63 -2.07 12.28 -9.56
CA GLU A 63 -3.29 11.96 -10.29
C GLU A 63 -3.03 12.06 -11.79
N ASP A 64 -2.38 13.14 -12.18
CA ASP A 64 -2.07 13.37 -13.59
C ASP A 64 -0.96 12.41 -14.02
N GLU A 65 -0.01 12.21 -13.13
CA GLU A 65 1.11 11.32 -13.40
C GLU A 65 0.62 9.89 -13.57
N ILE A 66 -0.35 9.53 -12.73
CA ILE A 66 -0.91 8.19 -12.77
C ILE A 66 -1.92 8.10 -13.92
N LYS A 67 -2.58 9.21 -14.18
CA LYS A 67 -3.57 9.27 -15.25
C LYS A 67 -2.93 8.74 -16.55
N GLU A 68 -1.73 9.23 -16.81
CA GLU A 68 -1.01 8.81 -18.01
C GLU A 68 -0.39 7.43 -17.81
N LEU A 69 0.32 7.30 -16.68
CA LEU A 69 0.97 6.05 -16.36
C LEU A 69 0.01 4.89 -16.61
N ASN A 70 -1.28 5.19 -16.44
CA ASN A 70 -2.31 4.19 -16.64
C ASN A 70 -2.55 3.99 -18.14
N GLN A 71 -2.76 5.10 -18.82
CA GLN A 71 -3.00 5.07 -20.25
C GLN A 71 -1.83 4.40 -20.97
N GLN A 72 -0.67 4.47 -20.33
CA GLN A 72 0.53 3.87 -20.89
C GLN A 72 0.25 2.44 -21.34
N PHE A 73 -0.60 1.76 -20.58
CA PHE A 73 -0.96 0.39 -20.89
C PHE A 73 -2.48 0.23 -20.95
N ARG A 74 -3.15 0.78 -19.96
CA ARG A 74 -4.59 0.70 -19.88
C ARG A 74 -5.23 1.56 -20.98
N GLY A 75 -4.45 2.53 -21.44
CA GLY A 75 -4.92 3.42 -22.49
C GLY A 75 -6.22 4.11 -22.07
N GLN A 76 -6.50 4.05 -20.78
CA GLN A 76 -7.70 4.67 -20.24
C GLN A 76 -7.34 5.80 -19.28
N ASP A 77 -8.13 6.86 -19.35
CA ASP A 77 -7.91 8.01 -18.50
C ASP A 77 -8.80 7.91 -17.26
N ARG A 78 -8.23 7.37 -16.20
CA ARG A 78 -8.97 7.20 -14.96
C ARG A 78 -8.05 6.64 -13.87
N PRO A 79 -8.11 7.29 -12.68
CA PRO A 79 -7.30 6.87 -11.55
C PRO A 79 -7.84 5.58 -10.92
N THR A 80 -7.01 4.95 -10.11
CA THR A 80 -7.40 3.72 -9.46
C THR A 80 -6.88 3.71 -8.02
N ASP A 81 -6.36 4.85 -7.60
CA ASP A 81 -5.83 4.98 -6.25
C ASP A 81 -4.45 4.32 -6.18
N VAL A 82 -4.40 3.07 -6.61
CA VAL A 82 -3.16 2.33 -6.61
C VAL A 82 -3.10 1.43 -7.84
N LEU A 83 -2.04 1.58 -8.61
CA LEU A 83 -1.86 0.79 -9.81
C LEU A 83 -0.99 -0.43 -9.49
N THR A 84 -1.46 -1.58 -9.94
CA THR A 84 -0.74 -2.83 -9.72
C THR A 84 -0.23 -3.40 -11.04
N PHE A 85 1.02 -3.86 -11.01
CA PHE A 85 1.63 -4.43 -12.19
C PHE A 85 1.17 -5.87 -12.40
N PRO A 86 0.84 -6.18 -13.68
CA PRO A 86 0.38 -7.52 -14.04
C PRO A 86 1.55 -8.51 -14.05
N LEU A 87 1.58 -9.36 -13.05
CA LEU A 87 2.62 -10.36 -12.94
C LEU A 87 2.25 -11.37 -11.85
N MET A 88 0.96 -11.63 -11.75
CA MET A 88 0.47 -12.57 -10.76
C MET A 88 1.55 -13.56 -10.35
N GLU A 89 2.05 -14.29 -11.35
CA GLU A 89 3.08 -15.28 -11.10
C GLU A 89 2.89 -15.93 -9.74
N GLU A 90 4.01 -16.33 -9.14
CA GLU A 90 3.98 -16.96 -7.84
C GLU A 90 4.35 -15.96 -6.75
N ASP A 91 4.56 -14.72 -7.17
CA ASP A 91 4.93 -13.66 -6.25
C ASP A 91 5.26 -12.39 -7.04
N VAL A 92 4.40 -11.40 -6.90
CA VAL A 92 4.59 -10.13 -7.59
C VAL A 92 6.08 -9.79 -7.61
N TYR A 93 6.64 -9.67 -6.42
CA TYR A 93 8.06 -9.35 -6.29
C TYR A 93 8.51 -8.40 -7.40
N GLY A 94 7.64 -7.46 -7.73
CA GLY A 94 7.92 -6.48 -8.76
C GLY A 94 7.78 -5.05 -8.23
N GLU A 95 6.93 -4.30 -8.91
CA GLU A 95 6.69 -2.91 -8.53
C GLU A 95 5.19 -2.63 -8.48
N ILE A 96 4.84 -1.58 -7.75
CA ILE A 96 3.45 -1.19 -7.61
C ILE A 96 3.34 0.33 -7.58
N TYR A 97 2.45 0.85 -8.41
CA TYR A 97 2.24 2.29 -8.48
C TYR A 97 1.14 2.74 -7.53
N VAL A 98 1.41 3.82 -6.82
CA VAL A 98 0.45 4.36 -5.87
C VAL A 98 0.36 5.88 -6.05
N CYS A 99 -0.75 6.44 -5.59
CA CYS A 99 -0.97 7.86 -5.69
C CYS A 99 -1.77 8.32 -4.47
N PRO A 100 -1.05 8.97 -3.51
CA PRO A 100 -1.67 9.45 -2.31
C PRO A 100 -2.50 10.71 -2.58
N LEU A 101 -2.53 11.09 -3.84
CA LEU A 101 -3.29 12.26 -4.25
C LEU A 101 -4.78 11.97 -4.15
N ILE A 102 -5.18 10.86 -4.74
CA ILE A 102 -6.58 10.45 -4.73
C ILE A 102 -6.92 9.89 -3.35
N VAL A 103 -5.98 9.13 -2.81
CA VAL A 103 -6.17 8.53 -1.50
C VAL A 103 -6.57 9.61 -0.49
N GLU A 104 -5.75 10.65 -0.43
CA GLU A 104 -6.00 11.75 0.47
C GLU A 104 -7.34 12.42 0.13
N GLU A 105 -7.48 12.78 -1.13
CA GLU A 105 -8.70 13.43 -1.59
C GLU A 105 -9.92 12.57 -1.24
N ASN A 106 -9.74 11.27 -1.38
CA ASN A 106 -10.82 10.33 -1.09
C ASN A 106 -10.96 10.20 0.43
N ALA A 107 -9.84 10.01 1.09
CA ALA A 107 -9.82 9.86 2.54
C ALA A 107 -10.50 11.08 3.17
N ARG A 108 -10.43 12.19 2.45
CA ARG A 108 -11.03 13.42 2.93
C ARG A 108 -12.56 13.31 2.96
N GLU A 109 -13.08 12.68 1.92
CA GLU A 109 -14.52 12.49 1.81
C GLU A 109 -14.94 11.23 2.57
N PHE A 110 -14.02 10.28 2.65
CA PHE A 110 -14.30 9.03 3.34
C PHE A 110 -13.62 9.01 4.72
N ASN A 111 -13.16 10.18 5.13
CA ASN A 111 -12.50 10.31 6.42
C ASN A 111 -11.62 9.08 6.66
N ASN A 112 -11.12 8.52 5.57
CA ASN A 112 -10.27 7.35 5.65
C ASN A 112 -8.85 7.77 6.04
N THR A 113 -8.13 6.83 6.64
CA THR A 113 -6.77 7.09 7.06
C THR A 113 -5.84 7.18 5.84
N PHE A 114 -5.57 8.40 5.42
CA PHE A 114 -4.70 8.63 4.29
C PHE A 114 -3.36 7.89 4.46
N GLU A 115 -3.00 7.69 5.71
CA GLU A 115 -1.75 7.01 6.03
C GLU A 115 -1.91 5.49 5.83
N LYS A 116 -2.94 4.95 6.49
CA LYS A 116 -3.22 3.54 6.40
C LYS A 116 -3.45 3.15 4.93
N GLU A 117 -4.37 3.86 4.31
CA GLU A 117 -4.70 3.60 2.92
C GLU A 117 -3.43 3.64 2.07
N LEU A 118 -2.41 4.30 2.60
CA LEU A 118 -1.14 4.42 1.90
C LEU A 118 -0.30 3.18 2.17
N LEU A 119 -0.02 2.96 3.45
CA LEU A 119 0.77 1.81 3.86
C LEU A 119 0.08 0.53 3.40
N GLU A 120 -1.24 0.61 3.29
CA GLU A 120 -2.03 -0.54 2.86
C GLU A 120 -1.57 -1.01 1.49
N VAL A 121 -1.07 -0.06 0.70
CA VAL A 121 -0.60 -0.38 -0.63
C VAL A 121 0.79 -1.02 -0.54
N VAL A 122 1.51 -0.65 0.50
CA VAL A 122 2.85 -1.17 0.73
C VAL A 122 2.77 -2.66 1.04
N ILE A 123 2.01 -2.97 2.08
CA ILE A 123 1.84 -4.36 2.50
C ILE A 123 1.18 -5.15 1.37
N HIS A 124 0.52 -4.41 0.48
CA HIS A 124 -0.15 -5.02 -0.65
C HIS A 124 0.84 -5.93 -1.41
N GLY A 125 2.06 -5.41 -1.56
CA GLY A 125 3.10 -6.16 -2.26
C GLY A 125 3.71 -7.22 -1.35
N ILE A 126 4.11 -6.78 -0.17
CA ILE A 126 4.72 -7.68 0.80
C ILE A 126 3.77 -8.86 1.06
N LEU A 127 2.55 -8.50 1.43
CA LEU A 127 1.54 -9.51 1.71
C LEU A 127 1.48 -10.52 0.55
N HIS A 128 1.44 -9.96 -0.65
CA HIS A 128 1.39 -10.79 -1.84
C HIS A 128 2.58 -11.75 -1.86
N LEU A 129 3.70 -11.27 -1.36
CA LEU A 129 4.90 -12.08 -1.31
C LEU A 129 4.84 -13.00 -0.09
N ALA A 130 3.98 -12.64 0.85
CA ALA A 130 3.82 -13.43 2.06
C ALA A 130 3.45 -14.87 1.67
N GLY A 131 2.96 -15.01 0.46
CA GLY A 131 2.56 -16.32 -0.04
C GLY A 131 1.26 -16.79 0.62
N TYR A 132 0.45 -17.48 -0.17
CA TYR A 132 -0.82 -17.99 0.32
C TYR A 132 -1.27 -19.20 -0.48
N ASP A 133 -2.44 -19.71 -0.12
CA ASP A 133 -3.00 -20.86 -0.81
C ASP A 133 -3.39 -20.47 -2.24
N HIS A 134 -2.37 -20.36 -3.08
CA HIS A 134 -2.59 -20.00 -4.47
C HIS A 134 -2.70 -18.48 -4.59
N GLU A 135 -3.70 -17.94 -3.90
CA GLU A 135 -3.92 -16.50 -3.93
C GLU A 135 -5.13 -16.14 -3.06
N PHE A 136 -6.30 -16.39 -3.61
CA PHE A 136 -7.54 -16.11 -2.90
C PHE A 136 -7.49 -16.64 -1.47
N GLU A 137 -7.02 -17.88 -1.35
CA GLU A 137 -6.91 -18.51 -0.05
C GLU A 137 -8.27 -19.05 0.40
N ASP A 138 -9.17 -18.12 0.70
CA ASP A 138 -10.50 -18.48 1.14
C ASP A 138 -11.52 -18.04 0.08
N LYS A 139 -11.73 -16.74 0.02
CA LYS A 139 -12.67 -16.18 -0.95
C LYS A 139 -11.90 -15.72 -2.18
N ASN A 140 -11.37 -14.51 -2.09
CA ASN A 140 -10.62 -13.93 -3.19
C ASN A 140 -10.22 -12.50 -2.84
N SER A 141 -11.21 -11.74 -2.37
CA SER A 141 -10.98 -10.37 -2.00
C SER A 141 -11.24 -10.17 -0.50
N LYS A 142 -12.40 -10.64 -0.07
CA LYS A 142 -12.77 -10.53 1.33
C LYS A 142 -11.65 -11.07 2.20
N GLU A 143 -11.12 -12.21 1.78
CA GLU A 143 -10.03 -12.85 2.52
C GLU A 143 -8.72 -12.08 2.29
N MET A 144 -8.41 -11.85 1.02
CA MET A 144 -7.20 -11.14 0.67
C MET A 144 -7.09 -9.82 1.44
N PHE A 145 -8.25 -9.25 1.74
CA PHE A 145 -8.30 -8.00 2.46
C PHE A 145 -8.07 -8.22 3.96
N GLU A 146 -8.50 -9.39 4.43
CA GLU A 146 -8.36 -9.74 5.82
C GLU A 146 -6.87 -9.77 6.21
N LYS A 147 -6.15 -10.67 5.54
CA LYS A 147 -4.72 -10.82 5.80
C LYS A 147 -4.03 -9.48 5.56
N GLN A 148 -4.64 -8.68 4.70
CA GLN A 148 -4.08 -7.38 4.37
C GLN A 148 -4.21 -6.43 5.57
N LYS A 149 -5.29 -6.63 6.32
CA LYS A 149 -5.55 -5.80 7.49
C LYS A 149 -4.63 -6.25 8.63
N LYS A 150 -4.11 -7.46 8.51
CA LYS A 150 -3.23 -8.01 9.51
C LYS A 150 -1.93 -7.20 9.54
N TYR A 151 -1.32 -7.07 8.37
CA TYR A 151 -0.08 -6.32 8.24
C TYR A 151 -0.33 -4.82 8.38
N VAL A 152 -1.50 -4.39 7.92
CA VAL A 152 -1.87 -3.00 7.99
C VAL A 152 -1.95 -2.56 9.44
N GLU A 153 -2.71 -3.33 10.22
CA GLU A 153 -2.88 -3.03 11.63
C GLU A 153 -1.52 -3.02 12.34
N GLU A 154 -0.58 -3.74 11.75
CA GLU A 154 0.76 -3.81 12.31
C GLU A 154 1.59 -2.59 11.88
N VAL A 155 1.53 -2.31 10.59
CA VAL A 155 2.26 -1.18 10.04
C VAL A 155 1.64 0.12 10.54
N TRP A 156 0.34 0.23 10.36
CA TRP A 156 -0.39 1.42 10.79
C TRP A 156 -0.24 1.53 12.31
N GLY A 157 0.18 0.43 12.91
CA GLY A 157 0.36 0.39 14.36
C GLY A 157 1.26 1.53 14.82
N GLU A 158 2.11 2.00 13.92
CA GLU A 158 3.01 3.09 14.22
C GLU A 158 2.33 4.43 13.98
N TRP A 159 1.78 4.57 12.79
CA TRP A 159 1.10 5.80 12.42
C TRP A 159 -0.14 5.93 13.30
N ARG A 160 -0.55 4.81 13.86
CA ARG A 160 -1.72 4.78 14.72
C ARG A 160 -1.65 5.91 15.75
N SER A 161 -0.45 6.12 16.26
CA SER A 161 -0.23 7.17 17.25
C SER A 161 -0.71 8.52 16.70
N ASN A 162 -0.85 8.56 15.38
CA ASN A 162 -1.30 9.78 14.72
C ASN A 162 -2.65 9.53 14.05
N PRO A 163 -3.73 9.78 14.83
CA PRO A 163 -5.08 9.58 14.32
C PRO A 163 -5.47 10.70 13.36
N SER A 164 -6.77 10.75 13.05
CA SER A 164 -7.27 11.77 12.14
C SER A 164 -7.23 13.14 12.81
N GLU A 165 -6.02 13.54 13.17
CA GLU A 165 -5.83 14.83 13.82
C GLU A 165 -6.65 14.92 15.10
N ASP A 166 -7.10 13.76 15.55
CA ASP A 166 -7.91 13.68 16.77
C ASP A 166 -7.35 12.57 17.67
N SER A 167 -6.39 12.94 18.49
CA SER A 167 -5.78 11.99 19.41
C SER A 167 -6.41 12.12 20.79
N ASP A 168 -7.55 11.47 20.95
CA ASP A 168 -8.26 11.50 22.22
C ASP A 168 -9.65 10.87 22.03
N PRO A 169 -9.92 9.85 22.89
CA PRO A 169 -11.19 9.14 22.84
C PRO A 169 -12.31 10.00 23.44
N GLY A 170 -12.05 10.52 24.63
CA GLY A 170 -13.01 11.36 25.31
C GLY A 170 -12.50 11.75 26.71
N LYS A 171 -11.95 12.95 26.78
CA LYS A 171 -11.44 13.46 28.03
C LYS A 171 -10.23 12.62 28.46
N ARG A 172 -9.62 13.01 29.57
CA ARG A 172 -8.47 12.31 30.08
C ARG A 172 -7.39 12.18 29.00
N MET A 23 15.32 -1.71 2.33
CA MET A 23 15.43 -2.93 1.55
C MET A 23 14.38 -2.98 0.45
N ILE A 24 13.50 -1.99 0.48
CA ILE A 24 12.44 -1.91 -0.52
C ILE A 24 12.83 -0.90 -1.60
N ARG A 25 12.36 -1.17 -2.81
CA ARG A 25 12.66 -0.30 -3.94
C ARG A 25 11.67 0.87 -3.97
N ILE A 26 12.23 2.07 -3.93
CA ILE A 26 11.40 3.27 -3.96
C ILE A 26 11.59 3.98 -5.30
N LEU A 27 10.47 4.21 -5.98
CA LEU A 27 10.50 4.87 -7.27
C LEU A 27 9.21 5.66 -7.45
N GLY A 28 9.23 6.55 -8.45
CA GLY A 28 8.07 7.37 -8.73
C GLY A 28 8.11 8.67 -7.94
N GLU A 29 8.57 8.56 -6.70
CA GLU A 29 8.67 9.71 -5.83
C GLU A 29 7.28 10.33 -5.62
N GLY A 30 7.09 10.92 -4.45
CA GLY A 30 5.83 11.55 -4.11
C GLY A 30 5.42 11.23 -2.68
N LYS A 31 4.59 12.10 -2.12
CA LYS A 31 4.11 11.91 -0.76
C LYS A 31 3.85 10.43 -0.52
N GLY A 32 4.75 9.81 0.23
CA GLY A 32 4.63 8.39 0.53
C GLY A 32 6.01 7.75 0.69
N SER A 33 6.97 8.32 -0.01
CA SER A 33 8.34 7.81 0.04
C SER A 33 8.85 7.82 1.49
N LYS A 34 8.77 9.00 2.09
CA LYS A 34 9.21 9.15 3.47
C LYS A 34 8.32 8.32 4.39
N LEU A 35 7.05 8.26 4.03
CA LEU A 35 6.09 7.51 4.82
C LEU A 35 6.51 6.03 4.86
N LEU A 36 7.12 5.59 3.76
CA LEU A 36 7.58 4.22 3.66
C LEU A 36 8.86 4.05 4.48
N GLU A 37 9.81 4.94 4.21
CA GLU A 37 11.09 4.90 4.91
C GLU A 37 10.86 4.87 6.42
N ASN A 38 9.67 5.31 6.82
CA ASN A 38 9.33 5.34 8.23
C ASN A 38 9.06 3.92 8.71
N LEU A 39 8.22 3.21 7.96
CA LEU A 39 7.88 1.85 8.31
C LEU A 39 8.45 0.90 7.25
N LYS A 40 9.68 1.19 6.84
CA LYS A 40 10.34 0.38 5.84
C LYS A 40 10.84 -0.91 6.49
N GLU A 41 11.69 -0.75 7.50
CA GLU A 41 12.25 -1.89 8.21
C GLU A 41 11.13 -2.82 8.67
N LYS A 42 10.06 -2.21 9.16
CA LYS A 42 8.92 -2.98 9.64
C LYS A 42 8.44 -3.92 8.53
N LEU A 43 8.58 -3.45 7.29
CA LEU A 43 8.17 -4.23 6.15
C LEU A 43 9.26 -5.26 5.82
N GLU A 44 10.50 -4.86 6.05
CA GLU A 44 11.63 -5.73 5.78
C GLU A 44 11.54 -6.99 6.64
N GLU A 45 10.76 -6.89 7.70
CA GLU A 45 10.57 -8.02 8.60
C GLU A 45 9.65 -9.06 7.96
N ILE A 46 8.50 -8.59 7.53
CA ILE A 46 7.52 -9.47 6.90
C ILE A 46 8.14 -10.11 5.65
N VAL A 47 8.84 -9.28 4.89
CA VAL A 47 9.49 -9.75 3.68
C VAL A 47 10.60 -10.74 4.04
N LYS A 48 11.18 -10.52 5.21
CA LYS A 48 12.25 -11.38 5.69
C LYS A 48 11.68 -12.75 6.02
N LYS A 49 10.66 -12.76 6.86
CA LYS A 49 10.02 -13.99 7.26
C LYS A 49 9.44 -14.69 6.02
N GLU A 50 8.71 -13.91 5.23
CA GLU A 50 8.10 -14.44 4.02
C GLU A 50 9.06 -15.39 3.32
N ILE A 51 10.21 -14.85 2.92
CA ILE A 51 11.22 -15.63 2.24
C ILE A 51 12.60 -15.28 2.80
N GLY A 52 12.90 -13.99 2.78
CA GLY A 52 14.17 -13.50 3.26
C GLY A 52 14.59 -12.22 2.55
N ASP A 53 14.15 -12.11 1.30
CA ASP A 53 14.47 -10.94 0.50
C ASP A 53 13.62 -10.95 -0.77
N VAL A 54 12.90 -9.86 -0.97
CA VAL A 54 12.04 -9.73 -2.13
C VAL A 54 12.34 -8.40 -2.84
N HIS A 55 11.63 -8.18 -3.94
CA HIS A 55 11.82 -6.96 -4.71
C HIS A 55 10.45 -6.34 -5.02
N VAL A 56 10.14 -5.28 -4.28
CA VAL A 56 8.88 -4.59 -4.46
C VAL A 56 9.15 -3.12 -4.79
N ASN A 57 8.97 -2.81 -6.07
CA ASN A 57 9.19 -1.44 -6.54
C ASN A 57 7.89 -0.65 -6.42
N VAL A 58 7.83 0.19 -5.39
CA VAL A 58 6.66 1.01 -5.16
C VAL A 58 6.78 2.31 -5.95
N ILE A 59 5.74 2.58 -6.74
CA ILE A 59 5.72 3.78 -7.55
C ILE A 59 4.74 4.78 -6.95
N LEU A 60 5.31 5.83 -6.35
CA LEU A 60 4.51 6.86 -5.73
C LEU A 60 4.13 7.91 -6.78
N VAL A 61 2.84 8.07 -6.98
CA VAL A 61 2.34 9.04 -7.94
C VAL A 61 1.02 9.62 -7.45
N SER A 62 0.89 10.93 -7.61
CA SER A 62 -0.33 11.62 -7.19
C SER A 62 -1.51 11.16 -8.04
N GLU A 63 -2.59 11.93 -7.94
CA GLU A 63 -3.80 11.61 -8.70
C GLU A 63 -3.57 11.85 -10.19
N ASP A 64 -3.07 13.04 -10.50
CA ASP A 64 -2.79 13.39 -11.89
C ASP A 64 -1.62 12.55 -12.40
N GLU A 65 -0.64 12.38 -11.54
CA GLU A 65 0.54 11.60 -11.90
C GLU A 65 0.14 10.17 -12.27
N ILE A 66 -0.83 9.64 -11.55
CA ILE A 66 -1.30 8.30 -11.79
C ILE A 66 -2.32 8.33 -12.94
N LYS A 67 -3.07 9.42 -12.99
CA LYS A 67 -4.07 9.60 -14.03
C LYS A 67 -3.46 9.27 -15.40
N GLU A 68 -2.28 9.85 -15.62
CA GLU A 68 -1.58 9.65 -16.88
C GLU A 68 -0.88 8.29 -16.88
N LEU A 69 -0.22 8.01 -15.76
CA LEU A 69 0.50 6.75 -15.61
C LEU A 69 -0.36 5.61 -16.14
N ASN A 70 -1.66 5.73 -15.89
CA ASN A 70 -2.61 4.71 -16.32
C ASN A 70 -2.62 4.67 -17.85
N GLN A 71 -2.77 5.85 -18.45
CA GLN A 71 -2.80 5.95 -19.89
C GLN A 71 -1.42 5.68 -20.48
N GLN A 72 -0.41 5.89 -19.65
CA GLN A 72 0.96 5.66 -20.07
C GLN A 72 1.16 4.20 -20.48
N PHE A 73 0.27 3.35 -19.97
CA PHE A 73 0.33 1.93 -20.28
C PHE A 73 -1.02 1.41 -20.74
N ARG A 74 -2.03 1.65 -19.90
CA ARG A 74 -3.37 1.20 -20.22
C ARG A 74 -3.96 2.04 -21.36
N GLY A 75 -3.42 3.24 -21.51
CA GLY A 75 -3.88 4.14 -22.56
C GLY A 75 -5.15 4.88 -22.12
N GLN A 76 -5.73 4.42 -21.03
CA GLN A 76 -6.94 5.03 -20.51
C GLN A 76 -6.59 6.20 -19.59
N ASP A 77 -7.45 7.21 -19.63
CA ASP A 77 -7.24 8.40 -18.83
C ASP A 77 -8.24 8.39 -17.65
N ARG A 78 -7.78 7.89 -16.53
CA ARG A 78 -8.61 7.81 -15.34
C ARG A 78 -7.79 7.34 -14.14
N PRO A 79 -7.94 8.10 -13.01
CA PRO A 79 -7.22 7.76 -11.80
C PRO A 79 -7.84 6.54 -11.10
N THR A 80 -7.14 6.05 -10.10
CA THR A 80 -7.61 4.90 -9.35
C THR A 80 -7.03 4.90 -7.94
N ASP A 81 -7.51 3.97 -7.13
CA ASP A 81 -7.05 3.85 -5.76
C ASP A 81 -5.57 3.48 -5.75
N VAL A 82 -5.27 2.37 -6.40
CA VAL A 82 -3.89 1.89 -6.47
C VAL A 82 -3.73 1.05 -7.74
N LEU A 83 -2.60 1.25 -8.40
CA LEU A 83 -2.29 0.52 -9.62
C LEU A 83 -1.43 -0.69 -9.28
N THR A 84 -1.89 -1.85 -9.72
CA THR A 84 -1.16 -3.09 -9.47
C THR A 84 -0.48 -3.58 -10.75
N PHE A 85 0.62 -4.27 -10.58
CA PHE A 85 1.37 -4.80 -11.70
C PHE A 85 1.13 -6.30 -11.87
N PRO A 86 1.19 -6.75 -13.15
CA PRO A 86 0.98 -8.16 -13.46
C PRO A 86 2.19 -9.00 -13.07
N LEU A 87 1.98 -9.88 -12.09
CA LEU A 87 3.05 -10.74 -11.62
C LEU A 87 2.54 -11.56 -10.43
N MET A 88 2.32 -10.86 -9.32
CA MET A 88 1.83 -11.51 -8.11
C MET A 88 2.31 -12.97 -8.05
N GLU A 89 3.58 -13.15 -8.42
CA GLU A 89 4.17 -14.48 -8.40
C GLU A 89 4.92 -14.70 -7.09
N GLU A 90 5.69 -15.79 -7.06
CA GLU A 90 6.47 -16.13 -5.88
C GLU A 90 7.78 -15.34 -5.86
N ASP A 91 7.64 -14.02 -5.88
CA ASP A 91 8.80 -13.14 -5.86
C ASP A 91 8.37 -11.73 -6.26
N VAL A 92 7.34 -11.66 -7.08
CA VAL A 92 6.83 -10.39 -7.54
C VAL A 92 7.86 -9.73 -8.45
N TYR A 93 8.99 -9.37 -7.86
CA TYR A 93 10.06 -8.74 -8.60
C TYR A 93 9.50 -7.77 -9.65
N GLY A 94 8.46 -7.06 -9.25
CA GLY A 94 7.82 -6.09 -10.14
C GLY A 94 7.74 -4.72 -9.48
N GLU A 95 6.81 -3.92 -9.96
CA GLU A 95 6.62 -2.58 -9.45
C GLU A 95 5.13 -2.25 -9.32
N ILE A 96 4.73 -1.90 -8.11
CA ILE A 96 3.34 -1.55 -7.85
C ILE A 96 3.21 -0.05 -7.65
N TYR A 97 2.21 0.52 -8.31
CA TYR A 97 1.97 1.95 -8.22
C TYR A 97 0.90 2.26 -7.16
N VAL A 98 1.12 3.34 -6.43
CA VAL A 98 0.20 3.74 -5.40
C VAL A 98 0.00 5.27 -5.47
N CYS A 99 -1.20 5.70 -5.10
CA CYS A 99 -1.52 7.12 -5.11
C CYS A 99 -2.29 7.44 -3.83
N PRO A 100 -1.57 8.06 -2.85
CA PRO A 100 -2.17 8.42 -1.59
C PRO A 100 -3.07 9.66 -1.75
N LEU A 101 -3.11 10.17 -2.98
CA LEU A 101 -3.91 11.34 -3.27
C LEU A 101 -5.39 10.95 -3.30
N ILE A 102 -5.68 9.93 -4.10
CA ILE A 102 -7.04 9.44 -4.23
C ILE A 102 -7.41 8.65 -2.98
N VAL A 103 -6.45 7.86 -2.50
CA VAL A 103 -6.66 7.05 -1.32
C VAL A 103 -7.11 7.95 -0.16
N GLU A 104 -6.31 8.97 0.10
CA GLU A 104 -6.60 9.90 1.17
C GLU A 104 -8.03 10.45 1.02
N GLU A 105 -8.32 10.92 -0.18
CA GLU A 105 -9.63 11.47 -0.46
C GLU A 105 -10.73 10.45 -0.12
N ASN A 106 -10.47 9.21 -0.51
CA ASN A 106 -11.42 8.14 -0.25
C ASN A 106 -11.54 7.93 1.26
N ALA A 107 -10.43 8.11 1.94
CA ALA A 107 -10.39 7.96 3.39
C ALA A 107 -10.99 9.18 4.05
N ARG A 108 -10.88 10.31 3.36
CA ARG A 108 -11.42 11.57 3.86
C ARG A 108 -12.95 11.54 3.84
N GLU A 109 -13.48 10.75 2.91
CA GLU A 109 -14.91 10.63 2.77
C GLU A 109 -15.45 9.57 3.73
N PHE A 110 -14.58 8.64 4.09
CA PHE A 110 -14.97 7.57 5.00
C PHE A 110 -14.12 7.61 6.27
N ASN A 111 -13.55 8.78 6.53
CA ASN A 111 -12.73 8.97 7.70
C ASN A 111 -11.88 7.72 7.94
N ASN A 112 -11.55 7.05 6.85
CA ASN A 112 -10.75 5.83 6.92
C ASN A 112 -9.30 6.20 7.24
N THR A 113 -8.59 5.23 7.80
CA THR A 113 -7.20 5.44 8.16
C THR A 113 -6.32 5.45 6.90
N PHE A 114 -6.03 6.66 6.43
CA PHE A 114 -5.21 6.82 5.25
C PHE A 114 -3.89 6.09 5.40
N GLU A 115 -3.33 6.17 6.59
CA GLU A 115 -2.06 5.52 6.88
C GLU A 115 -2.15 4.02 6.57
N LYS A 116 -3.12 3.38 7.20
CA LYS A 116 -3.33 1.96 7.01
C LYS A 116 -3.70 1.70 5.55
N GLU A 117 -4.47 2.62 4.99
CA GLU A 117 -4.90 2.50 3.61
C GLU A 117 -3.69 2.33 2.69
N LEU A 118 -2.65 3.08 2.99
CA LEU A 118 -1.42 3.02 2.20
C LEU A 118 -0.65 1.75 2.57
N LEU A 119 -0.59 1.49 3.86
CA LEU A 119 0.12 0.32 4.35
C LEU A 119 -0.36 -0.92 3.59
N GLU A 120 -1.67 -0.98 3.39
CA GLU A 120 -2.26 -2.10 2.67
C GLU A 120 -1.62 -2.25 1.30
N VAL A 121 -1.54 -1.13 0.59
CA VAL A 121 -0.95 -1.11 -0.74
C VAL A 121 0.52 -1.50 -0.64
N VAL A 122 1.09 -1.26 0.53
CA VAL A 122 2.50 -1.58 0.76
C VAL A 122 2.64 -3.08 1.01
N ILE A 123 1.94 -3.55 2.03
CA ILE A 123 1.98 -4.96 2.37
C ILE A 123 1.28 -5.78 1.28
N HIS A 124 0.50 -5.08 0.48
CA HIS A 124 -0.23 -5.71 -0.60
C HIS A 124 0.75 -6.56 -1.44
N GLY A 125 2.00 -6.17 -1.38
CA GLY A 125 3.04 -6.89 -2.12
C GLY A 125 3.51 -8.12 -1.36
N ILE A 126 3.79 -7.92 -0.07
CA ILE A 126 4.25 -9.00 0.78
C ILE A 126 3.05 -9.85 1.21
N LEU A 127 2.02 -9.17 1.68
CA LEU A 127 0.81 -9.84 2.13
C LEU A 127 0.41 -10.89 1.09
N HIS A 128 0.34 -10.45 -0.15
CA HIS A 128 -0.03 -11.34 -1.24
C HIS A 128 1.01 -12.45 -1.38
N LEU A 129 2.27 -12.05 -1.25
CA LEU A 129 3.37 -12.99 -1.36
C LEU A 129 3.49 -13.79 -0.06
N ALA A 130 2.60 -13.48 0.87
CA ALA A 130 2.59 -14.15 2.16
C ALA A 130 1.90 -15.50 2.02
N GLY A 131 1.36 -15.74 0.84
CA GLY A 131 0.67 -16.98 0.56
C GLY A 131 -0.32 -16.83 -0.60
N TYR A 132 -1.33 -17.68 -0.59
CA TYR A 132 -2.34 -17.65 -1.63
C TYR A 132 -1.75 -17.99 -2.99
N ASP A 133 -2.61 -18.00 -4.00
CA ASP A 133 -2.18 -18.32 -5.35
C ASP A 133 -3.24 -17.84 -6.33
N HIS A 134 -3.26 -16.53 -6.57
CA HIS A 134 -4.21 -15.94 -7.49
C HIS A 134 -5.62 -16.02 -6.88
N GLU A 135 -6.46 -15.07 -7.30
CA GLU A 135 -7.82 -15.02 -6.82
C GLU A 135 -7.89 -14.21 -5.52
N PHE A 136 -6.94 -14.48 -4.64
CA PHE A 136 -6.88 -13.79 -3.37
C PHE A 136 -6.40 -12.35 -3.55
N GLU A 137 -5.67 -12.12 -4.64
CA GLU A 137 -5.15 -10.81 -4.94
C GLU A 137 -6.27 -9.77 -4.88
N ASP A 138 -7.23 -9.92 -5.79
CA ASP A 138 -8.34 -9.00 -5.85
C ASP A 138 -9.54 -9.60 -5.09
N LYS A 139 -9.58 -9.31 -3.80
CA LYS A 139 -10.65 -9.82 -2.96
C LYS A 139 -10.42 -9.35 -1.52
N ASN A 140 -11.52 -8.96 -0.88
CA ASN A 140 -11.46 -8.48 0.49
C ASN A 140 -11.53 -9.68 1.44
N SER A 141 -12.71 -10.28 1.50
CA SER A 141 -12.92 -11.43 2.36
C SER A 141 -12.58 -11.06 3.81
N LYS A 142 -13.09 -11.89 4.72
CA LYS A 142 -12.85 -11.66 6.14
C LYS A 142 -11.49 -12.23 6.52
N GLU A 143 -11.15 -13.35 5.89
CA GLU A 143 -9.88 -14.01 6.15
C GLU A 143 -8.74 -13.24 5.46
N MET A 144 -8.97 -12.91 4.21
CA MET A 144 -7.97 -12.18 3.44
C MET A 144 -7.61 -10.85 4.12
N PHE A 145 -8.64 -10.10 4.47
CA PHE A 145 -8.44 -8.82 5.13
C PHE A 145 -7.70 -8.99 6.46
N GLU A 146 -7.95 -10.13 7.09
CA GLU A 146 -7.31 -10.44 8.36
C GLU A 146 -5.81 -10.54 8.19
N LYS A 147 -5.40 -11.48 7.34
CA LYS A 147 -3.98 -11.69 7.09
C LYS A 147 -3.34 -10.35 6.70
N GLN A 148 -4.05 -9.61 5.88
CA GLN A 148 -3.56 -8.32 5.42
C GLN A 148 -3.36 -7.37 6.61
N LYS A 149 -4.30 -7.44 7.53
CA LYS A 149 -4.25 -6.60 8.72
C LYS A 149 -3.09 -7.07 9.62
N LYS A 150 -2.81 -8.37 9.54
CA LYS A 150 -1.73 -8.94 10.33
C LYS A 150 -0.48 -8.09 10.17
N TYR A 151 -0.05 -7.95 8.92
CA TYR A 151 1.13 -7.17 8.62
C TYR A 151 0.86 -5.67 8.77
N VAL A 152 -0.34 -5.27 8.37
CA VAL A 152 -0.73 -3.88 8.46
C VAL A 152 -0.59 -3.41 9.91
N GLU A 153 -1.06 -4.24 10.82
CA GLU A 153 -0.99 -3.92 12.24
C GLU A 153 0.46 -3.91 12.71
N GLU A 154 1.22 -4.90 12.23
CA GLU A 154 2.62 -5.01 12.60
C GLU A 154 3.40 -3.78 12.11
N VAL A 155 3.11 -3.40 10.88
CA VAL A 155 3.77 -2.24 10.28
C VAL A 155 3.17 -0.96 10.85
N TRP A 156 1.85 -0.98 10.98
CA TRP A 156 1.13 0.17 11.51
C TRP A 156 1.52 0.33 12.98
N GLY A 157 2.15 -0.71 13.51
CA GLY A 157 2.58 -0.70 14.90
C GLY A 157 3.37 0.58 15.22
N GLU A 158 4.01 1.10 14.20
CA GLU A 158 4.80 2.31 14.35
C GLU A 158 3.92 3.55 14.15
N TRP A 159 3.31 3.62 12.98
CA TRP A 159 2.44 4.74 12.66
C TRP A 159 1.36 4.83 13.73
N ARG A 160 1.16 3.72 14.43
CA ARG A 160 0.16 3.65 15.48
C ARG A 160 0.31 4.87 16.41
N SER A 161 1.55 5.24 16.66
CA SER A 161 1.84 6.37 17.53
C SER A 161 1.14 7.62 16.99
N ASN A 162 0.74 7.56 15.73
CA ASN A 162 0.07 8.67 15.09
C ASN A 162 -1.32 8.22 14.62
N PRO A 163 -2.30 8.32 15.54
CA PRO A 163 -3.67 7.92 15.23
C PRO A 163 -4.34 8.96 14.35
N SER A 164 -5.67 8.90 14.31
CA SER A 164 -6.45 9.83 13.52
C SER A 164 -5.81 11.22 13.56
N GLU A 165 -6.05 11.98 12.50
CA GLU A 165 -5.51 13.32 12.40
C GLU A 165 -6.30 14.28 13.30
N ASP A 166 -7.31 13.73 13.96
CA ASP A 166 -8.15 14.52 14.84
C ASP A 166 -9.20 15.26 14.02
N SER A 167 -10.32 15.56 14.67
CA SER A 167 -11.41 16.26 14.01
C SER A 167 -12.49 16.62 15.03
N ASP A 168 -12.04 17.16 16.15
CA ASP A 168 -12.96 17.56 17.20
C ASP A 168 -12.37 18.74 17.97
N PRO A 169 -13.28 19.52 18.63
CA PRO A 169 -12.86 20.68 19.39
C PRO A 169 -12.21 20.26 20.72
N GLY A 170 -12.59 19.07 21.17
CA GLY A 170 -12.06 18.54 22.41
C GLY A 170 -13.18 18.01 23.31
N LYS A 171 -14.01 17.16 22.72
CA LYS A 171 -15.12 16.58 23.46
C LYS A 171 -15.78 17.67 24.33
N ARG A 172 -16.30 18.68 23.66
CA ARG A 172 -16.96 19.77 24.35
C ARG A 172 -17.61 20.72 23.34
N MET A 23 13.38 -6.62 0.97
CA MET A 23 13.60 -5.19 1.14
C MET A 23 12.50 -4.37 0.47
N ILE A 24 12.60 -3.06 0.63
CA ILE A 24 11.63 -2.16 0.04
C ILE A 24 12.36 -1.11 -0.80
N ARG A 25 11.65 -0.59 -1.79
CA ARG A 25 12.21 0.41 -2.67
C ARG A 25 11.13 1.40 -3.11
N ILE A 26 11.53 2.66 -3.21
CA ILE A 26 10.60 3.71 -3.61
C ILE A 26 11.09 4.33 -4.92
N LEU A 27 10.12 4.72 -5.74
CA LEU A 27 10.43 5.33 -7.02
C LEU A 27 9.34 6.34 -7.39
N GLY A 28 9.66 7.20 -8.34
CA GLY A 28 8.72 8.21 -8.79
C GLY A 28 8.73 9.42 -7.86
N GLU A 29 7.53 9.85 -7.49
CA GLU A 29 7.39 11.00 -6.60
C GLU A 29 5.96 11.07 -6.06
N GLY A 30 5.85 11.47 -4.80
CA GLY A 30 4.55 11.58 -4.15
C GLY A 30 4.64 11.18 -2.68
N LYS A 31 3.94 11.94 -1.86
CA LYS A 31 3.92 11.68 -0.43
C LYS A 31 3.75 10.18 -0.19
N GLY A 32 4.69 9.63 0.58
CA GLY A 32 4.65 8.21 0.89
C GLY A 32 6.06 7.65 1.04
N SER A 33 6.99 8.24 0.30
CA SER A 33 8.37 7.82 0.35
C SER A 33 8.90 7.89 1.79
N LYS A 34 8.75 9.06 2.38
CA LYS A 34 9.20 9.28 3.74
C LYS A 34 8.38 8.41 4.69
N LEU A 35 7.08 8.39 4.46
CA LEU A 35 6.18 7.60 5.27
C LEU A 35 6.64 6.15 5.28
N LEU A 36 7.26 5.75 4.18
CA LEU A 36 7.76 4.38 4.04
C LEU A 36 9.00 4.22 4.90
N GLU A 37 9.95 5.13 4.70
CA GLU A 37 11.19 5.09 5.44
C GLU A 37 10.91 5.02 6.95
N ASN A 38 9.72 5.47 7.31
CA ASN A 38 9.30 5.46 8.71
C ASN A 38 9.01 4.02 9.14
N LEU A 39 8.19 3.36 8.35
CA LEU A 39 7.82 1.98 8.64
C LEU A 39 8.57 1.05 7.71
N LYS A 40 9.78 1.46 7.36
CA LYS A 40 10.63 0.66 6.48
C LYS A 40 11.09 -0.59 7.22
N GLU A 41 11.63 -0.37 8.41
CA GLU A 41 12.12 -1.47 9.22
C GLU A 41 10.97 -2.42 9.57
N LYS A 42 9.80 -1.84 9.77
CA LYS A 42 8.62 -2.61 10.11
C LYS A 42 8.32 -3.60 8.97
N LEU A 43 8.46 -3.11 7.75
CA LEU A 43 8.21 -3.93 6.58
C LEU A 43 9.39 -4.89 6.39
N GLU A 44 10.55 -4.45 6.84
CA GLU A 44 11.75 -5.26 6.71
C GLU A 44 11.65 -6.52 7.57
N GLU A 45 10.74 -6.46 8.54
CA GLU A 45 10.53 -7.59 9.44
C GLU A 45 9.69 -8.66 8.75
N ILE A 46 8.54 -8.22 8.25
CA ILE A 46 7.63 -9.13 7.56
C ILE A 46 8.41 -9.90 6.49
N VAL A 47 9.14 -9.15 5.68
CA VAL A 47 9.93 -9.75 4.62
C VAL A 47 10.97 -10.70 5.22
N LYS A 48 11.59 -10.24 6.29
CA LYS A 48 12.60 -11.03 6.97
C LYS A 48 11.99 -12.36 7.42
N LYS A 49 10.76 -12.26 7.91
CA LYS A 49 10.05 -13.44 8.38
C LYS A 49 9.83 -14.40 7.21
N GLU A 50 9.27 -13.85 6.13
CA GLU A 50 9.00 -14.65 4.95
C GLU A 50 10.30 -15.20 4.38
N ILE A 51 11.19 -14.29 4.01
CA ILE A 51 12.47 -14.67 3.45
C ILE A 51 13.55 -13.70 3.94
N GLY A 52 13.34 -12.43 3.63
CA GLY A 52 14.28 -11.40 4.02
C GLY A 52 15.23 -11.05 2.87
N ASP A 53 14.70 -11.11 1.65
CA ASP A 53 15.48 -10.81 0.47
C ASP A 53 14.55 -10.58 -0.71
N VAL A 54 13.75 -9.54 -0.60
CA VAL A 54 12.80 -9.20 -1.66
C VAL A 54 13.04 -7.76 -2.11
N HIS A 55 12.36 -7.39 -3.18
CA HIS A 55 12.49 -6.05 -3.73
C HIS A 55 11.11 -5.53 -4.15
N VAL A 56 10.62 -4.56 -3.38
CA VAL A 56 9.33 -3.98 -3.66
C VAL A 56 9.51 -2.52 -4.09
N ASN A 57 9.36 -2.28 -5.38
CA ASN A 57 9.50 -0.95 -5.92
C ASN A 57 8.13 -0.29 -6.02
N VAL A 58 7.88 0.62 -5.09
CA VAL A 58 6.62 1.33 -5.05
C VAL A 58 6.73 2.62 -5.87
N ILE A 59 5.77 2.82 -6.75
CA ILE A 59 5.75 4.00 -7.60
C ILE A 59 4.74 5.00 -7.06
N LEU A 60 5.26 6.08 -6.50
CA LEU A 60 4.42 7.12 -5.94
C LEU A 60 3.92 8.03 -7.07
N VAL A 61 2.60 8.11 -7.18
CA VAL A 61 1.99 8.94 -8.20
C VAL A 61 0.63 9.45 -7.70
N SER A 62 0.33 10.68 -8.06
CA SER A 62 -0.93 11.29 -7.65
C SER A 62 -2.05 10.83 -8.58
N GLU A 63 -3.20 11.47 -8.42
CA GLU A 63 -4.36 11.15 -9.24
C GLU A 63 -4.12 11.55 -10.69
N ASP A 64 -3.67 12.78 -10.86
CA ASP A 64 -3.39 13.30 -12.19
C ASP A 64 -2.12 12.65 -12.73
N GLU A 65 -1.18 12.42 -11.82
CA GLU A 65 0.09 11.81 -12.20
C GLU A 65 -0.13 10.35 -12.63
N ILE A 66 -1.10 9.71 -11.98
CA ILE A 66 -1.42 8.33 -12.28
C ILE A 66 -2.39 8.28 -13.47
N LYS A 67 -3.20 9.32 -13.57
CA LYS A 67 -4.18 9.42 -14.65
C LYS A 67 -3.48 9.13 -15.98
N GLU A 68 -2.34 9.78 -16.16
CA GLU A 68 -1.56 9.61 -17.38
C GLU A 68 -0.78 8.30 -17.34
N LEU A 69 -0.18 8.05 -16.19
CA LEU A 69 0.61 6.84 -15.99
C LEU A 69 -0.22 5.63 -16.43
N ASN A 70 -1.43 5.55 -15.89
CA ASN A 70 -2.32 4.45 -16.21
C ASN A 70 -2.59 4.44 -17.72
N GLN A 71 -2.63 5.64 -18.29
CA GLN A 71 -2.88 5.79 -19.70
C GLN A 71 -1.74 5.15 -20.51
N GLN A 72 -0.58 5.10 -19.89
CA GLN A 72 0.60 4.52 -20.52
C GLN A 72 0.38 3.04 -20.78
N PHE A 73 -0.53 2.45 -20.00
CA PHE A 73 -0.83 1.04 -20.13
C PHE A 73 -2.28 0.83 -20.56
N ARG A 74 -3.18 1.49 -19.84
CA ARG A 74 -4.59 1.39 -20.13
C ARG A 74 -4.91 2.08 -21.47
N GLY A 75 -4.15 3.12 -21.75
CA GLY A 75 -4.34 3.88 -22.98
C GLY A 75 -5.54 4.82 -22.87
N GLN A 76 -6.19 4.76 -21.71
CA GLN A 76 -7.34 5.61 -21.45
C GLN A 76 -7.22 6.27 -20.08
N ASP A 77 -8.10 7.24 -19.86
CA ASP A 77 -8.10 7.97 -18.61
C ASP A 77 -8.98 7.22 -17.60
N ARG A 78 -8.31 6.48 -16.71
CA ARG A 78 -9.01 5.73 -15.70
C ARG A 78 -8.22 5.75 -14.38
N PRO A 79 -8.73 6.57 -13.42
CA PRO A 79 -8.09 6.69 -12.13
C PRO A 79 -8.36 5.45 -11.26
N THR A 80 -7.63 5.37 -10.16
CA THR A 80 -7.78 4.25 -9.24
C THR A 80 -7.10 4.56 -7.91
N ASP A 81 -7.45 3.76 -6.91
CA ASP A 81 -6.87 3.94 -5.58
C ASP A 81 -5.37 3.66 -5.64
N VAL A 82 -5.04 2.53 -6.25
CA VAL A 82 -3.64 2.13 -6.38
C VAL A 82 -3.49 1.20 -7.57
N LEU A 83 -2.43 1.42 -8.34
CA LEU A 83 -2.17 0.60 -9.51
C LEU A 83 -1.15 -0.49 -9.15
N THR A 84 -1.51 -1.72 -9.47
CA THR A 84 -0.64 -2.85 -9.18
C THR A 84 -0.23 -3.54 -10.48
N PHE A 85 1.01 -4.02 -10.49
CA PHE A 85 1.54 -4.70 -11.66
C PHE A 85 1.01 -6.14 -11.74
N PRO A 86 0.95 -6.66 -12.98
CA PRO A 86 0.48 -8.01 -13.22
C PRO A 86 1.53 -9.04 -12.80
N LEU A 87 1.26 -9.72 -11.70
CA LEU A 87 2.17 -10.73 -11.18
C LEU A 87 1.37 -11.76 -10.38
N MET A 88 0.58 -12.53 -11.10
CA MET A 88 -0.23 -13.56 -10.47
C MET A 88 0.64 -14.74 -10.01
N GLU A 89 1.62 -14.41 -9.18
CA GLU A 89 2.52 -15.42 -8.66
C GLU A 89 2.67 -15.29 -7.14
N GLU A 90 3.45 -16.19 -6.56
CA GLU A 90 3.67 -16.17 -5.13
C GLU A 90 4.86 -15.27 -4.79
N ASP A 91 4.94 -14.15 -5.51
CA ASP A 91 6.02 -13.20 -5.29
C ASP A 91 6.12 -12.28 -6.50
N VAL A 92 5.59 -11.07 -6.32
CA VAL A 92 5.61 -10.08 -7.39
C VAL A 92 7.06 -9.60 -7.60
N TYR A 93 7.76 -9.42 -6.49
CA TYR A 93 9.13 -8.96 -6.54
C TYR A 93 9.33 -7.94 -7.66
N GLY A 94 8.27 -7.21 -7.94
CA GLY A 94 8.32 -6.19 -8.98
C GLY A 94 8.11 -4.80 -8.41
N GLU A 95 7.12 -4.10 -8.95
CA GLU A 95 6.81 -2.76 -8.49
C GLU A 95 5.30 -2.53 -8.48
N ILE A 96 4.87 -1.63 -7.61
CA ILE A 96 3.46 -1.32 -7.50
C ILE A 96 3.28 0.20 -7.36
N TYR A 97 2.40 0.74 -8.18
CA TYR A 97 2.14 2.17 -8.17
C TYR A 97 1.09 2.52 -7.12
N VAL A 98 1.50 3.34 -6.16
CA VAL A 98 0.60 3.76 -5.09
C VAL A 98 0.21 5.22 -5.31
N CYS A 99 -0.98 5.56 -4.82
CA CYS A 99 -1.49 6.91 -4.96
C CYS A 99 -2.38 7.21 -3.75
N PRO A 100 -1.75 7.83 -2.71
CA PRO A 100 -2.47 8.17 -1.50
C PRO A 100 -3.36 9.39 -1.72
N LEU A 101 -3.39 9.84 -2.97
CA LEU A 101 -4.20 11.00 -3.32
C LEU A 101 -5.68 10.61 -3.28
N ILE A 102 -6.02 9.60 -4.06
CA ILE A 102 -7.39 9.13 -4.11
C ILE A 102 -7.71 8.33 -2.84
N VAL A 103 -6.75 7.51 -2.44
CA VAL A 103 -6.90 6.70 -1.25
C VAL A 103 -7.31 7.59 -0.08
N GLU A 104 -6.48 8.60 0.17
CA GLU A 104 -6.75 9.53 1.26
C GLU A 104 -8.10 10.21 1.05
N GLU A 105 -8.40 10.50 -0.20
CA GLU A 105 -9.66 11.14 -0.54
C GLU A 105 -10.83 10.35 0.02
N ASN A 106 -10.69 9.03 0.00
CA ASN A 106 -11.73 8.14 0.50
C ASN A 106 -11.70 8.16 2.03
N ALA A 107 -10.49 8.16 2.57
CA ALA A 107 -10.30 8.17 4.01
C ALA A 107 -10.84 9.49 4.58
N ARG A 108 -10.83 10.50 3.73
CA ARG A 108 -11.31 11.81 4.14
C ARG A 108 -12.80 11.76 4.46
N GLU A 109 -13.57 11.27 3.50
CA GLU A 109 -15.01 11.16 3.68
C GLU A 109 -15.34 9.99 4.60
N PHE A 110 -14.58 8.91 4.43
CA PHE A 110 -14.78 7.72 5.23
C PHE A 110 -13.97 7.78 6.52
N ASN A 111 -13.39 8.94 6.77
CA ASN A 111 -12.58 9.15 7.96
C ASN A 111 -11.77 7.88 8.23
N ASN A 112 -11.42 7.19 7.16
CA ASN A 112 -10.64 5.97 7.28
C ASN A 112 -9.19 6.32 7.58
N THR A 113 -8.50 5.36 8.19
CA THR A 113 -7.10 5.56 8.55
C THR A 113 -6.24 5.62 7.29
N PHE A 114 -5.95 6.85 6.87
CA PHE A 114 -5.13 7.07 5.68
C PHE A 114 -3.81 6.31 5.78
N GLU A 115 -3.28 6.28 7.01
CA GLU A 115 -2.01 5.59 7.25
C GLU A 115 -2.17 4.09 7.02
N LYS A 116 -3.31 3.57 7.45
CA LYS A 116 -3.58 2.16 7.29
C LYS A 116 -3.87 1.85 5.82
N GLU A 117 -4.50 2.82 5.17
CA GLU A 117 -4.84 2.67 3.75
C GLU A 117 -3.57 2.53 2.92
N LEU A 118 -2.61 3.41 3.20
CA LEU A 118 -1.35 3.38 2.47
C LEU A 118 -0.53 2.19 2.94
N LEU A 119 -0.72 1.83 4.20
CA LEU A 119 0.00 0.71 4.79
C LEU A 119 -0.33 -0.57 4.00
N GLU A 120 -1.52 -0.56 3.42
CA GLU A 120 -1.97 -1.72 2.64
C GLU A 120 -1.17 -1.82 1.34
N VAL A 121 -1.24 -0.74 0.56
CA VAL A 121 -0.53 -0.70 -0.71
C VAL A 121 0.96 -0.96 -0.47
N VAL A 122 1.38 -0.69 0.75
CA VAL A 122 2.77 -0.89 1.13
C VAL A 122 3.05 -2.39 1.27
N ILE A 123 2.29 -3.02 2.15
CA ILE A 123 2.45 -4.45 2.39
C ILE A 123 1.89 -5.22 1.18
N HIS A 124 1.11 -4.51 0.39
CA HIS A 124 0.50 -5.12 -0.80
C HIS A 124 1.58 -5.84 -1.61
N GLY A 125 2.79 -5.30 -1.54
CA GLY A 125 3.91 -5.87 -2.26
C GLY A 125 4.49 -7.08 -1.51
N ILE A 126 4.77 -6.86 -0.24
CA ILE A 126 5.32 -7.91 0.60
C ILE A 126 4.28 -9.02 0.76
N LEU A 127 3.11 -8.63 1.22
CA LEU A 127 2.03 -9.58 1.43
C LEU A 127 1.89 -10.46 0.19
N HIS A 128 1.88 -9.80 -0.97
CA HIS A 128 1.74 -10.52 -2.22
C HIS A 128 2.81 -11.62 -2.31
N LEU A 129 3.92 -11.37 -1.63
CA LEU A 129 5.01 -12.33 -1.62
C LEU A 129 4.80 -13.32 -0.48
N ALA A 130 4.11 -12.85 0.56
CA ALA A 130 3.84 -13.69 1.71
C ALA A 130 3.07 -14.94 1.26
N GLY A 131 2.52 -14.85 0.06
CA GLY A 131 1.76 -15.96 -0.50
C GLY A 131 0.28 -15.85 -0.14
N TYR A 132 -0.56 -15.97 -1.15
CA TYR A 132 -2.00 -15.88 -0.96
C TYR A 132 -2.55 -17.17 -0.32
N ASP A 133 -3.84 -17.16 -0.06
CA ASP A 133 -4.50 -18.30 0.54
C ASP A 133 -4.80 -19.34 -0.54
N HIS A 134 -4.77 -18.87 -1.77
CA HIS A 134 -5.05 -19.74 -2.91
C HIS A 134 -4.78 -18.98 -4.21
N GLU A 135 -5.43 -17.84 -4.33
CA GLU A 135 -5.27 -17.01 -5.53
C GLU A 135 -5.55 -15.54 -5.20
N PHE A 136 -6.63 -15.33 -4.44
CA PHE A 136 -7.02 -13.99 -4.06
C PHE A 136 -6.93 -13.03 -5.25
N GLU A 137 -7.43 -13.50 -6.38
CA GLU A 137 -7.42 -12.70 -7.59
C GLU A 137 -8.77 -12.78 -8.29
N ASP A 138 -9.82 -12.70 -7.49
CA ASP A 138 -11.18 -12.76 -8.02
C ASP A 138 -12.15 -12.19 -6.99
N LYS A 139 -11.63 -11.29 -6.18
CA LYS A 139 -12.44 -10.65 -5.15
C LYS A 139 -11.80 -9.32 -4.74
N ASN A 140 -12.65 -8.35 -4.45
CA ASN A 140 -12.19 -7.03 -4.06
C ASN A 140 -11.01 -7.19 -3.09
N SER A 141 -11.32 -7.73 -1.92
CA SER A 141 -10.30 -7.93 -0.91
C SER A 141 -10.95 -8.04 0.48
N LYS A 142 -11.91 -8.95 0.57
CA LYS A 142 -12.63 -9.15 1.82
C LYS A 142 -11.79 -10.07 2.72
N GLU A 143 -11.46 -11.24 2.18
CA GLU A 143 -10.67 -12.20 2.93
C GLU A 143 -9.20 -11.79 2.95
N MET A 144 -8.70 -11.44 1.77
CA MET A 144 -7.31 -11.02 1.65
C MET A 144 -6.96 -9.93 2.67
N PHE A 145 -7.96 -9.12 2.97
CA PHE A 145 -7.78 -8.04 3.93
C PHE A 145 -7.24 -8.58 5.27
N GLU A 146 -7.67 -9.78 5.61
CA GLU A 146 -7.25 -10.41 6.84
C GLU A 146 -5.72 -10.55 6.86
N LYS A 147 -5.23 -11.33 5.90
CA LYS A 147 -3.79 -11.57 5.80
C LYS A 147 -3.07 -10.22 5.60
N GLN A 148 -3.75 -9.32 4.92
CA GLN A 148 -3.20 -8.00 4.64
C GLN A 148 -3.14 -7.18 5.94
N LYS A 149 -4.17 -7.35 6.76
CA LYS A 149 -4.24 -6.64 8.02
C LYS A 149 -3.22 -7.22 9.00
N LYS A 150 -2.83 -8.46 8.72
CA LYS A 150 -1.85 -9.14 9.56
C LYS A 150 -0.56 -8.32 9.61
N TYR A 151 -0.01 -8.07 8.44
CA TYR A 151 1.22 -7.30 8.33
C TYR A 151 0.96 -5.82 8.60
N VAL A 152 -0.19 -5.36 8.14
CA VAL A 152 -0.57 -3.97 8.32
C VAL A 152 -0.55 -3.64 9.81
N GLU A 153 -1.05 -4.57 10.61
CA GLU A 153 -1.09 -4.39 12.04
C GLU A 153 0.32 -4.21 12.60
N GLU A 154 1.18 -5.14 12.24
CA GLU A 154 2.56 -5.10 12.69
C GLU A 154 3.22 -3.78 12.28
N VAL A 155 3.14 -3.50 10.99
CA VAL A 155 3.72 -2.29 10.44
C VAL A 155 3.01 -1.08 11.06
N TRP A 156 1.70 -1.17 11.14
CA TRP A 156 0.90 -0.10 11.70
C TRP A 156 1.22 0.01 13.19
N GLY A 157 1.91 -1.02 13.68
CA GLY A 157 2.29 -1.06 15.09
C GLY A 157 2.99 0.25 15.50
N GLU A 158 3.69 0.84 14.55
CA GLU A 158 4.40 2.07 14.80
C GLU A 158 3.48 3.28 14.54
N TRP A 159 2.99 3.36 13.31
CA TRP A 159 2.11 4.45 12.93
C TRP A 159 0.94 4.47 13.92
N ARG A 160 0.73 3.34 14.57
CA ARG A 160 -0.34 3.21 15.53
C ARG A 160 -0.23 4.31 16.60
N SER A 161 1.01 4.68 16.88
CA SER A 161 1.28 5.72 17.87
C SER A 161 0.85 7.08 17.33
N ASN A 162 0.52 7.10 16.05
CA ASN A 162 0.09 8.32 15.39
C ASN A 162 -1.00 8.01 14.38
N PRO A 163 -2.20 7.62 14.91
CA PRO A 163 -3.33 7.29 14.07
C PRO A 163 -3.95 8.54 13.47
N SER A 164 -4.93 9.08 14.19
CA SER A 164 -5.62 10.28 13.76
C SER A 164 -4.63 11.23 13.09
N GLU A 165 -5.10 11.86 12.01
CA GLU A 165 -4.28 12.80 11.27
C GLU A 165 -4.59 14.23 11.71
N ASP A 166 -5.29 14.34 12.82
CA ASP A 166 -5.67 15.64 13.35
C ASP A 166 -5.60 15.61 14.88
N SER A 167 -5.68 16.79 15.48
CA SER A 167 -5.63 16.91 16.92
C SER A 167 -7.03 17.14 17.47
N ASP A 168 -7.25 16.66 18.69
CA ASP A 168 -8.54 16.81 19.33
C ASP A 168 -9.60 16.07 18.51
N PRO A 169 -10.34 15.16 19.21
CA PRO A 169 -11.38 14.39 18.55
C PRO A 169 -12.63 15.25 18.30
N GLY A 170 -12.95 16.05 19.31
CA GLY A 170 -14.12 16.92 19.21
C GLY A 170 -14.74 17.16 20.60
N LYS A 171 -13.94 17.76 21.48
CA LYS A 171 -14.40 18.04 22.83
C LYS A 171 -15.82 18.62 22.77
N ARG A 172 -16.66 18.14 23.68
CA ARG A 172 -18.03 18.60 23.73
C ARG A 172 -18.37 19.07 25.16
#